data_8F5P
#
_entry.id   8F5P
#
_cell.length_a   1.00
_cell.length_b   1.00
_cell.length_c   1.00
_cell.angle_alpha   90.00
_cell.angle_beta   90.00
_cell.angle_gamma   90.00
#
_symmetry.space_group_name_H-M   'P 1'
#
loop_
_entity.id
_entity.type
_entity.pdbx_description
1 polymer 'NET domain-containing protein'
2 polymer 'Intraflagellar transport protein 122B, putative'
3 polymer 'Intraflagellar transport protein 122 homolog'
4 polymer 'TPR_REGION domain-containing protein'
5 polymer 'WD_REPEATS_REGION domain-containing protein'
6 polymer 'WD_REPEATS_REGION domain-containing protein'
7 non-polymer 'ZINC ION'
#
loop_
_entity_poly.entity_id
_entity_poly.type
_entity_poly.pdbx_seq_one_letter_code
_entity_poly.pdbx_strand_id
1 'polypeptide(L)'
;MSTTSMTAPATSPSRLESMRAASSTTSSKPAPTGPSKKSDAPAKTKRQDKPNVNSANDSNAADTGTAAAATRPDHGRRSR
RTEDANWLNAEKPGNAYRPADKELSQNVKVVQDDILNREQAQREQAERAQRQKEKLEQHISESPAGFQAALPRLNELDVA
NSWDKLLRMMRSEYDMSCLTSCLARELDEDVAWNPEMLLVQLTSDMLDAAELQKDSGEAYVPVDASDIGQMTGGEVARKR
KAKRTKAAGGAEGEPEKDTEMPATASPPPTSQAATSKTPRKKATTDPAAAEPKKTQTGKAQNAGPTSAGNSSLPQKGSAA
GSTSGAAGGGGGSKTSAAPSTAKRDASKDANATKSSSSKKKTSKQVSK
;
A
2 'polypeptide(L)'
;MFVYLSKRIAMPNGVKVTSIAWNDGQGWLACGGEKGLLKVLKVDGGPQGQRSGGLSSSQTLEGHDTTVDLVTWNQQYCKL
TSSDVSGRIIVWVLHKGMWFEEMVNNRNSSRVVDFAWNPSGTKICITYEDGAVIVGGVDGNRYWGRELPYKLAKVCWGAD
GNSILFGTATGEVYVHDASSGEHLSQVEIKCNDGKAPSPLAGLSWHPAWVERPEPLATLAVCYQSGKLQLMTSIGDETPC
NVDRDLPAHFISWNPSGTVLAVTAATPATEENGPGIVTQFFSTEGVHLRTLRVSGKQCGGITWEGGGLRVAIGVDSSVYF
ANVRPNYKYCYFKKTAVFAFTVPDKVEESVMFWNVNTNERRTKSVRGLQYMNACKDACVLISRPDTTQQQRMIQLVNAIG
SPLETRFIDMELYTYDMNSSAVVCCGDESIYIWQFRDPSTAVDALDPISMQASRAESQERVIHVCDLVRGDTAPTMKVRS
ALTNDLISAMCVSETHMFVSLESGTLHVYQLSPLQLVSKYILFARAQSMSVNCNSTQLAVIHLGGITNVYCIEREKFSLV
PCKADTIDGVELKDVWNLRWAVDDPHRFAVMEKTRMLVYNHGVAEEPVQSCANLCKFKSLKIRTLQLDELLLDPERPRKD
YIVDFEAQLLRDMRAVLRDGTAKEAYEFAESHNTKKLWELLAEHTLFQLDFTYAEVAFIHCKDYAAIQFVKRVRSLDDPK
KQLAEVNAYYRRFDEAERLYKDVDRKDLALDLRYRLGDWFGVVRLVQEGGGDEALLFQAWENIGDHYASRQKWSKAAQYY
TQCRHYRKLARIFYIIEDYEMLTQLISMGEHDKELMVTLGNMLLTVGLAEEAAKAFIAANEPRMAVNGCVQVNMWNRAIA
LAKEHRLEDVGQLLEKYAKYLIHRERLTEAIELYRKAGKHDEAATLLAQLGKRAALRDALKAKKFYVLSALEVQKYRTTA
IALNRDGVAVVSEMLNKDRSTVSERTLDAAWRGAEAYHFLLMCQQQMADRNFKAALVLAMRLIEYDDLVAPVDGYSLIAL
TAYLVKNFGLCSKAFARLEQAERNDEAGGVAAAATTQLENFSLDLDVTHRTMASTCGGSTGGSTGMLSGGGGSALSGTTT
SLQLTNPGKGVTRMAPMTYPTVSLRDPPRPFADLARHIFMTHSPVDTSVDSVPCPTCGSFNKEWAQRCIKCQQPFNTCIV
SGCAIVSEDGAWQCSVCHRKALEAVVDKYRNCPLCHTPRKGRMRRGI
;
B
3 'polypeptide(L)'
;MHTSVRWSETADAVKGIRPPVNSLCYSPSGDYVVASCGVRVLVYAASTGTLLHSLMGHQDTIYCVDYSSDGKNFASGGAD
RTVIVWSSQGEGIVKYQHTEAIQALAHNPTSSQLASVSSVDWGIWSPEQPKVSKYSLPSKGLCAAWTPNGKTLAIGMLDG
TVMMLSKTSEEKVIIRRPAPVWALAFTPLRENGIDVLAIGSWDQRLSFYNLSGTAVGRERELDFDPCSVSYFNDGEYILL
SGSDHKVTLFTKDGNRLIELASADDWIWSARQRPRQKQFCYGTNDGTISCIDITISTVHTIYDDQYVFRKDMTNLVVHQL
LVDRKMVIPCNEYVQKIATFLDKLAVQLQERVIVFEFFYDDDRTMRYQDIAQIRRRLECSLLCVTTGAIIVSNDKRITMY
DFQGNKRREWSMESPVQLMKVVGGMEGREILLVGLNGGQVMKVFVDNPFPTLLHKGTAPVKSAELSSSRSRLAVIDSTNT
LQVLELGEKNELLFSEDNVTAVAFNIDVDDNIAFTTGDNTLHIKTGSLPAYQQAVRGIVVGFKANHVFNLHYSNMMVLDV
PHAHALYKYVEMRDFDRAYEVACLGVADADWKMLGLHAMSQLRLDIARKAFTHIQDTKLVELLKSLELRRRQSGAEDGLS
LTLGKASGTPDTVEGPENKGYGSTNGELAAARVAAKDSVLYGSILAFQGKYNDAARQFMKTGCELKAVEMYCDLKMWDNA
KKICTDEKVLKDLIRQQARWAEESQNFVEAASLYESCGDYAKAIGMMGQAGQVEKLMKMCRSLPTSEVTLITECANFFRK
HNAIPFAIEAYEKVQDHQALIGIYVAKGDWRNAFTILEKTPTLAREVYVPWATWLADNDKFDEALEAFRAAKWPKEAMRL
METLATNSVTCRKFRDAAFYYIHLAEEYGRFEETEKPTDVEKAARIRRSKECVRRADIYYAFSGVYAHTTQPLPYNELSL
FRTAKYLFGMCAESAIPINVGKGAILYTLSRIANRLEMVRTARAVFEKLQGVILPVSMMEQVDIETLLVRSKPVKDRDEL
LDRCFRCNQLIAQLPMAGDRCPNCFHPCVRSFVNFECLPLVEFVLADELTDEEAERIIVSGVGRRRSADDENSKDHSDGA
DAKAKEWKSDNGANVISFDDGNIDYEIDQQLVAMGRSKAAANKGNDPFFTQLQYVLRPGRPTATYQPFVASADILKGFRR
DEVFIVRPRYGTLPVPNRYYRLMRSDVSVCLCNGCQHFFIAEDYEAECMRGSGCPLCRYRPGKQVSRSMKQILFDMETAA
AASKTSSAAAAL
;
C
4 'polypeptide(L)'
;MQPSSSFLPDVWMAVTREPHIPEITPLSRILAAAAISTYSRQVEYDLDTGCKKKRTAPPPSPPPPSSPPPSPRLTLANAA
AMTTTILRTNYALLLFYVREKYWHHAEEVCLSVIQSTDDHMFRVWRALTLERQGMANDAIREYKAVESRRTTAVPALMGM
QLIYKHNRDQEGVAQTEAKLDGFEIAANMGGWVQAAALCWAMGDINAARDILLRFTDNEAAMAYRDEYTNYGTIRGWVDL
LSGRGALLEKAGALFTSVMDMEEAQYSYFQADNESGSGSRGTTKWIDLNAALGYVAFLERKTQLAKAQSLLDRLFVLYPN
CSIPPLVGKARLLMQAEDWEQAIEVTHRILAHDKSNVEALALEALYAMAKDTRHDAAPVRVRRLLDAVRAKEPRNVALLH
QFALVFSRLAGDRLDLLSLTTQFSDMAYALDSRNGDVLCGLGYQQLYRHDDKAATETFRKAATLTDSLDPLLGTVTCLLR
QGDMEAAATQLQLCNQLQPAAQRNAELSMLNAQLRWHRRGMEEETAVLRYLDQAAEAIKQDVKERAGVGMEVYVHLNAPV
ALAIAHAYIMHCRNEPPDPMFKHADVVGEKCGRHLEFIVQHLPACMEAQLMLAKVWFVTGEVRKAQNLLKSTLIVQEQPL
PDAFLLSSQICQYMGDTKLACQALAQARTLDFSLQEKPLYNLLLGTVKGTTGEYAEALASLQRAYNTVKSAATAPSAGKP
TNPLSVPETVTLYLQLAQAQLRVRDVDAARETLTEAALKFRGSAQIGRVIIAQAMLAARTDVDKSIELLRQVSSKSEFYI
AAHSQLGKLFLTHKHNVAMYIQCFQEMAESVPSAQSYVELGEAYTTIQEPEQAIAAYEKAKALSPSSSELSVRVGRALVA
AHDYAKAIRYYQDALVTDPHLSIVRADLATLQWRLGHIEEARETIVASPVYELPSTDGAGAGVASAAAAGSAEAVGTAIE
RINLYLLLYKVLRDQPWTVPLSEEGTAAADSDDNHGDAALTALLTARSLQRRLLEHQLRTTEAPEVITEQRVVMSRICTE
AGARCIYSTPAPPPFSVVMTDKKVEAAAALAVQSAIASRLTNAREYLREAIAFDESNERAQLESAQLCYRTGDTEGCEQH
CTTVLRMAEGSANTADAAILLANLYTEQNRDEDARNMFEDLLRKTPQHYEALVYYLILLYHAGQLPEAKEALERAAAAVP
IGQRADPGLSYVRGLYEHLCNNNAEALRHFNLARLPAGNPWCTRALVRMIRIYLVPTTQDLWVRGTSPAAAAATAVADPP
RAKEQQQKSATPGKVPLAAATTGSTELHDNIRHAEQLLLLLPVHSEERRILQAYCTMATRRPEELETALHLFLECIVAAE
TGGVSAAMTAEKNGGSGSPKKTAAEERKQPRRGKGGDSDDDEDLQLLASMHEAAAELAQRSSGNSTATLAFALQCKVIHP
EAFLGLAICLFISGQETAARNVLARLLESKDITTKMSAMKQAEDKEDAASKDAASKEAAEPAAPMVLSPPIAILTCSEDD
TIERAMLFEAYMDTQEGRLKDARFVLQQVLSANEGCSSAWNELGLIYERNQKHKNASQCYQKAWKLVQEADPDVGYKLGF
NYLRGGQPVKAIDVCKRVLTHHATYPRIEADIMDAAYSMLRP
;
D
5 'polypeptide(L)'
;MSLFVVNAPGHEGQLKEQLIVAHKRRPLLATAWVNPPSVLITNSEGEVLTQVADPPGSTGRTHQPTALTWHPNEELLVIG
WSNGEMSLWSMPSVSSLALGEDYTTAAARSAVQLIAAKAATQSSAEGATREHASGAVVASEWSTRGLYLVSASQQRHVVM
WMLEKIPAETSVTFKLKPLWSVQSREPVARIIHVPSKASHPSTAFKLNNGATAAAAAEGGDDDISFLLADGGTSVTAINE
DQQLFPCVTQQEQIASVLYDAATRTLVTLTTTSMIEVYAVGEDIKGTSTLRRKLSAPATTPTVSTTTGERIAMSMVWASP
GVVAFGSGDDRLRILDLSSGSLDVLLLPQPDLHVSSLATFAAKGTMIVGTVEGFLVVFQHHAASLLTSRHVSVARETVTS
SSPFAPAATEASQWEAMTVHQVGKCVDRVVLTALGDVALCCGGSELQVLHEIIRKRAWDGVAAATQISSDMVVIESITGC
QCLLQNKGNVHGVSIAFPNIALWNGSQIDFYMIDEATSEITFINFVLTTSPAFAIHREGLIYVKGNRIVFETMQLAPIAQ
MTFTESEGVPVIMDIMNDYLVVVSSKNYLRLARISTRDLQQLGPARPLTFPSILQPDAVEASSGASEMTPFVEDISTLEV
SVSGARVNAQGRRVALMSTLGPLALPDTRIWVYDSDTDKMSFFDFGSRNEIPNSVYWNTPEPNTTTVGEFEYILLACETY
QIHMDDKKSASEEAESPKACTDTTNDGNKIADHPVGQENLPEALPDMENYAEKKAELEDARRESVGTTNYVSQRPHNIVT
FFATHDGLVLQNFAPLRRYQICLVGLTIPDFLLASVKINGDPNNAEDYVIEQKRLRDFEGLKSDKDVAVREALMKFSYYA
TIGNMDEAYRCVKSIKNPAAWQGLARLCVTSGRLDVAAVCLATMEDCVAARALREAKEDYPDDQDVQLATLALGLSMTEE
AVELLRKSKRYDLLTDVYMACGKFEHAQRHSERFDRARIRPVAYKYAQFMESLQNMDAAIMWYYNAKCASTDVPRIFFQT
NRMHELRQLMMIQSQPPSPTAGDSAQRPQPGIGEQQSTFATIFPQNRELLLWWAQHSERRHNVQEALRFYNAGEDVYNIV
RILCSLTPPKLDSALQLVNKEMDKAKMRFQQQQAFAATASARFGDDDHGEPDPVGSAYFVAQLYERQGDDQLALQYYQAA
GAYRSGVRVAWKMEQYGVVANLAMKSSDERLMLETAMALEKHQAYDKAVQLYRRIGAVQCALDACVQGGLYETLHEVSAA
FASGSTDPAVFLGMADHFQSESDYQKAVEMLLFAKHFEEALKLCETQNATLTEEMAESMTSNIGELSMEERQAVLRRVAH
IAKDQGRWSLACKKYTQAGDRVKAMRMLMRGGETEKVIFFANHSRNVEIYTMAANFLQSQNWSADANIYKSIVLFYTKAK
AWMNLLAFYESCAQLHIDENRNYPEALRALEDCIAMAESVRGGKANIEMEKVEQLKQRVEILKAFVKAQKTVDSMVVAER
GSVAEKAKADSVIACCSGLIKRSRPSSPDHSLIQDALRIGDVFALMVRFYFDKLGEPHNALKVMESMPKHGADPQLFIEA
DYMERVCQANGKSLANVLPGGIATEAPGAVWEGARKFSTDTRRSSVIDEVDRVV
;
E
6 'polypeptide(L)'
;MVLTQQFVISNADLGRGHVVEALHPSSPLIALAGSKGRVLILNKTGKVEHQLPMQNVVAMEWECSTDTLAIITSSSSDVH
LYTHRTRQTDTIDTKLKDLCFVCWSQSQPLFAIGSKSGQFVLYNRRTLRLVPVADTHKQRLISGMWVPAQDSRLLIISED
PSLSISDAEGKVLTTIPLPSVPKSVCVSGMANSPKSSSFAAVNLDNTLLIVDLRSYATAAGQFNSALGQITCLTAGINGE
FLAGFASGTVALLDLAGSEVRLRGSLRLLKNAVEMVNFGEGSGVVAAVADNRVGLLRITEDGIAPTGDEASLESERGVPD
LLAWSRDGQQLFVGTNQGNVTVFTLKVLNVSASYGTLVFSFTSNRTIGVKNLQDNRVVCTVPVNSDPAFISAGMAMLAAG
VNNQVSYYEYFIPNSLPYPMVDPAKNVSQSSQQAHSVFLRTVEYPSPVTDLKVNSNLAAVVYDGRVQLSPIRDTPEAAAP
VYFPESGDTRLVSIALSEVFFLYATTSRVSVYALHNLQQVATFTCNTGLKRAFANPACTRVAYVDDSSELFNVNLVTEVA
NKAEGYDPDQKMVLWDQAEATVFITYDSEKCATFVNTPHSRHGATCESVLVKDSSEDNLYTPLPPGYTPVTLFRGTVVCQ
TPNGTLETVPLQTHNNIFLRTPNAEAFYNNFSLNRLRWSSNNITSPQEAEDLAVKSLHMLDVELAIRVYRQLSQPSLVLC
LEKIRHIHEKNLLLGHVSMIMGYMKDAQNFFLRSSQPLRALEMRRDMMQWERALTLAEQLAPEEVPIISRDYAQHLEYRG
VYAKALEMYQKGLRQLPTGHASTELSVTVQEVERHNEQCRQGAARSQIRIGNIADAMKTVKESSEVSFVKECAKLCEENQ
KHEEAAQLYEKAGDIERAATIYIERCKNLKAAERLLPFIKSRNIIGIYARGKEAEGAFVEAEKAFAQAEDWDNAVRLRIE
KLNDLHGAYVIVRQTRSANAAALVAKKCTAQKEYGTAVEFLVLAKSLDEAFELAKTHDCMFNFESALLNQVQLKDGIAPL
SNQADFTMIAEYYDNDGKAGQAGMYYHISGHYAKALNKYLESGQPEDIEKAVEVVGKAHSDSLTNKFIDYLMGETDGEPK
DPSYIFKLYLAMGSYEKAAKTSVIISAKEQEIGNYKSAHKTLVEAYRILQQRNMHVSNDLRRALMLLHSYIIVKDLLKIM
KDDDTACRMLLRVSRNIQKFPKHITTIVTTTVLQCLKSNFKKSAFEYACYLIQNEKHRAEMTEKSRKKIEGIVRRHSKDD
AVDPVEPMLPCPYCDAPVAETELDCGACKNTIPFCIVTGKHIVKSDYTSTPCCGFPAIYSALMTRLSGTLTCPMCEATID
ISNVNRETNPELKALL
;
F
#
# COMPACT_ATOMS: atom_id res chain seq x y z
N ALA A 145 -11.54 12.16 -113.63
CA ALA A 145 -12.63 13.14 -113.54
C ALA A 145 -12.14 14.45 -112.96
N GLY A 146 -12.87 15.52 -113.27
CA GLY A 146 -12.50 16.85 -112.82
C GLY A 146 -12.48 17.03 -111.32
N PHE A 147 -11.41 17.63 -110.80
CA PHE A 147 -11.30 17.96 -109.38
C PHE A 147 -10.49 19.23 -109.24
N GLN A 148 -10.98 20.15 -108.42
CA GLN A 148 -10.33 21.43 -108.19
C GLN A 148 -10.03 21.57 -106.71
N ALA A 149 -8.77 21.86 -106.38
CA ALA A 149 -8.33 21.88 -105.00
C ALA A 149 -8.97 23.04 -104.25
N ALA A 150 -9.12 22.85 -102.94
CA ALA A 150 -9.70 23.87 -102.06
C ALA A 150 -8.58 24.80 -101.63
N LEU A 151 -8.57 26.00 -102.17
CA LEU A 151 -7.54 26.95 -101.85
C LEU A 151 -8.09 28.02 -100.91
N PRO A 152 -7.23 28.64 -100.08
CA PRO A 152 -7.72 29.57 -99.07
C PRO A 152 -8.41 30.78 -99.70
N ARG A 153 -9.41 31.28 -98.98
CA ARG A 153 -10.12 32.49 -99.40
C ARG A 153 -9.19 33.69 -99.35
N LEU A 154 -9.51 34.71 -100.15
CA LEU A 154 -8.67 35.89 -100.23
C LEU A 154 -8.59 36.62 -98.89
N ASN A 155 -9.71 36.69 -98.16
CA ASN A 155 -9.70 37.31 -96.85
C ASN A 155 -9.05 36.41 -95.80
N GLU A 156 -8.85 35.13 -96.09
CA GLU A 156 -8.11 34.27 -95.18
C GLU A 156 -6.62 34.58 -95.22
N LEU A 157 -6.10 34.97 -96.39
CA LEU A 157 -4.69 35.28 -96.52
C LEU A 157 -4.31 36.53 -95.73
N ASP A 158 -5.21 37.51 -95.66
CA ASP A 158 -5.00 38.71 -94.86
C ASP A 158 -6.34 39.19 -94.34
N VAL A 159 -6.39 39.52 -93.05
CA VAL A 159 -7.66 39.94 -92.46
C VAL A 159 -7.95 41.40 -92.73
N ALA A 160 -6.92 42.26 -92.78
CA ALA A 160 -7.09 43.69 -92.96
C ALA A 160 -6.77 44.14 -94.38
N ASN A 161 -7.14 43.32 -95.37
CA ASN A 161 -6.92 43.64 -96.78
C ASN A 161 -8.16 44.21 -97.44
N SER A 162 -8.90 45.04 -96.70
CA SER A 162 -10.14 45.63 -97.23
C SER A 162 -9.89 46.53 -98.43
N TRP A 163 -8.63 46.93 -98.67
CA TRP A 163 -8.32 47.73 -99.85
C TRP A 163 -8.68 46.99 -101.13
N ASP A 164 -8.71 45.65 -101.08
CA ASP A 164 -9.16 44.85 -102.21
C ASP A 164 -10.52 45.33 -102.71
N LYS A 165 -11.42 45.67 -101.78
CA LYS A 165 -12.68 46.27 -102.18
C LYS A 165 -12.46 47.64 -102.80
N LEU A 166 -11.76 48.52 -102.08
CA LEU A 166 -11.60 49.91 -102.52
C LEU A 166 -10.90 49.98 -103.86
N LEU A 167 -9.77 49.28 -103.98
CA LEU A 167 -9.00 49.31 -105.21
C LEU A 167 -9.77 48.73 -106.39
N ARG A 168 -10.88 48.03 -106.14
CA ARG A 168 -11.64 47.48 -107.25
C ARG A 168 -12.62 48.47 -107.86
N MET A 169 -12.76 49.68 -107.31
CA MET A 169 -13.60 50.67 -107.98
C MET A 169 -12.78 51.68 -108.78
N MET A 170 -11.73 52.24 -108.17
CA MET A 170 -10.96 53.30 -108.80
C MET A 170 -10.35 52.83 -110.12
N ARG A 171 -9.92 51.57 -110.17
CA ARG A 171 -9.31 51.00 -111.35
C ARG A 171 -10.29 50.74 -112.49
N SER A 172 -11.53 51.24 -112.39
CA SER A 172 -12.48 51.08 -113.50
C SER A 172 -12.04 51.81 -114.77
N GLU A 173 -11.21 52.86 -114.65
CA GLU A 173 -10.80 53.66 -115.80
C GLU A 173 -9.36 53.42 -116.21
N TYR A 174 -8.41 53.52 -115.29
CA TYR A 174 -7.01 53.22 -115.58
C TYR A 174 -6.29 52.92 -114.27
N ASP A 175 -4.96 52.86 -114.32
CA ASP A 175 -4.14 52.44 -113.21
C ASP A 175 -3.64 53.65 -112.43
N MET A 176 -3.82 53.62 -111.11
CA MET A 176 -3.33 54.64 -110.19
C MET A 176 -2.42 54.03 -109.14
N SER A 177 -1.65 53.01 -109.54
CA SER A 177 -0.91 52.20 -108.59
C SER A 177 0.17 52.97 -107.84
N CYS A 178 0.65 54.09 -108.39
CA CYS A 178 1.65 54.87 -107.66
C CYS A 178 1.06 55.62 -106.49
N LEU A 179 -0.26 55.75 -106.41
CA LEU A 179 -0.90 56.35 -105.25
C LEU A 179 -1.26 55.33 -104.18
N THR A 180 -1.37 54.06 -104.54
CA THR A 180 -1.84 53.02 -103.63
C THR A 180 -0.70 52.30 -102.91
N SER A 181 0.53 52.73 -103.09
CA SER A 181 1.67 52.17 -102.35
C SER A 181 1.80 52.76 -100.96
N CYS A 182 0.75 53.40 -100.46
CA CYS A 182 0.76 54.09 -99.18
C CYS A 182 -0.22 53.54 -98.17
N LEU A 183 -1.17 52.70 -98.59
CA LEU A 183 -2.16 52.18 -97.68
C LEU A 183 -1.51 51.20 -96.70
N ALA A 184 -1.83 51.36 -95.42
CA ALA A 184 -1.27 50.49 -94.39
C ALA A 184 -1.81 49.07 -94.53
N ARG A 185 -0.95 48.10 -94.20
CA ARG A 185 -1.33 46.70 -94.33
C ARG A 185 -2.45 46.33 -93.37
N GLU A 186 -2.38 46.81 -92.14
CA GLU A 186 -3.39 46.54 -91.13
C GLU A 186 -4.36 47.71 -91.02
N LEU A 187 -5.27 47.63 -90.05
CA LEU A 187 -6.20 48.71 -89.78
C LEU A 187 -6.45 48.78 -88.28
N ASP A 188 -6.69 49.99 -87.78
CA ASP A 188 -6.93 50.21 -86.36
C ASP A 188 -8.34 49.76 -85.99
N GLU A 189 -8.50 49.20 -84.80
CA GLU A 189 -9.77 48.75 -84.29
C GLU A 189 -10.22 49.62 -83.11
N ASP A 190 -11.37 49.26 -82.55
CA ASP A 190 -11.98 50.00 -81.44
C ASP A 190 -11.64 49.27 -80.14
N VAL A 191 -10.51 49.63 -79.53
CA VAL A 191 -10.02 49.00 -78.32
C VAL A 191 -9.50 50.07 -77.36
N ALA A 192 -9.20 49.64 -76.14
CA ALA A 192 -8.59 50.50 -75.13
C ALA A 192 -7.18 50.02 -74.82
N TRP A 193 -6.30 50.96 -74.55
CA TRP A 193 -4.87 50.69 -74.38
C TRP A 193 -4.46 51.00 -72.94
N ASN A 194 -4.11 49.96 -72.19
CA ASN A 194 -3.45 50.16 -70.91
C ASN A 194 -1.96 50.35 -71.14
N PRO A 195 -1.34 51.38 -70.55
CA PRO A 195 0.07 51.67 -70.86
C PRO A 195 1.03 50.52 -70.55
N GLU A 196 0.97 49.97 -69.33
CA GLU A 196 1.91 48.92 -68.96
C GLU A 196 1.66 47.65 -69.75
N MET A 197 0.40 47.26 -69.93
CA MET A 197 0.10 46.07 -70.72
C MET A 197 0.53 46.25 -72.17
N LEU A 198 0.31 47.44 -72.73
CA LEU A 198 0.72 47.69 -74.11
C LEU A 198 2.23 47.63 -74.27
N LEU A 199 2.97 48.20 -73.31
CA LEU A 199 4.42 48.13 -73.38
C LEU A 199 4.92 46.70 -73.23
N VAL A 200 4.30 45.92 -72.35
CA VAL A 200 4.67 44.53 -72.18
C VAL A 200 4.39 43.75 -73.47
N GLN A 201 3.26 44.03 -74.11
CA GLN A 201 2.93 43.37 -75.37
C GLN A 201 3.94 43.73 -76.45
N LEU A 202 4.34 45.00 -76.54
CA LEU A 202 5.34 45.41 -77.52
C LEU A 202 6.68 44.72 -77.28
N THR A 203 7.11 44.67 -76.02
CA THR A 203 8.37 44.00 -75.69
C THR A 203 8.32 42.51 -76.02
N SER A 204 7.21 41.86 -75.68
CA SER A 204 7.05 40.43 -75.97
C SER A 204 7.04 40.19 -77.46
N ASP A 205 6.38 41.06 -78.23
CA ASP A 205 6.31 40.88 -79.68
C ASP A 205 7.68 41.07 -80.32
N MET A 206 8.46 42.06 -79.86
CA MET A 206 9.79 42.24 -80.41
C MET A 206 10.71 41.06 -80.04
N LEU A 207 10.55 40.53 -78.82
CA LEU A 207 11.35 39.37 -78.43
C LEU A 207 10.98 38.14 -79.23
N ASP A 208 9.68 37.95 -79.51
CA ASP A 208 9.25 36.84 -80.35
C ASP A 208 9.74 37.01 -81.78
N ALA A 209 9.74 38.24 -82.28
CA ALA A 209 10.25 38.49 -83.63
C ALA A 209 11.73 38.16 -83.72
N ALA A 210 12.51 38.52 -82.70
CA ALA A 210 13.91 38.14 -82.68
C ALA A 210 14.07 36.63 -82.58
N GLU A 211 13.30 35.98 -81.71
CA GLU A 211 13.48 34.55 -81.46
C GLU A 211 12.99 33.68 -82.61
N LEU A 212 12.09 34.20 -83.46
CA LEU A 212 11.67 33.42 -84.63
C LEU A 212 12.85 33.17 -85.57
N GLN A 213 13.70 34.19 -85.77
CA GLN A 213 14.92 33.98 -86.51
C GLN A 213 15.99 33.29 -85.68
N LYS A 214 16.02 33.54 -84.36
CA LYS A 214 17.02 32.92 -83.49
C LYS A 214 16.81 31.42 -83.35
N ASP A 215 15.62 30.90 -83.66
CA ASP A 215 15.38 29.46 -83.56
C ASP A 215 16.23 28.68 -84.54
N SER A 216 16.60 29.28 -85.67
CA SER A 216 17.44 28.60 -86.65
C SER A 216 18.89 28.49 -86.19
N GLY A 217 19.32 29.35 -85.26
CA GLY A 217 20.67 29.30 -84.75
C GLY A 217 21.72 29.95 -85.62
N GLU A 218 21.33 30.57 -86.74
CA GLU A 218 22.28 31.21 -87.62
C GLU A 218 22.87 32.46 -86.95
N ALA A 219 24.19 32.62 -87.09
CA ALA A 219 24.88 33.75 -86.50
C ALA A 219 26.09 34.15 -87.35
N MET B 1 10.26 -16.70 -29.26
CA MET B 1 8.90 -17.07 -28.89
C MET B 1 8.86 -18.35 -28.05
N PHE B 2 8.22 -18.28 -26.89
CA PHE B 2 8.15 -19.39 -25.97
C PHE B 2 6.72 -19.90 -25.85
N VAL B 3 6.59 -21.17 -25.48
CA VAL B 3 5.30 -21.81 -25.24
C VAL B 3 5.40 -22.56 -23.92
N TYR B 4 4.29 -22.57 -23.17
CA TYR B 4 4.23 -23.46 -22.01
C TYR B 4 2.79 -23.81 -21.70
N LEU B 5 2.55 -25.06 -21.33
CA LEU B 5 1.22 -25.46 -20.88
C LEU B 5 0.85 -24.70 -19.61
N SER B 6 -0.40 -24.27 -19.53
CA SER B 6 -0.84 -23.49 -18.39
C SER B 6 -2.24 -23.82 -17.88
N LYS B 7 -2.91 -24.82 -18.44
CA LYS B 7 -4.25 -25.20 -18.00
C LYS B 7 -4.59 -26.54 -18.64
N ARG B 8 -5.68 -27.14 -18.15
CA ARG B 8 -6.24 -28.34 -18.75
C ARG B 8 -7.69 -28.43 -18.33
N ILE B 9 -8.56 -28.70 -19.30
CA ILE B 9 -9.99 -28.83 -19.05
C ILE B 9 -10.44 -30.18 -19.60
N ALA B 10 -11.07 -30.99 -18.76
CA ALA B 10 -11.54 -32.30 -19.18
C ALA B 10 -12.98 -32.22 -19.65
N MET B 11 -13.26 -32.91 -20.75
CA MET B 11 -14.63 -33.01 -21.23
C MET B 11 -15.43 -33.96 -20.34
N PRO B 12 -16.73 -33.72 -20.18
CA PRO B 12 -17.57 -34.69 -19.47
C PRO B 12 -17.64 -36.01 -20.21
N ASN B 13 -17.70 -37.11 -19.44
CA ASN B 13 -17.71 -38.48 -19.93
C ASN B 13 -16.39 -38.88 -20.59
N GLY B 14 -15.42 -37.97 -20.64
CA GLY B 14 -14.21 -38.23 -21.40
C GLY B 14 -14.48 -38.35 -22.88
N VAL B 15 -15.34 -37.50 -23.43
CA VAL B 15 -15.66 -37.52 -24.85
C VAL B 15 -14.52 -36.89 -25.63
N LYS B 16 -14.03 -37.60 -26.64
CA LYS B 16 -12.88 -37.12 -27.40
C LYS B 16 -13.24 -35.91 -28.24
N VAL B 17 -12.34 -34.91 -28.24
CA VAL B 17 -12.58 -33.68 -28.96
C VAL B 17 -12.40 -33.90 -30.46
N THR B 18 -13.33 -33.40 -31.26
CA THR B 18 -13.24 -33.47 -32.71
C THR B 18 -13.15 -32.12 -33.40
N SER B 19 -13.45 -31.03 -32.70
CA SER B 19 -13.40 -29.70 -33.30
C SER B 19 -13.31 -28.67 -32.17
N ILE B 20 -12.78 -27.49 -32.52
CA ILE B 20 -12.60 -26.44 -31.53
C ILE B 20 -12.43 -25.12 -32.29
N ALA B 21 -13.00 -24.05 -31.73
CA ALA B 21 -12.93 -22.73 -32.34
C ALA B 21 -13.05 -21.66 -31.27
N TRP B 22 -12.12 -20.71 -31.26
CA TRP B 22 -12.06 -19.70 -30.22
C TRP B 22 -12.39 -18.33 -30.81
N ASN B 23 -13.35 -17.65 -30.20
CA ASN B 23 -13.76 -16.32 -30.63
C ASN B 23 -12.72 -15.28 -30.25
N ASP B 24 -12.66 -14.20 -31.04
CA ASP B 24 -11.74 -13.09 -30.80
C ASP B 24 -12.39 -11.94 -30.05
N GLY B 25 -13.62 -11.58 -30.42
CA GLY B 25 -14.21 -10.35 -29.89
C GLY B 25 -14.45 -10.40 -28.39
N GLN B 26 -15.02 -11.49 -27.90
CA GLN B 26 -15.39 -11.60 -26.50
C GLN B 26 -14.58 -12.67 -25.76
N GLY B 27 -14.47 -13.87 -26.32
CA GLY B 27 -13.64 -14.88 -25.71
C GLY B 27 -14.31 -16.23 -25.57
N TRP B 28 -15.44 -16.41 -26.24
CA TRP B 28 -16.20 -17.66 -26.11
C TRP B 28 -15.49 -18.76 -26.90
N LEU B 29 -14.71 -19.58 -26.20
CA LEU B 29 -14.18 -20.79 -26.80
C LEU B 29 -15.30 -21.81 -26.99
N ALA B 30 -15.19 -22.60 -28.03
CA ALA B 30 -16.16 -23.65 -28.32
C ALA B 30 -15.44 -24.94 -28.63
N CYS B 31 -15.94 -26.04 -28.08
CA CYS B 31 -15.37 -27.36 -28.29
C CYS B 31 -16.48 -28.31 -28.72
N GLY B 32 -16.08 -29.36 -29.43
CA GLY B 32 -17.02 -30.38 -29.86
C GLY B 32 -16.44 -31.76 -29.65
N GLY B 33 -17.31 -32.76 -29.78
CA GLY B 33 -16.91 -34.13 -29.56
C GLY B 33 -18.02 -35.08 -29.93
N GLU B 34 -17.69 -36.37 -29.89
CA GLU B 34 -18.58 -37.43 -30.34
C GLU B 34 -19.83 -37.51 -29.47
N LYS B 35 -20.76 -38.39 -29.86
CA LYS B 35 -22.11 -38.50 -29.29
C LYS B 35 -22.82 -37.14 -29.20
N GLY B 36 -22.46 -36.24 -30.09
CA GLY B 36 -23.06 -34.91 -30.14
C GLY B 36 -22.73 -34.02 -28.98
N LEU B 37 -21.47 -34.01 -28.53
CA LEU B 37 -21.05 -33.10 -27.47
C LEU B 37 -20.68 -31.76 -28.06
N LEU B 38 -21.27 -30.69 -27.55
CA LEU B 38 -20.93 -29.34 -27.95
C LEU B 38 -20.91 -28.47 -26.71
N LYS B 39 -19.80 -27.77 -26.50
CA LYS B 39 -19.63 -26.95 -25.31
C LYS B 39 -19.13 -25.57 -25.71
N VAL B 40 -19.59 -24.56 -24.96
CA VAL B 40 -19.13 -23.19 -25.13
C VAL B 40 -18.67 -22.70 -23.76
N LEU B 41 -17.38 -22.45 -23.63
CA LEU B 41 -16.81 -21.89 -22.43
C LEU B 41 -16.46 -20.43 -22.69
N LYS B 42 -16.40 -19.64 -21.62
CA LYS B 42 -15.96 -18.26 -21.72
C LYS B 42 -14.68 -18.08 -20.91
N VAL B 43 -13.63 -17.59 -21.57
CA VAL B 43 -12.35 -17.33 -20.94
C VAL B 43 -12.02 -15.85 -21.14
N ASP B 44 -11.51 -15.22 -20.10
CA ASP B 44 -11.12 -13.81 -20.18
C ASP B 44 -9.70 -13.71 -20.71
N GLY B 45 -9.54 -13.10 -21.88
CA GLY B 45 -8.24 -13.00 -22.51
C GLY B 45 -7.32 -11.96 -21.93
N GLY B 46 -7.82 -11.12 -21.03
CA GLY B 46 -6.99 -10.12 -20.39
C GLY B 46 -5.98 -10.76 -19.46
N PRO B 47 -4.87 -10.06 -19.20
CA PRO B 47 -3.86 -10.60 -18.28
C PRO B 47 -4.40 -10.81 -16.88
N GLN B 48 -5.36 -9.99 -16.44
CA GLN B 48 -6.01 -10.23 -15.15
C GLN B 48 -6.76 -11.55 -15.15
N GLY B 49 -7.45 -11.86 -16.25
CA GLY B 49 -8.12 -13.14 -16.38
C GLY B 49 -7.17 -14.31 -16.53
N GLN B 50 -5.96 -14.07 -17.05
CA GLN B 50 -4.96 -15.12 -17.12
C GLN B 50 -4.34 -15.40 -15.77
N ARG B 51 -4.15 -14.36 -14.95
CA ARG B 51 -3.60 -14.56 -13.61
C ARG B 51 -4.64 -15.18 -12.68
N SER B 52 -5.89 -14.71 -12.77
CA SER B 52 -6.96 -15.20 -11.91
C SER B 52 -7.63 -16.45 -12.45
N GLY B 53 -7.25 -16.92 -13.63
CA GLY B 53 -7.85 -18.10 -14.22
C GLY B 53 -9.32 -17.94 -14.53
N GLY B 54 -9.69 -16.83 -15.16
CA GLY B 54 -11.08 -16.51 -15.41
C GLY B 54 -11.78 -17.39 -16.41
N LEU B 55 -12.68 -18.25 -15.94
CA LEU B 55 -13.58 -19.04 -16.78
C LEU B 55 -14.99 -18.77 -16.26
N SER B 56 -15.62 -17.72 -16.78
CA SER B 56 -16.86 -17.23 -16.21
C SER B 56 -18.06 -18.11 -16.57
N SER B 57 -18.12 -18.63 -17.79
CA SER B 57 -19.29 -19.34 -18.27
C SER B 57 -18.91 -20.68 -18.87
N SER B 58 -19.85 -21.62 -18.81
CA SER B 58 -19.68 -22.93 -19.42
C SER B 58 -21.07 -23.49 -19.70
N GLN B 59 -21.41 -23.63 -20.99
CA GLN B 59 -22.74 -24.03 -21.40
C GLN B 59 -22.65 -25.19 -22.38
N THR B 60 -23.33 -26.28 -22.08
CA THR B 60 -23.36 -27.44 -22.98
C THR B 60 -24.57 -27.31 -23.90
N LEU B 61 -24.31 -27.10 -25.18
CA LEU B 61 -25.36 -26.98 -26.17
C LEU B 61 -25.70 -28.35 -26.75
N GLU B 62 -26.83 -28.42 -27.44
CA GLU B 62 -27.29 -29.68 -28.01
C GLU B 62 -28.17 -29.38 -29.21
N GLY B 63 -28.37 -30.42 -30.03
CA GLY B 63 -29.09 -30.30 -31.27
C GLY B 63 -28.45 -31.15 -32.35
N HIS B 64 -27.35 -31.82 -31.99
CA HIS B 64 -26.63 -32.71 -32.89
C HIS B 64 -26.76 -34.14 -32.41
N ASP B 65 -27.24 -35.02 -33.29
CA ASP B 65 -27.41 -36.42 -32.93
C ASP B 65 -26.10 -37.20 -33.01
N THR B 66 -25.10 -36.68 -33.70
CA THR B 66 -23.80 -37.35 -33.80
C THR B 66 -22.68 -36.35 -33.61
N THR B 67 -21.44 -36.79 -33.88
CA THR B 67 -20.25 -36.04 -33.51
C THR B 67 -20.25 -34.64 -34.12
N VAL B 68 -19.99 -33.63 -33.27
CA VAL B 68 -19.80 -32.27 -33.75
C VAL B 68 -18.49 -32.22 -34.51
N ASP B 69 -18.56 -32.01 -35.81
CA ASP B 69 -17.42 -32.17 -36.69
C ASP B 69 -16.70 -30.87 -37.00
N LEU B 70 -17.42 -29.78 -37.23
CA LEU B 70 -16.81 -28.50 -37.58
C LEU B 70 -17.45 -27.40 -36.75
N VAL B 71 -16.61 -26.54 -36.16
CA VAL B 71 -17.06 -25.39 -35.40
C VAL B 71 -16.35 -24.15 -35.95
N THR B 72 -17.12 -23.12 -36.28
CA THR B 72 -16.56 -21.89 -36.83
C THR B 72 -17.21 -20.71 -36.12
N TRP B 73 -16.51 -19.58 -36.16
CA TRP B 73 -16.88 -18.38 -35.44
C TRP B 73 -17.01 -17.20 -36.39
N ASN B 74 -17.86 -16.24 -36.00
CA ASN B 74 -17.93 -14.94 -36.64
C ASN B 74 -17.71 -13.89 -35.57
N GLN B 75 -16.67 -13.08 -35.74
CA GLN B 75 -16.23 -12.16 -34.70
C GLN B 75 -16.79 -10.76 -34.84
N GLN B 76 -17.34 -10.42 -36.01
CA GLN B 76 -17.99 -9.12 -36.15
C GLN B 76 -19.36 -9.11 -35.49
N TYR B 77 -20.07 -10.24 -35.51
CA TYR B 77 -21.36 -10.35 -34.87
C TYR B 77 -21.38 -11.41 -33.77
N CYS B 78 -20.25 -12.05 -33.49
CA CYS B 78 -20.14 -13.08 -32.44
C CYS B 78 -21.15 -14.21 -32.65
N LYS B 79 -21.16 -14.76 -33.87
CA LYS B 79 -22.14 -15.77 -34.26
C LYS B 79 -21.43 -17.10 -34.49
N LEU B 80 -21.90 -18.13 -33.82
CA LEU B 80 -21.24 -19.44 -33.89
C LEU B 80 -21.93 -20.31 -34.92
N THR B 81 -21.18 -21.25 -35.49
CA THR B 81 -21.78 -22.22 -36.40
C THR B 81 -21.14 -23.58 -36.17
N SER B 82 -21.96 -24.62 -36.18
CA SER B 82 -21.49 -25.97 -35.92
C SER B 82 -22.09 -26.91 -36.96
N SER B 83 -21.45 -28.08 -37.10
CA SER B 83 -21.84 -29.07 -38.09
C SER B 83 -22.05 -30.41 -37.41
N ASP B 84 -22.35 -31.43 -38.23
CA ASP B 84 -22.60 -32.77 -37.74
C ASP B 84 -22.16 -33.76 -38.81
N VAL B 85 -21.87 -34.99 -38.38
CA VAL B 85 -21.56 -36.05 -39.33
C VAL B 85 -22.79 -36.41 -40.16
N SER B 86 -23.97 -36.40 -39.52
CA SER B 86 -25.20 -36.76 -40.20
C SER B 86 -25.55 -35.83 -41.34
N GLY B 87 -24.95 -34.64 -41.39
CA GLY B 87 -25.15 -33.73 -42.50
C GLY B 87 -26.02 -32.54 -42.16
N ARG B 88 -25.93 -32.07 -40.92
CA ARG B 88 -26.71 -30.93 -40.48
C ARG B 88 -25.78 -29.79 -40.10
N ILE B 89 -26.28 -28.58 -40.27
CA ILE B 89 -25.55 -27.36 -39.95
C ILE B 89 -26.46 -26.48 -39.08
N ILE B 90 -25.92 -26.00 -37.96
CA ILE B 90 -26.71 -25.22 -37.02
C ILE B 90 -25.96 -23.93 -36.71
N VAL B 91 -26.66 -22.82 -36.79
CA VAL B 91 -26.09 -21.53 -36.40
C VAL B 91 -26.61 -21.18 -35.02
N TRP B 92 -25.77 -20.49 -34.24
CA TRP B 92 -26.05 -20.19 -32.85
C TRP B 92 -25.78 -18.71 -32.60
N VAL B 93 -26.72 -18.05 -31.92
CA VAL B 93 -26.64 -16.62 -31.64
C VAL B 93 -26.90 -16.40 -30.16
N LEU B 94 -26.13 -15.50 -29.56
CA LEU B 94 -26.20 -15.25 -28.13
C LEU B 94 -27.43 -14.42 -27.80
N HIS B 95 -28.28 -14.94 -26.91
CA HIS B 95 -29.41 -14.19 -26.37
C HIS B 95 -29.15 -13.96 -24.88
N LYS B 96 -28.87 -12.71 -24.51
CA LYS B 96 -28.78 -12.28 -23.11
C LYS B 96 -27.72 -13.04 -22.33
N GLY B 97 -26.68 -13.53 -23.01
CA GLY B 97 -25.56 -14.18 -22.36
C GLY B 97 -25.47 -15.68 -22.59
N MET B 98 -26.56 -16.33 -22.95
CA MET B 98 -26.54 -17.76 -23.23
C MET B 98 -26.70 -18.00 -24.72
N TRP B 99 -26.53 -19.26 -25.13
CA TRP B 99 -26.49 -19.63 -26.54
C TRP B 99 -27.72 -20.43 -26.93
N PHE B 100 -28.34 -20.05 -28.05
CA PHE B 100 -29.53 -20.72 -28.54
C PHE B 100 -29.43 -20.86 -30.06
N GLU B 101 -30.18 -21.83 -30.59
CA GLU B 101 -30.19 -22.07 -32.02
C GLU B 101 -30.90 -20.94 -32.75
N GLU B 102 -30.56 -20.78 -34.04
CA GLU B 102 -31.18 -19.77 -34.87
C GLU B 102 -31.60 -20.38 -36.21
N MET B 103 -30.90 -21.43 -36.64
CA MET B 103 -31.23 -22.13 -37.87
C MET B 103 -30.57 -23.49 -37.86
N VAL B 104 -31.32 -24.51 -38.26
CA VAL B 104 -30.82 -25.87 -38.42
C VAL B 104 -31.23 -26.37 -39.80
N ASN B 105 -30.26 -26.83 -40.57
CA ASN B 105 -30.51 -27.30 -41.93
C ASN B 105 -29.84 -28.65 -42.12
N ASN B 106 -30.41 -29.47 -43.01
CA ASN B 106 -29.85 -30.77 -43.35
C ASN B 106 -29.99 -30.97 -44.84
N ARG B 107 -28.87 -30.99 -45.56
CA ARG B 107 -28.92 -31.11 -47.01
C ARG B 107 -29.26 -32.53 -47.45
N ASN B 108 -28.86 -33.54 -46.65
CA ASN B 108 -29.07 -34.95 -46.96
C ASN B 108 -28.46 -35.35 -48.30
N SER B 109 -27.39 -34.68 -48.69
CA SER B 109 -26.70 -34.97 -49.95
C SER B 109 -25.27 -35.44 -49.75
N SER B 110 -24.47 -34.70 -49.00
CA SER B 110 -23.07 -35.06 -48.77
C SER B 110 -22.69 -34.62 -47.37
N ARG B 111 -21.39 -34.72 -47.07
CA ARG B 111 -20.85 -34.33 -45.77
C ARG B 111 -20.08 -33.03 -45.94
N VAL B 112 -20.46 -32.02 -45.15
CA VAL B 112 -19.80 -30.73 -45.23
C VAL B 112 -18.37 -30.85 -44.74
N VAL B 113 -17.43 -30.29 -45.49
CA VAL B 113 -16.02 -30.40 -45.17
C VAL B 113 -15.40 -29.09 -44.72
N ASP B 114 -16.06 -27.96 -44.94
CA ASP B 114 -15.52 -26.67 -44.51
C ASP B 114 -16.59 -25.60 -44.65
N PHE B 115 -16.37 -24.49 -43.95
CA PHE B 115 -17.07 -23.22 -44.17
C PHE B 115 -16.29 -22.14 -43.45
N ALA B 116 -16.37 -20.92 -43.97
CA ALA B 116 -15.58 -19.84 -43.39
C ALA B 116 -16.23 -18.50 -43.71
N TRP B 117 -15.89 -17.50 -42.90
CA TRP B 117 -16.37 -16.14 -43.06
C TRP B 117 -15.29 -15.28 -43.70
N ASN B 118 -15.73 -14.21 -44.36
CA ASN B 118 -14.83 -13.22 -44.90
C ASN B 118 -14.31 -12.33 -43.76
N PRO B 119 -13.32 -11.46 -44.03
CA PRO B 119 -12.87 -10.54 -42.98
C PRO B 119 -13.97 -9.66 -42.42
N SER B 120 -14.98 -9.31 -43.21
CA SER B 120 -16.12 -8.56 -42.71
C SER B 120 -17.13 -9.44 -41.99
N GLY B 121 -17.02 -10.77 -42.12
CA GLY B 121 -17.99 -11.67 -41.53
C GLY B 121 -19.38 -11.58 -42.14
N THR B 122 -19.46 -11.52 -43.47
CA THR B 122 -20.74 -11.32 -44.15
C THR B 122 -21.19 -12.48 -45.01
N LYS B 123 -20.33 -13.46 -45.28
CA LYS B 123 -20.68 -14.56 -46.17
C LYS B 123 -19.99 -15.82 -45.68
N ILE B 124 -20.72 -16.93 -45.71
CA ILE B 124 -20.26 -18.22 -45.23
C ILE B 124 -20.33 -19.21 -46.39
N CYS B 125 -19.22 -19.90 -46.64
CA CYS B 125 -19.09 -20.78 -47.80
C CYS B 125 -19.23 -22.23 -47.35
N ILE B 126 -20.48 -22.67 -47.22
CA ILE B 126 -20.77 -24.04 -46.80
C ILE B 126 -20.50 -24.95 -47.99
N THR B 127 -19.45 -25.77 -47.89
CA THR B 127 -19.01 -26.61 -48.99
C THR B 127 -19.02 -28.07 -48.56
N TYR B 128 -19.32 -28.95 -49.52
CA TYR B 128 -19.50 -30.36 -49.25
C TYR B 128 -18.42 -31.17 -49.96
N GLU B 129 -18.52 -32.50 -49.83
CA GLU B 129 -17.55 -33.40 -50.45
C GLU B 129 -17.76 -33.55 -51.94
N ASP B 130 -19.01 -33.47 -52.41
CA ASP B 130 -19.27 -33.58 -53.85
C ASP B 130 -18.82 -32.36 -54.62
N GLY B 131 -18.43 -31.30 -53.93
CA GLY B 131 -18.07 -30.05 -54.57
C GLY B 131 -19.12 -28.97 -54.47
N ALA B 132 -20.31 -29.30 -53.97
CA ALA B 132 -21.38 -28.32 -53.86
C ALA B 132 -21.00 -27.21 -52.89
N VAL B 133 -21.26 -25.97 -53.30
CA VAL B 133 -20.91 -24.80 -52.52
C VAL B 133 -22.15 -23.93 -52.39
N ILE B 134 -22.39 -23.42 -51.18
CA ILE B 134 -23.48 -22.48 -50.93
C ILE B 134 -22.89 -21.31 -50.16
N VAL B 135 -22.97 -20.12 -50.74
CA VAL B 135 -22.50 -18.92 -50.05
C VAL B 135 -23.72 -18.22 -49.48
N GLY B 136 -23.85 -18.27 -48.16
CA GLY B 136 -24.97 -17.65 -47.46
C GLY B 136 -24.55 -16.35 -46.80
N GLY B 137 -25.53 -15.47 -46.60
CA GLY B 137 -25.29 -14.21 -45.93
C GLY B 137 -25.34 -14.38 -44.42
N VAL B 138 -25.28 -13.24 -43.73
CA VAL B 138 -25.37 -13.25 -42.27
C VAL B 138 -26.74 -13.78 -41.84
N ASP B 139 -27.80 -13.25 -42.43
CA ASP B 139 -29.15 -13.68 -42.04
C ASP B 139 -29.47 -15.07 -42.57
N GLY B 140 -29.07 -15.37 -43.80
CA GLY B 140 -29.39 -16.63 -44.41
C GLY B 140 -29.72 -16.53 -45.88
N ASN B 141 -29.67 -15.31 -46.42
CA ASN B 141 -29.95 -15.07 -47.83
C ASN B 141 -28.87 -15.74 -48.67
N ARG B 142 -29.24 -16.82 -49.35
CA ARG B 142 -28.31 -17.58 -50.17
C ARG B 142 -27.86 -16.73 -51.35
N TYR B 143 -26.60 -16.28 -51.32
CA TYR B 143 -26.08 -15.47 -52.42
C TYR B 143 -25.98 -16.27 -53.71
N TRP B 144 -25.35 -17.43 -53.66
CA TRP B 144 -25.29 -18.32 -54.82
C TRP B 144 -24.87 -19.71 -54.39
N GLY B 145 -25.39 -20.69 -55.11
CA GLY B 145 -25.01 -22.08 -54.90
C GLY B 145 -24.64 -22.73 -56.21
N ARG B 146 -23.73 -23.69 -56.11
CA ARG B 146 -23.20 -24.39 -57.27
C ARG B 146 -22.90 -25.83 -56.91
N GLU B 147 -22.71 -26.65 -57.93
CA GLU B 147 -22.23 -28.02 -57.78
C GLU B 147 -20.97 -28.17 -58.61
N LEU B 148 -19.83 -27.85 -58.01
CA LEU B 148 -18.55 -27.95 -58.70
C LEU B 148 -18.21 -29.42 -58.96
N PRO B 149 -17.52 -29.71 -60.08
CA PRO B 149 -17.36 -31.13 -60.47
C PRO B 149 -16.41 -31.91 -59.58
N TYR B 150 -15.30 -31.31 -59.17
CA TYR B 150 -14.30 -32.01 -58.37
C TYR B 150 -14.77 -32.14 -56.93
N LYS B 151 -14.06 -32.98 -56.17
CA LYS B 151 -14.41 -33.26 -54.78
C LYS B 151 -13.65 -32.29 -53.88
N LEU B 152 -14.38 -31.40 -53.21
CA LEU B 152 -13.76 -30.42 -52.34
C LEU B 152 -13.46 -31.01 -50.97
N ALA B 153 -12.33 -30.63 -50.42
CA ALA B 153 -11.91 -31.06 -49.09
C ALA B 153 -11.56 -29.92 -48.17
N LYS B 154 -10.96 -28.85 -48.69
CA LYS B 154 -10.63 -27.69 -47.88
C LYS B 154 -11.03 -26.43 -48.61
N VAL B 155 -11.43 -25.42 -47.85
CA VAL B 155 -11.92 -24.15 -48.39
C VAL B 155 -11.35 -23.02 -47.55
N CYS B 156 -10.85 -21.98 -48.20
CA CYS B 156 -10.37 -20.79 -47.53
C CYS B 156 -11.13 -19.57 -48.04
N TRP B 157 -10.77 -18.41 -47.53
CA TRP B 157 -11.29 -17.13 -47.99
C TRP B 157 -10.15 -16.24 -48.41
N GLY B 158 -10.31 -15.56 -49.55
CA GLY B 158 -9.29 -14.63 -49.99
C GLY B 158 -9.10 -13.51 -48.99
N ALA B 159 -7.86 -13.04 -48.91
CA ALA B 159 -7.54 -11.99 -47.94
C ALA B 159 -8.30 -10.71 -48.23
N ASP B 160 -8.35 -10.31 -49.51
CA ASP B 160 -9.05 -9.08 -49.87
C ASP B 160 -10.56 -9.19 -49.64
N GLY B 161 -11.12 -10.39 -49.79
CA GLY B 161 -12.53 -10.61 -49.62
C GLY B 161 -13.32 -10.71 -50.90
N ASN B 162 -12.66 -10.69 -52.06
CA ASN B 162 -13.33 -10.81 -53.34
C ASN B 162 -13.03 -12.13 -54.04
N SER B 163 -12.17 -12.96 -53.45
CA SER B 163 -11.80 -14.25 -54.02
C SER B 163 -12.00 -15.34 -52.98
N ILE B 164 -12.32 -16.54 -53.46
CA ILE B 164 -12.49 -17.69 -52.58
C ILE B 164 -11.60 -18.82 -53.09
N LEU B 165 -10.77 -19.35 -52.22
CA LEU B 165 -9.83 -20.41 -52.57
C LEU B 165 -10.42 -21.75 -52.16
N PHE B 166 -10.50 -22.67 -53.11
CA PHE B 166 -11.00 -24.02 -52.85
C PHE B 166 -9.87 -25.02 -52.97
N GLY B 167 -10.06 -26.16 -52.30
CA GLY B 167 -9.10 -27.24 -52.38
C GLY B 167 -9.76 -28.55 -52.74
N THR B 168 -9.18 -29.28 -53.69
CA THR B 168 -9.76 -30.53 -54.15
C THR B 168 -9.42 -31.66 -53.18
N ALA B 169 -10.13 -32.78 -53.34
CA ALA B 169 -9.76 -33.98 -52.61
C ALA B 169 -8.40 -34.50 -53.05
N THR B 170 -8.08 -34.35 -54.35
CA THR B 170 -6.77 -34.77 -54.85
C THR B 170 -5.65 -33.97 -54.21
N GLY B 171 -5.83 -32.65 -54.09
CA GLY B 171 -4.81 -31.82 -53.49
C GLY B 171 -4.59 -30.52 -54.24
N GLU B 172 -5.29 -30.35 -55.37
CA GLU B 172 -5.18 -29.13 -56.14
C GLU B 172 -5.99 -28.01 -55.50
N VAL B 173 -5.57 -26.78 -55.76
CA VAL B 173 -6.18 -25.59 -55.18
C VAL B 173 -6.56 -24.63 -56.31
N TYR B 174 -7.77 -24.10 -56.25
CA TYR B 174 -8.30 -23.20 -57.25
C TYR B 174 -8.72 -21.89 -56.60
N VAL B 175 -8.82 -20.84 -57.41
CA VAL B 175 -9.30 -19.54 -56.97
C VAL B 175 -10.53 -19.20 -57.81
N HIS B 176 -11.65 -18.92 -57.13
CA HIS B 176 -12.90 -18.53 -57.75
C HIS B 176 -13.29 -17.14 -57.26
N ASP B 177 -14.36 -16.62 -57.83
CA ASP B 177 -14.87 -15.29 -57.49
C ASP B 177 -15.82 -15.35 -56.30
N ALA B 178 -15.83 -14.26 -55.52
CA ALA B 178 -16.76 -14.18 -54.39
C ALA B 178 -18.20 -14.07 -54.86
N SER B 179 -18.46 -13.25 -55.88
CA SER B 179 -19.81 -12.98 -56.34
C SER B 179 -20.27 -13.97 -57.42
N SER B 180 -19.58 -13.98 -58.55
CA SER B 180 -19.98 -14.89 -59.63
C SER B 180 -19.60 -16.33 -59.33
N GLY B 181 -18.41 -16.55 -58.79
CA GLY B 181 -17.97 -17.88 -58.42
C GLY B 181 -17.36 -18.69 -59.54
N GLU B 182 -17.08 -18.10 -60.69
CA GLU B 182 -16.52 -18.86 -61.79
C GLU B 182 -15.04 -19.17 -61.52
N HIS B 183 -14.52 -20.13 -62.29
CA HIS B 183 -13.16 -20.62 -62.09
C HIS B 183 -12.16 -19.57 -62.55
N LEU B 184 -11.79 -18.66 -61.63
CA LEU B 184 -10.91 -17.56 -61.99
C LEU B 184 -9.53 -18.05 -62.39
N SER B 185 -8.90 -18.86 -61.56
CA SER B 185 -7.53 -19.30 -61.83
C SER B 185 -7.18 -20.48 -60.93
N GLN B 186 -5.94 -20.92 -61.01
CA GLN B 186 -5.41 -21.98 -60.16
C GLN B 186 -4.10 -21.51 -59.55
N VAL B 187 -3.92 -21.80 -58.26
CA VAL B 187 -2.70 -21.40 -57.56
C VAL B 187 -1.52 -22.22 -58.05
N GLU B 188 -0.39 -21.56 -58.26
CA GLU B 188 0.84 -22.24 -58.66
C GLU B 188 1.44 -22.93 -57.45
N ILE B 189 1.39 -24.24 -57.42
CA ILE B 189 1.93 -25.02 -56.31
C ILE B 189 3.24 -25.64 -56.74
N LYS B 190 4.18 -25.73 -55.79
CA LYS B 190 5.45 -26.41 -56.05
C LYS B 190 5.89 -27.34 -54.93
N CYS B 191 5.30 -27.25 -53.74
CA CYS B 191 5.61 -28.22 -52.70
C CYS B 191 5.02 -29.59 -53.03
N ASN B 192 3.86 -29.62 -53.69
CA ASN B 192 3.27 -30.88 -54.11
C ASN B 192 4.14 -31.53 -55.17
N ASP B 193 4.47 -32.81 -54.96
CA ASP B 193 5.31 -33.53 -55.91
C ASP B 193 4.60 -33.70 -57.25
N GLY B 194 3.31 -33.96 -57.22
CA GLY B 194 2.55 -34.22 -58.43
C GLY B 194 2.55 -35.67 -58.87
N LYS B 195 3.33 -36.53 -58.22
CA LYS B 195 3.33 -37.95 -58.57
C LYS B 195 2.02 -38.60 -58.17
N ALA B 196 1.56 -38.34 -56.95
CA ALA B 196 0.30 -38.88 -56.47
C ALA B 196 -0.50 -37.77 -55.81
N PRO B 197 -1.84 -37.83 -55.89
CA PRO B 197 -2.65 -36.78 -55.27
C PRO B 197 -2.63 -36.86 -53.75
N SER B 198 -1.93 -35.92 -53.13
CA SER B 198 -1.81 -35.88 -51.66
C SER B 198 -2.91 -35.00 -51.09
N PRO B 199 -3.67 -35.50 -50.11
CA PRO B 199 -4.67 -34.65 -49.46
C PRO B 199 -4.00 -33.50 -48.71
N LEU B 200 -4.74 -32.41 -48.57
CA LEU B 200 -4.25 -31.23 -47.88
C LEU B 200 -4.96 -31.08 -46.54
N ALA B 201 -4.23 -30.53 -45.57
CA ALA B 201 -4.71 -30.39 -44.20
C ALA B 201 -4.84 -28.97 -43.73
N GLY B 202 -4.16 -28.01 -44.35
CA GLY B 202 -4.27 -26.62 -43.97
C GLY B 202 -4.36 -25.67 -45.15
N LEU B 203 -5.29 -24.73 -45.11
CA LEU B 203 -5.45 -23.74 -46.17
C LEU B 203 -6.04 -22.48 -45.55
N SER B 204 -5.18 -21.53 -45.18
CA SER B 204 -5.61 -20.34 -44.48
C SER B 204 -4.85 -19.13 -45.01
N TRP B 205 -5.57 -18.02 -45.19
CA TRP B 205 -5.02 -16.79 -45.73
C TRP B 205 -5.41 -15.65 -44.79
N HIS B 206 -4.47 -15.23 -43.95
CA HIS B 206 -4.80 -14.23 -42.94
C HIS B 206 -4.83 -12.84 -43.57
N PRO B 207 -5.91 -12.08 -43.41
CA PRO B 207 -6.06 -10.81 -44.12
C PRO B 207 -5.47 -9.61 -43.39
N ALA B 208 -4.56 -9.82 -42.44
CA ALA B 208 -4.03 -8.70 -41.67
C ALA B 208 -3.22 -7.72 -42.52
N TRP B 209 -2.68 -8.18 -43.64
CA TRP B 209 -1.86 -7.29 -44.46
C TRP B 209 -2.41 -7.18 -45.88
N VAL B 210 -3.72 -6.98 -46.00
CA VAL B 210 -4.31 -6.82 -47.33
C VAL B 210 -3.85 -5.52 -47.97
N GLU B 211 -3.87 -4.44 -47.21
CA GLU B 211 -3.44 -3.13 -47.72
C GLU B 211 -1.99 -2.84 -47.29
N ARG B 212 -1.11 -3.76 -47.64
CA ARG B 212 0.30 -3.65 -47.36
C ARG B 212 1.04 -3.50 -48.68
N PRO B 213 1.98 -2.53 -48.76
CA PRO B 213 2.71 -2.32 -50.02
C PRO B 213 3.45 -3.54 -50.50
N GLU B 214 4.00 -4.35 -49.60
CA GLU B 214 4.62 -5.63 -49.93
C GLU B 214 3.98 -6.68 -49.04
N PRO B 215 2.90 -7.31 -49.50
CA PRO B 215 2.13 -8.21 -48.61
C PRO B 215 2.95 -9.40 -48.16
N LEU B 216 2.85 -9.71 -46.87
CA LEU B 216 3.63 -10.79 -46.28
C LEU B 216 3.07 -12.15 -46.72
N ALA B 217 3.84 -13.20 -46.43
CA ALA B 217 3.48 -14.55 -46.86
C ALA B 217 2.43 -15.17 -45.93
N THR B 218 1.29 -14.49 -45.86
CA THR B 218 0.22 -14.91 -44.96
C THR B 218 -0.64 -16.03 -45.53
N LEU B 219 -0.54 -16.31 -46.83
CA LEU B 219 -1.19 -17.49 -47.35
C LEU B 219 -0.44 -18.72 -46.88
N ALA B 220 -1.19 -19.78 -46.55
CA ALA B 220 -0.58 -21.02 -46.11
C ALA B 220 -1.31 -22.18 -46.76
N VAL B 221 -0.56 -23.06 -47.42
CA VAL B 221 -1.08 -24.30 -47.96
C VAL B 221 -0.26 -25.43 -47.36
N CYS B 222 -0.93 -26.37 -46.71
CA CYS B 222 -0.27 -27.48 -46.05
C CYS B 222 -0.90 -28.79 -46.51
N TYR B 223 -0.07 -29.79 -46.75
CA TYR B 223 -0.53 -31.11 -47.14
C TYR B 223 -0.41 -32.08 -45.98
N GLN B 224 -1.05 -33.24 -46.13
CA GLN B 224 -1.02 -34.24 -45.07
C GLN B 224 0.39 -34.78 -44.83
N SER B 225 1.23 -34.78 -45.87
CA SER B 225 2.62 -35.17 -45.69
C SER B 225 3.35 -34.23 -44.75
N GLY B 226 3.11 -32.92 -44.87
CA GLY B 226 3.72 -31.96 -43.99
C GLY B 226 4.51 -30.88 -44.69
N LYS B 227 4.22 -30.67 -45.97
CA LYS B 227 4.91 -29.65 -46.76
C LYS B 227 4.16 -28.34 -46.66
N LEU B 228 4.81 -27.33 -46.07
CA LEU B 228 4.21 -26.03 -45.82
C LEU B 228 4.74 -25.02 -46.82
N GLN B 229 3.83 -24.31 -47.49
CA GLN B 229 4.18 -23.38 -48.56
C GLN B 229 3.51 -22.05 -48.27
N LEU B 230 4.29 -21.04 -47.87
CA LEU B 230 3.78 -19.73 -47.50
C LEU B 230 3.92 -18.78 -48.68
N MET B 231 2.80 -18.45 -49.31
CA MET B 231 2.77 -17.55 -50.46
C MET B 231 2.28 -16.17 -50.04
N THR B 232 2.60 -15.18 -50.88
CA THR B 232 2.20 -13.80 -50.63
C THR B 232 1.07 -13.33 -51.53
N SER B 233 0.69 -14.09 -52.55
CA SER B 233 -0.37 -13.69 -53.46
C SER B 233 -1.02 -14.95 -54.02
N ILE B 234 -2.03 -14.74 -54.87
CA ILE B 234 -2.73 -15.86 -55.49
C ILE B 234 -1.78 -16.69 -56.34
N GLY B 235 -0.96 -16.02 -57.15
CA GLY B 235 -0.05 -16.70 -58.05
C GLY B 235 1.40 -16.38 -57.80
N ASP B 236 1.79 -16.31 -56.52
CA ASP B 236 3.17 -15.98 -56.17
C ASP B 236 4.13 -17.02 -56.74
N GLU B 237 5.24 -16.54 -57.29
CA GLU B 237 6.21 -17.41 -57.94
C GLU B 237 7.35 -17.82 -57.04
N THR B 238 7.58 -17.13 -55.93
CA THR B 238 8.68 -17.41 -55.01
C THR B 238 8.13 -17.55 -53.60
N PRO B 239 7.45 -18.66 -53.30
CA PRO B 239 6.96 -18.89 -51.94
C PRO B 239 8.09 -19.22 -50.99
N CYS B 240 7.88 -18.94 -49.71
CA CYS B 240 8.85 -19.27 -48.67
C CYS B 240 8.56 -20.67 -48.10
N ASN B 241 8.58 -21.65 -49.00
CA ASN B 241 8.30 -23.03 -48.64
C ASN B 241 9.35 -23.57 -47.67
N VAL B 242 8.95 -23.82 -46.44
CA VAL B 242 9.83 -24.40 -45.42
C VAL B 242 9.26 -25.75 -45.02
N ASP B 243 10.07 -26.80 -45.16
CA ASP B 243 9.64 -28.17 -44.96
C ASP B 243 9.87 -28.58 -43.51
N ARG B 244 9.02 -29.51 -43.05
CA ARG B 244 9.15 -30.12 -41.74
C ARG B 244 9.00 -31.63 -41.88
N ASP B 245 9.74 -32.37 -41.07
CA ASP B 245 9.70 -33.82 -41.14
C ASP B 245 8.38 -34.38 -40.64
N LEU B 246 7.81 -33.78 -39.61
CA LEU B 246 6.60 -34.30 -39.01
C LEU B 246 5.40 -34.12 -39.95
N PRO B 247 4.38 -34.95 -39.82
CA PRO B 247 3.16 -34.76 -40.62
C PRO B 247 2.36 -33.56 -40.13
N ALA B 248 1.15 -33.37 -40.68
CA ALA B 248 0.34 -32.22 -40.33
C ALA B 248 -1.14 -32.57 -40.49
N HIS B 249 -1.96 -32.05 -39.58
CA HIS B 249 -3.40 -32.26 -39.68
C HIS B 249 -4.19 -30.97 -39.60
N PHE B 250 -3.77 -30.01 -38.77
CA PHE B 250 -4.50 -28.75 -38.64
C PHE B 250 -3.50 -27.60 -38.58
N ILE B 251 -3.90 -26.46 -39.14
CA ILE B 251 -3.11 -25.23 -39.11
C ILE B 251 -4.00 -24.11 -38.61
N SER B 252 -3.35 -23.04 -38.14
CA SER B 252 -4.07 -21.89 -37.62
C SER B 252 -3.14 -20.70 -37.57
N TRP B 253 -3.53 -19.61 -38.23
CA TRP B 253 -2.81 -18.35 -38.10
C TRP B 253 -3.22 -17.65 -36.80
N ASN B 254 -2.29 -16.91 -36.23
CA ASN B 254 -2.63 -16.13 -35.06
C ASN B 254 -3.41 -14.89 -35.49
N PRO B 255 -4.14 -14.25 -34.55
CA PRO B 255 -4.88 -13.04 -34.92
C PRO B 255 -4.02 -11.91 -35.47
N SER B 256 -2.76 -11.82 -35.07
CA SER B 256 -1.89 -10.81 -35.66
C SER B 256 -1.41 -11.19 -37.06
N GLY B 257 -1.56 -12.45 -37.44
CA GLY B 257 -1.06 -12.93 -38.73
C GLY B 257 0.42 -13.18 -38.77
N THR B 258 1.14 -13.01 -37.65
CA THR B 258 2.58 -13.10 -37.62
C THR B 258 3.12 -14.48 -37.28
N VAL B 259 2.26 -15.43 -36.90
CA VAL B 259 2.69 -16.78 -36.52
C VAL B 259 1.69 -17.78 -37.05
N LEU B 260 2.19 -18.83 -37.68
CA LEU B 260 1.37 -19.98 -38.06
C LEU B 260 1.64 -21.12 -37.08
N ALA B 261 0.59 -21.89 -36.79
CA ALA B 261 0.67 -23.03 -35.89
C ALA B 261 0.17 -24.25 -36.63
N VAL B 262 0.99 -25.30 -36.66
CA VAL B 262 0.65 -26.54 -37.34
C VAL B 262 0.78 -27.68 -36.33
N THR B 263 -0.31 -28.41 -36.12
CA THR B 263 -0.32 -29.48 -35.14
C THR B 263 -0.35 -30.84 -35.82
N ALA B 264 0.23 -31.83 -35.15
CA ALA B 264 0.33 -33.17 -35.67
C ALA B 264 0.16 -34.19 -34.54
N ALA B 265 -0.51 -35.30 -34.86
CA ALA B 265 -0.70 -36.40 -33.91
C ALA B 265 0.35 -37.45 -34.20
N THR B 266 1.44 -37.40 -33.43
CA THR B 266 2.55 -38.33 -33.63
C THR B 266 2.21 -39.68 -33.02
N PRO B 267 2.31 -40.78 -33.78
CA PRO B 267 2.01 -42.10 -33.23
C PRO B 267 3.10 -42.62 -32.32
N ALA B 268 2.98 -43.87 -31.89
CA ALA B 268 3.90 -44.49 -30.96
C ALA B 268 5.20 -44.96 -31.61
N THR B 269 5.54 -44.42 -32.79
CA THR B 269 6.81 -44.76 -33.42
C THR B 269 7.99 -44.29 -32.57
N GLU B 270 7.91 -43.09 -32.03
CA GLU B 270 9.00 -42.54 -31.23
C GLU B 270 9.01 -43.16 -29.83
N GLU B 271 10.18 -43.09 -29.20
CA GLU B 271 10.33 -43.62 -27.84
C GLU B 271 9.59 -42.78 -26.81
N ASN B 272 9.29 -41.51 -27.12
CA ASN B 272 8.51 -40.69 -26.21
C ASN B 272 7.06 -41.12 -26.14
N GLY B 273 6.61 -41.95 -27.06
CA GLY B 273 5.24 -42.42 -27.07
C GLY B 273 4.37 -41.57 -27.96
N PRO B 274 3.10 -41.92 -28.07
CA PRO B 274 2.18 -41.11 -28.87
C PRO B 274 2.02 -39.73 -28.24
N GLY B 275 1.79 -38.73 -29.09
CA GLY B 275 1.68 -37.38 -28.56
C GLY B 275 1.11 -36.44 -29.60
N ILE B 276 1.04 -35.18 -29.22
CA ILE B 276 0.63 -34.10 -30.10
C ILE B 276 1.75 -33.08 -30.13
N VAL B 277 2.28 -32.81 -31.32
CA VAL B 277 3.40 -31.90 -31.52
C VAL B 277 2.92 -30.73 -32.36
N THR B 278 3.08 -29.53 -31.82
CA THR B 278 2.68 -28.30 -32.49
C THR B 278 3.92 -27.51 -32.83
N GLN B 279 4.09 -27.20 -34.12
CA GLN B 279 5.19 -26.40 -34.61
C GLN B 279 4.68 -24.99 -34.91
N PHE B 280 5.39 -23.99 -34.41
CA PHE B 280 5.02 -22.60 -34.56
C PHE B 280 6.10 -21.90 -35.38
N PHE B 281 5.69 -21.37 -36.54
CA PHE B 281 6.55 -20.67 -37.47
C PHE B 281 6.14 -19.21 -37.58
N SER B 282 7.03 -18.40 -38.15
CA SER B 282 6.71 -17.02 -38.49
C SER B 282 6.28 -16.96 -39.96
N THR B 283 6.06 -15.75 -40.48
CA THR B 283 5.61 -15.58 -41.85
C THR B 283 6.71 -15.89 -42.87
N GLU B 284 7.98 -15.82 -42.46
CA GLU B 284 9.08 -16.09 -43.35
C GLU B 284 9.39 -17.57 -43.48
N GLY B 285 8.63 -18.43 -42.80
CA GLY B 285 8.94 -19.84 -42.74
C GLY B 285 9.91 -20.23 -41.65
N VAL B 286 10.42 -19.25 -40.89
CA VAL B 286 11.35 -19.55 -39.80
C VAL B 286 10.63 -20.33 -38.73
N HIS B 287 11.20 -21.46 -38.32
CA HIS B 287 10.63 -22.29 -37.27
C HIS B 287 10.92 -21.64 -35.92
N LEU B 288 9.87 -21.20 -35.24
CA LEU B 288 10.03 -20.44 -34.00
C LEU B 288 10.06 -21.33 -32.76
N ARG B 289 9.11 -22.25 -32.64
CA ARG B 289 9.03 -23.05 -31.42
C ARG B 289 8.26 -24.33 -31.70
N THR B 290 8.27 -25.23 -30.72
CA THR B 290 7.55 -26.49 -30.80
C THR B 290 7.11 -26.89 -29.40
N LEU B 291 5.86 -27.29 -29.27
CA LEU B 291 5.31 -27.78 -28.00
C LEU B 291 4.80 -29.20 -28.19
N ARG B 292 5.25 -30.11 -27.35
CA ARG B 292 4.82 -31.50 -27.39
C ARG B 292 4.06 -31.84 -26.12
N VAL B 293 2.89 -32.45 -26.28
CA VAL B 293 2.07 -32.90 -25.17
C VAL B 293 1.74 -34.37 -25.38
N SER B 294 1.34 -35.03 -24.30
CA SER B 294 0.97 -36.44 -24.37
C SER B 294 -0.46 -36.58 -24.85
N GLY B 295 -0.69 -37.53 -25.76
CA GLY B 295 -2.01 -37.76 -26.28
C GLY B 295 -1.98 -38.74 -27.43
N LYS B 296 -3.16 -39.06 -27.92
CA LYS B 296 -3.30 -39.98 -29.05
C LYS B 296 -4.06 -39.39 -30.22
N GLN B 297 -5.11 -38.61 -29.97
CA GLN B 297 -5.93 -38.03 -31.02
C GLN B 297 -5.95 -36.51 -30.89
N CYS B 298 -5.84 -35.82 -32.01
CA CYS B 298 -5.87 -34.37 -32.04
C CYS B 298 -7.23 -33.89 -32.54
N GLY B 299 -7.85 -32.99 -31.78
CA GLY B 299 -9.16 -32.49 -32.14
C GLY B 299 -9.09 -31.18 -32.90
N GLY B 300 -8.09 -30.38 -32.61
CA GLY B 300 -7.93 -29.11 -33.29
C GLY B 300 -6.97 -28.21 -32.55
N ILE B 301 -6.88 -26.97 -33.02
CA ILE B 301 -6.01 -25.97 -32.44
C ILE B 301 -6.59 -24.60 -32.73
N THR B 302 -6.67 -23.75 -31.71
CA THR B 302 -7.22 -22.40 -31.86
C THR B 302 -6.30 -21.41 -31.16
N TRP B 303 -6.45 -20.15 -31.54
CA TRP B 303 -5.73 -19.05 -30.92
C TRP B 303 -6.69 -18.18 -30.14
N GLU B 304 -6.23 -17.69 -29.00
CA GLU B 304 -6.99 -16.68 -28.26
C GLU B 304 -7.05 -15.40 -29.06
N GLY B 305 -8.10 -14.61 -28.81
CA GLY B 305 -8.30 -13.38 -29.56
C GLY B 305 -7.15 -12.41 -29.44
N GLY B 306 -6.44 -12.42 -28.33
CA GLY B 306 -5.23 -11.64 -28.21
C GLY B 306 -3.99 -12.27 -28.79
N GLY B 307 -4.11 -13.50 -29.29
CA GLY B 307 -2.95 -14.20 -29.82
C GLY B 307 -1.93 -14.60 -28.78
N LEU B 308 -2.34 -14.72 -27.52
CA LEU B 308 -1.44 -15.03 -26.42
C LEU B 308 -1.71 -16.39 -25.78
N ARG B 309 -2.66 -17.14 -26.31
CA ARG B 309 -2.98 -18.45 -25.76
C ARG B 309 -3.44 -19.33 -26.91
N VAL B 310 -3.06 -20.60 -26.88
CA VAL B 310 -3.48 -21.55 -27.89
C VAL B 310 -4.19 -22.69 -27.19
N ALA B 311 -5.39 -23.01 -27.65
CA ALA B 311 -6.21 -24.07 -27.09
C ALA B 311 -6.11 -25.28 -28.02
N ILE B 312 -5.62 -26.39 -27.48
CA ILE B 312 -5.34 -27.59 -28.26
C ILE B 312 -6.23 -28.71 -27.76
N GLY B 313 -6.95 -29.35 -28.68
CA GLY B 313 -7.81 -30.45 -28.31
C GLY B 313 -7.08 -31.77 -28.34
N VAL B 314 -6.64 -32.24 -27.16
CA VAL B 314 -5.86 -33.45 -27.03
C VAL B 314 -6.76 -34.55 -26.50
N ASP B 315 -7.02 -35.55 -27.32
CA ASP B 315 -7.91 -36.67 -26.99
C ASP B 315 -9.25 -36.18 -26.47
N SER B 316 -9.50 -36.35 -25.18
CA SER B 316 -10.74 -35.97 -24.54
C SER B 316 -10.52 -34.85 -23.53
N SER B 317 -9.63 -33.92 -23.86
CA SER B 317 -9.33 -32.80 -22.99
C SER B 317 -8.82 -31.65 -23.85
N VAL B 318 -8.70 -30.48 -23.22
CA VAL B 318 -8.28 -29.26 -23.90
C VAL B 318 -7.16 -28.63 -23.08
N TYR B 319 -6.02 -28.42 -23.73
CA TYR B 319 -4.87 -27.78 -23.09
C TYR B 319 -4.78 -26.32 -23.50
N PHE B 320 -4.54 -25.45 -22.53
CA PHE B 320 -4.28 -24.04 -22.80
C PHE B 320 -2.78 -23.83 -22.67
N ALA B 321 -2.11 -23.56 -23.79
CA ALA B 321 -0.69 -23.25 -23.79
C ALA B 321 -0.54 -21.74 -23.92
N ASN B 322 0.04 -21.12 -22.91
CA ASN B 322 0.35 -19.70 -23.01
C ASN B 322 1.54 -19.50 -23.94
N VAL B 323 1.41 -18.50 -24.80
CA VAL B 323 2.39 -18.18 -25.83
C VAL B 323 3.01 -16.86 -25.47
N ARG B 324 4.34 -16.83 -25.35
CA ARG B 324 5.08 -15.61 -25.12
C ARG B 324 5.74 -15.21 -26.43
N PRO B 325 5.15 -14.30 -27.20
CA PRO B 325 5.78 -13.89 -28.46
C PRO B 325 7.09 -13.18 -28.22
N ASN B 326 8.02 -13.36 -29.15
CA ASN B 326 9.32 -12.72 -29.08
C ASN B 326 9.14 -11.22 -29.34
N TYR B 327 9.14 -10.42 -28.28
CA TYR B 327 8.98 -8.99 -28.41
C TYR B 327 10.34 -8.34 -28.52
N LYS B 328 10.55 -7.58 -29.58
CA LYS B 328 11.81 -6.85 -29.78
C LYS B 328 11.72 -5.56 -28.99
N TYR B 329 12.31 -5.54 -27.81
CA TYR B 329 12.22 -4.39 -26.91
C TYR B 329 13.49 -4.32 -26.09
N CYS B 330 13.68 -3.17 -25.45
CA CYS B 330 14.80 -2.97 -24.53
C CYS B 330 14.43 -1.86 -23.56
N TYR B 331 15.28 -1.65 -22.58
CA TYR B 331 15.07 -0.61 -21.60
C TYR B 331 16.42 -0.05 -21.18
N PHE B 332 16.55 1.26 -21.18
CA PHE B 332 17.79 1.89 -20.74
C PHE B 332 17.55 3.37 -20.49
N LYS B 333 18.24 3.90 -19.49
CA LYS B 333 18.23 5.32 -19.15
C LYS B 333 16.81 5.86 -18.99
N LYS B 334 16.01 5.11 -18.21
CA LYS B 334 14.61 5.45 -17.95
C LYS B 334 13.82 5.57 -19.24
N THR B 335 14.14 4.72 -20.21
CA THR B 335 13.55 4.80 -21.55
C THR B 335 13.25 3.39 -22.03
N ALA B 336 11.98 3.07 -22.18
CA ALA B 336 11.61 1.83 -22.84
C ALA B 336 11.69 2.03 -24.34
N VAL B 337 12.02 0.96 -25.05
CA VAL B 337 12.10 0.99 -26.51
C VAL B 337 11.42 -0.26 -27.03
N PHE B 338 10.48 -0.10 -27.95
CA PHE B 338 9.73 -1.26 -28.42
C PHE B 338 9.27 -1.06 -29.85
N ALA B 339 9.27 -2.14 -30.61
CA ALA B 339 8.89 -2.11 -32.02
C ALA B 339 7.49 -2.70 -32.20
N PHE B 340 6.80 -2.20 -33.22
CA PHE B 340 5.46 -2.67 -33.54
C PHE B 340 5.18 -2.46 -35.02
N THR B 341 4.15 -3.14 -35.51
CA THR B 341 3.80 -3.13 -36.92
C THR B 341 2.51 -2.35 -37.14
N VAL B 342 2.45 -1.66 -38.26
CA VAL B 342 1.26 -0.94 -38.72
C VAL B 342 0.77 -1.61 -39.99
N PRO B 343 -0.53 -1.87 -40.14
CA PRO B 343 -0.99 -2.69 -41.27
C PRO B 343 -0.77 -2.06 -42.64
N ASP B 344 -0.55 -0.74 -42.70
CA ASP B 344 -0.46 -0.03 -43.97
C ASP B 344 0.98 0.22 -44.41
N LYS B 345 1.96 -0.34 -43.72
CA LYS B 345 3.35 -0.07 -44.02
C LYS B 345 4.13 -1.37 -44.18
N VAL B 346 5.38 -1.24 -44.62
CA VAL B 346 6.30 -2.35 -44.67
C VAL B 346 7.28 -2.20 -43.51
N GLU B 347 7.57 -0.95 -43.17
CA GLU B 347 8.51 -0.68 -42.08
C GLU B 347 7.87 -0.99 -40.73
N GLU B 348 8.72 -1.07 -39.72
CA GLU B 348 8.30 -1.27 -38.34
C GLU B 348 8.60 -0.01 -37.55
N SER B 349 7.67 0.38 -36.68
CA SER B 349 7.81 1.60 -35.91
C SER B 349 8.37 1.26 -34.53
N VAL B 350 9.50 1.86 -34.20
CA VAL B 350 10.21 1.62 -32.95
C VAL B 350 10.03 2.86 -32.09
N MET B 351 9.18 2.75 -31.08
CA MET B 351 8.96 3.85 -30.15
C MET B 351 10.04 3.87 -29.08
N PHE B 352 10.62 5.04 -28.85
CA PHE B 352 11.50 5.33 -27.74
C PHE B 352 10.67 6.17 -26.78
N TRP B 353 10.18 5.55 -25.71
CA TRP B 353 9.28 6.18 -24.76
C TRP B 353 10.01 6.37 -23.45
N ASN B 354 10.30 7.62 -23.11
CA ASN B 354 10.77 7.95 -21.77
C ASN B 354 9.59 7.90 -20.82
N VAL B 355 9.67 7.01 -19.83
CA VAL B 355 8.58 6.84 -18.88
C VAL B 355 8.67 7.80 -17.71
N ASN B 356 9.83 8.42 -17.48
CA ASN B 356 9.93 9.43 -16.43
C ASN B 356 9.34 10.76 -16.86
N THR B 357 9.30 11.03 -18.15
CA THR B 357 8.68 12.24 -18.69
C THR B 357 7.62 11.94 -19.74
N ASN B 358 7.35 10.66 -20.02
CA ASN B 358 6.35 10.23 -20.99
C ASN B 358 6.62 10.81 -22.38
N GLU B 359 7.90 10.97 -22.73
CA GLU B 359 8.27 11.60 -23.99
C GLU B 359 8.46 10.55 -25.06
N ARG B 360 7.85 10.77 -26.23
CA ARG B 360 7.78 9.76 -27.27
C ARG B 360 8.56 10.19 -28.50
N ARG B 361 9.42 9.30 -29.00
CA ARG B 361 10.16 9.53 -30.24
C ARG B 361 10.08 8.26 -31.07
N THR B 362 9.41 8.29 -32.21
CA THR B 362 9.20 7.10 -33.02
C THR B 362 10.17 7.09 -34.20
N LYS B 363 10.79 5.94 -34.44
CA LYS B 363 11.76 5.75 -35.51
C LYS B 363 11.30 4.65 -36.45
N SER B 364 11.42 4.87 -37.76
CA SER B 364 11.02 3.87 -38.74
C SER B 364 12.24 3.01 -39.09
N VAL B 365 12.13 1.70 -38.86
CA VAL B 365 13.20 0.76 -39.17
C VAL B 365 12.63 -0.32 -40.09
N ARG B 366 13.28 -0.55 -41.21
CA ARG B 366 12.79 -1.50 -42.21
C ARG B 366 13.41 -2.87 -41.95
N GLY B 367 12.55 -3.87 -41.72
CA GLY B 367 12.99 -5.22 -41.49
C GLY B 367 13.83 -5.40 -40.24
N LEU B 368 13.37 -4.81 -39.12
CA LEU B 368 14.09 -4.95 -37.87
C LEU B 368 14.10 -6.41 -37.42
N GLN B 369 15.22 -6.84 -36.85
CA GLN B 369 15.35 -8.21 -36.38
C GLN B 369 15.99 -8.33 -35.01
N TYR B 370 16.51 -7.26 -34.42
CA TYR B 370 17.10 -7.35 -33.09
C TYR B 370 17.12 -5.96 -32.48
N MET B 371 17.16 -5.95 -31.15
CA MET B 371 17.25 -4.72 -30.38
C MET B 371 17.89 -5.02 -29.04
N ASN B 372 18.77 -4.14 -28.58
CA ASN B 372 19.42 -4.30 -27.29
C ASN B 372 19.89 -2.94 -26.82
N ALA B 373 20.38 -2.88 -25.59
CA ALA B 373 20.83 -1.63 -25.02
C ALA B 373 21.83 -1.88 -23.92
N CYS B 374 22.61 -0.85 -23.60
CA CYS B 374 23.58 -0.91 -22.52
C CYS B 374 24.05 0.50 -22.17
N LYS B 375 24.07 0.81 -20.86
CA LYS B 375 24.53 2.10 -20.36
C LYS B 375 23.77 3.25 -20.99
N ASP B 376 24.33 3.85 -22.05
CA ASP B 376 23.77 5.06 -22.65
C ASP B 376 23.48 4.90 -24.14
N ALA B 377 23.27 3.68 -24.63
CA ALA B 377 23.06 3.50 -26.06
C ALA B 377 22.27 2.23 -26.33
N CYS B 378 21.73 2.16 -27.54
CA CYS B 378 20.92 1.05 -27.99
C CYS B 378 21.41 0.61 -29.36
N VAL B 379 21.11 -0.64 -29.72
CA VAL B 379 21.53 -1.21 -30.98
C VAL B 379 20.31 -1.74 -31.71
N LEU B 380 20.15 -1.33 -32.97
CA LEU B 380 19.09 -1.81 -33.83
C LEU B 380 19.73 -2.52 -35.02
N ILE B 381 19.37 -3.78 -35.22
CA ILE B 381 19.89 -4.57 -36.32
C ILE B 381 18.73 -4.88 -37.26
N SER B 382 18.93 -4.63 -38.54
CA SER B 382 17.84 -4.73 -39.50
C SER B 382 18.35 -5.36 -40.79
N ARG B 383 17.40 -5.86 -41.59
CA ARG B 383 17.68 -6.44 -42.89
C ARG B 383 16.80 -5.70 -43.89
N PRO B 384 17.29 -4.59 -44.44
CA PRO B 384 16.44 -3.75 -45.31
C PRO B 384 15.88 -4.47 -46.53
N ASP B 385 16.61 -5.44 -47.08
CA ASP B 385 16.13 -6.22 -48.21
C ASP B 385 16.06 -7.68 -47.82
N THR B 386 14.90 -8.31 -48.03
CA THR B 386 14.76 -9.72 -47.70
C THR B 386 15.65 -10.58 -48.58
N THR B 387 15.74 -10.26 -49.88
CA THR B 387 16.56 -11.06 -50.79
C THR B 387 18.05 -10.81 -50.56
N GLN B 388 18.45 -9.55 -50.39
CA GLN B 388 19.86 -9.22 -50.23
C GLN B 388 20.28 -9.43 -48.79
N GLN B 389 21.31 -10.26 -48.59
CA GLN B 389 21.73 -10.65 -47.24
C GLN B 389 22.65 -9.59 -46.63
N GLN B 390 22.14 -8.36 -46.55
CA GLN B 390 22.85 -7.23 -46.00
C GLN B 390 22.21 -6.83 -44.68
N ARG B 391 23.02 -6.80 -43.62
CA ARG B 391 22.56 -6.48 -42.27
C ARG B 391 23.06 -5.11 -41.88
N MET B 392 22.15 -4.24 -41.49
CA MET B 392 22.48 -2.89 -41.02
C MET B 392 22.47 -2.90 -39.50
N ILE B 393 23.52 -2.34 -38.91
CA ILE B 393 23.70 -2.34 -37.47
C ILE B 393 23.87 -0.90 -37.03
N GLN B 394 22.83 -0.34 -36.41
CA GLN B 394 22.78 1.07 -36.06
C GLN B 394 22.87 1.21 -34.55
N LEU B 395 23.92 1.87 -34.09
CA LEU B 395 24.05 2.28 -32.70
C LEU B 395 23.41 3.65 -32.55
N VAL B 396 22.43 3.76 -31.65
CA VAL B 396 21.67 4.99 -31.43
C VAL B 396 21.72 5.34 -29.95
N ASN B 397 21.27 6.54 -29.63
CA ASN B 397 21.20 7.01 -28.26
C ASN B 397 19.76 6.90 -27.74
N ALA B 398 19.52 7.50 -26.58
CA ALA B 398 18.26 7.28 -25.86
C ALA B 398 17.04 7.75 -26.65
N ILE B 399 17.13 8.93 -27.28
CA ILE B 399 15.99 9.47 -28.01
C ILE B 399 15.92 9.00 -29.46
N GLY B 400 16.87 8.18 -29.90
CA GLY B 400 16.84 7.64 -31.24
C GLY B 400 17.73 8.34 -32.24
N SER B 401 18.49 9.35 -31.83
CA SER B 401 19.40 10.01 -32.75
C SER B 401 20.50 9.03 -33.15
N PRO B 402 20.66 8.73 -34.43
CA PRO B 402 21.64 7.71 -34.83
C PRO B 402 23.06 8.14 -34.53
N LEU B 403 23.82 7.24 -33.91
CA LEU B 403 25.21 7.48 -33.56
C LEU B 403 26.18 6.90 -34.58
N GLU B 404 26.06 5.60 -34.87
CA GLU B 404 26.94 4.94 -35.81
C GLU B 404 26.16 3.90 -36.59
N THR B 405 26.72 3.48 -37.72
CA THR B 405 26.10 2.46 -38.55
C THR B 405 27.17 1.61 -39.20
N ARG B 406 26.89 0.31 -39.32
CA ARG B 406 27.74 -0.61 -40.05
C ARG B 406 26.87 -1.49 -40.93
N PHE B 407 27.48 -2.03 -41.99
CA PHE B 407 26.80 -2.92 -42.91
C PHE B 407 27.63 -4.18 -43.08
N ILE B 408 27.06 -5.33 -42.69
CA ILE B 408 27.74 -6.61 -42.79
C ILE B 408 26.91 -7.52 -43.69
N ASP B 409 27.56 -8.08 -44.71
CA ASP B 409 26.86 -8.82 -45.76
C ASP B 409 26.90 -10.33 -45.53
N MET B 410 26.83 -10.77 -44.28
CA MET B 410 26.74 -12.19 -43.98
C MET B 410 25.50 -12.45 -43.13
N GLU B 411 25.02 -13.70 -43.21
CA GLU B 411 23.72 -14.09 -42.66
C GLU B 411 23.84 -14.34 -41.17
N LEU B 412 23.58 -13.31 -40.37
CA LEU B 412 23.57 -13.44 -38.93
C LEU B 412 22.29 -14.13 -38.45
N TYR B 413 22.37 -14.73 -37.27
CA TYR B 413 21.18 -15.32 -36.67
C TYR B 413 21.02 -14.94 -35.20
N THR B 414 22.13 -14.75 -34.49
CA THR B 414 22.09 -14.36 -33.09
C THR B 414 22.88 -13.07 -32.93
N TYR B 415 22.51 -12.28 -31.92
CA TYR B 415 23.09 -10.95 -31.74
C TYR B 415 23.21 -10.66 -30.25
N ASP B 416 24.12 -9.75 -29.91
CA ASP B 416 24.31 -9.34 -28.54
C ASP B 416 25.16 -8.07 -28.53
N MET B 417 25.21 -7.42 -27.37
CA MET B 417 25.88 -6.14 -27.21
C MET B 417 26.34 -5.99 -25.77
N ASN B 418 27.46 -5.32 -25.60
CA ASN B 418 27.90 -4.86 -24.28
C ASN B 418 28.36 -3.42 -24.38
N SER B 419 29.05 -2.92 -23.35
CA SER B 419 29.36 -1.49 -23.31
C SER B 419 30.44 -1.08 -24.31
N SER B 420 31.06 -2.02 -25.03
CA SER B 420 32.09 -1.64 -25.98
C SER B 420 32.08 -2.44 -27.28
N ALA B 421 31.11 -3.32 -27.50
CA ALA B 421 31.16 -4.14 -28.71
C ALA B 421 29.75 -4.58 -29.08
N VAL B 422 29.59 -4.98 -30.33
CA VAL B 422 28.37 -5.59 -30.84
C VAL B 422 28.77 -6.88 -31.53
N VAL B 423 28.22 -8.00 -31.08
CA VAL B 423 28.65 -9.31 -31.53
C VAL B 423 27.48 -10.00 -32.20
N CYS B 424 27.70 -10.48 -33.43
CA CYS B 424 26.64 -11.10 -34.21
C CYS B 424 27.16 -12.41 -34.79
N CYS B 425 26.42 -13.49 -34.58
CA CYS B 425 26.84 -14.82 -35.00
C CYS B 425 25.87 -15.37 -36.03
N GLY B 426 26.43 -15.98 -37.07
CA GLY B 426 25.66 -16.71 -38.06
C GLY B 426 25.67 -18.20 -37.77
N ASP B 427 25.81 -19.00 -38.82
CA ASP B 427 25.94 -20.44 -38.64
C ASP B 427 27.26 -20.79 -37.95
N GLU B 428 28.36 -20.26 -38.45
CA GLU B 428 29.68 -20.61 -37.94
C GLU B 428 30.52 -19.38 -37.62
N SER B 429 30.33 -18.30 -38.37
CA SER B 429 31.21 -17.15 -38.26
C SER B 429 30.63 -16.13 -37.27
N ILE B 430 31.52 -15.34 -36.69
CA ILE B 430 31.19 -14.38 -35.65
C ILE B 430 31.78 -13.03 -36.02
N TYR B 431 30.91 -12.03 -36.17
CA TYR B 431 31.32 -10.66 -36.44
C TYR B 431 31.34 -9.89 -35.13
N ILE B 432 32.42 -9.16 -34.89
CA ILE B 432 32.59 -8.36 -33.69
C ILE B 432 32.92 -6.95 -34.11
N TRP B 433 32.05 -6.01 -33.76
CA TRP B 433 32.27 -4.59 -33.99
C TRP B 433 32.57 -3.95 -32.65
N GLN B 434 33.85 -3.75 -32.35
CA GLN B 434 34.23 -2.99 -31.17
C GLN B 434 34.22 -1.51 -31.53
N PHE B 435 33.23 -0.79 -31.02
CA PHE B 435 33.06 0.62 -31.33
C PHE B 435 33.66 1.54 -30.28
N ARG B 436 34.39 0.99 -29.30
CA ARG B 436 34.84 1.79 -28.18
C ARG B 436 36.04 1.10 -27.56
N ASP B 437 36.89 1.88 -26.89
CA ASP B 437 38.02 1.32 -26.17
C ASP B 437 37.53 0.79 -24.83
N PRO B 438 37.51 -0.53 -24.63
CA PRO B 438 36.96 -1.08 -23.38
C PRO B 438 37.76 -0.69 -22.15
N SER B 439 39.03 -0.32 -22.31
CA SER B 439 39.83 0.07 -21.15
C SER B 439 39.39 1.42 -20.59
N THR B 440 38.82 2.28 -21.43
CA THR B 440 38.33 3.57 -20.95
C THR B 440 37.13 3.38 -20.03
N ALA B 441 37.10 4.16 -18.95
CA ALA B 441 36.05 4.04 -17.95
C ALA B 441 34.82 4.81 -18.41
N VAL B 442 33.71 4.08 -18.64
CA VAL B 442 32.46 4.73 -18.97
C VAL B 442 31.94 5.48 -17.76
N ASP B 443 31.66 6.76 -17.92
CA ASP B 443 31.12 7.58 -16.86
C ASP B 443 30.12 8.54 -17.47
N ALA B 444 29.68 9.51 -16.67
CA ALA B 444 28.74 10.51 -17.17
C ALA B 444 29.42 11.53 -18.06
N LEU B 445 30.69 11.85 -17.79
CA LEU B 445 31.45 12.73 -18.67
C LEU B 445 31.62 12.12 -20.06
N ASP B 446 31.91 10.83 -20.12
CA ASP B 446 32.20 10.15 -21.38
C ASP B 446 31.29 8.94 -21.51
N PRO B 447 30.04 9.15 -21.93
CA PRO B 447 29.12 8.01 -22.08
C PRO B 447 29.50 7.10 -23.24
N ILE B 448 28.68 6.08 -23.48
CA ILE B 448 28.95 5.16 -24.58
C ILE B 448 28.91 5.90 -25.92
N SER B 449 27.95 6.80 -26.09
CA SER B 449 27.75 7.44 -27.38
C SER B 449 28.90 8.40 -27.71
N MET B 450 29.29 9.24 -26.75
CA MET B 450 30.38 10.18 -26.99
C MET B 450 31.70 9.46 -27.23
N GLN B 451 32.00 8.45 -26.42
CA GLN B 451 33.23 7.69 -26.61
C GLN B 451 33.22 6.93 -27.92
N ALA B 452 32.06 6.39 -28.30
CA ALA B 452 31.95 5.68 -29.57
C ALA B 452 32.19 6.63 -30.74
N SER B 453 31.66 7.85 -30.67
CA SER B 453 31.87 8.82 -31.74
C SER B 453 33.32 9.28 -31.80
N ARG B 454 33.89 9.65 -30.65
CA ARG B 454 35.24 10.21 -30.65
C ARG B 454 36.31 9.19 -31.02
N ALA B 455 36.01 7.89 -30.92
CA ALA B 455 36.99 6.85 -31.11
C ALA B 455 36.78 6.15 -32.45
N GLU B 456 37.54 5.09 -32.67
CA GLU B 456 37.58 4.37 -33.94
C GLU B 456 37.03 2.96 -33.74
N SER B 457 36.48 2.42 -34.82
CA SER B 457 35.83 1.12 -34.79
C SER B 457 36.78 0.05 -35.29
N GLN B 458 36.76 -1.11 -34.64
CA GLN B 458 37.56 -2.27 -35.02
C GLN B 458 36.61 -3.42 -35.31
N GLU B 459 36.54 -3.83 -36.57
CA GLU B 459 35.65 -4.91 -37.00
C GLU B 459 36.46 -6.16 -37.25
N ARG B 460 36.03 -7.28 -36.69
CA ARG B 460 36.62 -8.58 -36.92
C ARG B 460 35.54 -9.55 -37.34
N VAL B 461 35.92 -10.57 -38.10
CA VAL B 461 35.05 -11.68 -38.41
C VAL B 461 35.88 -12.95 -38.23
N ILE B 462 35.58 -13.71 -37.18
CA ILE B 462 36.32 -14.91 -36.86
C ILE B 462 35.42 -16.12 -37.09
N HIS B 463 36.00 -17.30 -36.95
CA HIS B 463 35.24 -18.54 -37.07
C HIS B 463 35.00 -19.14 -35.69
N VAL B 464 34.05 -20.07 -35.63
CA VAL B 464 33.76 -20.73 -34.36
C VAL B 464 34.91 -21.67 -33.98
N CYS B 465 35.42 -22.42 -34.95
CA CYS B 465 36.34 -23.52 -34.65
C CYS B 465 37.77 -23.05 -34.47
N ASP B 466 38.21 -22.04 -35.22
CA ASP B 466 39.60 -21.62 -35.15
C ASP B 466 39.91 -21.02 -33.78
N LEU B 467 41.06 -21.38 -33.23
CA LEU B 467 41.45 -20.95 -31.89
C LEU B 467 42.05 -19.55 -32.01
N VAL B 468 41.17 -18.55 -31.95
CA VAL B 468 41.62 -17.16 -32.03
C VAL B 468 42.46 -16.83 -30.81
N ARG B 469 43.61 -16.20 -31.05
CA ARG B 469 44.53 -15.80 -30.01
C ARG B 469 44.71 -14.28 -30.05
N GLY B 470 45.54 -13.78 -29.13
CA GLY B 470 45.83 -12.36 -29.11
C GLY B 470 46.59 -11.89 -30.33
N ASP B 471 47.47 -12.73 -30.87
CA ASP B 471 48.25 -12.39 -32.04
C ASP B 471 47.61 -12.82 -33.35
N THR B 472 46.40 -13.40 -33.30
CA THR B 472 45.69 -13.75 -34.53
C THR B 472 45.30 -12.48 -35.29
N ALA B 473 45.53 -12.48 -36.59
CA ALA B 473 45.27 -11.29 -37.39
C ALA B 473 43.77 -11.12 -37.59
N PRO B 474 43.21 -9.95 -37.25
CA PRO B 474 41.79 -9.69 -37.55
C PRO B 474 41.53 -9.70 -39.04
N THR B 475 40.36 -10.19 -39.42
CA THR B 475 40.00 -10.30 -40.82
C THR B 475 38.51 -10.08 -40.97
N MET B 476 38.11 -9.69 -42.18
CA MET B 476 36.71 -9.53 -42.54
C MET B 476 36.25 -10.59 -43.52
N LYS B 477 36.93 -11.74 -43.55
CA LYS B 477 36.63 -12.80 -44.50
C LYS B 477 35.92 -13.92 -43.78
N VAL B 478 34.63 -14.12 -44.11
CA VAL B 478 33.90 -15.23 -43.54
C VAL B 478 34.39 -16.54 -44.16
N ARG B 479 34.31 -17.61 -43.38
CA ARG B 479 34.77 -18.93 -43.82
C ARG B 479 33.62 -19.92 -43.68
N SER B 480 33.29 -20.58 -44.79
CA SER B 480 32.25 -21.60 -44.81
C SER B 480 32.80 -23.01 -44.67
N ALA B 481 33.90 -23.16 -43.94
CA ALA B 481 34.46 -24.48 -43.67
C ALA B 481 33.41 -25.36 -43.01
N LEU B 482 33.13 -26.51 -43.63
CA LEU B 482 31.98 -27.31 -43.24
C LEU B 482 32.20 -27.97 -41.89
N THR B 483 31.76 -27.31 -40.83
CA THR B 483 31.79 -27.85 -39.48
C THR B 483 30.38 -28.21 -39.09
N ASN B 484 30.20 -29.44 -38.57
CA ASN B 484 28.85 -29.91 -38.25
C ASN B 484 28.27 -29.16 -37.06
N ASP B 485 29.10 -28.78 -36.10
CA ASP B 485 28.64 -28.10 -34.89
C ASP B 485 28.39 -26.62 -35.21
N LEU B 486 27.15 -26.30 -35.56
CA LEU B 486 26.77 -24.92 -35.80
C LEU B 486 26.47 -24.22 -34.47
N ILE B 487 26.51 -22.89 -34.51
CA ILE B 487 26.22 -22.09 -33.33
C ILE B 487 24.72 -22.08 -33.08
N SER B 488 24.32 -22.36 -31.83
CA SER B 488 22.92 -22.35 -31.45
C SER B 488 22.53 -21.16 -30.61
N ALA B 489 23.39 -20.72 -29.69
CA ALA B 489 23.12 -19.55 -28.87
C ALA B 489 24.41 -18.78 -28.68
N MET B 490 24.29 -17.58 -28.13
CA MET B 490 25.45 -16.76 -27.86
C MET B 490 25.09 -15.72 -26.81
N CYS B 491 26.09 -15.34 -26.02
CA CYS B 491 25.93 -14.33 -24.99
C CYS B 491 27.23 -13.57 -24.85
N VAL B 492 27.15 -12.36 -24.29
CA VAL B 492 28.31 -11.51 -24.11
C VAL B 492 28.25 -10.91 -22.71
N SER B 493 29.40 -10.88 -22.04
CA SER B 493 29.57 -10.19 -20.78
C SER B 493 30.40 -8.93 -21.00
N GLU B 494 30.60 -8.17 -19.92
CA GLU B 494 31.41 -6.96 -20.01
C GLU B 494 32.89 -7.27 -20.20
N THR B 495 33.31 -8.50 -19.95
CA THR B 495 34.71 -8.89 -20.07
C THR B 495 34.94 -10.19 -20.83
N HIS B 496 33.89 -10.96 -21.13
CA HIS B 496 34.06 -12.24 -21.81
C HIS B 496 33.00 -12.36 -22.89
N MET B 497 32.93 -13.55 -23.47
CA MET B 497 31.98 -13.86 -24.52
C MET B 497 31.75 -15.36 -24.50
N PHE B 498 30.50 -15.78 -24.71
CA PHE B 498 30.12 -17.17 -24.51
C PHE B 498 29.32 -17.64 -25.72
N VAL B 499 29.81 -18.67 -26.39
CA VAL B 499 29.14 -19.23 -27.56
C VAL B 499 28.74 -20.66 -27.25
N SER B 500 27.55 -21.05 -27.67
CA SER B 500 27.08 -22.41 -27.52
C SER B 500 26.90 -23.02 -28.90
N LEU B 501 27.32 -24.27 -29.04
CA LEU B 501 27.25 -24.97 -30.32
C LEU B 501 26.08 -25.94 -30.31
N GLU B 502 25.77 -26.46 -31.50
CA GLU B 502 24.58 -27.30 -31.66
C GLU B 502 24.70 -28.61 -30.88
N SER B 503 25.92 -29.14 -30.74
CA SER B 503 26.10 -30.39 -30.01
C SER B 503 25.89 -30.20 -28.51
N GLY B 504 26.37 -29.09 -27.96
CA GLY B 504 26.31 -28.87 -26.53
C GLY B 504 27.61 -28.37 -25.95
N THR B 505 28.54 -28.01 -26.82
CA THR B 505 29.80 -27.44 -26.38
C THR B 505 29.66 -25.94 -26.14
N LEU B 506 30.46 -25.42 -25.23
CA LEU B 506 30.39 -24.01 -24.84
C LEU B 506 31.79 -23.42 -24.93
N HIS B 507 32.03 -22.60 -25.94
CA HIS B 507 33.27 -21.86 -26.05
C HIS B 507 33.19 -20.59 -25.21
N VAL B 508 34.28 -20.26 -24.54
CA VAL B 508 34.37 -19.05 -23.74
C VAL B 508 35.56 -18.27 -24.25
N TYR B 509 35.30 -17.13 -24.88
CA TYR B 509 36.31 -16.22 -25.37
C TYR B 509 36.47 -15.05 -24.42
N GLN B 510 37.63 -14.39 -24.51
CA GLN B 510 37.75 -13.05 -23.97
C GLN B 510 37.33 -12.05 -25.04
N LEU B 511 37.34 -10.77 -24.69
CA LEU B 511 36.97 -9.71 -25.62
C LEU B 511 38.14 -8.77 -25.92
N SER B 512 38.82 -8.29 -24.89
CA SER B 512 39.98 -7.39 -25.05
C SER B 512 41.15 -7.98 -24.30
N PRO B 513 42.01 -8.75 -24.98
CA PRO B 513 41.98 -9.15 -26.39
C PRO B 513 41.03 -10.32 -26.66
N LEU B 514 40.91 -10.74 -27.92
CA LEU B 514 40.01 -11.82 -28.31
C LEU B 514 40.77 -13.14 -28.29
N GLN B 515 40.64 -13.87 -27.19
CA GLN B 515 41.29 -15.17 -27.02
C GLN B 515 40.25 -16.21 -26.63
N LEU B 516 40.27 -17.35 -27.31
CA LEU B 516 39.43 -18.47 -26.89
C LEU B 516 40.02 -19.06 -25.62
N VAL B 517 39.56 -18.62 -24.45
CA VAL B 517 40.24 -18.98 -23.22
C VAL B 517 39.73 -20.27 -22.58
N SER B 518 38.55 -20.75 -22.95
CA SER B 518 38.10 -21.98 -22.32
C SER B 518 37.06 -22.69 -23.17
N LYS B 519 36.85 -23.96 -22.84
CA LYS B 519 35.77 -24.75 -23.40
C LYS B 519 35.09 -25.53 -22.28
N TYR B 520 33.80 -25.80 -22.46
CA TYR B 520 32.99 -26.52 -21.49
C TYR B 520 32.04 -27.44 -22.23
N ILE B 521 31.49 -28.41 -21.50
CA ILE B 521 30.49 -29.31 -22.03
C ILE B 521 29.22 -29.13 -21.22
N LEU B 522 28.11 -28.84 -21.90
CA LEU B 522 26.83 -28.59 -21.27
C LEU B 522 25.93 -29.81 -21.45
N PHE B 523 24.83 -29.82 -20.68
CA PHE B 523 23.96 -30.99 -20.65
C PHE B 523 23.33 -31.23 -22.02
N ALA B 524 22.90 -30.17 -22.69
CA ALA B 524 22.41 -30.25 -24.06
C ALA B 524 22.70 -28.91 -24.72
N ARG B 525 22.24 -28.75 -25.97
CA ARG B 525 22.45 -27.49 -26.66
C ARG B 525 21.69 -26.37 -25.96
N ALA B 526 22.30 -25.20 -25.91
CA ALA B 526 21.67 -24.02 -25.32
C ALA B 526 20.87 -23.29 -26.38
N GLN B 527 19.60 -23.01 -26.08
CA GLN B 527 18.81 -22.16 -26.95
C GLN B 527 18.75 -20.73 -26.45
N SER B 528 19.15 -20.47 -25.21
CA SER B 528 19.24 -19.11 -24.72
C SER B 528 20.29 -19.06 -23.62
N MET B 529 21.03 -17.96 -23.56
CA MET B 529 22.10 -17.82 -22.57
C MET B 529 22.10 -16.41 -22.00
N SER B 530 22.59 -16.28 -20.77
CA SER B 530 22.75 -15.00 -20.12
C SER B 530 23.84 -15.14 -19.06
N VAL B 531 24.46 -14.01 -18.70
CA VAL B 531 25.65 -14.01 -17.85
C VAL B 531 25.48 -12.94 -16.77
N ASN B 532 25.90 -13.26 -15.55
CA ASN B 532 25.75 -12.34 -14.43
C ASN B 532 26.68 -11.15 -14.59
N CYS B 533 26.67 -10.26 -13.59
CA CYS B 533 27.31 -8.96 -13.71
C CYS B 533 28.82 -9.09 -13.84
N ASN B 534 29.45 -9.94 -13.03
CA ASN B 534 30.91 -10.07 -13.04
C ASN B 534 31.37 -11.33 -13.77
N SER B 535 30.48 -11.94 -14.57
CA SER B 535 30.82 -13.08 -15.43
C SER B 535 31.30 -14.28 -14.63
N THR B 536 30.66 -14.54 -13.49
CA THR B 536 30.96 -15.73 -12.69
C THR B 536 29.97 -16.86 -12.90
N GLN B 537 28.69 -16.55 -13.09
CA GLN B 537 27.65 -17.53 -13.30
C GLN B 537 27.00 -17.29 -14.65
N LEU B 538 26.38 -18.34 -15.20
CA LEU B 538 25.83 -18.27 -16.54
C LEU B 538 24.56 -19.09 -16.59
N ALA B 539 23.44 -18.45 -16.88
CA ALA B 539 22.15 -19.11 -16.96
C ALA B 539 21.88 -19.54 -18.40
N VAL B 540 21.47 -20.79 -18.58
CA VAL B 540 21.23 -21.35 -19.90
C VAL B 540 19.86 -22.00 -19.91
N ILE B 541 19.05 -21.62 -20.91
CA ILE B 541 17.83 -22.33 -21.26
C ILE B 541 18.18 -23.28 -22.39
N HIS B 542 18.01 -24.58 -22.15
CA HIS B 542 18.40 -25.60 -23.10
C HIS B 542 17.28 -25.85 -24.10
N LEU B 543 17.51 -26.82 -24.99
CA LEU B 543 16.52 -27.12 -26.02
C LEU B 543 15.28 -27.79 -25.43
N GLY B 544 15.46 -28.62 -24.39
CA GLY B 544 14.32 -29.27 -23.78
C GLY B 544 13.41 -28.29 -23.06
N GLY B 545 13.97 -27.35 -22.33
CA GLY B 545 13.19 -26.38 -21.60
C GLY B 545 13.72 -26.15 -20.20
N ILE B 546 14.73 -26.90 -19.82
CA ILE B 546 15.29 -26.85 -18.48
C ILE B 546 16.35 -25.76 -18.41
N THR B 547 16.27 -24.92 -17.39
CA THR B 547 17.21 -23.82 -17.20
C THR B 547 18.18 -24.18 -16.09
N ASN B 548 19.47 -23.97 -16.34
CA ASN B 548 20.49 -24.26 -15.34
C ASN B 548 21.49 -23.10 -15.27
N VAL B 549 22.00 -22.86 -14.07
CA VAL B 549 22.95 -21.78 -13.84
C VAL B 549 24.31 -22.42 -13.59
N TYR B 550 25.11 -22.51 -14.65
CA TYR B 550 26.46 -23.04 -14.55
C TYR B 550 27.39 -22.02 -13.90
N CYS B 551 28.49 -22.51 -13.35
CA CYS B 551 29.52 -21.67 -12.76
C CYS B 551 30.69 -21.56 -13.72
N ILE B 552 31.20 -20.34 -13.89
CA ILE B 552 32.32 -20.06 -14.79
C ILE B 552 33.46 -19.55 -13.94
N GLU B 553 34.56 -20.32 -13.89
CA GLU B 553 35.69 -20.02 -13.03
C GLU B 553 36.90 -19.67 -13.89
N ARG B 554 37.50 -18.52 -13.60
CA ARG B 554 38.73 -18.15 -14.31
C ARG B 554 39.89 -19.07 -13.96
N GLU B 555 39.90 -19.63 -12.74
CA GLU B 555 40.95 -20.55 -12.35
C GLU B 555 40.89 -21.82 -13.17
N LYS B 556 39.69 -22.34 -13.43
CA LYS B 556 39.50 -23.58 -14.16
C LYS B 556 39.51 -23.38 -15.68
N PHE B 557 39.97 -22.22 -16.16
CA PHE B 557 39.97 -21.94 -17.59
C PHE B 557 41.01 -22.81 -18.27
N SER B 558 40.54 -23.85 -18.95
CA SER B 558 41.40 -24.73 -19.72
C SER B 558 40.76 -25.04 -21.05
N LEU B 559 41.59 -25.17 -22.09
CA LEU B 559 41.09 -25.39 -23.44
C LEU B 559 40.46 -26.76 -23.64
N VAL B 560 40.65 -27.69 -22.72
CA VAL B 560 40.11 -29.04 -22.88
C VAL B 560 38.63 -29.03 -22.51
N PRO B 561 37.77 -29.69 -23.29
CA PRO B 561 36.36 -29.80 -22.90
C PRO B 561 36.20 -30.52 -21.57
N CYS B 562 35.24 -30.05 -20.78
CA CYS B 562 34.96 -30.63 -19.47
C CYS B 562 33.53 -30.29 -19.08
N LYS B 563 33.03 -30.99 -18.07
CA LYS B 563 31.69 -30.71 -17.57
C LYS B 563 31.68 -29.41 -16.79
N ALA B 564 30.55 -28.70 -16.89
CA ALA B 564 30.37 -27.41 -16.23
C ALA B 564 29.60 -27.59 -14.94
N ASP B 565 30.06 -26.94 -13.89
CA ASP B 565 29.44 -27.08 -12.56
C ASP B 565 28.24 -26.15 -12.46
N THR B 566 27.06 -26.73 -12.25
CA THR B 566 25.83 -25.97 -12.14
C THR B 566 25.72 -25.38 -10.74
N ILE B 567 24.54 -24.85 -10.41
CA ILE B 567 24.23 -24.34 -9.08
C ILE B 567 23.03 -25.09 -8.54
N ASP B 568 23.17 -25.63 -7.33
CA ASP B 568 22.10 -26.41 -6.74
C ASP B 568 20.94 -25.52 -6.32
N GLY B 569 19.73 -26.06 -6.43
CA GLY B 569 18.52 -25.34 -6.11
C GLY B 569 17.90 -24.57 -7.26
N VAL B 570 18.57 -24.51 -8.40
CA VAL B 570 18.08 -23.78 -9.57
C VAL B 570 17.92 -24.80 -10.69
N GLU B 571 16.70 -25.33 -10.83
CA GLU B 571 16.35 -26.20 -11.96
C GLU B 571 14.92 -25.83 -12.35
N LEU B 572 14.79 -24.99 -13.36
CA LEU B 572 13.52 -24.43 -13.76
C LEU B 572 13.13 -24.94 -15.14
N LYS B 573 11.83 -25.19 -15.32
CA LYS B 573 11.29 -25.68 -16.58
C LYS B 573 10.28 -24.67 -17.11
N ASP B 574 10.31 -24.47 -18.43
CA ASP B 574 9.42 -23.52 -19.13
C ASP B 574 9.66 -22.09 -18.64
N VAL B 575 10.90 -21.64 -18.79
CA VAL B 575 11.27 -20.26 -18.52
C VAL B 575 11.20 -19.48 -19.82
N TRP B 576 10.53 -18.33 -19.79
CA TRP B 576 10.47 -17.49 -20.97
C TRP B 576 11.10 -16.12 -20.77
N ASN B 577 11.60 -15.80 -19.58
CA ASN B 577 12.35 -14.56 -19.46
C ASN B 577 13.29 -14.66 -18.28
N LEU B 578 14.41 -13.94 -18.36
CA LEU B 578 15.41 -13.94 -17.30
C LEU B 578 16.16 -12.62 -17.33
N ARG B 579 16.57 -12.17 -16.14
CA ARG B 579 17.38 -10.97 -16.01
C ARG B 579 18.33 -11.16 -14.84
N TRP B 580 19.48 -10.52 -14.91
CA TRP B 580 20.47 -10.58 -13.85
C TRP B 580 20.60 -9.20 -13.21
N ALA B 581 20.81 -9.18 -11.89
CA ALA B 581 21.03 -7.93 -11.20
C ALA B 581 22.34 -7.30 -11.64
N VAL B 582 22.27 -6.09 -12.17
CA VAL B 582 23.45 -5.44 -12.74
C VAL B 582 24.43 -5.00 -11.67
N ASP B 583 24.01 -4.95 -10.40
CA ASP B 583 24.89 -4.52 -9.33
C ASP B 583 25.25 -5.63 -8.36
N ASP B 584 24.49 -6.72 -8.32
CA ASP B 584 24.78 -7.86 -7.46
C ASP B 584 24.93 -9.10 -8.33
N PRO B 585 26.09 -9.77 -8.31
CA PRO B 585 26.28 -10.92 -9.20
C PRO B 585 25.41 -12.13 -8.91
N HIS B 586 24.78 -12.20 -7.73
CA HIS B 586 24.06 -13.40 -7.32
C HIS B 586 22.57 -13.33 -7.60
N ARG B 587 21.95 -12.16 -7.43
CA ARG B 587 20.51 -12.05 -7.62
C ARG B 587 20.15 -12.11 -9.10
N PHE B 588 19.03 -12.76 -9.41
CA PHE B 588 18.51 -12.74 -10.77
C PHE B 588 17.03 -13.07 -10.75
N ALA B 589 16.28 -12.45 -11.65
CA ALA B 589 14.84 -12.63 -11.74
C ALA B 589 14.51 -13.52 -12.92
N VAL B 590 13.49 -14.37 -12.74
CA VAL B 590 13.07 -15.31 -13.76
C VAL B 590 11.57 -15.24 -13.91
N MET B 591 11.10 -15.01 -15.14
CA MET B 591 9.70 -15.16 -15.48
C MET B 591 9.53 -16.54 -16.11
N GLU B 592 8.88 -17.44 -15.37
CA GLU B 592 8.61 -18.78 -15.86
C GLU B 592 7.15 -19.11 -15.59
N LYS B 593 6.58 -19.93 -16.46
CA LYS B 593 5.15 -20.18 -16.47
C LYS B 593 4.40 -18.86 -16.39
N THR B 594 3.61 -18.67 -15.32
CA THR B 594 2.85 -17.46 -15.12
C THR B 594 3.35 -16.65 -13.93
N ARG B 595 4.59 -16.85 -13.49
CA ARG B 595 5.04 -16.28 -12.24
C ARG B 595 6.48 -15.82 -12.33
N MET B 596 6.83 -14.92 -11.41
CA MET B 596 8.17 -14.35 -11.30
C MET B 596 8.82 -14.83 -10.02
N LEU B 597 10.07 -15.27 -10.12
CA LEU B 597 10.86 -15.67 -8.96
C LEU B 597 12.14 -14.85 -8.92
N VAL B 598 12.47 -14.33 -7.73
CA VAL B 598 13.66 -13.51 -7.57
C VAL B 598 14.70 -14.29 -6.77
N TYR B 599 15.57 -15.01 -7.47
CA TYR B 599 16.58 -15.81 -6.81
C TYR B 599 17.69 -14.94 -6.25
N ASN B 600 18.14 -15.26 -5.04
CA ASN B 600 19.37 -14.74 -4.47
C ASN B 600 20.16 -15.91 -3.92
N HIS B 601 21.42 -16.02 -4.33
CA HIS B 601 22.33 -17.09 -3.91
C HIS B 601 21.77 -18.48 -4.18
N GLY B 602 20.82 -18.61 -5.11
CA GLY B 602 20.28 -19.89 -5.49
C GLY B 602 18.94 -20.23 -4.85
N VAL B 603 18.54 -19.53 -3.79
CA VAL B 603 17.27 -19.79 -3.13
C VAL B 603 16.27 -18.71 -3.54
N ALA B 604 15.11 -19.16 -4.03
CA ALA B 604 14.12 -18.25 -4.59
C ALA B 604 13.32 -17.58 -3.48
N GLU B 605 12.45 -16.66 -3.89
CA GLU B 605 11.45 -16.06 -3.03
C GLU B 605 10.09 -16.68 -3.33
N GLU B 606 9.06 -16.16 -2.69
CA GLU B 606 7.71 -16.60 -3.01
C GLU B 606 7.35 -16.12 -4.41
N PRO B 607 6.73 -16.98 -5.22
CA PRO B 607 6.37 -16.58 -6.58
C PRO B 607 5.42 -15.40 -6.60
N VAL B 608 5.64 -14.50 -7.55
CA VAL B 608 4.80 -13.33 -7.77
C VAL B 608 4.04 -13.55 -9.07
N GLN B 609 2.72 -13.47 -9.01
CA GLN B 609 1.89 -13.70 -10.18
C GLN B 609 1.99 -12.50 -11.11
N SER B 610 2.57 -12.71 -12.30
CA SER B 610 2.79 -11.62 -13.24
C SER B 610 3.02 -12.21 -14.63
N CYS B 611 2.76 -11.38 -15.64
CA CYS B 611 3.09 -11.72 -17.02
C CYS B 611 3.83 -10.58 -17.72
N ALA B 612 4.21 -9.54 -17.00
CA ALA B 612 4.95 -8.43 -17.59
C ALA B 612 6.37 -8.87 -17.93
N ASN B 613 6.81 -8.53 -19.14
CA ASN B 613 8.17 -8.85 -19.55
C ASN B 613 9.19 -8.13 -18.70
N LEU B 614 10.27 -8.82 -18.36
CA LEU B 614 11.31 -8.25 -17.53
C LEU B 614 12.08 -7.20 -18.31
N CYS B 615 12.28 -6.03 -17.70
CA CYS B 615 13.04 -4.96 -18.30
C CYS B 615 14.36 -4.70 -17.59
N LYS B 616 14.34 -4.48 -16.28
CA LYS B 616 15.56 -4.12 -15.59
C LYS B 616 15.53 -4.66 -14.16
N PHE B 617 16.71 -4.94 -13.64
CA PHE B 617 16.89 -5.43 -12.26
C PHE B 617 18.08 -4.66 -11.70
N LYS B 618 17.81 -3.72 -10.81
CA LYS B 618 18.88 -2.88 -10.27
C LYS B 618 18.44 -2.28 -8.95
N SER B 619 19.39 -2.15 -8.03
CA SER B 619 19.16 -1.59 -6.70
C SER B 619 17.97 -2.28 -6.01
N LEU B 620 17.94 -3.60 -6.10
CA LEU B 620 16.94 -4.49 -5.51
C LEU B 620 15.56 -4.30 -6.15
N LYS B 621 15.40 -3.34 -7.05
CA LYS B 621 14.13 -3.11 -7.73
C LYS B 621 14.11 -3.86 -9.05
N ILE B 622 12.90 -4.25 -9.45
CA ILE B 622 12.69 -4.99 -10.68
C ILE B 622 11.63 -4.24 -11.47
N ARG B 623 12.02 -3.63 -12.57
CA ARG B 623 11.08 -2.94 -13.44
C ARG B 623 10.69 -3.88 -14.56
N THR B 624 9.39 -4.06 -14.75
CA THR B 624 8.84 -4.92 -15.78
C THR B 624 7.84 -4.12 -16.62
N LEU B 625 7.61 -4.61 -17.83
CA LEU B 625 6.81 -3.90 -18.82
C LEU B 625 5.74 -4.83 -19.37
N GLN B 626 4.48 -4.50 -19.13
CA GLN B 626 3.38 -5.29 -19.65
C GLN B 626 3.23 -4.98 -21.14
N LEU B 627 4.03 -5.69 -21.94
CA LEU B 627 4.02 -5.45 -23.38
C LEU B 627 2.76 -5.99 -24.04
N ASP B 628 2.13 -7.00 -23.45
CA ASP B 628 0.89 -7.53 -24.02
C ASP B 628 -0.23 -6.51 -23.97
N GLU B 629 -0.21 -5.62 -22.98
CA GLU B 629 -1.16 -4.51 -22.94
C GLU B 629 -0.63 -3.29 -23.66
N LEU B 630 0.69 -3.07 -23.66
CA LEU B 630 1.26 -1.90 -24.31
C LEU B 630 1.12 -1.98 -25.83
N LEU B 631 1.19 -3.18 -26.40
CA LEU B 631 1.07 -3.31 -27.85
C LEU B 631 -0.38 -3.20 -28.33
N LEU B 632 -1.35 -3.14 -27.42
CA LEU B 632 -2.72 -2.87 -27.84
C LEU B 632 -2.89 -1.43 -28.27
N ASP B 633 -2.17 -0.50 -27.63
CA ASP B 633 -2.15 0.91 -28.00
C ASP B 633 -0.70 1.35 -28.12
N PRO B 634 0.02 0.86 -29.15
CA PRO B 634 1.46 1.14 -29.22
C PRO B 634 1.79 2.62 -29.31
N GLU B 635 0.98 3.39 -30.02
CA GLU B 635 1.21 4.82 -30.16
C GLU B 635 0.82 5.59 -28.90
N ARG B 636 0.10 4.95 -27.96
CA ARG B 636 -0.35 5.60 -26.74
C ARG B 636 0.11 4.76 -25.54
N PRO B 637 1.37 4.84 -25.17
CA PRO B 637 1.83 4.16 -23.96
C PRO B 637 1.36 4.87 -22.70
N ARG B 638 1.06 4.08 -21.68
CA ARG B 638 0.62 4.59 -20.40
C ARG B 638 1.58 4.11 -19.32
N LYS B 639 1.87 4.98 -18.35
CA LYS B 639 2.79 4.62 -17.28
C LYS B 639 2.28 3.46 -16.42
N ASP B 640 0.99 3.15 -16.52
CA ASP B 640 0.43 2.03 -15.77
C ASP B 640 0.89 0.68 -16.28
N TYR B 641 1.56 0.63 -17.43
CA TYR B 641 2.13 -0.61 -17.94
C TYR B 641 3.51 -0.89 -17.38
N ILE B 642 4.11 0.08 -16.68
CA ILE B 642 5.36 -0.12 -15.97
C ILE B 642 5.03 -0.64 -14.58
N VAL B 643 5.50 -1.84 -14.25
CA VAL B 643 5.22 -2.46 -12.95
C VAL B 643 6.55 -2.63 -12.23
N ASP B 644 6.65 -2.07 -11.04
CA ASP B 644 7.85 -2.16 -10.23
C ASP B 644 7.63 -3.14 -9.08
N PHE B 645 8.47 -4.16 -9.00
CA PHE B 645 8.53 -5.09 -7.89
C PHE B 645 9.81 -4.89 -7.12
N GLU B 646 9.88 -5.52 -5.94
CA GLU B 646 11.04 -5.39 -5.08
C GLU B 646 11.52 -6.76 -4.64
N ALA B 647 12.78 -6.82 -4.22
CA ALA B 647 13.33 -8.03 -3.64
C ALA B 647 12.83 -8.19 -2.20
N GLN B 648 12.92 -9.43 -1.72
CA GLN B 648 12.47 -9.70 -0.35
C GLN B 648 13.29 -8.90 0.65
N LEU B 649 14.57 -8.70 0.37
CA LEU B 649 15.40 -7.87 1.23
C LEU B 649 14.88 -6.44 1.28
N LEU B 650 14.50 -5.89 0.12
CA LEU B 650 13.97 -4.54 0.07
C LEU B 650 12.63 -4.45 0.80
N ARG B 651 11.76 -5.43 0.59
CA ARG B 651 10.47 -5.43 1.27
C ARG B 651 10.64 -5.53 2.78
N ASP B 652 11.60 -6.35 3.23
CA ASP B 652 11.85 -6.47 4.66
C ASP B 652 12.40 -5.18 5.24
N MET B 653 13.28 -4.49 4.51
CA MET B 653 13.76 -3.19 4.98
C MET B 653 12.62 -2.18 5.03
N ARG B 654 11.71 -2.23 4.05
CA ARG B 654 10.54 -1.36 4.09
C ARG B 654 9.68 -1.64 5.31
N ALA B 655 9.48 -2.92 5.63
CA ALA B 655 8.70 -3.28 6.80
C ALA B 655 9.38 -2.82 8.08
N VAL B 656 10.71 -2.98 8.17
CA VAL B 656 11.43 -2.55 9.36
C VAL B 656 11.33 -1.05 9.55
N LEU B 657 11.51 -0.29 8.46
CA LEU B 657 11.40 1.17 8.56
C LEU B 657 9.98 1.61 8.84
N ARG B 658 8.98 0.84 8.39
CA ARG B 658 7.59 1.23 8.58
C ARG B 658 7.18 1.15 10.04
N ASP B 659 7.48 0.03 10.69
CA ASP B 659 7.01 -0.26 12.04
C ASP B 659 8.16 -0.70 12.94
N GLY B 660 9.25 0.06 12.93
CA GLY B 660 10.37 -0.24 13.78
C GLY B 660 11.13 1.02 14.13
N THR B 661 12.04 0.88 15.10
CA THR B 661 12.88 1.99 15.48
C THR B 661 13.96 2.24 14.45
N ALA B 662 14.64 3.38 14.58
CA ALA B 662 15.75 3.70 13.69
C ALA B 662 16.91 2.73 13.90
N LYS B 663 17.12 2.30 15.14
CA LYS B 663 18.23 1.40 15.43
C LYS B 663 18.02 0.04 14.78
N GLU B 664 16.78 -0.44 14.73
CA GLU B 664 16.51 -1.71 14.06
C GLU B 664 16.80 -1.62 12.57
N ALA B 665 16.42 -0.51 11.94
CA ALA B 665 16.74 -0.30 10.53
C ALA B 665 18.25 -0.22 10.32
N TYR B 666 18.95 0.44 11.23
CA TYR B 666 20.41 0.52 11.14
C TYR B 666 21.03 -0.87 11.23
N GLU B 667 20.54 -1.70 12.16
CA GLU B 667 21.04 -3.05 12.30
C GLU B 667 20.77 -3.88 11.05
N PHE B 668 19.57 -3.74 10.49
CA PHE B 668 19.22 -4.46 9.27
C PHE B 668 20.15 -4.06 8.12
N ALA B 669 20.36 -2.76 7.93
CA ALA B 669 21.22 -2.27 6.87
C ALA B 669 22.66 -2.71 7.06
N GLU B 670 23.17 -2.65 8.30
CA GLU B 670 24.54 -3.05 8.57
C GLU B 670 24.71 -4.56 8.40
N SER B 671 23.67 -5.33 8.69
CA SER B 671 23.77 -6.77 8.53
C SER B 671 23.77 -7.17 7.07
N HIS B 672 22.97 -6.50 6.25
CA HIS B 672 22.85 -6.91 4.85
C HIS B 672 23.75 -6.13 3.90
N ASN B 673 24.03 -4.85 4.18
CA ASN B 673 25.07 -4.07 3.52
C ASN B 673 24.86 -4.02 2.00
N THR B 674 23.76 -3.38 1.62
CA THR B 674 23.45 -3.09 0.23
C THR B 674 23.31 -1.59 0.07
N LYS B 675 23.70 -1.09 -1.10
CA LYS B 675 23.60 0.35 -1.36
C LYS B 675 22.16 0.82 -1.29
N LYS B 676 21.24 0.06 -1.86
CA LYS B 676 19.84 0.47 -1.88
C LYS B 676 19.28 0.57 -0.46
N LEU B 677 19.68 -0.36 0.41
CA LEU B 677 19.19 -0.32 1.79
C LEU B 677 19.71 0.91 2.52
N TRP B 678 20.98 1.25 2.33
CA TRP B 678 21.51 2.46 2.94
C TRP B 678 20.81 3.71 2.42
N GLU B 679 20.56 3.76 1.11
CA GLU B 679 19.85 4.90 0.54
C GLU B 679 18.43 5.01 1.09
N LEU B 680 17.74 3.87 1.21
CA LEU B 680 16.38 3.88 1.76
C LEU B 680 16.39 4.34 3.21
N LEU B 681 17.34 3.85 4.00
CA LEU B 681 17.44 4.25 5.40
C LEU B 681 17.68 5.75 5.51
N ALA B 682 18.61 6.27 4.71
CA ALA B 682 18.90 7.70 4.74
C ALA B 682 17.70 8.53 4.33
N GLU B 683 16.98 8.08 3.29
CA GLU B 683 15.79 8.79 2.86
C GLU B 683 14.73 8.84 3.95
N HIS B 684 14.45 7.68 4.57
CA HIS B 684 13.42 7.61 5.59
C HIS B 684 13.79 8.45 6.82
N THR B 685 15.05 8.41 7.25
CA THR B 685 15.41 9.23 8.40
C THR B 685 15.54 10.71 8.06
N LEU B 686 15.79 11.06 6.80
CA LEU B 686 15.77 12.46 6.41
C LEU B 686 14.35 13.00 6.41
N PHE B 687 13.40 12.22 5.89
CA PHE B 687 12.00 12.64 5.94
C PHE B 687 11.48 12.73 7.37
N GLN B 688 12.18 12.13 8.33
CA GLN B 688 11.82 12.20 9.74
C GLN B 688 12.78 13.09 10.54
N LEU B 689 13.56 13.93 9.85
CA LEU B 689 14.37 14.99 10.44
C LEU B 689 15.44 14.46 11.39
N ASP B 690 15.88 13.22 11.22
CA ASP B 690 16.99 12.66 11.97
C ASP B 690 18.13 12.42 10.99
N PHE B 691 19.25 13.11 11.20
CA PHE B 691 20.29 13.20 10.19
C PHE B 691 21.49 12.30 10.43
N THR B 692 21.70 11.80 11.65
CA THR B 692 22.87 10.95 11.90
C THR B 692 22.78 9.63 11.15
N TYR B 693 21.59 9.01 11.14
CA TYR B 693 21.41 7.79 10.38
C TYR B 693 21.58 8.03 8.89
N ALA B 694 21.08 9.17 8.40
CA ALA B 694 21.28 9.52 6.99
C ALA B 694 22.76 9.69 6.67
N GLU B 695 23.50 10.35 7.57
CA GLU B 695 24.92 10.57 7.34
C GLU B 695 25.68 9.26 7.31
N VAL B 696 25.42 8.36 8.27
CA VAL B 696 26.15 7.10 8.27
C VAL B 696 25.73 6.22 7.10
N ALA B 697 24.47 6.33 6.65
CA ALA B 697 24.03 5.58 5.48
C ALA B 697 24.70 6.08 4.21
N PHE B 698 24.79 7.39 4.05
CA PHE B 698 25.48 7.99 2.92
C PHE B 698 26.99 7.90 3.02
N ILE B 699 27.51 7.47 4.17
CA ILE B 699 28.93 7.13 4.28
C ILE B 699 29.18 5.67 3.90
N HIS B 700 28.33 4.76 4.36
CA HIS B 700 28.53 3.34 4.07
C HIS B 700 28.41 3.05 2.58
N CYS B 701 27.33 3.52 1.95
CA CYS B 701 27.31 3.60 0.50
C CYS B 701 27.98 4.89 0.07
N LYS B 702 28.80 4.82 -0.97
CA LYS B 702 29.68 5.94 -1.30
C LYS B 702 28.89 7.01 -2.06
N ASP B 703 28.59 8.12 -1.38
CA ASP B 703 27.92 9.26 -2.00
C ASP B 703 28.36 10.52 -1.26
N TYR B 704 29.33 11.23 -1.84
CA TYR B 704 29.81 12.47 -1.23
C TYR B 704 28.83 13.63 -1.41
N ALA B 705 28.12 13.64 -2.55
CA ALA B 705 27.11 14.66 -2.79
C ALA B 705 26.01 14.60 -1.75
N ALA B 706 25.54 13.40 -1.44
CA ALA B 706 24.48 13.26 -0.44
C ALA B 706 24.97 13.61 0.96
N ILE B 707 26.24 13.33 1.26
CA ILE B 707 26.80 13.73 2.55
C ILE B 707 26.81 15.26 2.65
N GLN B 708 27.24 15.93 1.59
CA GLN B 708 27.23 17.39 1.60
C GLN B 708 25.81 17.93 1.70
N PHE B 709 24.85 17.28 1.04
CA PHE B 709 23.45 17.69 1.13
C PHE B 709 22.94 17.58 2.56
N VAL B 710 23.24 16.46 3.22
CA VAL B 710 22.78 16.25 4.59
C VAL B 710 23.43 17.27 5.52
N LYS B 711 24.71 17.57 5.32
CA LYS B 711 25.36 18.58 6.15
C LYS B 711 24.75 19.96 5.92
N ARG B 712 24.41 20.28 4.67
CA ARG B 712 23.79 21.58 4.38
C ARG B 712 22.43 21.68 5.04
N VAL B 713 21.64 20.60 5.01
CA VAL B 713 20.35 20.60 5.67
C VAL B 713 20.52 20.73 7.17
N ARG B 714 21.55 20.08 7.73
CA ARG B 714 21.81 20.18 9.16
C ARG B 714 22.17 21.61 9.56
N SER B 715 22.94 22.31 8.73
CA SER B 715 23.42 23.64 9.08
C SER B 715 22.32 24.70 9.11
N LEU B 716 21.12 24.38 8.64
CA LEU B 716 20.01 25.33 8.66
C LEU B 716 19.42 25.40 10.07
N ASP B 717 18.42 26.27 10.23
CA ASP B 717 17.77 26.47 11.52
C ASP B 717 16.28 26.12 11.51
N ASP B 718 15.54 26.63 10.52
CA ASP B 718 14.09 26.42 10.51
C ASP B 718 13.77 25.03 10.00
N PRO B 719 13.11 24.18 10.79
CA PRO B 719 12.82 22.81 10.33
C PRO B 719 11.90 22.75 9.12
N LYS B 720 11.03 23.74 8.93
CA LYS B 720 10.13 23.72 7.77
C LYS B 720 10.91 23.86 6.47
N LYS B 721 11.89 24.76 6.44
CA LYS B 721 12.74 24.89 5.26
C LYS B 721 13.55 23.63 5.03
N GLN B 722 14.02 22.99 6.11
CA GLN B 722 14.79 21.75 5.97
C GLN B 722 13.92 20.64 5.37
N LEU B 723 12.69 20.51 5.84
CA LEU B 723 11.80 19.51 5.26
C LEU B 723 11.46 19.84 3.81
N ALA B 724 11.33 21.12 3.48
CA ALA B 724 11.11 21.52 2.10
C ALA B 724 12.29 21.14 1.22
N GLU B 725 13.51 21.36 1.70
CA GLU B 725 14.70 20.98 0.93
C GLU B 725 14.79 19.47 0.76
N VAL B 726 14.44 18.72 1.81
CA VAL B 726 14.45 17.26 1.70
C VAL B 726 13.43 16.80 0.68
N ASN B 727 12.26 17.43 0.66
CA ASN B 727 11.27 17.11 -0.38
C ASN B 727 11.78 17.46 -1.76
N ALA B 728 12.55 18.55 -1.86
CA ALA B 728 13.14 18.94 -3.13
C ALA B 728 14.14 17.90 -3.60
N TYR B 729 14.89 17.31 -2.67
CA TYR B 729 15.89 16.31 -3.03
C TYR B 729 15.25 15.11 -3.73
N TYR B 730 14.13 14.63 -3.20
CA TYR B 730 13.53 13.38 -3.67
C TYR B 730 12.38 13.61 -4.65
N ARG B 731 12.48 14.68 -5.45
CA ARG B 731 11.55 14.96 -6.54
C ARG B 731 10.11 15.13 -6.04
N ARG B 732 9.97 15.77 -4.89
CA ARG B 732 8.66 16.16 -4.36
C ARG B 732 8.64 17.68 -4.33
N PHE B 733 8.25 18.27 -5.46
CA PHE B 733 8.39 19.70 -5.66
C PHE B 733 7.15 20.48 -5.24
N ASP B 734 5.96 19.90 -5.42
CA ASP B 734 4.74 20.54 -4.95
C ASP B 734 4.78 20.74 -3.45
N GLU B 735 5.15 19.68 -2.72
CA GLU B 735 5.23 19.79 -1.27
C GLU B 735 6.33 20.75 -0.86
N ALA B 736 7.44 20.78 -1.60
CA ALA B 736 8.54 21.70 -1.28
C ALA B 736 8.08 23.14 -1.44
N GLU B 737 7.36 23.44 -2.52
CA GLU B 737 6.88 24.81 -2.69
C GLU B 737 5.81 25.15 -1.65
N ARG B 738 4.99 24.17 -1.24
CA ARG B 738 4.04 24.43 -0.16
C ARG B 738 4.75 24.80 1.13
N LEU B 739 5.74 23.99 1.53
CA LEU B 739 6.45 24.24 2.77
C LEU B 739 7.31 25.50 2.70
N TYR B 740 7.70 25.92 1.49
CA TYR B 740 8.38 27.20 1.34
C TYR B 740 7.42 28.36 1.48
N LYS B 741 6.21 28.24 0.92
CA LYS B 741 5.20 29.28 1.09
C LYS B 741 4.82 29.44 2.56
N ASP B 742 4.73 28.33 3.29
CA ASP B 742 4.22 28.36 4.65
C ASP B 742 5.11 29.16 5.60
N VAL B 743 6.36 29.44 5.22
CA VAL B 743 7.19 30.35 5.98
C VAL B 743 7.27 31.71 5.30
N ASP B 744 6.27 32.06 4.49
CA ASP B 744 6.19 33.35 3.78
C ASP B 744 7.41 33.56 2.90
N ARG B 745 7.82 32.52 2.19
CA ARG B 745 8.99 32.55 1.31
C ARG B 745 8.56 32.04 -0.06
N LYS B 746 8.02 32.94 -0.88
CA LYS B 746 7.74 32.63 -2.28
C LYS B 746 9.00 32.64 -3.13
N ASP B 747 10.02 33.38 -2.70
CA ASP B 747 11.27 33.46 -3.45
C ASP B 747 11.93 32.10 -3.59
N LEU B 748 11.96 31.33 -2.50
CA LEU B 748 12.55 30.00 -2.56
C LEU B 748 11.72 29.07 -3.45
N ALA B 749 10.40 29.21 -3.43
CA ALA B 749 9.54 28.41 -4.29
C ALA B 749 9.80 28.69 -5.76
N LEU B 750 9.90 29.98 -6.13
CA LEU B 750 10.16 30.31 -7.52
C LEU B 750 11.57 29.94 -7.94
N ASP B 751 12.54 30.02 -7.01
CA ASP B 751 13.89 29.55 -7.31
C ASP B 751 13.90 28.05 -7.56
N LEU B 752 13.14 27.29 -6.77
CA LEU B 752 13.02 25.85 -6.98
C LEU B 752 12.40 25.55 -8.35
N ARG B 753 11.32 26.26 -8.68
CA ARG B 753 10.65 26.02 -9.97
C ARG B 753 11.49 26.48 -11.16
N TYR B 754 12.40 27.42 -10.95
CA TYR B 754 13.29 27.82 -12.04
C TYR B 754 14.45 26.85 -12.20
N ARG B 755 15.01 26.37 -11.09
CA ARG B 755 16.08 25.38 -11.17
C ARG B 755 15.58 24.07 -11.78
N LEU B 756 14.38 23.63 -11.38
CA LEU B 756 13.80 22.46 -12.03
C LEU B 756 13.52 22.74 -13.50
N GLY B 757 13.23 23.98 -13.84
CA GLY B 757 13.10 24.37 -15.23
C GLY B 757 11.73 24.23 -15.84
N ASP B 758 10.68 24.13 -15.04
CA ASP B 758 9.31 24.23 -15.56
C ASP B 758 8.95 25.70 -15.55
N TRP B 759 9.29 26.39 -16.64
CA TRP B 759 9.08 27.83 -16.69
C TRP B 759 7.60 28.19 -16.71
N PHE B 760 6.73 27.25 -17.07
CA PHE B 760 5.29 27.45 -16.84
C PHE B 760 5.01 27.68 -15.36
N GLY B 761 5.57 26.83 -14.51
CA GLY B 761 5.39 27.01 -13.07
C GLY B 761 6.00 28.29 -12.55
N VAL B 762 7.14 28.69 -13.12
CA VAL B 762 7.73 29.97 -12.74
C VAL B 762 6.81 31.11 -13.13
N VAL B 763 6.15 30.99 -14.28
CA VAL B 763 5.16 31.99 -14.71
C VAL B 763 4.01 32.04 -13.71
N ARG B 764 3.50 30.87 -13.31
CA ARG B 764 2.38 30.85 -12.37
C ARG B 764 2.78 31.48 -11.04
N LEU B 765 3.99 31.18 -10.56
CA LEU B 765 4.42 31.72 -9.28
C LEU B 765 4.69 33.22 -9.35
N VAL B 766 5.25 33.70 -10.46
CA VAL B 766 5.54 35.12 -10.59
C VAL B 766 4.26 35.92 -10.72
N GLN B 767 3.29 35.41 -11.50
CA GLN B 767 2.03 36.11 -11.68
C GLN B 767 1.26 36.23 -10.37
N GLU B 768 1.46 35.30 -9.45
CA GLU B 768 0.85 35.42 -8.12
C GLU B 768 1.62 36.42 -7.28
N GLY B 769 0.90 37.06 -6.35
CA GLY B 769 1.49 38.05 -5.48
C GLY B 769 0.68 38.33 -4.23
N ALA B 774 10.54 41.18 -15.52
CA ALA B 774 11.88 40.69 -15.24
C ALA B 774 11.93 39.17 -15.29
N LEU B 775 11.70 38.54 -14.13
CA LEU B 775 11.67 37.09 -14.08
C LEU B 775 10.51 36.52 -14.89
N LEU B 776 9.39 37.24 -14.94
CA LEU B 776 8.30 36.83 -15.82
C LEU B 776 8.74 36.89 -17.27
N PHE B 777 9.44 37.95 -17.66
CA PHE B 777 9.96 38.05 -19.02
C PHE B 777 10.99 36.96 -19.29
N GLN B 778 11.83 36.65 -18.30
CA GLN B 778 12.82 35.59 -18.50
C GLN B 778 12.14 34.24 -18.69
N ALA B 779 11.13 33.94 -17.90
CA ALA B 779 10.40 32.68 -18.05
C ALA B 779 9.68 32.64 -19.40
N TRP B 780 9.08 33.75 -19.81
CA TRP B 780 8.42 33.81 -21.12
C TRP B 780 9.42 33.60 -22.24
N GLU B 781 10.60 34.19 -22.12
CA GLU B 781 11.65 34.00 -23.12
C GLU B 781 12.09 32.54 -23.18
N ASN B 782 12.20 31.89 -22.03
CA ASN B 782 12.57 30.48 -22.01
C ASN B 782 11.50 29.61 -22.64
N ILE B 783 10.22 29.91 -22.38
CA ILE B 783 9.14 29.16 -23.02
C ILE B 783 9.15 29.41 -24.53
N GLY B 784 9.45 30.63 -24.94
CA GLY B 784 9.57 30.93 -26.36
C GLY B 784 10.70 30.17 -27.01
N ASP B 785 11.84 30.07 -26.32
CA ASP B 785 12.95 29.26 -26.83
C ASP B 785 12.54 27.80 -26.96
N HIS B 786 11.83 27.28 -25.95
CA HIS B 786 11.39 25.89 -26.00
C HIS B 786 10.45 25.66 -27.18
N TYR B 787 9.53 26.60 -27.43
CA TYR B 787 8.59 26.42 -28.53
C TYR B 787 9.25 26.64 -29.88
N ALA B 788 10.29 27.48 -29.93
CA ALA B 788 11.04 27.67 -31.18
C ALA B 788 11.82 26.42 -31.52
N SER B 789 12.49 25.82 -30.52
CA SER B 789 13.26 24.61 -30.77
C SER B 789 12.40 23.46 -31.26
N ARG B 790 11.11 23.46 -30.95
CA ARG B 790 10.18 22.47 -31.48
C ARG B 790 9.49 22.96 -32.75
N GLN B 791 9.97 24.06 -33.34
CA GLN B 791 9.44 24.62 -34.59
C GLN B 791 7.97 25.02 -34.46
N LYS B 792 7.57 25.43 -33.26
CA LYS B 792 6.22 25.98 -33.05
C LYS B 792 6.37 27.50 -33.14
N TRP B 793 6.26 28.02 -34.36
CA TRP B 793 6.60 29.42 -34.60
C TRP B 793 5.52 30.37 -34.08
N SER B 794 4.25 29.99 -34.21
CA SER B 794 3.18 30.85 -33.73
C SER B 794 3.25 31.05 -32.22
N LYS B 795 3.43 29.95 -31.47
CA LYS B 795 3.48 30.06 -30.02
C LYS B 795 4.75 30.72 -29.55
N ALA B 796 5.86 30.48 -30.25
CA ALA B 796 7.10 31.18 -29.94
C ALA B 796 6.94 32.68 -30.15
N ALA B 797 6.25 33.07 -31.22
CA ALA B 797 5.97 34.48 -31.46
C ALA B 797 5.08 35.06 -30.36
N GLN B 798 4.09 34.28 -29.91
CA GLN B 798 3.24 34.71 -28.80
C GLN B 798 4.08 35.04 -27.58
N TYR B 799 4.92 34.10 -27.16
CA TYR B 799 5.68 34.28 -25.93
C TYR B 799 6.80 35.30 -26.08
N TYR B 800 7.29 35.51 -27.30
CA TYR B 800 8.29 36.56 -27.52
C TYR B 800 7.66 37.95 -27.50
N THR B 801 6.46 38.09 -28.08
CA THR B 801 5.73 39.35 -27.99
C THR B 801 5.38 39.66 -26.54
N GLN B 802 4.94 38.65 -25.78
CA GLN B 802 4.72 38.85 -24.35
C GLN B 802 6.03 39.18 -23.64
N CYS B 803 7.14 38.62 -24.09
CA CYS B 803 8.45 38.95 -23.55
C CYS B 803 8.97 40.29 -24.06
N ARG B 804 8.45 40.76 -25.19
CA ARG B 804 8.95 41.98 -25.86
C ARG B 804 10.44 41.84 -26.19
N HIS B 805 10.81 40.69 -26.74
CA HIS B 805 12.18 40.43 -27.18
C HIS B 805 12.18 40.38 -28.70
N TYR B 806 12.56 41.49 -29.31
CA TYR B 806 12.37 41.66 -30.75
C TYR B 806 13.48 41.02 -31.59
N ARG B 807 14.66 40.80 -31.01
CA ARG B 807 15.76 40.24 -31.80
C ARG B 807 15.42 38.85 -32.31
N LYS B 808 14.85 38.01 -31.46
CA LYS B 808 14.42 36.68 -31.89
C LYS B 808 13.05 36.72 -32.54
N LEU B 809 12.22 37.68 -32.15
CA LEU B 809 10.89 37.84 -32.74
C LEU B 809 10.99 38.14 -34.23
N ALA B 810 11.97 38.95 -34.62
CA ALA B 810 12.18 39.26 -36.03
C ALA B 810 12.53 38.01 -36.83
N ARG B 811 13.39 37.15 -36.26
CA ARG B 811 13.73 35.91 -36.94
C ARG B 811 12.50 35.01 -37.06
N ILE B 812 11.66 34.99 -36.02
CA ILE B 812 10.41 34.24 -36.09
C ILE B 812 9.57 34.74 -37.26
N PHE B 813 9.39 36.07 -37.35
CA PHE B 813 8.57 36.65 -38.41
C PHE B 813 9.15 36.37 -39.78
N TYR B 814 10.47 36.40 -39.92
CA TYR B 814 11.11 36.04 -41.18
C TYR B 814 10.81 34.59 -41.55
N ILE B 815 10.78 33.71 -40.54
CA ILE B 815 10.51 32.29 -40.80
C ILE B 815 9.06 32.08 -41.26
N ILE B 816 8.11 32.78 -40.64
CA ILE B 816 6.70 32.55 -40.94
C ILE B 816 6.32 33.14 -42.30
N GLU B 817 7.27 33.83 -42.94
CA GLU B 817 7.01 34.59 -44.17
C GLU B 817 5.93 35.64 -43.94
N ASP B 818 5.99 36.31 -42.79
CA ASP B 818 5.00 37.29 -42.39
C ASP B 818 5.72 38.62 -42.24
N TYR B 819 5.83 39.36 -43.35
CA TYR B 819 6.62 40.58 -43.38
C TYR B 819 5.83 41.82 -42.99
N GLU B 820 4.52 41.69 -42.78
CA GLU B 820 3.74 42.80 -42.25
C GLU B 820 4.25 43.20 -40.87
N MET B 821 4.21 42.27 -39.91
CA MET B 821 4.75 42.58 -38.59
C MET B 821 6.25 42.84 -38.62
N LEU B 822 6.95 42.25 -39.60
CA LEU B 822 8.38 42.50 -39.71
C LEU B 822 8.65 43.97 -40.03
N THR B 823 7.88 44.55 -40.95
CA THR B 823 7.97 45.98 -41.21
C THR B 823 7.39 46.79 -40.06
N GLN B 824 6.46 46.21 -39.31
CA GLN B 824 5.93 46.90 -38.14
C GLN B 824 6.99 47.11 -37.06
N LEU B 825 7.89 46.13 -36.91
CA LEU B 825 8.78 46.08 -35.75
C LEU B 825 9.66 47.31 -35.62
N ILE B 826 9.85 48.07 -36.69
CA ILE B 826 10.74 49.23 -36.64
C ILE B 826 10.22 50.26 -35.64
N SER B 827 8.90 50.46 -35.62
CA SER B 827 8.31 51.48 -34.75
C SER B 827 8.61 51.20 -33.28
N MET B 828 8.43 49.96 -32.85
CA MET B 828 8.66 49.61 -31.45
C MET B 828 10.10 49.26 -31.15
N GLY B 829 10.97 49.12 -32.15
CA GLY B 829 12.37 48.90 -31.92
C GLY B 829 13.30 50.04 -32.23
N GLU B 830 12.78 51.21 -32.62
CA GLU B 830 13.59 52.39 -32.97
C GLU B 830 14.76 52.67 -32.04
N HIS B 831 14.62 52.38 -30.75
CA HIS B 831 15.71 52.58 -29.80
C HIS B 831 16.81 51.54 -29.92
N ASP B 832 16.63 50.51 -30.75
CA ASP B 832 17.65 49.52 -31.01
C ASP B 832 18.25 49.77 -32.39
N LYS B 833 19.58 49.88 -32.44
CA LYS B 833 20.28 50.13 -33.70
C LYS B 833 20.64 48.84 -34.43
N GLU B 834 21.16 47.85 -33.70
CA GLU B 834 21.54 46.58 -34.32
C GLU B 834 20.34 45.87 -34.91
N LEU B 835 19.20 45.95 -34.22
CA LEU B 835 17.97 45.37 -34.76
C LEU B 835 17.59 46.01 -36.08
N MET B 836 17.82 47.32 -36.21
CA MET B 836 17.50 48.00 -37.46
C MET B 836 18.39 47.54 -38.60
N VAL B 837 19.69 47.37 -38.34
CA VAL B 837 20.58 46.85 -39.37
C VAL B 837 20.16 45.46 -39.80
N THR B 838 19.83 44.60 -38.82
CA THR B 838 19.40 43.25 -39.16
C THR B 838 18.09 43.25 -39.94
N LEU B 839 17.13 44.09 -39.53
CA LEU B 839 15.85 44.18 -40.24
C LEU B 839 16.04 44.71 -41.66
N GLY B 840 16.89 45.72 -41.82
CA GLY B 840 17.16 46.24 -43.15
C GLY B 840 17.79 45.20 -44.04
N ASN B 841 18.73 44.42 -43.50
CA ASN B 841 19.33 43.33 -44.27
C ASN B 841 18.28 42.28 -44.65
N MET B 842 17.38 41.95 -43.72
CA MET B 842 16.35 40.96 -44.01
C MET B 842 15.43 41.44 -45.13
N LEU B 843 14.99 42.70 -45.06
CA LEU B 843 14.09 43.21 -46.08
C LEU B 843 14.81 43.48 -47.40
N LEU B 844 16.12 43.74 -47.34
CA LEU B 844 16.93 43.77 -48.55
C LEU B 844 16.94 42.41 -49.23
N THR B 845 17.17 41.35 -48.45
CA THR B 845 17.22 40.01 -49.01
C THR B 845 15.88 39.59 -49.56
N VAL B 846 14.79 39.97 -48.89
CA VAL B 846 13.47 39.60 -49.40
C VAL B 846 13.01 40.52 -50.53
N GLY B 847 13.66 41.66 -50.72
CA GLY B 847 13.39 42.54 -51.84
C GLY B 847 12.64 43.79 -51.50
N LEU B 848 11.96 43.82 -50.35
CA LEU B 848 11.23 45.01 -49.95
C LEU B 848 12.21 46.10 -49.49
N ALA B 849 12.67 46.93 -50.43
CA ALA B 849 13.73 47.89 -50.14
C ALA B 849 13.23 49.19 -49.55
N GLU B 850 11.93 49.49 -49.65
CA GLU B 850 11.42 50.74 -49.09
C GLU B 850 11.40 50.69 -47.57
N GLU B 851 10.73 49.69 -47.01
CA GLU B 851 10.76 49.48 -45.57
C GLU B 851 12.16 49.15 -45.08
N ALA B 852 12.96 48.48 -45.90
CA ALA B 852 14.35 48.26 -45.56
C ALA B 852 15.09 49.57 -45.39
N ALA B 853 14.87 50.52 -46.31
CA ALA B 853 15.56 51.80 -46.25
C ALA B 853 15.08 52.64 -45.07
N LYS B 854 13.78 52.58 -44.76
CA LYS B 854 13.30 53.32 -43.60
C LYS B 854 13.81 52.69 -42.30
N ALA B 855 13.99 51.37 -42.26
CA ALA B 855 14.64 50.73 -41.12
C ALA B 855 16.10 51.14 -41.02
N PHE B 856 16.80 51.21 -42.16
CA PHE B 856 18.19 51.61 -42.15
C PHE B 856 18.37 53.05 -41.68
N ILE B 857 17.49 53.95 -42.10
CA ILE B 857 17.59 55.32 -41.62
C ILE B 857 17.10 55.44 -40.19
N ALA B 858 16.32 54.46 -39.71
CA ALA B 858 16.09 54.38 -38.27
C ALA B 858 17.35 54.00 -37.51
N ALA B 859 18.32 53.35 -38.18
CA ALA B 859 19.62 53.06 -37.61
C ALA B 859 20.60 54.21 -37.74
N ASN B 860 20.18 55.32 -38.35
CA ASN B 860 21.02 56.51 -38.57
C ASN B 860 22.27 56.17 -39.37
N GLU B 861 22.10 55.40 -40.44
CA GLU B 861 23.14 55.20 -41.45
C GLU B 861 22.48 54.79 -42.75
N PRO B 862 22.28 55.73 -43.68
CA PRO B 862 21.51 55.45 -44.90
C PRO B 862 22.33 55.03 -46.11
N ARG B 863 23.65 54.89 -46.00
CA ARG B 863 24.43 54.41 -47.14
C ARG B 863 24.01 53.00 -47.53
N MET B 864 23.76 52.14 -46.55
CA MET B 864 23.24 50.82 -46.86
C MET B 864 21.83 50.91 -47.45
N ALA B 865 21.06 51.93 -47.05
CA ALA B 865 19.73 52.10 -47.62
C ALA B 865 19.79 52.42 -49.10
N VAL B 866 20.62 53.40 -49.48
CA VAL B 866 20.74 53.72 -50.90
C VAL B 866 21.40 52.56 -51.65
N ASN B 867 22.31 51.82 -51.00
CA ASN B 867 22.88 50.64 -51.63
C ASN B 867 21.82 49.60 -51.95
N GLY B 868 20.95 49.31 -50.98
CA GLY B 868 19.91 48.33 -51.21
C GLY B 868 18.91 48.78 -52.25
N CYS B 869 18.59 50.08 -52.27
CA CYS B 869 17.72 50.61 -53.31
C CYS B 869 18.37 50.51 -54.69
N VAL B 870 19.69 50.69 -54.76
CA VAL B 870 20.41 50.55 -56.01
C VAL B 870 20.39 49.11 -56.50
N GLN B 871 20.70 48.17 -55.60
CA GLN B 871 20.84 46.77 -56.01
C GLN B 871 19.52 46.18 -56.47
N VAL B 872 18.40 46.64 -55.92
CA VAL B 872 17.09 46.24 -56.39
C VAL B 872 16.58 47.15 -57.50
N ASN B 873 17.39 48.13 -57.92
CA ASN B 873 17.01 49.11 -58.95
C ASN B 873 15.76 49.89 -58.56
N MET B 874 15.73 50.34 -57.30
CA MET B 874 14.69 51.28 -56.85
C MET B 874 15.26 52.69 -56.86
N TRP B 875 15.55 53.15 -58.08
CA TRP B 875 16.36 54.36 -58.25
C TRP B 875 15.61 55.62 -57.80
N ASN B 876 14.28 55.66 -57.95
CA ASN B 876 13.54 56.82 -57.51
C ASN B 876 13.72 57.06 -56.02
N ARG B 877 13.48 56.02 -55.21
CA ARG B 877 13.70 56.17 -53.78
C ARG B 877 15.17 56.27 -53.45
N ALA B 878 16.05 55.66 -54.26
CA ALA B 878 17.49 55.77 -54.02
C ALA B 878 17.93 57.22 -54.11
N ILE B 879 17.50 57.93 -55.15
CA ILE B 879 17.87 59.33 -55.31
C ILE B 879 17.17 60.19 -54.27
N ALA B 880 15.89 59.89 -53.97
CA ALA B 880 15.18 60.66 -52.95
C ALA B 880 15.79 60.47 -51.57
N LEU B 881 16.44 59.33 -51.33
CA LEU B 881 17.01 59.05 -50.02
C LEU B 881 18.19 59.95 -49.70
N ALA B 882 18.93 60.38 -50.72
CA ALA B 882 20.11 61.23 -50.52
C ALA B 882 19.66 62.65 -50.22
N LYS B 883 19.08 62.82 -49.03
CA LYS B 883 18.51 64.10 -48.61
C LYS B 883 19.09 64.62 -47.31
N GLU B 884 19.34 63.77 -46.33
CA GLU B 884 19.90 64.22 -45.05
C GLU B 884 21.39 64.53 -45.24
N HIS B 885 21.77 65.78 -44.97
CA HIS B 885 23.15 66.25 -45.05
C HIS B 885 23.72 66.14 -46.48
N ARG B 886 22.89 65.66 -47.42
CA ARG B 886 23.30 65.22 -48.74
C ARG B 886 24.39 64.16 -48.67
N LEU B 887 24.98 63.83 -49.81
CA LEU B 887 26.04 62.84 -49.88
C LEU B 887 27.09 63.30 -50.89
N GLU B 888 28.28 62.73 -50.79
CA GLU B 888 29.34 63.05 -51.74
C GLU B 888 28.99 62.58 -53.14
N ASP B 889 28.18 61.53 -53.26
CA ASP B 889 27.70 61.05 -54.54
C ASP B 889 26.19 60.86 -54.47
N VAL B 890 25.50 61.27 -55.53
CA VAL B 890 24.05 61.12 -55.65
C VAL B 890 23.76 60.52 -57.02
N GLY B 891 23.34 59.26 -57.04
CA GLY B 891 23.00 58.61 -58.28
C GLY B 891 24.20 58.49 -59.21
N GLN B 892 23.97 58.82 -60.48
CA GLN B 892 24.97 58.90 -61.56
C GLN B 892 25.44 57.51 -62.00
N LEU B 893 25.07 56.47 -61.24
CA LEU B 893 25.24 55.11 -61.73
C LEU B 893 24.06 54.70 -62.58
N LEU B 894 22.90 55.32 -62.33
CA LEU B 894 21.72 55.09 -63.14
C LEU B 894 21.96 55.50 -64.58
N GLU B 895 22.60 56.66 -64.79
CA GLU B 895 22.95 57.09 -66.14
C GLU B 895 23.93 56.12 -66.80
N LYS B 896 24.87 55.60 -66.02
CA LYS B 896 25.81 54.62 -66.57
C LYS B 896 25.10 53.36 -67.02
N TYR B 897 24.18 52.84 -66.20
CA TYR B 897 23.43 51.66 -66.58
C TYR B 897 22.52 51.94 -67.79
N ALA B 898 21.96 53.14 -67.86
CA ALA B 898 21.14 53.51 -69.00
C ALA B 898 21.96 53.57 -70.29
N LYS B 899 23.15 54.15 -70.21
CA LYS B 899 24.04 54.15 -71.36
C LYS B 899 24.42 52.73 -71.76
N TYR B 900 24.66 51.87 -70.78
CA TYR B 900 24.95 50.48 -71.09
C TYR B 900 23.78 49.82 -71.80
N LEU B 901 22.56 50.05 -71.33
CA LEU B 901 21.38 49.44 -71.94
C LEU B 901 21.17 49.94 -73.36
N ILE B 902 21.34 51.24 -73.58
CA ILE B 902 21.11 51.79 -74.92
C ILE B 902 22.21 51.35 -75.87
N HIS B 903 23.46 51.35 -75.42
CA HIS B 903 24.57 50.92 -76.26
C HIS B 903 24.47 49.43 -76.58
N ARG B 904 23.97 48.63 -75.64
CA ARG B 904 23.74 47.21 -75.90
C ARG B 904 22.61 46.95 -76.88
N GLU B 905 21.88 47.99 -77.29
CA GLU B 905 20.77 48.01 -78.22
C GLU B 905 19.48 47.48 -77.56
N ARG B 906 19.55 46.92 -76.37
CA ARG B 906 18.33 46.54 -75.64
C ARG B 906 17.53 47.79 -75.31
N LEU B 907 16.33 47.91 -75.88
CA LEU B 907 15.61 49.17 -75.93
C LEU B 907 14.71 49.39 -74.71
N THR B 908 13.73 48.50 -74.51
CA THR B 908 12.69 48.74 -73.52
C THR B 908 13.19 48.66 -72.09
N GLU B 909 14.32 47.96 -71.86
CA GLU B 909 14.89 47.91 -70.52
C GLU B 909 15.32 49.29 -70.05
N ALA B 910 15.88 50.09 -70.97
CA ALA B 910 16.24 51.47 -70.62
C ALA B 910 15.00 52.30 -70.31
N ILE B 911 13.91 52.07 -71.05
CA ILE B 911 12.66 52.77 -70.79
C ILE B 911 12.15 52.45 -69.38
N GLU B 912 12.16 51.17 -69.03
CA GLU B 912 11.73 50.77 -67.69
C GLU B 912 12.65 51.32 -66.62
N LEU B 913 13.96 51.33 -66.88
CA LEU B 913 14.92 51.87 -65.93
C LEU B 913 14.67 53.36 -65.68
N TYR B 914 14.40 54.12 -66.74
CA TYR B 914 14.13 55.55 -66.56
C TYR B 914 12.79 55.78 -65.89
N ARG B 915 11.79 54.97 -66.23
CA ARG B 915 10.47 55.14 -65.62
C ARG B 915 10.51 54.85 -64.13
N LYS B 916 11.25 53.81 -63.73
CA LYS B 916 11.48 53.57 -62.31
C LYS B 916 12.39 54.63 -61.70
N ALA B 917 13.26 55.26 -62.49
CA ALA B 917 14.18 56.25 -61.98
C ALA B 917 13.51 57.58 -61.64
N GLY B 918 12.23 57.75 -61.98
CA GLY B 918 11.57 59.01 -61.77
C GLY B 918 11.82 60.06 -62.83
N LYS B 919 12.40 59.67 -63.96
CA LYS B 919 12.71 60.57 -65.06
C LYS B 919 11.92 60.10 -66.28
N HIS B 920 10.69 60.58 -66.40
CA HIS B 920 9.82 60.13 -67.48
C HIS B 920 10.13 60.81 -68.81
N ASP B 921 10.87 61.91 -68.81
CA ASP B 921 11.22 62.56 -70.06
C ASP B 921 12.15 61.70 -70.90
N GLU B 922 13.15 61.07 -70.28
CA GLU B 922 14.04 60.18 -71.02
C GLU B 922 13.30 58.95 -71.53
N ALA B 923 12.38 58.42 -70.72
CA ALA B 923 11.57 57.29 -71.17
C ALA B 923 10.70 57.69 -72.35
N ALA B 924 10.15 58.90 -72.31
CA ALA B 924 9.35 59.40 -73.43
C ALA B 924 10.19 59.55 -74.68
N THR B 925 11.42 60.07 -74.53
CA THR B 925 12.32 60.18 -75.67
C THR B 925 12.65 58.82 -76.26
N LEU B 926 12.90 57.83 -75.40
CA LEU B 926 13.21 56.48 -75.88
C LEU B 926 12.02 55.87 -76.60
N LEU B 927 10.81 56.07 -76.06
CA LEU B 927 9.61 55.56 -76.74
C LEU B 927 9.39 56.28 -78.07
N ALA B 928 9.73 57.57 -78.14
CA ALA B 928 9.68 58.27 -79.42
C ALA B 928 10.65 57.66 -80.42
N GLN B 929 11.87 57.32 -79.98
CA GLN B 929 12.81 56.64 -80.85
C GLN B 929 12.26 55.31 -81.32
N LEU B 930 11.63 54.56 -80.41
CA LEU B 930 11.04 53.28 -80.79
C LEU B 930 9.93 53.47 -81.81
N GLY B 931 9.16 54.55 -81.67
CA GLY B 931 8.13 54.84 -82.65
C GLY B 931 8.71 55.21 -84.01
N LYS B 932 9.79 56.01 -84.02
CA LYS B 932 10.47 56.31 -85.27
C LYS B 932 10.94 55.05 -85.96
N ARG B 933 11.52 54.13 -85.19
CA ARG B 933 12.01 52.88 -85.79
C ARG B 933 10.87 52.00 -86.25
N ALA B 934 9.75 51.99 -85.52
CA ALA B 934 8.62 51.16 -85.91
C ALA B 934 7.84 51.74 -87.07
N ALA B 935 8.03 53.04 -87.36
CA ALA B 935 7.25 53.68 -88.42
C ALA B 935 7.52 53.07 -89.79
N LEU B 936 8.78 52.69 -90.05
CA LEU B 936 9.14 52.23 -91.39
C LEU B 936 8.47 50.90 -91.74
N ARG B 937 8.11 50.09 -90.74
CA ARG B 937 7.46 48.82 -91.00
C ARG B 937 5.95 48.95 -91.03
N ASP B 938 5.36 49.57 -90.00
CA ASP B 938 3.91 49.71 -89.93
C ASP B 938 3.59 50.92 -89.06
N ALA B 939 2.54 51.64 -89.43
CA ALA B 939 2.21 52.89 -88.75
C ALA B 939 1.56 52.65 -87.39
N LEU B 940 0.86 51.53 -87.21
CA LEU B 940 0.14 51.29 -85.97
C LEU B 940 1.10 51.17 -84.78
N LYS B 941 2.22 50.49 -84.97
CA LYS B 941 3.19 50.35 -83.89
C LYS B 941 3.78 51.70 -83.51
N ALA B 942 4.09 52.53 -84.50
CA ALA B 942 4.59 53.88 -84.21
C ALA B 942 3.55 54.68 -83.47
N LYS B 943 2.27 54.53 -83.85
CA LYS B 943 1.19 55.19 -83.14
C LYS B 943 1.15 54.77 -81.67
N LYS B 944 1.29 53.46 -81.43
CA LYS B 944 1.29 52.96 -80.06
C LYS B 944 2.44 53.54 -79.25
N PHE B 945 3.64 53.52 -79.82
CA PHE B 945 4.80 54.05 -79.09
C PHE B 945 4.67 55.54 -78.84
N TYR B 946 4.09 56.29 -79.79
CA TYR B 946 3.98 57.73 -79.61
C TYR B 946 2.94 58.10 -78.57
N VAL B 947 1.80 57.40 -78.55
CA VAL B 947 0.84 57.67 -77.48
C VAL B 947 1.42 57.26 -76.14
N LEU B 948 2.23 56.20 -76.11
CA LEU B 948 2.90 55.82 -74.87
C LEU B 948 3.84 56.91 -74.39
N SER B 949 4.62 57.49 -75.30
CA SER B 949 5.53 58.57 -74.93
C SER B 949 4.78 59.79 -74.43
N ALA B 950 3.66 60.12 -75.07
CA ALA B 950 2.85 61.24 -74.60
C ALA B 950 2.33 60.99 -73.18
N LEU B 951 1.87 59.76 -72.92
CA LEU B 951 1.41 59.41 -71.59
C LEU B 951 2.56 59.51 -70.56
N GLU B 952 3.77 59.12 -70.97
CA GLU B 952 4.90 59.26 -70.06
C GLU B 952 5.18 60.72 -69.75
N VAL B 953 5.04 61.61 -70.74
CA VAL B 953 5.24 63.03 -70.49
C VAL B 953 4.20 63.56 -69.52
N GLN B 954 2.95 63.11 -69.67
CA GLN B 954 1.92 63.48 -68.71
C GLN B 954 2.26 63.00 -67.31
N LYS B 955 2.79 61.77 -67.21
CA LYS B 955 3.23 61.26 -65.92
C LYS B 955 4.32 62.14 -65.31
N TYR B 956 5.26 62.59 -66.14
CA TYR B 956 6.31 63.49 -65.66
C TYR B 956 5.72 64.80 -65.15
N ARG B 957 4.75 65.34 -65.87
CA ARG B 957 4.13 66.61 -65.44
C ARG B 957 3.38 66.43 -64.12
N THR B 958 2.69 65.31 -63.96
CA THR B 958 2.03 65.04 -62.68
C THR B 958 3.05 64.75 -61.59
N THR B 959 4.17 64.12 -61.94
CA THR B 959 5.20 63.79 -60.97
C THR B 959 5.92 65.04 -60.47
N THR B 986 4.03 74.24 -77.36
CA THR B 986 5.08 73.26 -77.12
C THR B 986 4.70 72.32 -75.99
N LEU B 987 3.71 72.72 -75.19
CA LEU B 987 3.26 71.90 -74.08
C LEU B 987 2.66 70.59 -74.57
N ASP B 988 1.76 70.67 -75.54
CA ASP B 988 1.10 69.48 -76.09
C ASP B 988 1.86 68.88 -77.26
N ALA B 989 3.08 69.37 -77.53
CA ALA B 989 3.89 68.81 -78.60
C ALA B 989 4.20 67.33 -78.40
N ALA B 990 4.19 66.87 -77.14
CA ALA B 990 4.39 65.46 -76.87
C ALA B 990 3.34 64.59 -77.55
N TRP B 991 2.19 65.15 -77.91
CA TRP B 991 1.15 64.39 -78.58
C TRP B 991 1.27 64.41 -80.10
N ARG B 992 2.18 65.21 -80.66
CA ARG B 992 2.23 65.37 -82.12
C ARG B 992 2.39 64.02 -82.81
N GLY B 993 3.42 63.26 -82.41
CA GLY B 993 3.68 61.98 -83.04
C GLY B 993 2.51 61.02 -82.94
N ALA B 994 1.68 61.18 -81.92
CA ALA B 994 0.45 60.42 -81.86
C ALA B 994 -0.47 60.79 -83.03
N GLU B 995 -0.90 62.06 -83.04
CA GLU B 995 -2.02 62.46 -83.89
C GLU B 995 -1.71 62.24 -85.36
N ALA B 996 -0.49 62.59 -85.78
CA ALA B 996 -0.02 62.31 -87.13
C ALA B 996 -0.32 60.88 -87.53
N TYR B 997 0.25 59.92 -86.79
CA TYR B 997 0.04 58.53 -87.15
C TYR B 997 -1.41 58.13 -86.97
N HIS B 998 -2.10 58.76 -86.01
CA HIS B 998 -3.53 58.54 -85.88
C HIS B 998 -4.24 58.92 -87.17
N PHE B 999 -3.93 60.10 -87.71
CA PHE B 999 -4.48 60.49 -89.00
C PHE B 999 -4.08 59.49 -90.08
N LEU B 1000 -2.83 59.00 -90.00
CA LEU B 1000 -2.35 58.04 -90.99
C LEU B 1000 -3.23 56.80 -91.03
N LEU B 1001 -3.88 56.47 -89.91
CA LEU B 1001 -4.89 55.43 -89.95
C LEU B 1001 -6.27 55.99 -90.21
N MET B 1002 -6.61 57.10 -89.56
CA MET B 1002 -8.00 57.55 -89.48
C MET B 1002 -8.55 57.84 -90.88
N CYS B 1003 -7.81 58.64 -91.65
CA CYS B 1003 -8.16 58.89 -93.03
C CYS B 1003 -8.40 57.60 -93.79
N GLN B 1004 -7.45 56.67 -93.68
CA GLN B 1004 -7.57 55.39 -94.37
C GLN B 1004 -8.82 54.66 -93.91
N GLN B 1005 -9.13 54.73 -92.61
CA GLN B 1005 -10.34 54.09 -92.11
C GLN B 1005 -11.58 54.68 -92.77
N GLN B 1006 -11.61 56.00 -92.94
CA GLN B 1006 -12.76 56.60 -93.60
C GLN B 1006 -12.82 56.22 -95.06
N MET B 1007 -11.67 55.89 -95.66
CA MET B 1007 -11.68 55.36 -97.01
C MET B 1007 -12.19 53.93 -97.03
N ALA B 1008 -11.98 53.19 -95.94
CA ALA B 1008 -12.49 51.83 -95.85
C ALA B 1008 -14.00 51.81 -95.75
N ASP B 1009 -14.60 52.90 -95.26
CA ASP B 1009 -16.04 53.02 -95.09
C ASP B 1009 -16.71 53.71 -96.28
N ARG B 1010 -15.95 54.00 -97.33
CA ARG B 1010 -16.43 54.78 -98.48
C ARG B 1010 -16.91 56.17 -98.08
N ASN B 1011 -16.38 56.69 -96.97
CA ASN B 1011 -16.66 58.05 -96.54
C ASN B 1011 -15.45 58.91 -96.88
N PHE B 1012 -15.41 59.33 -98.15
CA PHE B 1012 -14.21 59.98 -98.68
C PHE B 1012 -14.11 61.45 -98.32
N LYS B 1013 -15.18 62.07 -97.83
CA LYS B 1013 -15.14 63.50 -97.54
C LYS B 1013 -14.36 63.79 -96.26
N ALA B 1014 -14.75 63.14 -95.16
CA ALA B 1014 -13.97 63.24 -93.93
C ALA B 1014 -12.57 62.69 -94.13
N ALA B 1015 -12.44 61.67 -94.98
CA ALA B 1015 -11.11 61.16 -95.31
C ALA B 1015 -10.27 62.24 -95.97
N LEU B 1016 -10.87 63.01 -96.87
CA LEU B 1016 -10.17 64.12 -97.51
C LEU B 1016 -9.74 65.15 -96.48
N VAL B 1017 -10.64 65.49 -95.56
CA VAL B 1017 -10.32 66.53 -94.58
C VAL B 1017 -9.19 66.05 -93.67
N LEU B 1018 -9.21 64.77 -93.28
CA LEU B 1018 -8.11 64.22 -92.49
C LEU B 1018 -6.81 64.22 -93.29
N ALA B 1019 -6.89 63.91 -94.59
CA ALA B 1019 -5.69 63.96 -95.43
C ALA B 1019 -5.11 65.36 -95.49
N MET B 1020 -5.96 66.37 -95.60
CA MET B 1020 -5.47 67.75 -95.55
C MET B 1020 -4.92 68.09 -94.18
N ARG B 1021 -5.48 67.51 -93.12
CA ARG B 1021 -4.93 67.68 -91.79
C ARG B 1021 -3.55 67.04 -91.65
N LEU B 1022 -3.26 66.05 -92.49
CA LEU B 1022 -1.96 65.37 -92.42
C LEU B 1022 -0.78 66.30 -92.71
N ILE B 1023 -1.01 67.42 -93.40
CA ILE B 1023 0.08 68.34 -93.75
C ILE B 1023 0.72 68.96 -92.52
N GLU B 1024 -0.02 69.08 -91.41
CA GLU B 1024 0.50 69.72 -90.21
C GLU B 1024 1.68 68.99 -89.61
N TYR B 1025 1.88 67.71 -89.97
CA TYR B 1025 2.95 66.92 -89.39
C TYR B 1025 3.90 66.41 -90.47
N ASP B 1026 4.31 67.30 -91.38
CA ASP B 1026 5.24 66.92 -92.44
C ASP B 1026 6.60 66.48 -91.90
N ASP B 1027 6.97 66.90 -90.69
CA ASP B 1027 8.24 66.47 -90.11
C ASP B 1027 8.22 64.99 -89.76
N LEU B 1028 7.09 64.50 -89.25
CA LEU B 1028 7.00 63.11 -88.80
C LEU B 1028 6.75 62.16 -89.97
N VAL B 1029 5.61 62.32 -90.64
CA VAL B 1029 5.28 61.46 -91.77
C VAL B 1029 5.96 62.01 -93.03
N ALA B 1030 6.28 61.11 -93.95
CA ALA B 1030 6.90 61.52 -95.20
C ALA B 1030 5.92 62.37 -96.02
N PRO B 1031 6.36 63.49 -96.58
CA PRO B 1031 5.45 64.30 -97.42
C PRO B 1031 4.91 63.54 -98.61
N VAL B 1032 5.69 62.61 -99.16
CA VAL B 1032 5.18 61.77 -100.25
C VAL B 1032 3.99 60.96 -99.79
N ASP B 1033 4.08 60.37 -98.59
CA ASP B 1033 2.97 59.59 -98.04
C ASP B 1033 1.72 60.44 -97.89
N GLY B 1034 1.85 61.59 -97.23
CA GLY B 1034 0.69 62.43 -96.96
C GLY B 1034 0.07 62.98 -98.22
N TYR B 1035 0.90 63.45 -99.16
CA TYR B 1035 0.36 64.05 -100.37
C TYR B 1035 -0.18 63.00 -101.34
N SER B 1036 0.37 61.78 -101.33
CA SER B 1036 -0.26 60.69 -102.07
C SER B 1036 -1.64 60.39 -101.51
N LEU B 1037 -1.78 60.38 -100.18
CA LEU B 1037 -3.10 60.20 -99.58
C LEU B 1037 -4.04 61.35 -99.95
N ILE B 1038 -3.51 62.58 -99.96
CA ILE B 1038 -4.32 63.75 -100.29
C ILE B 1038 -4.83 63.65 -101.72
N ALA B 1039 -3.94 63.32 -102.67
CA ALA B 1039 -4.34 63.17 -104.06
C ALA B 1039 -5.33 62.03 -104.23
N LEU B 1040 -5.12 60.92 -103.50
CA LEU B 1040 -6.05 59.80 -103.55
C LEU B 1040 -7.44 60.22 -103.12
N THR B 1041 -7.54 60.87 -101.96
CA THR B 1041 -8.83 61.29 -101.43
C THR B 1041 -9.49 62.32 -102.35
N ALA B 1042 -8.71 63.26 -102.89
CA ALA B 1042 -9.27 64.28 -103.77
C ALA B 1042 -9.76 63.67 -105.07
N TYR B 1043 -9.03 62.71 -105.63
CA TYR B 1043 -9.50 62.04 -106.83
C TYR B 1043 -10.77 61.24 -106.55
N LEU B 1044 -10.86 60.62 -105.38
CA LEU B 1044 -12.02 59.79 -105.07
C LEU B 1044 -13.30 60.60 -105.02
N VAL B 1045 -13.23 61.82 -104.47
CA VAL B 1045 -14.42 62.67 -104.39
C VAL B 1045 -14.66 63.48 -105.65
N LYS B 1046 -13.82 63.30 -106.68
CA LYS B 1046 -13.90 64.03 -107.95
C LYS B 1046 -13.66 65.54 -107.78
N ASN B 1047 -13.00 65.94 -106.70
CA ASN B 1047 -12.47 67.30 -106.59
C ASN B 1047 -11.04 67.29 -107.10
N PHE B 1048 -10.82 67.94 -108.24
CA PHE B 1048 -9.53 67.87 -108.90
C PHE B 1048 -8.62 69.05 -108.60
N GLY B 1049 -9.11 70.05 -107.87
CA GLY B 1049 -8.23 71.16 -107.50
C GLY B 1049 -7.18 70.74 -106.50
N LEU B 1050 -7.61 70.18 -105.36
CA LEU B 1050 -6.66 69.64 -104.40
C LEU B 1050 -5.88 68.48 -104.99
N CYS B 1051 -6.51 67.71 -105.89
CA CYS B 1051 -5.81 66.63 -106.57
C CYS B 1051 -4.63 67.16 -107.38
N SER B 1052 -4.83 68.25 -108.12
CA SER B 1052 -3.74 68.87 -108.86
C SER B 1052 -2.70 69.46 -107.91
N LYS B 1053 -3.15 70.10 -106.83
CA LYS B 1053 -2.22 70.71 -105.89
C LYS B 1053 -1.35 69.67 -105.20
N ALA B 1054 -1.84 68.44 -105.06
CA ALA B 1054 -1.03 67.36 -104.49
C ALA B 1054 -0.16 66.70 -105.56
N PHE B 1055 -0.71 66.53 -106.77
CA PHE B 1055 0.05 65.93 -107.86
C PHE B 1055 1.27 66.76 -108.21
N ALA B 1056 1.16 68.09 -108.12
CA ALA B 1056 2.30 68.95 -108.40
C ALA B 1056 3.44 68.67 -107.44
N ARG B 1057 3.13 68.53 -106.15
CA ARG B 1057 4.16 68.21 -105.16
C ARG B 1057 4.73 66.81 -105.38
N LEU B 1058 3.87 65.87 -105.80
CA LEU B 1058 4.35 64.52 -106.10
C LEU B 1058 5.36 64.55 -107.25
N GLU B 1059 5.03 65.29 -108.32
CA GLU B 1059 5.94 65.40 -109.44
C GLU B 1059 7.23 66.11 -109.04
N GLN B 1060 7.12 67.13 -108.19
CA GLN B 1060 8.33 67.80 -107.71
C GLN B 1060 9.24 66.84 -106.96
N ALA B 1061 8.66 66.02 -106.08
CA ALA B 1061 9.48 65.05 -105.35
C ALA B 1061 10.08 64.00 -106.29
N GLU B 1062 9.32 63.57 -107.29
CA GLU B 1062 9.83 62.59 -108.24
C GLU B 1062 10.96 63.16 -109.09
N ARG B 1063 10.88 64.44 -109.45
CA ARG B 1063 12.02 65.05 -110.13
C ARG B 1063 13.18 65.24 -109.17
N ASN B 1064 12.89 65.43 -107.88
CA ASN B 1064 13.95 65.62 -106.90
C ASN B 1064 14.76 64.36 -106.67
N ASP B 1065 14.09 63.20 -106.57
CA ASP B 1065 14.79 61.98 -106.18
C ASP B 1065 15.66 61.42 -107.31
N GLU B 1066 15.41 61.82 -108.55
CA GLU B 1066 16.31 61.43 -109.64
C GLU B 1066 17.67 62.10 -109.50
N ALA B 1067 17.69 63.36 -109.10
CA ALA B 1067 18.93 64.10 -108.94
C ALA B 1067 19.64 63.70 -107.65
N PRO B 1148 10.34 55.74 -115.57
CA PRO B 1148 10.76 55.92 -114.18
C PRO B 1148 10.01 57.04 -113.46
N ARG B 1149 8.83 57.40 -113.98
CA ARG B 1149 7.99 58.44 -113.40
C ARG B 1149 6.53 58.05 -113.57
N PRO B 1150 5.90 57.48 -112.54
CA PRO B 1150 4.47 57.16 -112.66
C PRO B 1150 3.57 58.33 -112.29
N PHE B 1151 4.10 59.28 -111.52
CA PHE B 1151 3.35 60.49 -111.21
C PHE B 1151 3.06 61.28 -112.47
N ALA B 1152 4.02 61.34 -113.40
CA ALA B 1152 3.79 62.03 -114.67
C ALA B 1152 2.67 61.37 -115.46
N ASP B 1153 2.71 60.05 -115.57
CA ASP B 1153 1.65 59.34 -116.30
C ASP B 1153 0.30 59.57 -115.65
N LEU B 1154 0.25 59.52 -114.32
CA LEU B 1154 -1.01 59.72 -113.62
C LEU B 1154 -1.55 61.13 -113.83
N ALA B 1155 -0.69 62.14 -113.69
CA ALA B 1155 -1.13 63.51 -113.88
C ALA B 1155 -1.62 63.74 -115.30
N ARG B 1156 -0.90 63.23 -116.29
CA ARG B 1156 -1.33 63.40 -117.67
C ARG B 1156 -2.67 62.74 -117.92
N HIS B 1157 -2.84 61.51 -117.43
CA HIS B 1157 -4.10 60.80 -117.66
C HIS B 1157 -5.26 61.41 -116.90
N ILE B 1158 -5.00 62.07 -115.78
CA ILE B 1158 -6.08 62.64 -114.99
C ILE B 1158 -6.43 64.06 -115.42
N PHE B 1159 -5.51 64.77 -116.07
CA PHE B 1159 -5.80 66.13 -116.51
C PHE B 1159 -5.98 66.24 -118.02
N MET B 1160 -5.86 65.13 -118.75
CA MET B 1160 -6.32 65.13 -120.14
C MET B 1160 -7.84 65.30 -120.20
N THR B 1161 -8.57 64.65 -119.30
CA THR B 1161 -10.01 64.61 -119.35
C THR B 1161 -10.69 65.55 -118.36
N HIS B 1162 -10.14 65.68 -117.16
CA HIS B 1162 -10.78 66.46 -116.09
C HIS B 1162 -9.96 67.71 -115.79
N SER B 1163 -10.63 68.86 -115.81
CA SER B 1163 -9.94 70.13 -115.62
C SER B 1163 -9.58 70.32 -114.14
N PRO B 1164 -8.51 71.05 -113.86
CA PRO B 1164 -8.11 71.29 -112.47
C PRO B 1164 -9.02 72.25 -111.74
N VAL B 1165 -10.29 71.90 -111.60
CA VAL B 1165 -11.27 72.74 -110.91
C VAL B 1165 -11.22 72.43 -109.41
N ASP B 1166 -11.23 73.47 -108.59
CA ASP B 1166 -11.20 73.35 -107.14
C ASP B 1166 -12.61 73.47 -106.61
N THR B 1167 -13.25 72.33 -106.37
CA THR B 1167 -14.60 72.29 -105.80
C THR B 1167 -14.49 71.98 -104.31
N SER B 1168 -14.18 73.01 -103.53
CA SER B 1168 -14.06 72.91 -102.08
C SER B 1168 -14.79 74.07 -101.44
N VAL B 1169 -15.90 73.79 -100.78
CA VAL B 1169 -16.67 74.83 -100.13
C VAL B 1169 -16.05 75.21 -98.78
N ASP B 1170 -16.30 76.43 -98.35
CA ASP B 1170 -15.90 76.92 -97.04
C ASP B 1170 -17.15 76.95 -96.16
N SER B 1171 -17.20 76.07 -95.17
CA SER B 1171 -18.37 75.95 -94.31
C SER B 1171 -17.98 75.93 -92.84
N VAL B 1172 -16.98 76.72 -92.48
CA VAL B 1172 -16.54 76.85 -91.10
C VAL B 1172 -16.40 78.32 -90.75
N PRO B 1173 -17.28 78.88 -89.93
CA PRO B 1173 -17.19 80.29 -89.57
C PRO B 1173 -16.34 80.52 -88.33
N CYS B 1174 -15.49 81.53 -88.41
CA CYS B 1174 -14.72 81.95 -87.25
C CYS B 1174 -15.67 82.51 -86.19
N PRO B 1175 -15.45 82.19 -84.91
CA PRO B 1175 -16.30 82.75 -83.86
C PRO B 1175 -16.23 84.27 -83.76
N THR B 1176 -15.13 84.88 -84.19
CA THR B 1176 -15.01 86.34 -84.12
C THR B 1176 -15.43 87.01 -85.43
N CYS B 1177 -14.74 86.67 -86.53
CA CYS B 1177 -15.02 87.33 -87.80
C CYS B 1177 -16.32 86.86 -88.41
N GLY B 1178 -16.57 85.55 -88.37
CA GLY B 1178 -17.74 84.98 -89.01
C GLY B 1178 -17.56 84.61 -90.46
N SER B 1179 -16.39 84.87 -91.04
CA SER B 1179 -16.12 84.47 -92.42
C SER B 1179 -15.96 82.96 -92.50
N PHE B 1180 -16.24 82.41 -93.69
CA PHE B 1180 -16.24 80.97 -93.89
C PHE B 1180 -14.83 80.50 -94.25
N ASN B 1181 -14.30 79.60 -93.45
CA ASN B 1181 -13.01 78.97 -93.70
C ASN B 1181 -13.22 77.56 -94.24
N LYS B 1182 -12.14 76.99 -94.76
CA LYS B 1182 -12.16 75.61 -95.22
C LYS B 1182 -12.22 74.66 -94.02
N GLU B 1183 -12.69 73.44 -94.29
CA GLU B 1183 -12.90 72.47 -93.20
C GLU B 1183 -11.60 72.11 -92.50
N TRP B 1184 -10.49 72.11 -93.22
CA TRP B 1184 -9.19 71.72 -92.68
C TRP B 1184 -8.38 72.92 -92.21
N ALA B 1185 -9.02 74.03 -91.87
CA ALA B 1185 -8.30 75.20 -91.42
C ALA B 1185 -7.78 74.99 -90.01
N GLN B 1186 -6.50 75.30 -89.79
CA GLN B 1186 -5.92 75.21 -88.45
C GLN B 1186 -6.08 76.49 -87.65
N ARG B 1187 -6.64 77.54 -88.26
CA ARG B 1187 -6.70 78.87 -87.66
C ARG B 1187 -7.67 79.68 -88.50
N CYS B 1188 -8.08 80.84 -87.97
CA CYS B 1188 -8.93 81.72 -88.76
C CYS B 1188 -8.15 82.27 -89.95
N ILE B 1189 -8.85 82.42 -91.08
CA ILE B 1189 -8.22 82.91 -92.29
C ILE B 1189 -7.77 84.36 -92.13
N LYS B 1190 -8.52 85.15 -91.37
CA LYS B 1190 -8.22 86.57 -91.20
C LYS B 1190 -7.96 86.95 -89.75
N CYS B 1191 -8.82 86.52 -88.82
CA CYS B 1191 -8.65 86.88 -87.42
C CYS B 1191 -7.44 86.21 -86.77
N GLN B 1192 -6.93 85.14 -87.38
CA GLN B 1192 -5.78 84.40 -86.87
C GLN B 1192 -6.04 83.85 -85.47
N GLN B 1193 -7.27 83.44 -85.22
CA GLN B 1193 -7.60 82.77 -83.96
C GLN B 1193 -7.50 81.26 -84.17
N PRO B 1194 -6.82 80.53 -83.28
CA PRO B 1194 -6.56 79.12 -83.52
C PRO B 1194 -7.84 78.29 -83.52
N PHE B 1195 -7.83 77.26 -84.35
CA PHE B 1195 -8.93 76.30 -84.44
C PHE B 1195 -8.48 74.94 -83.93
N ASN B 1196 -9.47 74.14 -83.53
CA ASN B 1196 -9.25 72.74 -83.19
C ASN B 1196 -9.99 71.87 -84.19
N THR B 1197 -9.41 70.73 -84.52
CA THR B 1197 -9.93 69.87 -85.57
C THR B 1197 -10.63 68.66 -84.98
N CYS B 1198 -11.58 68.12 -85.74
CA CYS B 1198 -12.26 66.89 -85.35
C CYS B 1198 -11.28 65.73 -85.44
N ILE B 1199 -11.27 64.88 -84.41
CA ILE B 1199 -10.34 63.76 -84.40
C ILE B 1199 -10.75 62.70 -85.42
N VAL B 1200 -12.05 62.44 -85.56
CA VAL B 1200 -12.53 61.34 -86.38
C VAL B 1200 -12.90 61.77 -87.79
N SER B 1201 -13.46 62.97 -87.96
CA SER B 1201 -13.83 63.44 -89.29
C SER B 1201 -12.83 64.44 -89.87
N GLY B 1202 -12.11 65.17 -89.03
CA GLY B 1202 -11.05 66.05 -89.48
C GLY B 1202 -11.45 67.51 -89.60
N CYS B 1203 -12.74 67.80 -89.68
CA CYS B 1203 -13.19 69.17 -89.87
C CYS B 1203 -12.88 70.02 -88.64
N ALA B 1204 -12.60 71.29 -88.89
CA ALA B 1204 -12.33 72.22 -87.80
C ALA B 1204 -13.58 72.39 -86.93
N ILE B 1205 -13.34 72.59 -85.64
CA ILE B 1205 -14.41 72.73 -84.66
C ILE B 1205 -14.49 74.19 -84.23
N VAL B 1206 -15.71 74.74 -84.25
CA VAL B 1206 -15.93 76.12 -83.83
C VAL B 1206 -16.99 76.26 -82.76
N SER B 1207 -17.89 75.30 -82.59
CA SER B 1207 -18.92 75.36 -81.56
C SER B 1207 -18.72 74.22 -80.57
N GLU B 1208 -18.79 74.56 -79.29
CA GLU B 1208 -18.57 73.58 -78.22
C GLU B 1208 -19.85 72.88 -77.78
N ASP B 1209 -20.99 73.19 -78.41
CA ASP B 1209 -22.23 72.50 -78.07
C ASP B 1209 -22.18 71.02 -78.46
N GLY B 1210 -21.42 70.68 -79.50
CA GLY B 1210 -21.29 69.31 -79.94
C GLY B 1210 -19.84 68.86 -79.98
N ALA B 1211 -19.06 69.23 -78.97
CA ALA B 1211 -17.63 68.95 -78.91
C ALA B 1211 -17.34 68.04 -77.72
N TRP B 1212 -17.31 66.73 -77.97
CA TRP B 1212 -16.84 65.79 -76.97
C TRP B 1212 -15.35 66.00 -76.75
N GLN B 1213 -14.89 65.71 -75.54
CA GLN B 1213 -13.48 65.82 -75.20
C GLN B 1213 -13.04 64.56 -74.49
N CYS B 1214 -11.76 64.21 -74.65
CA CYS B 1214 -11.15 63.13 -73.90
C CYS B 1214 -10.31 63.71 -72.77
N SER B 1215 -10.51 63.20 -71.56
CA SER B 1215 -9.79 63.74 -70.41
C SER B 1215 -8.33 63.32 -70.40
N VAL B 1216 -7.98 62.23 -71.07
CA VAL B 1216 -6.59 61.75 -71.05
C VAL B 1216 -5.72 62.56 -71.99
N CYS B 1217 -6.14 62.69 -73.24
CA CYS B 1217 -5.33 63.35 -74.27
C CYS B 1217 -5.73 64.79 -74.52
N HIS B 1218 -6.83 65.26 -73.92
CA HIS B 1218 -7.30 66.64 -74.07
C HIS B 1218 -7.55 66.99 -75.54
N ARG B 1219 -8.22 66.08 -76.26
CA ARG B 1219 -8.56 66.28 -77.65
C ARG B 1219 -10.08 66.22 -77.83
N LYS B 1220 -10.54 66.89 -78.89
CA LYS B 1220 -11.96 67.09 -79.14
C LYS B 1220 -12.45 66.19 -80.26
N ALA B 1221 -13.77 66.09 -80.37
CA ALA B 1221 -14.42 65.28 -81.40
C ALA B 1221 -15.87 65.74 -81.54
N LEU B 1222 -16.50 65.32 -82.63
CA LEU B 1222 -17.88 65.68 -82.93
C LEU B 1222 -18.82 64.55 -82.57
N GLU B 1223 -19.95 64.90 -81.95
CA GLU B 1223 -20.86 63.89 -81.40
C GLU B 1223 -21.48 63.02 -82.49
N ALA B 1224 -21.84 63.62 -83.63
CA ALA B 1224 -22.54 62.88 -84.68
C ALA B 1224 -21.69 61.77 -85.28
N VAL B 1225 -20.38 61.79 -85.05
CA VAL B 1225 -19.49 60.76 -85.59
C VAL B 1225 -18.70 60.04 -84.51
N VAL B 1226 -18.69 60.52 -83.26
CA VAL B 1226 -17.96 59.88 -82.18
C VAL B 1226 -18.85 59.01 -81.30
N ASP B 1227 -20.17 59.01 -81.55
CA ASP B 1227 -21.08 58.21 -80.73
C ASP B 1227 -20.84 56.71 -80.85
N LYS B 1228 -20.21 56.26 -81.93
CA LYS B 1228 -19.88 54.86 -82.10
C LYS B 1228 -18.55 54.48 -81.45
N TYR B 1229 -17.88 55.43 -80.80
CA TYR B 1229 -16.55 55.22 -80.23
C TYR B 1229 -16.66 55.13 -78.72
N ARG B 1230 -16.54 53.91 -78.19
CA ARG B 1230 -16.57 53.72 -76.75
C ARG B 1230 -15.35 54.29 -76.05
N ASN B 1231 -14.24 54.46 -76.78
CA ASN B 1231 -13.01 54.98 -76.22
C ASN B 1231 -12.42 55.99 -77.19
N CYS B 1232 -11.59 56.87 -76.66
CA CYS B 1232 -10.99 57.91 -77.48
C CYS B 1232 -10.10 57.29 -78.55
N PRO B 1233 -10.33 57.58 -79.83
CA PRO B 1233 -9.52 56.93 -80.87
C PRO B 1233 -8.05 57.33 -80.84
N LEU B 1234 -7.68 58.43 -80.19
CA LEU B 1234 -6.28 58.81 -80.15
C LEU B 1234 -5.50 58.00 -79.12
N CYS B 1235 -5.86 58.14 -77.84
CA CYS B 1235 -5.12 57.49 -76.76
C CYS B 1235 -5.73 56.16 -76.34
N HIS B 1236 -6.91 55.80 -76.87
CA HIS B 1236 -7.60 54.55 -76.55
C HIS B 1236 -7.85 54.42 -75.04
N THR B 1237 -8.66 55.35 -74.53
CA THR B 1237 -9.14 55.31 -73.16
C THR B 1237 -10.64 55.58 -73.18
N PRO B 1238 -11.46 54.70 -72.59
CA PRO B 1238 -12.92 54.87 -72.54
C PRO B 1238 -13.35 56.07 -71.70
N MET C 1 9.62 8.79 -69.02
CA MET C 1 9.76 7.43 -69.52
C MET C 1 10.72 7.37 -70.71
N HIS C 2 11.90 6.82 -70.47
CA HIS C 2 12.93 6.68 -71.48
C HIS C 2 12.85 5.29 -72.10
N THR C 3 12.93 5.21 -73.42
CA THR C 3 12.89 3.95 -74.15
C THR C 3 14.20 3.79 -74.92
N SER C 4 14.87 2.66 -74.73
CA SER C 4 16.13 2.42 -75.41
C SER C 4 16.17 0.99 -75.93
N VAL C 5 16.69 0.82 -77.15
CA VAL C 5 16.72 -0.49 -77.77
C VAL C 5 17.76 -1.36 -77.07
N ARG C 6 17.37 -2.59 -76.72
CA ARG C 6 18.27 -3.54 -76.10
C ARG C 6 18.89 -4.49 -77.12
N TRP C 7 18.07 -5.09 -77.97
CA TRP C 7 18.55 -5.89 -79.09
C TRP C 7 17.56 -5.75 -80.23
N SER C 8 18.04 -6.03 -81.44
CA SER C 8 17.21 -5.93 -82.63
C SER C 8 17.75 -6.84 -83.71
N GLU C 9 16.86 -7.63 -84.30
CA GLU C 9 17.22 -8.52 -85.41
C GLU C 9 16.59 -8.01 -86.70
N THR C 10 16.92 -8.69 -87.80
CA THR C 10 16.41 -8.31 -89.11
C THR C 10 16.35 -9.55 -89.99
N ALA C 11 15.18 -9.80 -90.57
CA ALA C 11 15.04 -10.92 -91.49
C ALA C 11 15.86 -10.67 -92.75
N ASP C 12 16.51 -11.72 -93.25
CA ASP C 12 17.35 -11.60 -94.43
C ASP C 12 16.51 -11.32 -95.66
N ALA C 13 17.02 -10.45 -96.53
CA ALA C 13 16.30 -10.09 -97.74
C ALA C 13 16.39 -11.22 -98.77
N VAL C 14 15.24 -11.63 -99.30
CA VAL C 14 15.15 -12.65 -100.33
C VAL C 14 14.54 -12.03 -101.57
N LYS C 15 15.27 -12.08 -102.69
CA LYS C 15 14.84 -11.49 -103.95
C LYS C 15 14.55 -10.00 -103.83
N GLY C 16 15.28 -9.31 -102.94
CA GLY C 16 15.12 -7.89 -102.74
C GLY C 16 13.97 -7.48 -101.85
N ILE C 17 13.20 -8.43 -101.32
CA ILE C 17 12.05 -8.13 -100.47
C ILE C 17 12.20 -8.90 -99.17
N ARG C 18 12.19 -8.18 -98.05
CA ARG C 18 12.23 -8.80 -96.73
C ARG C 18 10.81 -9.15 -96.31
N PRO C 19 10.50 -10.41 -96.03
CA PRO C 19 9.14 -10.77 -95.60
C PRO C 19 8.78 -10.09 -94.30
N PRO C 20 7.53 -9.67 -94.14
CA PRO C 20 7.15 -8.88 -92.96
C PRO C 20 7.09 -9.72 -91.70
N VAL C 21 7.31 -9.06 -90.56
CA VAL C 21 7.10 -9.68 -89.24
C VAL C 21 5.64 -9.41 -88.90
N ASN C 22 4.76 -10.29 -89.41
CA ASN C 22 3.33 -10.06 -89.27
C ASN C 22 2.86 -10.19 -87.83
N SER C 23 3.44 -11.14 -87.09
CA SER C 23 2.99 -11.43 -85.73
C SER C 23 4.18 -11.53 -84.79
N LEU C 24 3.89 -11.32 -83.51
CA LEU C 24 4.89 -11.40 -82.45
C LEU C 24 4.20 -11.91 -81.19
N CYS C 25 4.93 -12.71 -80.41
CA CYS C 25 4.34 -13.30 -79.20
C CYS C 25 5.37 -13.37 -78.08
N TYR C 26 4.90 -13.12 -76.86
CA TYR C 26 5.69 -13.27 -75.65
C TYR C 26 5.11 -14.39 -74.80
N SER C 27 6.01 -15.18 -74.20
CA SER C 27 5.56 -16.25 -73.32
C SER C 27 4.97 -15.66 -72.04
N PRO C 28 3.98 -16.33 -71.45
CA PRO C 28 3.48 -15.88 -70.14
C PRO C 28 4.55 -15.91 -69.06
N SER C 29 5.53 -16.81 -69.18
CA SER C 29 6.67 -16.77 -68.29
C SER C 29 7.50 -15.51 -68.51
N GLY C 30 7.48 -14.96 -69.72
CA GLY C 30 8.20 -13.75 -70.02
C GLY C 30 9.57 -13.92 -70.64
N ASP C 31 9.89 -15.12 -71.13
CA ASP C 31 11.19 -15.37 -71.73
C ASP C 31 11.13 -15.70 -73.22
N TYR C 32 10.20 -16.56 -73.62
CA TYR C 32 10.13 -16.99 -75.02
C TYR C 32 9.50 -15.90 -75.87
N VAL C 33 10.15 -15.58 -76.99
CA VAL C 33 9.64 -14.65 -77.99
C VAL C 33 9.49 -15.42 -79.30
N VAL C 34 8.31 -15.33 -79.89
CA VAL C 34 8.02 -16.05 -81.13
C VAL C 34 7.71 -15.04 -82.22
N ALA C 35 8.44 -15.12 -83.33
CA ALA C 35 8.23 -14.29 -84.49
C ALA C 35 8.06 -15.18 -85.72
N SER C 36 7.65 -14.57 -86.83
CA SER C 36 7.39 -15.32 -88.06
C SER C 36 7.96 -14.53 -89.23
N CYS C 37 9.04 -15.03 -89.81
CA CYS C 37 9.69 -14.40 -90.96
C CYS C 37 9.60 -15.35 -92.15
N GLY C 38 9.03 -14.88 -93.24
CA GLY C 38 8.87 -15.72 -94.41
C GLY C 38 7.99 -16.91 -94.11
N VAL C 39 8.50 -18.11 -94.43
CA VAL C 39 7.78 -19.35 -94.21
C VAL C 39 8.24 -19.97 -92.89
N ARG C 40 9.09 -19.26 -92.15
CA ARG C 40 9.81 -19.84 -91.02
C ARG C 40 9.42 -19.15 -89.72
N VAL C 41 9.13 -19.96 -88.70
CA VAL C 41 8.90 -19.48 -87.35
C VAL C 41 10.24 -19.39 -86.64
N LEU C 42 10.45 -18.32 -85.89
CA LEU C 42 11.72 -18.09 -85.20
C LEU C 42 11.46 -17.85 -83.71
N VAL C 43 12.38 -18.33 -82.88
CA VAL C 43 12.25 -18.26 -81.43
C VAL C 43 13.47 -17.54 -80.88
N TYR C 44 13.22 -16.58 -79.98
CA TYR C 44 14.25 -15.76 -79.36
C TYR C 44 14.02 -15.74 -77.86
N ALA C 45 15.02 -15.23 -77.14
CA ALA C 45 14.92 -15.01 -75.71
C ALA C 45 14.58 -13.56 -75.44
N ALA C 46 13.93 -13.30 -74.31
CA ALA C 46 13.53 -11.94 -73.97
C ALA C 46 14.74 -11.05 -73.70
N SER C 47 15.74 -11.58 -72.99
CA SER C 47 16.86 -10.74 -72.56
C SER C 47 17.79 -10.40 -73.73
N THR C 48 18.12 -11.39 -74.56
CA THR C 48 19.13 -11.21 -75.59
C THR C 48 18.62 -11.42 -77.00
N GLY C 49 17.60 -12.25 -77.19
CA GLY C 49 17.08 -12.50 -78.52
C GLY C 49 17.93 -13.41 -79.37
N THR C 50 18.62 -14.37 -78.75
CA THR C 50 19.39 -15.34 -79.50
C THR C 50 18.45 -16.28 -80.25
N LEU C 51 18.84 -16.63 -81.48
CA LEU C 51 18.01 -17.49 -82.33
C LEU C 51 18.06 -18.91 -81.79
N LEU C 52 17.01 -19.31 -81.05
CA LEU C 52 16.95 -20.64 -80.48
C LEU C 52 16.44 -21.65 -81.50
N HIS C 53 15.24 -21.44 -82.01
CA HIS C 53 14.62 -22.35 -82.96
C HIS C 53 14.36 -21.63 -84.29
N SER C 54 14.44 -22.39 -85.38
CA SER C 54 14.28 -21.89 -86.74
C SER C 54 13.35 -22.81 -87.52
N LEU C 55 12.18 -23.07 -86.94
CA LEU C 55 11.23 -24.04 -87.51
C LEU C 55 10.84 -23.69 -88.93
N MET C 56 10.87 -24.68 -89.82
CA MET C 56 10.49 -24.53 -91.22
C MET C 56 9.49 -25.63 -91.55
N GLY C 57 8.21 -25.38 -91.29
CA GLY C 57 7.19 -26.35 -91.59
C GLY C 57 6.05 -25.81 -92.44
N HIS C 58 5.90 -24.49 -92.45
CA HIS C 58 4.87 -23.86 -93.26
C HIS C 58 5.37 -23.67 -94.69
N GLN C 59 4.52 -24.02 -95.66
CA GLN C 59 4.92 -23.93 -97.06
C GLN C 59 4.98 -22.49 -97.53
N ASP C 60 4.17 -21.61 -96.94
CA ASP C 60 4.09 -20.22 -97.41
C ASP C 60 4.28 -19.24 -96.27
N THR C 61 4.06 -17.95 -96.54
CA THR C 61 4.31 -16.91 -95.56
C THR C 61 3.33 -17.02 -94.40
N ILE C 62 3.78 -16.61 -93.22
CA ILE C 62 3.04 -16.78 -91.98
C ILE C 62 2.36 -15.47 -91.61
N TYR C 63 1.04 -15.51 -91.39
CA TYR C 63 0.29 -14.34 -90.99
C TYR C 63 0.18 -14.24 -89.47
N CYS C 64 -0.39 -15.27 -88.84
CA CYS C 64 -0.76 -15.23 -87.44
C CYS C 64 0.07 -16.21 -86.63
N VAL C 65 0.51 -15.77 -85.46
CA VAL C 65 1.24 -16.58 -84.49
C VAL C 65 0.65 -16.29 -83.12
N ASP C 66 0.37 -17.35 -82.35
CA ASP C 66 -0.17 -17.18 -81.00
C ASP C 66 0.57 -18.07 -80.02
N TYR C 67 0.59 -17.63 -78.76
CA TYR C 67 1.27 -18.32 -77.68
C TYR C 67 0.26 -18.69 -76.61
N SER C 68 0.39 -19.90 -76.06
CA SER C 68 -0.54 -20.36 -75.03
C SER C 68 -0.16 -19.80 -73.67
N SER C 69 -1.18 -19.61 -72.82
CA SER C 69 -0.97 -19.08 -71.49
C SER C 69 -0.27 -20.07 -70.55
N ASP C 70 -0.13 -21.33 -70.95
CA ASP C 70 0.62 -22.28 -70.14
C ASP C 70 2.12 -22.08 -70.30
N GLY C 71 2.58 -21.73 -71.50
CA GLY C 71 4.00 -21.58 -71.75
C GLY C 71 4.67 -22.81 -72.34
N LYS C 72 3.92 -23.70 -72.97
CA LYS C 72 4.46 -24.94 -73.52
C LYS C 72 4.36 -25.03 -75.03
N ASN C 73 3.17 -24.82 -75.59
CA ASN C 73 2.95 -24.99 -77.02
C ASN C 73 2.41 -23.71 -77.63
N PHE C 74 3.01 -23.28 -78.72
CA PHE C 74 2.54 -22.14 -79.49
C PHE C 74 2.26 -22.56 -80.92
N ALA C 75 1.20 -22.00 -81.51
CA ALA C 75 0.76 -22.34 -82.85
C ALA C 75 1.00 -21.18 -83.80
N SER C 76 1.50 -21.49 -84.99
CA SER C 76 1.80 -20.50 -86.01
C SER C 76 0.96 -20.78 -87.24
N GLY C 77 0.35 -19.73 -87.80
CA GLY C 77 -0.50 -19.89 -88.96
C GLY C 77 0.02 -19.25 -90.23
N GLY C 78 0.41 -20.09 -91.19
CA GLY C 78 0.93 -19.62 -92.46
C GLY C 78 -0.11 -19.59 -93.56
N ALA C 79 0.24 -18.92 -94.65
CA ALA C 79 -0.66 -18.80 -95.79
C ALA C 79 -0.57 -20.00 -96.73
N ASP C 80 -0.64 -21.20 -96.16
CA ASP C 80 -0.61 -22.44 -96.92
C ASP C 80 -1.88 -23.25 -96.70
N ARG C 81 -2.99 -22.56 -96.40
CA ARG C 81 -4.31 -23.14 -96.20
C ARG C 81 -4.34 -24.17 -95.07
N THR C 82 -3.39 -24.13 -94.15
CA THR C 82 -3.27 -25.18 -93.15
C THR C 82 -2.72 -24.62 -91.85
N VAL C 83 -3.39 -24.94 -90.74
CA VAL C 83 -2.91 -24.59 -89.41
C VAL C 83 -2.09 -25.75 -88.87
N ILE C 84 -0.90 -25.43 -88.36
CA ILE C 84 -0.01 -26.40 -87.74
C ILE C 84 0.14 -26.03 -86.27
N VAL C 85 -0.02 -27.02 -85.40
CA VAL C 85 0.14 -26.83 -83.95
C VAL C 85 1.52 -27.34 -83.56
N TRP C 86 2.29 -26.50 -82.88
CA TRP C 86 3.69 -26.77 -82.62
C TRP C 86 3.94 -26.88 -81.11
N SER C 87 5.05 -27.52 -80.77
CA SER C 87 5.53 -27.62 -79.41
C SER C 87 6.73 -26.70 -79.21
N SER C 88 7.17 -26.58 -77.95
CA SER C 88 8.29 -25.70 -77.64
C SER C 88 9.56 -26.17 -78.32
N GLN C 89 9.80 -27.48 -78.32
CA GLN C 89 11.03 -28.02 -78.89
C GLN C 89 11.00 -28.01 -80.41
N GLY C 90 9.83 -28.15 -81.02
CA GLY C 90 9.74 -28.09 -82.46
C GLY C 90 8.99 -29.25 -83.10
N GLU C 91 8.24 -30.00 -82.30
CA GLU C 91 7.47 -31.12 -82.81
C GLU C 91 6.06 -30.67 -83.14
N GLY C 92 5.63 -30.89 -84.39
CA GLY C 92 4.28 -30.54 -84.78
C GLY C 92 3.27 -31.45 -84.10
N ILE C 93 2.21 -30.85 -83.56
CA ILE C 93 1.17 -31.63 -82.90
C ILE C 93 0.18 -32.17 -83.92
N VAL C 94 -0.38 -31.29 -84.74
CA VAL C 94 -1.28 -31.70 -85.81
C VAL C 94 -1.24 -30.63 -86.91
N LYS C 95 -1.43 -31.06 -88.14
CA LYS C 95 -1.33 -30.21 -89.33
C LYS C 95 -2.64 -30.35 -90.10
N TYR C 96 -3.61 -29.50 -89.78
CA TYR C 96 -4.97 -29.62 -90.33
C TYR C 96 -5.26 -28.45 -91.25
N GLN C 97 -5.76 -28.76 -92.45
CA GLN C 97 -5.93 -27.73 -93.46
C GLN C 97 -7.23 -26.96 -93.26
N HIS C 98 -7.24 -25.73 -93.76
CA HIS C 98 -8.45 -24.92 -93.89
C HIS C 98 -8.79 -24.80 -95.37
N THR C 99 -9.89 -24.10 -95.65
CA THR C 99 -10.42 -24.07 -97.01
C THR C 99 -9.51 -23.27 -97.94
N GLU C 100 -9.36 -21.98 -97.69
CA GLU C 100 -8.57 -21.12 -98.57
C GLU C 100 -7.44 -20.39 -97.85
N ALA C 101 -7.70 -19.79 -96.70
CA ALA C 101 -6.66 -19.06 -95.98
C ALA C 101 -7.02 -18.97 -94.52
N ILE C 102 -6.00 -18.74 -93.70
CA ILE C 102 -6.16 -18.58 -92.26
C ILE C 102 -5.65 -17.21 -91.86
N GLN C 103 -6.28 -16.62 -90.85
CA GLN C 103 -6.05 -15.22 -90.52
C GLN C 103 -5.57 -15.00 -89.10
N ALA C 104 -6.12 -15.71 -88.12
CA ALA C 104 -5.83 -15.41 -86.73
C ALA C 104 -5.82 -16.68 -85.90
N LEU C 105 -5.13 -16.61 -84.76
CA LEU C 105 -5.09 -17.69 -83.78
C LEU C 105 -5.23 -17.08 -82.40
N ALA C 106 -6.22 -17.54 -81.63
CA ALA C 106 -6.49 -17.00 -80.31
C ALA C 106 -6.48 -18.14 -79.29
N HIS C 107 -5.75 -17.95 -78.19
CA HIS C 107 -5.67 -18.93 -77.12
C HIS C 107 -6.40 -18.40 -75.89
N ASN C 108 -7.29 -19.21 -75.35
CA ASN C 108 -7.99 -18.84 -74.13
C ASN C 108 -7.05 -18.96 -72.94
N PRO C 109 -6.93 -17.94 -72.10
CA PRO C 109 -6.02 -18.05 -70.94
C PRO C 109 -6.45 -19.08 -69.91
N THR C 110 -7.72 -19.48 -69.90
CA THR C 110 -8.20 -20.46 -68.94
C THR C 110 -8.14 -21.88 -69.50
N SER C 111 -8.85 -22.13 -70.60
CA SER C 111 -8.89 -23.45 -71.20
C SER C 111 -7.72 -23.65 -72.15
N SER C 112 -7.38 -24.92 -72.39
CA SER C 112 -6.20 -25.24 -73.18
C SER C 112 -6.42 -25.02 -74.67
N GLN C 113 -7.61 -25.34 -75.18
CA GLN C 113 -7.85 -25.31 -76.61
C GLN C 113 -7.88 -23.88 -77.13
N LEU C 114 -7.61 -23.73 -78.44
CA LEU C 114 -7.54 -22.45 -79.11
C LEU C 114 -8.63 -22.36 -80.16
N ALA C 115 -8.77 -21.17 -80.74
CA ALA C 115 -9.71 -20.89 -81.80
C ALA C 115 -8.97 -20.26 -82.97
N SER C 116 -9.12 -20.85 -84.15
CA SER C 116 -8.50 -20.33 -85.36
C SER C 116 -9.53 -19.58 -86.17
N VAL C 117 -9.11 -18.46 -86.77
CA VAL C 117 -9.97 -17.65 -87.63
C VAL C 117 -9.40 -17.74 -89.04
N SER C 118 -10.24 -18.17 -89.99
CA SER C 118 -9.80 -18.54 -91.32
C SER C 118 -10.80 -18.01 -92.33
N SER C 119 -10.70 -18.51 -93.56
CA SER C 119 -11.53 -17.99 -94.65
C SER C 119 -12.99 -18.41 -94.49
N VAL C 120 -13.25 -19.71 -94.37
CA VAL C 120 -14.62 -20.20 -94.36
C VAL C 120 -15.35 -19.76 -93.09
N ASP C 121 -14.72 -19.96 -91.93
CA ASP C 121 -15.25 -19.54 -90.64
C ASP C 121 -14.14 -19.68 -89.61
N TRP C 122 -14.48 -19.51 -88.34
CA TRP C 122 -13.55 -19.75 -87.25
C TRP C 122 -13.71 -21.18 -86.76
N GLY C 123 -12.63 -21.95 -86.84
CA GLY C 123 -12.64 -23.31 -86.37
C GLY C 123 -12.23 -23.42 -84.91
N ILE C 124 -12.82 -24.41 -84.23
CA ILE C 124 -12.52 -24.66 -82.83
C ILE C 124 -11.82 -26.01 -82.73
N TRP C 125 -10.48 -25.98 -82.70
CA TRP C 125 -9.70 -27.19 -82.56
C TRP C 125 -9.35 -27.41 -81.09
N SER C 126 -9.65 -28.61 -80.61
CA SER C 126 -9.38 -28.99 -79.23
C SER C 126 -8.53 -30.24 -79.19
N PRO C 127 -7.64 -30.36 -78.19
CA PRO C 127 -6.80 -31.57 -78.11
C PRO C 127 -7.59 -32.85 -77.95
N GLU C 128 -8.71 -32.81 -77.23
CA GLU C 128 -9.51 -34.01 -77.03
C GLU C 128 -10.35 -34.36 -78.24
N GLN C 129 -10.80 -33.37 -79.00
CA GLN C 129 -11.71 -33.59 -80.13
C GLN C 129 -11.10 -33.05 -81.41
N PRO C 130 -10.59 -33.91 -82.30
CA PRO C 130 -10.10 -33.43 -83.60
C PRO C 130 -11.21 -32.94 -84.53
N LYS C 131 -12.46 -33.32 -84.27
CA LYS C 131 -13.56 -32.91 -85.15
C LYS C 131 -13.89 -31.44 -84.91
N VAL C 132 -13.92 -30.67 -85.99
CA VAL C 132 -14.22 -29.24 -85.95
C VAL C 132 -15.41 -28.97 -86.85
N SER C 133 -16.44 -28.32 -86.31
CA SER C 133 -17.62 -27.98 -87.10
C SER C 133 -17.30 -26.88 -88.09
N LYS C 134 -17.90 -26.96 -89.27
CA LYS C 134 -17.69 -26.01 -90.35
C LYS C 134 -19.00 -25.33 -90.70
N TYR C 135 -18.97 -24.00 -90.78
CA TYR C 135 -20.14 -23.21 -91.16
C TYR C 135 -19.69 -22.06 -92.04
N SER C 136 -20.66 -21.39 -92.65
CA SER C 136 -20.37 -20.31 -93.59
C SER C 136 -20.28 -18.96 -92.89
N LEU C 137 -19.47 -18.09 -93.44
CA LEU C 137 -19.33 -16.70 -93.03
C LEU C 137 -19.48 -15.81 -94.26
N PRO C 138 -19.89 -14.55 -94.07
CA PRO C 138 -19.98 -13.65 -95.22
C PRO C 138 -18.67 -13.46 -95.97
N SER C 139 -17.55 -13.41 -95.26
CA SER C 139 -16.23 -13.30 -95.88
C SER C 139 -15.19 -13.71 -94.84
N LYS C 140 -13.92 -13.46 -95.16
CA LYS C 140 -12.82 -13.87 -94.29
C LYS C 140 -12.62 -12.87 -93.16
N GLY C 141 -12.43 -13.40 -91.95
CA GLY C 141 -12.21 -12.56 -90.79
C GLY C 141 -10.82 -11.96 -90.78
N LEU C 142 -10.58 -11.08 -89.80
CA LEU C 142 -9.29 -10.43 -89.65
C LEU C 142 -8.60 -10.82 -88.34
N CYS C 143 -9.25 -10.62 -87.20
CA CYS C 143 -8.59 -10.85 -85.91
C CYS C 143 -9.54 -11.54 -84.95
N ALA C 144 -9.04 -11.88 -83.77
CA ALA C 144 -9.86 -12.50 -82.74
C ALA C 144 -9.33 -12.12 -81.37
N ALA C 145 -10.19 -12.22 -80.37
CA ALA C 145 -9.80 -11.91 -79.00
C ALA C 145 -10.69 -12.67 -78.02
N TRP C 146 -10.08 -13.42 -77.12
CA TRP C 146 -10.82 -14.11 -76.06
C TRP C 146 -10.83 -13.26 -74.79
N THR C 147 -11.85 -13.47 -73.98
CA THR C 147 -11.92 -12.81 -72.68
C THR C 147 -10.91 -13.43 -71.73
N PRO C 148 -10.35 -12.63 -70.81
CA PRO C 148 -9.41 -13.20 -69.82
C PRO C 148 -10.02 -14.28 -68.94
N ASN C 149 -11.33 -14.28 -68.73
CA ASN C 149 -12.00 -15.36 -68.03
C ASN C 149 -12.60 -16.40 -68.98
N GLY C 150 -12.42 -16.22 -70.29
CA GLY C 150 -12.96 -17.16 -71.26
C GLY C 150 -14.44 -17.07 -71.50
N LYS C 151 -15.06 -15.92 -71.20
CA LYS C 151 -16.50 -15.79 -71.37
C LYS C 151 -16.88 -15.74 -72.85
N THR C 152 -16.39 -14.75 -73.57
CA THR C 152 -16.82 -14.51 -74.94
C THR C 152 -15.62 -14.34 -75.86
N LEU C 153 -15.83 -14.66 -77.14
CA LEU C 153 -14.84 -14.48 -78.19
C LEU C 153 -15.33 -13.41 -79.16
N ALA C 154 -14.49 -12.44 -79.44
CA ALA C 154 -14.80 -11.36 -80.38
C ALA C 154 -14.01 -11.57 -81.66
N ILE C 155 -14.68 -11.44 -82.79
CA ILE C 155 -14.08 -11.61 -84.11
C ILE C 155 -14.02 -10.25 -84.79
N GLY C 156 -12.82 -9.82 -85.14
CA GLY C 156 -12.63 -8.56 -85.83
C GLY C 156 -12.67 -8.76 -87.33
N MET C 157 -13.51 -7.96 -88.00
CA MET C 157 -13.84 -8.13 -89.40
C MET C 157 -13.62 -6.83 -90.15
N LEU C 158 -13.30 -6.95 -91.44
CA LEU C 158 -13.05 -5.77 -92.27
C LEU C 158 -14.29 -4.90 -92.40
N ASP C 159 -15.46 -5.52 -92.62
CA ASP C 159 -16.68 -4.74 -92.75
C ASP C 159 -17.16 -4.18 -91.41
N GLY C 160 -16.52 -4.56 -90.30
CA GLY C 160 -16.83 -4.03 -89.00
C GLY C 160 -17.64 -4.93 -88.10
N THR C 161 -18.15 -6.05 -88.63
CA THR C 161 -19.00 -6.94 -87.85
C THR C 161 -18.17 -7.63 -86.77
N VAL C 162 -18.32 -7.17 -85.54
CA VAL C 162 -17.72 -7.81 -84.38
C VAL C 162 -18.82 -8.57 -83.65
N MET C 163 -18.71 -9.88 -83.60
CA MET C 163 -19.76 -10.75 -83.09
C MET C 163 -19.30 -11.45 -81.82
N MET C 164 -20.18 -11.47 -80.81
CA MET C 164 -19.89 -12.15 -79.55
C MET C 164 -20.31 -13.62 -79.66
N LEU C 165 -19.57 -14.35 -80.50
CA LEU C 165 -19.82 -15.76 -80.73
C LEU C 165 -19.10 -16.56 -79.66
N SER C 166 -19.79 -16.83 -78.56
CA SER C 166 -19.26 -17.59 -77.45
C SER C 166 -19.94 -18.94 -77.36
N LYS C 167 -19.17 -19.97 -77.00
CA LYS C 167 -19.75 -21.30 -76.85
C LYS C 167 -20.66 -21.41 -75.64
N THR C 168 -20.40 -20.62 -74.60
CA THR C 168 -21.22 -20.68 -73.40
C THR C 168 -22.60 -20.07 -73.63
N SER C 169 -22.66 -18.91 -74.27
CA SER C 169 -23.91 -18.21 -74.55
C SER C 169 -24.03 -17.99 -76.04
N GLU C 170 -25.11 -18.50 -76.62
CA GLU C 170 -25.34 -18.36 -78.06
C GLU C 170 -25.80 -16.96 -78.44
N GLU C 171 -26.12 -16.11 -77.47
CA GLU C 171 -26.52 -14.74 -77.77
C GLU C 171 -25.34 -13.95 -78.34
N LYS C 172 -25.65 -13.09 -79.31
CA LYS C 172 -24.64 -12.31 -80.01
C LYS C 172 -24.95 -10.83 -79.88
N VAL C 173 -23.92 -10.04 -79.60
CA VAL C 173 -24.03 -8.57 -79.58
C VAL C 173 -23.19 -8.05 -80.74
N ILE C 174 -23.85 -7.39 -81.69
CA ILE C 174 -23.23 -7.03 -82.96
C ILE C 174 -22.70 -5.61 -82.88
N ILE C 175 -21.42 -5.44 -83.19
CA ILE C 175 -20.78 -4.13 -83.30
C ILE C 175 -20.62 -3.79 -84.77
N ARG C 176 -20.95 -2.56 -85.13
CA ARG C 176 -20.83 -2.09 -86.51
C ARG C 176 -19.75 -1.03 -86.59
N ARG C 177 -18.76 -1.26 -87.45
CA ARG C 177 -17.68 -0.32 -87.67
C ARG C 177 -17.56 -0.04 -89.17
N PRO C 178 -17.63 1.23 -89.60
CA PRO C 178 -17.40 1.53 -91.01
C PRO C 178 -16.00 1.18 -91.46
N ALA C 179 -15.02 1.29 -90.58
CA ALA C 179 -13.61 1.02 -90.83
C ALA C 179 -13.30 -0.45 -90.66
N PRO C 180 -12.18 -0.92 -91.22
CA PRO C 180 -11.73 -2.28 -90.92
C PRO C 180 -11.38 -2.45 -89.45
N VAL C 181 -11.66 -3.62 -88.92
CA VAL C 181 -11.30 -3.99 -87.55
C VAL C 181 -10.07 -4.89 -87.65
N TRP C 182 -8.89 -4.28 -87.50
CA TRP C 182 -7.64 -5.01 -87.67
C TRP C 182 -7.05 -5.48 -86.35
N ALA C 183 -7.42 -4.87 -85.24
CA ALA C 183 -6.83 -5.24 -83.94
C ALA C 183 -7.84 -4.90 -82.85
N LEU C 184 -8.31 -5.92 -82.14
CA LEU C 184 -9.23 -5.76 -81.03
C LEU C 184 -8.79 -6.67 -79.89
N ALA C 185 -8.92 -6.18 -78.65
CA ALA C 185 -8.46 -6.91 -77.49
C ALA C 185 -9.40 -6.70 -76.31
N PHE C 186 -9.39 -7.65 -75.38
CA PHE C 186 -10.18 -7.58 -74.16
C PHE C 186 -9.30 -7.18 -73.00
N THR C 187 -9.76 -6.22 -72.22
CA THR C 187 -8.96 -5.70 -71.12
C THR C 187 -8.77 -6.75 -70.03
N PRO C 188 -7.58 -6.87 -69.46
CA PRO C 188 -7.37 -7.81 -68.37
C PRO C 188 -7.72 -7.22 -67.01
N LEU C 189 -7.83 -5.89 -66.96
CA LEU C 189 -8.16 -5.18 -65.72
C LEU C 189 -9.60 -4.67 -65.85
N ARG C 190 -10.52 -5.37 -65.19
CA ARG C 190 -11.94 -5.01 -65.22
C ARG C 190 -12.26 -4.19 -63.98
N GLU C 191 -12.90 -3.04 -64.19
CA GLU C 191 -13.36 -2.18 -63.11
C GLU C 191 -14.87 -2.32 -62.97
N ASN C 192 -15.32 -2.57 -61.74
CA ASN C 192 -16.74 -2.79 -61.42
C ASN C 192 -17.32 -3.96 -62.19
N GLY C 193 -16.48 -4.95 -62.52
CA GLY C 193 -16.93 -6.13 -63.23
C GLY C 193 -17.50 -5.88 -64.60
N ILE C 194 -16.85 -5.02 -65.38
CA ILE C 194 -17.32 -4.65 -66.71
C ILE C 194 -16.36 -5.25 -67.74
N ASP C 195 -16.92 -5.92 -68.74
CA ASP C 195 -16.15 -6.50 -69.82
C ASP C 195 -16.05 -5.47 -70.94
N VAL C 196 -14.84 -4.99 -71.22
CA VAL C 196 -14.59 -3.94 -72.19
C VAL C 196 -13.69 -4.49 -73.28
N LEU C 197 -13.97 -4.10 -74.53
CA LEU C 197 -13.22 -4.50 -75.70
C LEU C 197 -12.72 -3.24 -76.40
N ALA C 198 -11.42 -3.17 -76.62
CA ALA C 198 -10.80 -2.05 -77.34
C ALA C 198 -10.64 -2.46 -78.79
N ILE C 199 -11.17 -1.65 -79.70
CA ILE C 199 -11.15 -1.90 -81.13
C ILE C 199 -10.43 -0.76 -81.82
N GLY C 200 -9.36 -1.08 -82.54
CA GLY C 200 -8.62 -0.11 -83.33
C GLY C 200 -9.14 0.05 -84.75
N SER C 201 -10.26 0.73 -84.91
CA SER C 201 -10.88 0.85 -86.22
C SER C 201 -10.02 1.70 -87.16
N TRP C 202 -9.83 1.20 -88.38
CA TRP C 202 -8.92 1.79 -89.36
C TRP C 202 -9.56 2.97 -90.08
N ASP C 203 -10.15 3.87 -89.30
CA ASP C 203 -10.48 5.22 -89.71
C ASP C 203 -9.80 6.18 -88.75
N GLN C 204 -8.61 5.78 -88.31
CA GLN C 204 -7.81 6.44 -87.29
C GLN C 204 -8.51 6.53 -85.95
N ARG C 205 -9.41 5.59 -85.64
CA ARG C 205 -10.24 5.71 -84.44
C ARG C 205 -10.02 4.52 -83.53
N LEU C 206 -10.05 4.78 -82.22
CA LEU C 206 -10.00 3.74 -81.20
C LEU C 206 -11.28 3.81 -80.39
N SER C 207 -11.98 2.69 -80.28
CA SER C 207 -13.27 2.65 -79.63
C SER C 207 -13.27 1.62 -78.51
N PHE C 208 -14.09 1.87 -77.49
CA PHE C 208 -14.30 0.93 -76.39
C PHE C 208 -15.76 0.49 -76.43
N TYR C 209 -15.98 -0.83 -76.48
CA TYR C 209 -17.32 -1.39 -76.52
C TYR C 209 -17.46 -2.42 -75.41
N ASN C 210 -18.53 -2.31 -74.63
CA ASN C 210 -18.76 -3.29 -73.58
C ASN C 210 -19.48 -4.51 -74.16
N LEU C 211 -19.75 -5.49 -73.29
CA LEU C 211 -20.45 -6.68 -73.72
C LEU C 211 -21.90 -6.41 -74.11
N SER C 212 -22.43 -5.24 -73.78
CA SER C 212 -23.75 -4.83 -74.21
C SER C 212 -23.73 -4.06 -75.53
N GLY C 213 -22.57 -3.92 -76.15
CA GLY C 213 -22.48 -3.20 -77.41
C GLY C 213 -22.60 -1.71 -77.30
N THR C 214 -22.29 -1.14 -76.14
CA THR C 214 -22.38 0.29 -75.90
C THR C 214 -20.99 0.91 -75.94
N ALA C 215 -20.88 2.08 -76.56
CA ALA C 215 -19.61 2.78 -76.66
C ALA C 215 -19.20 3.29 -75.30
N VAL C 216 -18.22 2.65 -74.68
CA VAL C 216 -17.72 3.06 -73.37
C VAL C 216 -16.89 4.32 -73.53
N GLY C 217 -17.23 5.35 -72.75
CA GLY C 217 -16.55 6.63 -72.87
C GLY C 217 -16.85 7.32 -74.19
N ARG C 218 -15.80 7.64 -74.94
CA ARG C 218 -15.93 8.27 -76.24
C ARG C 218 -15.01 7.56 -77.24
N GLU C 219 -15.16 7.93 -78.51
CA GLU C 219 -14.32 7.40 -79.58
C GLU C 219 -13.13 8.32 -79.75
N ARG C 220 -11.92 7.77 -79.61
CA ARG C 220 -10.70 8.56 -79.60
C ARG C 220 -10.03 8.52 -80.96
N GLU C 221 -9.71 9.69 -81.50
CA GLU C 221 -9.03 9.79 -82.78
C GLU C 221 -7.54 9.56 -82.61
N LEU C 222 -6.90 9.07 -83.68
CA LEU C 222 -5.49 8.73 -83.66
C LEU C 222 -4.80 9.36 -84.87
N ASP C 223 -3.49 9.55 -84.74
CA ASP C 223 -2.67 10.06 -85.84
C ASP C 223 -2.15 8.94 -86.73
N PHE C 224 -2.80 7.79 -86.71
CA PHE C 224 -2.41 6.66 -87.56
C PHE C 224 -3.58 5.69 -87.64
N ASP C 225 -3.35 4.57 -88.32
CA ASP C 225 -4.32 3.49 -88.38
C ASP C 225 -3.79 2.30 -87.60
N PRO C 226 -4.34 2.00 -86.42
CA PRO C 226 -3.73 0.96 -85.57
C PRO C 226 -3.99 -0.43 -86.11
N CYS C 227 -2.94 -1.25 -86.09
CA CYS C 227 -3.01 -2.63 -86.56
C CYS C 227 -2.55 -3.63 -85.51
N SER C 228 -2.32 -3.18 -84.26
CA SER C 228 -1.86 -4.08 -83.20
C SER C 228 -2.25 -3.46 -81.86
N VAL C 229 -3.23 -4.06 -81.18
CA VAL C 229 -3.67 -3.60 -79.87
C VAL C 229 -2.97 -4.45 -78.80
N SER C 230 -2.65 -3.82 -77.68
CA SER C 230 -2.06 -4.51 -76.54
C SER C 230 -2.26 -3.64 -75.31
N TYR C 231 -2.03 -4.23 -74.14
CA TYR C 231 -2.14 -3.54 -72.87
C TYR C 231 -0.79 -3.51 -72.17
N PHE C 232 -0.56 -2.46 -71.41
CA PHE C 232 0.69 -2.25 -70.71
C PHE C 232 0.45 -2.24 -69.20
N ASN C 233 1.31 -2.94 -68.47
CA ASN C 233 1.22 -3.06 -67.00
C ASN C 233 -0.15 -3.57 -66.57
N ASP C 234 -0.66 -4.58 -67.29
CA ASP C 234 -1.89 -5.29 -66.95
C ASP C 234 -3.08 -4.34 -66.87
N GLY C 235 -3.35 -3.67 -67.99
CA GLY C 235 -4.48 -2.78 -68.09
C GLY C 235 -4.23 -1.35 -67.67
N GLU C 236 -3.02 -1.02 -67.19
CA GLU C 236 -2.74 0.35 -66.81
C GLU C 236 -2.71 1.28 -68.02
N TYR C 237 -1.99 0.88 -69.05
CA TYR C 237 -1.96 1.62 -70.31
C TYR C 237 -2.46 0.74 -71.44
N ILE C 238 -2.39 1.26 -72.66
CA ILE C 238 -2.68 0.48 -73.86
C ILE C 238 -1.63 0.82 -74.91
N LEU C 239 -1.06 -0.21 -75.53
CA LEU C 239 -0.01 -0.07 -76.53
C LEU C 239 -0.63 -0.14 -77.92
N LEU C 240 -0.25 0.80 -78.79
CA LEU C 240 -0.76 0.81 -80.15
C LEU C 240 0.39 1.02 -81.14
N SER C 241 0.23 0.43 -82.32
CA SER C 241 1.18 0.55 -83.41
C SER C 241 0.42 0.54 -84.72
N GLY C 242 0.98 1.21 -85.72
CA GLY C 242 0.32 1.29 -87.01
C GLY C 242 1.12 1.96 -88.09
N SER C 243 0.41 2.66 -89.00
CA SER C 243 1.04 3.28 -90.15
C SER C 243 1.92 4.47 -89.78
N ASP C 244 1.88 4.94 -88.53
CA ASP C 244 2.75 6.01 -88.07
C ASP C 244 4.21 5.59 -88.02
N HIS C 245 4.50 4.29 -88.15
CA HIS C 245 5.85 3.75 -88.00
C HIS C 245 6.39 4.05 -86.60
N LYS C 246 5.51 3.95 -85.61
CA LYS C 246 5.83 4.36 -84.25
C LYS C 246 4.97 3.55 -83.28
N VAL C 247 5.49 3.34 -82.08
CA VAL C 247 4.76 2.66 -81.01
C VAL C 247 4.35 3.70 -79.97
N THR C 248 3.06 3.75 -79.67
CA THR C 248 2.49 4.78 -78.82
C THR C 248 1.80 4.16 -77.61
N LEU C 249 1.87 4.85 -76.49
CA LEU C 249 1.29 4.40 -75.23
C LEU C 249 0.18 5.37 -74.83
N PHE C 250 -1.02 4.84 -74.62
CA PHE C 250 -2.18 5.64 -74.28
C PHE C 250 -2.71 5.26 -72.91
N THR C 251 -3.44 6.19 -72.29
CA THR C 251 -4.20 5.87 -71.09
C THR C 251 -5.36 4.94 -71.43
N LYS C 252 -5.95 4.36 -70.39
CA LYS C 252 -7.15 3.56 -70.57
C LYS C 252 -8.32 4.40 -71.08
N ASP C 253 -8.31 5.71 -70.81
CA ASP C 253 -9.31 6.60 -71.40
C ASP C 253 -9.15 6.69 -72.91
N GLY C 254 -7.91 6.73 -73.39
CA GLY C 254 -7.63 6.87 -74.81
C GLY C 254 -6.75 8.06 -75.16
N ASN C 255 -6.35 8.88 -74.19
CA ASN C 255 -5.50 10.03 -74.47
C ASN C 255 -4.07 9.58 -74.76
N ARG C 256 -3.41 10.32 -75.64
CA ARG C 256 -2.02 10.03 -75.97
C ARG C 256 -1.11 10.51 -74.84
N LEU C 257 -0.10 9.69 -74.52
CA LEU C 257 0.87 10.03 -73.48
C LEU C 257 2.26 10.23 -74.06
N ILE C 258 2.82 9.21 -74.70
CA ILE C 258 4.21 9.21 -75.12
C ILE C 258 4.37 8.19 -76.24
N GLU C 259 5.11 8.56 -77.27
CA GLU C 259 5.56 7.62 -78.29
C GLU C 259 6.86 6.99 -77.81
N LEU C 260 6.97 5.67 -77.94
CA LEU C 260 8.09 4.96 -77.35
C LEU C 260 9.29 4.85 -78.30
N ALA C 261 9.05 4.44 -79.53
CA ALA C 261 10.11 4.30 -80.51
C ALA C 261 9.51 4.36 -81.92
N SER C 262 10.36 4.66 -82.89
CA SER C 262 9.95 4.83 -84.27
C SER C 262 10.70 3.84 -85.16
N ALA C 263 9.95 3.11 -85.98
CA ALA C 263 10.52 2.21 -86.96
C ALA C 263 10.47 2.84 -88.35
N ASP C 264 10.94 2.09 -89.35
CA ASP C 264 10.93 2.60 -90.71
C ASP C 264 9.58 2.39 -91.39
N ASP C 265 9.17 1.13 -91.55
CA ASP C 265 7.92 0.82 -92.20
C ASP C 265 6.82 0.65 -91.15
N TRP C 266 5.67 0.11 -91.57
CA TRP C 266 4.58 -0.15 -90.64
C TRP C 266 5.01 -1.10 -89.54
N ILE C 267 4.66 -0.78 -88.30
CA ILE C 267 4.91 -1.67 -87.17
C ILE C 267 3.71 -2.59 -87.07
N TRP C 268 3.87 -3.84 -87.51
CA TRP C 268 2.75 -4.76 -87.60
C TRP C 268 2.30 -5.22 -86.22
N SER C 269 3.22 -5.45 -85.30
CA SER C 269 2.83 -5.94 -83.98
C SER C 269 3.76 -5.37 -82.92
N ALA C 270 3.24 -5.25 -81.69
CA ALA C 270 4.03 -4.80 -80.56
C ALA C 270 3.41 -5.34 -79.28
N ARG C 271 4.18 -6.12 -78.53
CA ARG C 271 3.70 -6.76 -77.31
C ARG C 271 4.68 -6.51 -76.18
N GLN C 272 4.13 -6.31 -74.98
CA GLN C 272 4.96 -6.10 -73.80
C GLN C 272 5.42 -7.43 -73.23
N ARG C 273 6.68 -7.48 -72.78
CA ARG C 273 7.14 -8.61 -71.98
C ARG C 273 6.36 -8.63 -70.67
N PRO C 274 5.75 -9.74 -70.30
CA PRO C 274 4.92 -9.77 -69.09
C PRO C 274 5.75 -9.50 -67.84
N ARG C 275 5.21 -8.63 -66.97
CA ARG C 275 5.81 -8.33 -65.67
C ARG C 275 7.23 -7.80 -65.80
N GLN C 276 7.47 -6.96 -66.80
CA GLN C 276 8.78 -6.35 -66.98
C GLN C 276 8.64 -5.11 -67.84
N LYS C 277 9.46 -4.09 -67.53
CA LYS C 277 9.47 -2.84 -68.27
C LYS C 277 10.26 -3.05 -69.57
N GLN C 278 9.62 -3.73 -70.51
CA GLN C 278 10.23 -4.03 -71.80
C GLN C 278 9.13 -4.47 -72.76
N PHE C 279 9.26 -4.05 -74.02
CA PHE C 279 8.33 -4.53 -75.04
C PHE C 279 9.12 -4.87 -76.30
N CYS C 280 8.44 -5.51 -77.25
CA CYS C 280 9.08 -5.95 -78.48
C CYS C 280 8.10 -5.79 -79.62
N TYR C 281 8.59 -5.28 -80.75
CA TYR C 281 7.73 -4.99 -81.89
C TYR C 281 8.34 -5.55 -83.17
N GLY C 282 7.46 -6.05 -84.04
CA GLY C 282 7.82 -6.52 -85.35
C GLY C 282 7.19 -5.64 -86.42
N THR C 283 8.02 -5.16 -87.34
CA THR C 283 7.65 -4.20 -88.34
C THR C 283 7.29 -4.87 -89.66
N ASN C 284 7.12 -4.07 -90.71
CA ASN C 284 6.78 -4.58 -92.03
C ASN C 284 8.00 -4.93 -92.87
N ASP C 285 9.16 -4.33 -92.59
CA ASP C 285 10.37 -4.58 -93.36
C ASP C 285 11.17 -5.75 -92.81
N GLY C 286 10.53 -6.70 -92.14
CA GLY C 286 11.23 -7.84 -91.59
C GLY C 286 12.20 -7.52 -90.48
N THR C 287 11.82 -6.65 -89.55
CA THR C 287 12.68 -6.26 -88.44
C THR C 287 11.92 -6.42 -87.14
N ILE C 288 12.51 -7.16 -86.19
CA ILE C 288 11.95 -7.34 -84.86
C ILE C 288 12.94 -6.72 -83.87
N SER C 289 12.45 -5.82 -83.03
CA SER C 289 13.31 -5.10 -82.10
C SER C 289 12.67 -5.06 -80.72
N CYS C 290 13.54 -5.10 -79.70
CA CYS C 290 13.12 -5.10 -78.31
C CYS C 290 13.62 -3.84 -77.63
N ILE C 291 12.72 -3.16 -76.92
CA ILE C 291 13.02 -1.89 -76.26
C ILE C 291 12.84 -2.06 -74.77
N ASP C 292 13.86 -1.72 -74.00
CA ASP C 292 13.76 -1.57 -72.57
C ASP C 292 13.22 -0.18 -72.23
N ILE C 293 12.56 -0.08 -71.09
CA ILE C 293 11.91 1.15 -70.65
C ILE C 293 12.38 1.45 -69.23
N THR C 294 12.96 2.63 -69.04
CA THR C 294 13.36 3.11 -67.73
C THR C 294 12.46 4.28 -67.36
N ILE C 295 11.73 4.14 -66.25
CA ILE C 295 10.76 5.16 -65.88
C ILE C 295 11.47 6.38 -65.36
N SER C 296 11.14 7.54 -65.93
CA SER C 296 11.66 8.83 -65.47
C SER C 296 10.58 9.54 -64.67
N THR C 297 10.96 10.08 -63.52
CA THR C 297 10.01 10.67 -62.58
C THR C 297 10.23 12.17 -62.49
N VAL C 298 9.14 12.93 -62.59
CA VAL C 298 9.15 14.35 -62.28
C VAL C 298 8.63 14.52 -60.86
N HIS C 299 9.19 15.48 -60.14
CA HIS C 299 8.83 15.63 -58.74
C HIS C 299 9.10 17.05 -58.28
N THR C 300 8.36 17.47 -57.26
CA THR C 300 8.55 18.74 -56.60
C THR C 300 8.52 18.53 -55.10
N ILE C 301 9.17 19.42 -54.36
CA ILE C 301 9.12 19.36 -52.90
C ILE C 301 9.24 20.78 -52.35
N TYR C 302 8.28 21.16 -51.53
CA TYR C 302 8.34 22.42 -50.78
C TYR C 302 8.11 22.09 -49.31
N ASP C 303 9.05 22.50 -48.46
CA ASP C 303 9.08 22.11 -47.05
C ASP C 303 8.98 20.60 -46.90
N ASP C 304 7.79 20.11 -46.52
CA ASP C 304 7.56 18.68 -46.43
C ASP C 304 6.63 18.14 -47.51
N GLN C 305 5.87 19.01 -48.17
CA GLN C 305 5.05 18.57 -49.29
C GLN C 305 5.94 18.05 -50.41
N TYR C 306 5.57 16.90 -50.97
CA TYR C 306 6.33 16.28 -52.04
C TYR C 306 5.35 15.69 -53.04
N VAL C 307 5.42 16.15 -54.28
CA VAL C 307 4.50 15.72 -55.34
C VAL C 307 5.30 15.01 -56.41
N PHE C 308 4.73 13.95 -56.97
CA PHE C 308 5.36 13.26 -58.08
C PHE C 308 4.29 12.74 -59.02
N ARG C 309 4.74 12.23 -60.17
CA ARG C 309 3.85 11.74 -61.22
C ARG C 309 3.79 10.22 -61.14
N LYS C 310 2.58 9.68 -61.01
CA LYS C 310 2.34 8.24 -61.00
C LYS C 310 1.47 7.88 -62.19
N ASP C 311 1.84 6.80 -62.88
CA ASP C 311 1.12 6.28 -64.04
C ASP C 311 1.09 7.25 -65.21
N MET C 312 2.02 8.21 -65.22
CA MET C 312 2.19 9.21 -66.28
C MET C 312 1.00 10.16 -66.42
N THR C 313 -0.02 10.00 -65.58
CA THR C 313 -1.20 10.84 -65.65
C THR C 313 -1.69 11.37 -64.31
N ASN C 314 -1.36 10.71 -63.20
CA ASN C 314 -1.82 11.12 -61.88
C ASN C 314 -0.72 11.86 -61.15
N LEU C 315 -1.13 12.80 -60.31
CA LEU C 315 -0.20 13.50 -59.42
C LEU C 315 -0.45 13.01 -58.00
N VAL C 316 0.53 12.35 -57.41
CA VAL C 316 0.46 11.91 -56.03
C VAL C 316 1.19 12.95 -55.19
N VAL C 317 0.48 13.54 -54.23
CA VAL C 317 1.05 14.54 -53.34
C VAL C 317 1.06 13.95 -51.94
N HIS C 318 2.20 14.09 -51.26
CA HIS C 318 2.50 13.38 -50.02
C HIS C 318 3.13 14.38 -49.06
N GLN C 319 2.43 14.67 -47.97
CA GLN C 319 3.03 15.41 -46.87
C GLN C 319 3.78 14.42 -45.99
N LEU C 320 5.08 14.64 -45.85
CA LEU C 320 5.98 13.60 -45.34
C LEU C 320 5.96 13.53 -43.81
N LEU C 321 6.22 14.66 -43.14
CA LEU C 321 6.28 14.64 -41.69
C LEU C 321 4.92 14.37 -41.05
N VAL C 322 3.83 14.61 -41.78
CA VAL C 322 2.49 14.32 -41.28
C VAL C 322 1.93 13.03 -41.86
N ASP C 323 2.58 12.46 -42.87
CA ASP C 323 2.17 11.20 -43.50
C ASP C 323 0.74 11.30 -44.06
N ARG C 324 0.57 12.18 -45.04
CA ARG C 324 -0.70 12.32 -45.74
C ARG C 324 -0.45 12.20 -47.23
N LYS C 325 -1.47 11.78 -47.97
CA LYS C 325 -1.30 11.51 -49.39
C LYS C 325 -2.63 11.59 -50.11
N MET C 326 -2.64 12.21 -51.29
CA MET C 326 -3.81 12.16 -52.14
C MET C 326 -3.39 12.18 -53.60
N VAL C 327 -4.32 11.73 -54.46
CA VAL C 327 -4.07 11.49 -55.87
C VAL C 327 -4.96 12.42 -56.68
N ILE C 328 -4.36 13.12 -57.64
CA ILE C 328 -5.03 14.06 -58.54
C ILE C 328 -5.06 13.43 -59.92
N PRO C 329 -6.22 13.01 -60.43
CA PRO C 329 -6.27 12.39 -61.75
C PRO C 329 -6.34 13.40 -62.89
N CYS C 330 -5.19 13.88 -63.36
CA CYS C 330 -5.17 14.89 -64.41
C CYS C 330 -5.68 14.37 -65.75
N ASN C 331 -5.70 13.05 -65.95
CA ASN C 331 -6.25 12.36 -67.12
C ASN C 331 -5.46 12.59 -68.40
N GLU C 332 -4.41 13.42 -68.37
CA GLU C 332 -3.57 13.67 -69.53
C GLU C 332 -2.12 13.64 -69.08
N TYR C 333 -1.23 13.41 -70.05
CA TYR C 333 0.20 13.29 -69.74
C TYR C 333 0.72 14.56 -69.09
N VAL C 334 1.44 14.40 -67.99
CA VAL C 334 1.99 15.50 -67.21
C VAL C 334 3.44 15.69 -67.62
N GLN C 335 3.80 16.94 -67.92
CA GLN C 335 5.15 17.26 -68.40
C GLN C 335 6.00 17.95 -67.34
N LYS C 336 5.48 19.00 -66.72
CA LYS C 336 6.23 19.72 -65.70
C LYS C 336 5.32 20.01 -64.52
N ILE C 337 5.91 20.01 -63.33
CA ILE C 337 5.19 20.26 -62.09
C ILE C 337 5.96 21.31 -61.30
N ALA C 338 5.23 22.17 -60.60
CA ALA C 338 5.83 23.15 -59.71
C ALA C 338 4.96 23.30 -58.47
N THR C 339 5.59 23.63 -57.35
CA THR C 339 4.88 23.69 -56.07
C THR C 339 5.46 24.82 -55.23
N PHE C 340 4.58 25.63 -54.65
CA PHE C 340 5.01 26.68 -53.74
C PHE C 340 3.86 27.00 -52.80
N LEU C 341 4.12 26.89 -51.48
CA LEU C 341 3.12 27.09 -50.42
C LEU C 341 1.93 26.19 -50.73
N ASP C 342 0.70 26.69 -50.71
CA ASP C 342 -0.48 25.89 -51.01
C ASP C 342 -0.84 25.89 -52.49
N LYS C 343 0.14 26.11 -53.37
CA LYS C 343 -0.11 26.27 -54.79
C LYS C 343 0.64 25.22 -55.59
N LEU C 344 -0.03 24.66 -56.59
CA LEU C 344 0.52 23.64 -57.46
C LEU C 344 0.26 24.00 -58.91
N ALA C 345 1.25 23.80 -59.77
CA ALA C 345 1.13 24.05 -61.20
C ALA C 345 1.48 22.78 -61.97
N VAL C 346 0.61 22.38 -62.89
CA VAL C 346 0.80 21.20 -63.71
C VAL C 346 0.71 21.63 -65.17
N GLN C 347 1.82 21.46 -65.90
CA GLN C 347 1.84 21.77 -67.33
C GLN C 347 1.41 20.52 -68.08
N LEU C 348 0.23 20.58 -68.70
CA LEU C 348 -0.27 19.48 -69.50
C LEU C 348 0.15 19.68 -70.95
N GLN C 349 -0.43 18.89 -71.86
CA GLN C 349 -0.01 18.95 -73.26
C GLN C 349 -0.54 20.19 -73.96
N GLU C 350 -1.67 20.74 -73.49
CA GLU C 350 -2.24 21.93 -74.10
C GLU C 350 -2.65 23.01 -73.11
N ARG C 351 -2.60 22.76 -71.81
CA ARG C 351 -3.02 23.72 -70.80
C ARG C 351 -1.99 23.79 -69.68
N VAL C 352 -2.24 24.67 -68.73
CA VAL C 352 -1.54 24.69 -67.45
C VAL C 352 -2.61 24.81 -66.36
N ILE C 353 -2.65 23.84 -65.47
CA ILE C 353 -3.66 23.78 -64.42
C ILE C 353 -3.02 24.12 -63.09
N VAL C 354 -3.58 25.10 -62.39
CA VAL C 354 -3.10 25.52 -61.09
C VAL C 354 -4.11 25.08 -60.04
N PHE C 355 -3.69 24.14 -59.20
CA PHE C 355 -4.45 23.63 -58.07
C PHE C 355 -4.06 24.37 -56.79
N GLU C 356 -5.00 24.38 -55.85
CA GLU C 356 -4.76 24.87 -54.49
C GLU C 356 -5.21 23.81 -53.50
N PHE C 357 -4.41 23.59 -52.47
CA PHE C 357 -4.69 22.58 -51.46
C PHE C 357 -5.35 23.24 -50.25
N PHE C 358 -6.35 22.56 -49.70
CA PHE C 358 -7.10 23.10 -48.57
C PHE C 358 -7.61 21.96 -47.71
N TYR C 359 -8.07 22.30 -46.51
CA TYR C 359 -8.61 21.34 -45.56
C TYR C 359 -10.10 21.60 -45.37
N ASP C 360 -10.87 20.53 -45.21
CA ASP C 360 -12.30 20.64 -45.02
C ASP C 360 -12.62 20.73 -43.52
N ASP C 361 -13.90 20.58 -43.18
CA ASP C 361 -14.31 20.61 -41.77
C ASP C 361 -13.76 19.40 -41.01
N ASP C 362 -13.67 18.25 -41.66
CA ASP C 362 -13.17 17.03 -41.04
C ASP C 362 -11.65 16.95 -41.00
N ARG C 363 -10.96 18.06 -41.26
CA ARG C 363 -9.50 18.14 -41.22
C ARG C 363 -8.84 17.16 -42.19
N THR C 364 -9.49 16.90 -43.32
CA THR C 364 -8.94 16.09 -44.40
C THR C 364 -8.53 17.02 -45.53
N MET C 365 -7.27 16.95 -45.95
CA MET C 365 -6.79 17.84 -46.98
C MET C 365 -7.44 17.52 -48.32
N ARG C 366 -7.78 18.58 -49.07
CA ARG C 366 -8.43 18.46 -50.36
C ARG C 366 -7.72 19.37 -51.35
N TYR C 367 -7.90 19.07 -52.64
CA TYR C 367 -7.36 19.87 -53.72
C TYR C 367 -8.49 20.44 -54.55
N GLN C 368 -8.35 21.70 -54.94
CA GLN C 368 -9.29 22.34 -55.84
C GLN C 368 -8.51 23.01 -56.96
N ASP C 369 -8.96 22.84 -58.20
CA ASP C 369 -8.34 23.48 -59.35
C ASP C 369 -8.83 24.92 -59.42
N ILE C 370 -7.93 25.88 -59.18
CA ILE C 370 -8.33 27.27 -59.11
C ILE C 370 -8.01 28.06 -60.38
N ALA C 371 -7.11 27.56 -61.23
CA ALA C 371 -6.79 28.29 -62.45
C ALA C 371 -6.55 27.33 -63.61
N GLN C 372 -6.94 27.77 -64.80
CA GLN C 372 -6.60 27.09 -66.04
C GLN C 372 -6.07 28.12 -67.03
N ILE C 373 -4.98 27.77 -67.70
CA ILE C 373 -4.34 28.64 -68.67
C ILE C 373 -4.27 27.84 -69.96
N ARG C 374 -5.19 28.12 -70.89
CA ARG C 374 -5.30 27.34 -72.12
C ARG C 374 -4.32 27.83 -73.18
N ARG C 375 -3.04 27.94 -72.81
CA ARG C 375 -2.00 28.36 -73.72
C ARG C 375 -0.97 27.24 -73.82
N ARG C 376 -0.71 26.78 -75.02
CA ARG C 376 0.37 25.80 -75.24
C ARG C 376 1.69 26.49 -74.96
N LEU C 377 2.28 26.19 -73.82
CA LEU C 377 3.51 26.84 -73.37
C LEU C 377 4.70 25.92 -73.59
N GLU C 378 5.79 26.50 -74.11
CA GLU C 378 7.05 25.79 -74.25
C GLU C 378 8.06 26.46 -73.33
N CYS C 379 8.63 25.67 -72.43
CA CYS C 379 9.60 26.18 -71.49
C CYS C 379 10.51 25.05 -71.04
N SER C 380 11.68 25.42 -70.54
CA SER C 380 12.57 24.47 -69.89
C SER C 380 12.39 24.46 -68.38
N LEU C 381 11.84 25.51 -67.79
CA LEU C 381 11.62 25.56 -66.34
C LEU C 381 10.27 26.18 -66.05
N LEU C 382 9.66 25.74 -64.95
CA LEU C 382 8.35 26.20 -64.53
C LEU C 382 8.37 26.42 -63.02
N CYS C 383 7.71 27.50 -62.57
CA CYS C 383 7.66 27.83 -61.16
C CYS C 383 6.31 28.47 -60.86
N VAL C 384 5.57 27.92 -59.92
CA VAL C 384 4.32 28.52 -59.50
C VAL C 384 4.60 29.43 -58.31
N THR C 385 3.70 30.39 -58.08
CA THR C 385 3.80 31.29 -56.95
C THR C 385 2.39 31.51 -56.43
N THR C 386 2.26 32.51 -55.56
CA THR C 386 1.00 32.78 -54.89
C THR C 386 -0.09 33.17 -55.88
N GLY C 387 0.22 34.02 -56.85
CA GLY C 387 -0.79 34.51 -57.77
C GLY C 387 -0.43 34.42 -59.24
N ALA C 388 0.81 34.10 -59.54
CA ALA C 388 1.27 34.07 -60.93
C ALA C 388 2.16 32.86 -61.15
N ILE C 389 2.21 32.40 -62.40
CA ILE C 389 3.12 31.34 -62.79
C ILE C 389 4.25 31.96 -63.61
N ILE C 390 5.37 31.24 -63.68
CA ILE C 390 6.54 31.69 -64.39
C ILE C 390 7.08 30.54 -65.22
N VAL C 391 7.26 30.75 -66.52
CA VAL C 391 7.90 29.77 -67.36
C VAL C 391 9.18 30.38 -67.91
N SER C 392 10.12 29.51 -68.29
CA SER C 392 11.43 29.98 -68.73
C SER C 392 11.95 29.05 -69.81
N ASN C 393 12.31 29.63 -70.96
CA ASN C 393 12.90 28.87 -72.05
C ASN C 393 14.10 29.63 -72.61
N ASP C 394 15.21 28.91 -72.78
CA ASP C 394 16.48 29.46 -73.27
C ASP C 394 16.85 30.73 -72.52
N LYS C 395 16.61 31.88 -73.15
CA LYS C 395 17.01 33.16 -72.58
C LYS C 395 15.87 33.91 -71.91
N ARG C 396 14.63 33.62 -72.28
CA ARG C 396 13.49 34.42 -71.86
C ARG C 396 12.76 33.79 -70.69
N ILE C 397 12.41 34.62 -69.71
CA ILE C 397 11.62 34.23 -68.55
C ILE C 397 10.35 35.04 -68.59
N THR C 398 9.20 34.37 -68.78
CA THR C 398 7.93 35.06 -68.90
C THR C 398 7.03 34.68 -67.73
N MET C 399 6.49 35.70 -67.07
CA MET C 399 5.62 35.55 -65.91
C MET C 399 4.20 35.92 -66.31
N TYR C 400 3.28 34.97 -66.14
CA TYR C 400 1.88 35.10 -66.52
C TYR C 400 1.00 35.09 -65.28
N ASP C 401 -0.17 35.72 -65.41
CA ASP C 401 -1.20 35.62 -64.38
C ASP C 401 -2.02 34.35 -64.57
N PHE C 402 -2.87 34.06 -63.58
CA PHE C 402 -3.61 32.80 -63.56
C PHE C 402 -4.65 32.68 -64.66
N GLN C 403 -5.12 33.81 -65.22
CA GLN C 403 -6.03 33.73 -66.35
C GLN C 403 -5.29 33.35 -67.64
N GLY C 404 -4.13 33.95 -67.86
CA GLY C 404 -3.35 33.64 -69.05
C GLY C 404 -2.70 34.86 -69.66
N ASN C 405 -3.01 36.04 -69.13
CA ASN C 405 -2.40 37.27 -69.63
C ASN C 405 -0.99 37.40 -69.09
N LYS C 406 -0.08 37.82 -69.96
CA LYS C 406 1.30 38.01 -69.55
C LYS C 406 1.39 39.15 -68.55
N ARG C 407 2.31 39.02 -67.61
CA ARG C 407 2.54 40.03 -66.61
C ARG C 407 3.90 40.67 -66.72
N ARG C 408 4.94 39.88 -66.99
CA ARG C 408 6.29 40.44 -67.10
C ARG C 408 7.15 39.49 -67.90
N GLU C 409 8.32 39.99 -68.30
CA GLU C 409 9.29 39.18 -69.02
C GLU C 409 10.69 39.72 -68.76
N TRP C 410 11.65 38.81 -68.67
CA TRP C 410 13.06 39.14 -68.49
C TRP C 410 13.87 38.44 -69.56
N SER C 411 14.87 39.13 -70.09
CA SER C 411 15.83 38.55 -71.01
C SER C 411 17.18 38.50 -70.30
N MET C 412 17.76 37.31 -70.22
CA MET C 412 18.98 37.12 -69.47
C MET C 412 20.19 37.26 -70.39
N GLU C 413 21.38 37.02 -69.83
CA GLU C 413 22.61 37.05 -70.61
C GLU C 413 22.97 35.70 -71.19
N SER C 414 22.58 34.62 -70.53
CA SER C 414 22.90 33.25 -70.90
C SER C 414 21.64 32.42 -70.79
N PRO C 415 21.59 31.26 -71.44
CA PRO C 415 20.43 30.37 -71.26
C PRO C 415 20.26 29.96 -69.81
N VAL C 416 19.00 29.84 -69.39
CA VAL C 416 18.67 29.59 -67.99
C VAL C 416 18.66 28.08 -67.75
N GLN C 417 19.43 27.64 -66.75
CA GLN C 417 19.52 26.23 -66.40
C GLN C 417 18.64 25.87 -65.21
N LEU C 418 18.59 26.72 -64.18
CA LEU C 418 17.78 26.46 -63.00
C LEU C 418 16.91 27.67 -62.71
N MET C 419 15.70 27.41 -62.21
CA MET C 419 14.81 28.47 -61.76
C MET C 419 14.00 27.93 -60.60
N LYS C 420 13.94 28.70 -59.51
CA LYS C 420 13.30 28.22 -58.29
C LYS C 420 12.80 29.42 -57.49
N VAL C 421 11.56 29.36 -57.04
CA VAL C 421 11.02 30.36 -56.14
C VAL C 421 11.56 30.09 -54.74
N VAL C 422 12.13 31.11 -54.11
CA VAL C 422 12.66 31.00 -52.76
C VAL C 422 11.82 31.78 -51.76
N GLY C 423 10.62 32.20 -52.14
CA GLY C 423 9.67 32.76 -51.19
C GLY C 423 9.83 34.25 -51.01
N GLY C 424 8.73 34.90 -50.64
CA GLY C 424 8.72 36.32 -50.39
C GLY C 424 7.31 36.79 -50.11
N MET C 425 7.17 38.11 -50.06
CA MET C 425 5.86 38.71 -49.85
C MET C 425 4.95 38.41 -51.04
N GLU C 426 3.64 38.49 -50.81
CA GLU C 426 2.69 38.14 -51.84
C GLU C 426 2.74 39.16 -52.98
N GLY C 427 2.93 38.66 -54.20
CA GLY C 427 3.09 39.51 -55.36
C GLY C 427 4.48 40.07 -55.55
N ARG C 428 5.39 39.87 -54.61
CA ARG C 428 6.77 40.33 -54.71
C ARG C 428 7.74 39.20 -54.41
N GLU C 429 7.37 37.98 -54.80
CA GLU C 429 8.13 36.80 -54.42
C GLU C 429 9.46 36.73 -55.17
N ILE C 430 10.52 36.35 -54.46
CA ILE C 430 11.83 36.22 -55.07
C ILE C 430 11.87 34.99 -55.97
N LEU C 431 12.75 35.03 -56.97
CA LEU C 431 13.14 33.87 -57.74
C LEU C 431 14.65 33.71 -57.62
N LEU C 432 15.14 32.55 -58.06
CA LEU C 432 16.57 32.29 -58.12
C LEU C 432 16.87 31.66 -59.47
N VAL C 433 17.74 32.28 -60.25
CA VAL C 433 18.04 31.83 -61.60
C VAL C 433 19.54 31.56 -61.71
N GLY C 434 19.87 30.44 -62.33
CA GLY C 434 21.24 30.10 -62.69
C GLY C 434 21.38 30.09 -64.21
N LEU C 435 22.48 30.66 -64.69
CA LEU C 435 22.72 30.81 -66.10
C LEU C 435 23.96 30.04 -66.53
N ASN C 436 24.04 29.76 -67.83
CA ASN C 436 25.19 29.05 -68.38
C ASN C 436 26.50 29.80 -68.20
N GLY C 437 26.45 31.10 -67.98
CA GLY C 437 27.64 31.88 -67.72
C GLY C 437 28.12 31.85 -66.28
N GLY C 438 27.43 31.11 -65.41
CA GLY C 438 27.78 31.09 -64.02
C GLY C 438 27.14 32.17 -63.18
N GLN C 439 26.06 32.78 -63.67
CA GLN C 439 25.38 33.86 -62.95
C GLN C 439 24.21 33.27 -62.18
N VAL C 440 24.21 33.49 -60.87
CA VAL C 440 23.08 33.18 -60.00
C VAL C 440 22.51 34.52 -59.53
N MET C 441 21.23 34.74 -59.82
CA MET C 441 20.61 36.05 -59.64
C MET C 441 19.21 35.91 -59.06
N LYS C 442 18.76 36.99 -58.42
CA LYS C 442 17.42 37.08 -57.85
C LYS C 442 16.51 37.84 -58.81
N VAL C 443 15.45 37.18 -59.24
CA VAL C 443 14.47 37.81 -60.13
C VAL C 443 13.20 38.07 -59.36
N PHE C 444 13.07 39.26 -58.78
CA PHE C 444 11.83 39.64 -58.13
C PHE C 444 10.73 39.80 -59.17
N VAL C 445 9.55 39.25 -58.86
CA VAL C 445 8.47 39.25 -59.84
C VAL C 445 7.86 40.63 -60.07
N ASP C 446 8.14 41.59 -59.19
CA ASP C 446 7.71 42.96 -59.42
C ASP C 446 8.75 43.77 -60.16
N ASN C 447 10.04 43.51 -59.93
CA ASN C 447 11.11 44.18 -60.62
C ASN C 447 11.29 43.61 -62.03
N PRO C 448 11.71 44.44 -62.98
CA PRO C 448 12.18 43.93 -64.28
C PRO C 448 13.68 43.73 -64.36
N PHE C 449 14.41 43.97 -63.29
CA PHE C 449 15.88 43.92 -63.30
C PHE C 449 16.40 42.90 -62.31
N PRO C 450 17.00 41.80 -62.76
CA PRO C 450 17.60 40.84 -61.83
C PRO C 450 18.78 41.44 -61.09
N THR C 451 18.98 40.98 -59.85
CA THR C 451 20.07 41.42 -59.00
C THR C 451 21.13 40.32 -58.94
N LEU C 452 22.38 40.69 -59.15
CA LEU C 452 23.45 39.70 -59.21
C LEU C 452 23.83 39.23 -57.81
N LEU C 453 23.85 37.91 -57.64
CA LEU C 453 24.35 37.29 -56.42
C LEU C 453 25.71 36.64 -56.62
N HIS C 454 25.83 35.72 -57.58
CA HIS C 454 27.04 34.96 -57.76
C HIS C 454 27.48 34.96 -59.21
N LYS C 455 28.78 35.13 -59.44
CA LYS C 455 29.38 35.06 -60.77
C LYS C 455 30.31 33.85 -60.79
N GLY C 456 29.83 32.75 -61.37
CA GLY C 456 30.58 31.52 -61.42
C GLY C 456 31.32 31.35 -62.74
N THR C 457 32.28 30.43 -62.73
CA THR C 457 33.11 30.15 -63.90
C THR C 457 32.62 28.94 -64.69
N ALA C 458 31.52 28.33 -64.29
CA ALA C 458 30.98 27.15 -64.96
C ALA C 458 29.46 27.28 -64.98
N PRO C 459 28.79 26.60 -65.92
CA PRO C 459 27.32 26.59 -65.91
C PRO C 459 26.79 26.05 -64.60
N VAL C 460 25.75 26.69 -64.08
CA VAL C 460 25.19 26.35 -62.77
C VAL C 460 24.09 25.33 -62.98
N LYS C 461 24.29 24.11 -62.47
CA LYS C 461 23.30 23.06 -62.60
C LYS C 461 22.25 23.11 -61.50
N SER C 462 22.65 23.49 -60.28
CA SER C 462 21.71 23.61 -59.18
C SER C 462 22.25 24.63 -58.18
N ALA C 463 21.33 25.39 -57.58
CA ALA C 463 21.70 26.36 -56.57
C ALA C 463 20.51 26.62 -55.67
N GLU C 464 20.77 26.74 -54.37
CA GLU C 464 19.73 26.97 -53.39
C GLU C 464 20.16 28.07 -52.44
N LEU C 465 19.19 28.79 -51.91
CA LEU C 465 19.43 29.85 -50.95
C LEU C 465 19.19 29.36 -49.53
N SER C 466 19.89 29.96 -48.59
CA SER C 466 19.75 29.62 -47.18
C SER C 466 18.36 29.97 -46.68
N SER C 467 18.00 29.42 -45.52
CA SER C 467 16.73 29.77 -44.90
C SER C 467 16.70 31.25 -44.53
N SER C 468 17.82 31.76 -44.01
CA SER C 468 17.97 33.19 -43.78
C SER C 468 18.36 33.94 -45.05
N ARG C 469 18.65 33.22 -46.13
CA ARG C 469 19.02 33.78 -47.43
C ARG C 469 20.27 34.66 -47.36
N SER C 470 21.11 34.48 -46.34
CA SER C 470 22.38 35.19 -46.25
C SER C 470 23.55 34.34 -46.70
N ARG C 471 23.31 33.10 -47.13
CA ARG C 471 24.36 32.23 -47.63
C ARG C 471 23.82 31.46 -48.83
N LEU C 472 24.73 31.06 -49.71
CA LEU C 472 24.35 30.48 -51.00
C LEU C 472 25.16 29.23 -51.28
N ALA C 473 24.50 28.23 -51.85
CA ALA C 473 25.13 27.00 -52.30
C ALA C 473 24.99 26.90 -53.80
N VAL C 474 26.11 26.70 -54.50
CA VAL C 474 26.16 26.67 -55.95
C VAL C 474 26.77 25.35 -56.38
N ILE C 475 26.08 24.64 -57.28
CA ILE C 475 26.60 23.44 -57.92
C ILE C 475 26.91 23.77 -59.36
N ASP C 476 28.19 23.63 -59.73
CA ASP C 476 28.63 23.98 -61.07
C ASP C 476 28.40 22.82 -62.03
N SER C 477 28.86 22.99 -63.26
CA SER C 477 28.75 21.93 -64.25
C SER C 477 29.72 20.78 -63.98
N THR C 478 30.74 21.01 -63.18
CA THR C 478 31.72 19.99 -62.84
C THR C 478 31.35 19.20 -61.59
N ASN C 479 30.09 19.31 -61.14
CA ASN C 479 29.62 18.69 -59.90
C ASN C 479 30.46 19.11 -58.70
N THR C 480 30.91 20.36 -58.72
CA THR C 480 31.66 20.93 -57.62
C THR C 480 30.77 21.94 -56.90
N LEU C 481 30.65 21.80 -55.59
CA LEU C 481 29.77 22.62 -54.78
C LEU C 481 30.56 23.66 -54.01
N GLN C 482 30.08 24.90 -54.05
CA GLN C 482 30.66 25.98 -53.27
C GLN C 482 29.56 26.64 -52.44
N VAL C 483 29.81 26.76 -51.14
CA VAL C 483 28.91 27.47 -50.25
C VAL C 483 29.64 28.72 -49.77
N LEU C 484 29.01 29.87 -49.98
CA LEU C 484 29.59 31.18 -49.73
C LEU C 484 28.64 32.03 -48.91
N GLU C 485 29.21 33.01 -48.23
CA GLU C 485 28.43 34.00 -47.48
C GLU C 485 28.14 35.19 -48.40
N LEU C 486 26.86 35.42 -48.67
CA LEU C 486 26.48 36.46 -49.62
C LEU C 486 26.71 37.85 -49.03
N GLY C 487 26.91 38.81 -49.92
CA GLY C 487 27.20 40.18 -49.51
C GLY C 487 27.65 41.00 -50.69
N GLU C 488 28.45 42.03 -50.40
CA GLU C 488 29.05 42.81 -51.48
C GLU C 488 29.98 41.97 -52.33
N LYS C 489 30.70 41.04 -51.70
CA LYS C 489 31.49 40.03 -52.39
C LYS C 489 31.25 38.70 -51.69
N ASN C 490 30.91 37.68 -52.47
CA ASN C 490 30.56 36.38 -51.92
C ASN C 490 31.81 35.72 -51.35
N GLU C 491 31.99 35.83 -50.04
CA GLU C 491 33.12 35.20 -49.36
C GLU C 491 32.87 33.71 -49.27
N LEU C 492 33.77 32.91 -49.82
CA LEU C 492 33.60 31.47 -49.85
C LEU C 492 33.76 30.88 -48.46
N LEU C 493 32.81 30.04 -48.05
CA LEU C 493 32.87 29.33 -46.79
C LEU C 493 33.47 27.95 -46.93
N PHE C 494 32.94 27.13 -47.85
CA PHE C 494 33.58 25.84 -48.09
C PHE C 494 33.24 25.37 -49.49
N SER C 495 33.98 24.35 -49.94
CA SER C 495 33.77 23.74 -51.24
C SER C 495 34.01 22.24 -51.13
N GLU C 496 33.17 21.46 -51.81
CA GLU C 496 33.27 20.01 -51.81
C GLU C 496 32.93 19.49 -53.20
N ASP C 497 33.71 18.51 -53.66
CA ASP C 497 33.62 18.02 -55.02
C ASP C 497 32.69 16.81 -55.15
N ASN C 498 32.35 16.48 -56.39
CA ASN C 498 31.51 15.33 -56.74
C ASN C 498 30.17 15.35 -56.02
N VAL C 499 29.57 16.54 -55.93
CA VAL C 499 28.28 16.69 -55.29
C VAL C 499 27.18 16.43 -56.31
N THR C 500 26.26 15.52 -55.97
CA THR C 500 25.12 15.25 -56.82
C THR C 500 23.91 16.10 -56.46
N ALA C 501 23.72 16.42 -55.19
CA ALA C 501 22.60 17.25 -54.79
C ALA C 501 22.93 17.97 -53.48
N VAL C 502 22.16 19.03 -53.21
CA VAL C 502 22.33 19.81 -51.98
C VAL C 502 20.96 20.26 -51.49
N ALA C 503 20.86 20.51 -50.19
CA ALA C 503 19.69 21.12 -49.60
C ALA C 503 20.10 21.92 -48.39
N PHE C 504 19.38 23.00 -48.15
CA PHE C 504 19.59 23.83 -46.97
C PHE C 504 18.51 23.50 -45.94
N ASN C 505 18.86 23.70 -44.66
CA ASN C 505 17.90 23.45 -43.60
C ASN C 505 16.87 24.56 -43.56
N ILE C 506 15.61 24.18 -43.71
CA ILE C 506 14.52 25.17 -43.74
C ILE C 506 14.41 25.86 -42.38
N ASP C 507 14.66 25.12 -41.31
CA ASP C 507 14.47 25.66 -39.97
C ASP C 507 15.76 26.16 -39.31
N VAL C 508 16.91 25.69 -39.74
CA VAL C 508 18.19 26.08 -39.15
C VAL C 508 19.02 26.78 -40.21
N ASP C 509 19.65 27.89 -39.84
CA ASP C 509 20.38 28.70 -40.81
C ASP C 509 21.63 27.98 -41.32
N ASP C 510 22.57 27.68 -40.42
CA ASP C 510 23.85 27.07 -40.80
C ASP C 510 23.75 25.55 -40.64
N ASN C 511 23.10 24.93 -41.62
CA ASN C 511 22.93 23.48 -41.62
C ASN C 511 22.67 23.06 -43.06
N ILE C 512 23.65 22.37 -43.66
CA ILE C 512 23.58 21.97 -45.06
C ILE C 512 23.57 20.45 -45.12
N ALA C 513 22.88 19.90 -46.11
CA ALA C 513 22.86 18.46 -46.32
C ALA C 513 23.06 18.20 -47.80
N PHE C 514 24.21 17.64 -48.16
CA PHE C 514 24.51 17.41 -49.57
C PHE C 514 24.88 15.96 -49.82
N THR C 515 24.35 15.41 -50.91
CA THR C 515 24.61 14.05 -51.32
C THR C 515 25.62 14.03 -52.45
N THR C 516 26.70 13.27 -52.26
CA THR C 516 27.76 13.17 -53.23
C THR C 516 27.55 11.96 -54.14
N GLY C 517 28.44 11.80 -55.12
CA GLY C 517 28.30 10.77 -56.14
C GLY C 517 28.61 9.36 -55.68
N ASP C 518 29.26 9.21 -54.51
CA ASP C 518 29.52 7.89 -53.95
C ASP C 518 28.42 7.44 -52.99
N ASN C 519 27.19 7.92 -53.20
CA ASN C 519 26.02 7.54 -52.39
C ASN C 519 26.25 7.82 -50.90
N THR C 520 26.82 8.99 -50.60
CA THR C 520 27.09 9.39 -49.23
C THR C 520 26.43 10.74 -48.99
N LEU C 521 25.70 10.84 -47.88
CA LEU C 521 24.88 12.01 -47.56
C LEU C 521 25.53 12.75 -46.40
N HIS C 522 26.30 13.78 -46.72
CA HIS C 522 26.96 14.59 -45.70
C HIS C 522 25.99 15.60 -45.12
N ILE C 523 26.14 15.86 -43.82
CA ILE C 523 25.30 16.81 -43.09
C ILE C 523 26.23 17.71 -42.29
N LYS C 524 26.49 18.91 -42.80
CA LYS C 524 27.33 19.88 -42.12
C LYS C 524 26.48 20.82 -41.28
N THR C 525 27.05 21.27 -40.16
CA THR C 525 26.44 22.31 -39.34
C THR C 525 27.54 23.28 -38.92
N GLY C 526 27.43 24.53 -39.36
CA GLY C 526 28.45 25.51 -39.05
C GLY C 526 29.78 25.14 -39.71
N SER C 527 30.86 25.30 -38.96
CA SER C 527 32.19 25.00 -39.46
C SER C 527 32.62 23.56 -39.17
N LEU C 528 31.76 22.76 -38.58
CA LEU C 528 32.10 21.40 -38.19
C LEU C 528 32.17 20.47 -39.40
N PRO C 529 32.87 19.35 -39.28
CA PRO C 529 32.77 18.30 -40.31
C PRO C 529 31.36 17.74 -40.41
N ALA C 530 31.17 16.86 -41.39
CA ALA C 530 29.84 16.40 -41.77
C ALA C 530 29.60 14.99 -41.26
N TYR C 531 28.45 14.79 -40.62
CA TYR C 531 27.97 13.44 -40.38
C TYR C 531 27.69 12.76 -41.71
N GLN C 532 28.19 11.54 -41.87
CA GLN C 532 28.06 10.81 -43.12
C GLN C 532 27.28 9.53 -42.87
N GLN C 533 26.29 9.27 -43.70
CA GLN C 533 25.39 8.14 -43.51
C GLN C 533 25.54 7.05 -44.55
N ALA C 534 26.03 7.39 -45.74
CA ALA C 534 26.20 6.45 -46.85
C ALA C 534 24.86 5.79 -47.23
N VAL C 535 23.96 6.63 -47.72
CA VAL C 535 22.63 6.21 -48.17
C VAL C 535 22.48 6.56 -49.64
N ARG C 536 21.79 5.70 -50.39
CA ARG C 536 21.61 5.90 -51.81
C ARG C 536 20.62 7.04 -52.07
N GLY C 537 20.61 7.50 -53.32
CA GLY C 537 19.70 8.56 -53.72
C GLY C 537 20.21 9.95 -53.36
N ILE C 538 19.43 10.94 -53.76
CA ILE C 538 19.81 12.34 -53.63
C ILE C 538 18.96 13.01 -52.57
N VAL C 539 19.55 13.97 -51.88
CA VAL C 539 18.83 14.75 -50.87
C VAL C 539 18.03 15.84 -51.56
N VAL C 540 16.72 15.87 -51.28
CA VAL C 540 15.83 16.87 -51.87
C VAL C 540 15.23 17.82 -50.85
N GLY C 541 15.34 17.52 -49.55
CA GLY C 541 14.81 18.43 -48.55
C GLY C 541 15.53 18.27 -47.23
N PHE C 542 15.48 19.33 -46.44
CA PHE C 542 16.19 19.36 -45.16
C PHE C 542 15.43 20.26 -44.19
N LYS C 543 14.80 19.66 -43.19
CA LYS C 543 14.22 20.39 -42.08
C LYS C 543 15.15 20.31 -40.87
N ALA C 544 14.68 20.77 -39.70
CA ALA C 544 15.54 20.80 -38.53
C ALA C 544 15.90 19.41 -38.06
N ASN C 545 14.93 18.50 -37.99
CA ASN C 545 15.14 17.17 -37.44
C ASN C 545 14.95 16.06 -38.47
N HIS C 546 14.89 16.39 -39.76
CA HIS C 546 14.69 15.37 -40.77
C HIS C 546 15.43 15.73 -42.04
N VAL C 547 15.75 14.71 -42.83
CA VAL C 547 16.32 14.86 -44.15
C VAL C 547 15.47 14.05 -45.10
N PHE C 548 14.91 14.70 -46.11
CA PHE C 548 14.06 14.04 -47.10
C PHE C 548 14.95 13.72 -48.28
N ASN C 549 15.33 12.45 -48.40
CA ASN C 549 16.27 11.98 -49.41
C ASN C 549 15.51 11.12 -50.40
N LEU C 550 15.61 11.45 -51.68
CA LEU C 550 14.90 10.74 -52.73
C LEU C 550 15.86 9.84 -53.48
N HIS C 551 15.47 8.57 -53.65
CA HIS C 551 16.21 7.60 -54.44
C HIS C 551 15.22 7.04 -55.46
N TYR C 552 15.35 7.49 -56.71
CA TYR C 552 14.43 7.13 -57.79
C TYR C 552 12.99 7.47 -57.41
N SER C 553 12.17 6.46 -57.14
CA SER C 553 10.77 6.65 -56.79
C SER C 553 10.49 6.46 -55.31
N ASN C 554 11.54 6.47 -54.47
CA ASN C 554 11.40 6.20 -53.05
C ASN C 554 11.87 7.40 -52.26
N MET C 555 10.97 7.99 -51.46
CA MET C 555 11.32 9.08 -50.56
C MET C 555 11.55 8.52 -49.16
N MET C 556 12.69 8.86 -48.58
CA MET C 556 13.05 8.37 -47.25
C MET C 556 13.31 9.55 -46.32
N VAL C 557 12.75 9.49 -45.12
CA VAL C 557 12.97 10.50 -44.10
C VAL C 557 14.01 9.95 -43.13
N LEU C 558 15.10 10.70 -42.96
CA LEU C 558 16.23 10.26 -42.16
C LEU C 558 16.43 11.23 -41.00
N ASP C 559 16.61 10.68 -39.79
CA ASP C 559 16.80 11.53 -38.63
C ASP C 559 18.13 12.26 -38.71
N VAL C 560 18.14 13.47 -38.18
CA VAL C 560 19.34 14.31 -38.13
C VAL C 560 19.97 14.14 -36.75
N PRO C 561 21.18 13.61 -36.66
CA PRO C 561 21.82 13.47 -35.34
C PRO C 561 22.35 14.79 -34.83
N HIS C 562 21.66 15.39 -33.88
CA HIS C 562 22.17 16.60 -33.24
C HIS C 562 23.20 16.30 -32.18
N ALA C 563 23.28 15.04 -31.73
CA ALA C 563 24.31 14.66 -30.77
C ALA C 563 25.69 14.67 -31.41
N HIS C 564 25.77 14.31 -32.69
CA HIS C 564 27.06 14.25 -33.38
C HIS C 564 27.73 15.62 -33.42
N ALA C 565 26.97 16.67 -33.73
CA ALA C 565 27.51 18.01 -33.67
C ALA C 565 27.79 18.44 -32.25
N LEU C 566 26.97 18.00 -31.29
CA LEU C 566 27.17 18.37 -29.90
C LEU C 566 28.50 17.85 -29.37
N TYR C 567 28.86 16.61 -29.73
CA TYR C 567 30.12 16.05 -29.28
C TYR C 567 31.30 16.89 -29.76
N LYS C 568 31.31 17.22 -31.05
CA LYS C 568 32.40 18.00 -31.62
C LYS C 568 32.46 19.40 -31.03
N TYR C 569 31.30 20.02 -30.80
CA TYR C 569 31.30 21.34 -30.18
C TYR C 569 31.81 21.28 -28.75
N VAL C 570 31.53 20.21 -28.02
CA VAL C 570 32.07 20.04 -26.68
C VAL C 570 33.59 19.84 -26.74
N GLU C 571 34.06 19.08 -27.74
CA GLU C 571 35.48 18.75 -27.82
C GLU C 571 36.36 19.98 -28.00
N MET C 572 35.92 20.93 -28.83
CA MET C 572 36.71 22.13 -29.10
C MET C 572 36.39 23.27 -28.14
N ARG C 573 35.59 23.00 -27.09
CA ARG C 573 35.36 23.93 -25.98
C ARG C 573 34.61 25.20 -26.41
N ASP C 574 33.84 25.15 -27.48
CA ASP C 574 32.87 26.20 -27.76
C ASP C 574 31.50 25.69 -27.32
N PHE C 575 30.87 26.43 -26.43
CA PHE C 575 29.70 25.92 -25.73
C PHE C 575 28.39 26.55 -26.14
N ASP C 576 28.42 27.78 -26.66
CA ASP C 576 27.18 28.39 -27.14
C ASP C 576 26.57 27.58 -28.25
N ARG C 577 27.37 27.24 -29.27
CA ARG C 577 26.86 26.41 -30.36
C ARG C 577 26.51 25.01 -29.87
N ALA C 578 27.23 24.50 -28.87
CA ALA C 578 26.89 23.20 -28.30
C ALA C 578 25.49 23.23 -27.70
N TYR C 579 25.19 24.28 -26.93
CA TYR C 579 23.86 24.44 -26.34
C TYR C 579 22.80 24.59 -27.44
N GLU C 580 23.10 25.37 -28.48
CA GLU C 580 22.12 25.60 -29.53
C GLU C 580 21.79 24.30 -30.27
N VAL C 581 22.81 23.48 -30.55
CA VAL C 581 22.55 22.20 -31.20
C VAL C 581 21.82 21.25 -30.26
N ALA C 582 22.15 21.31 -28.96
CA ALA C 582 21.50 20.44 -28.00
C ALA C 582 20.02 20.74 -27.88
N CYS C 583 19.65 22.03 -27.90
CA CYS C 583 18.26 22.41 -27.78
C CYS C 583 17.39 21.83 -28.89
N LEU C 584 17.98 21.46 -30.02
CA LEU C 584 17.25 20.83 -31.11
C LEU C 584 16.85 19.40 -30.79
N GLY C 585 17.29 18.87 -29.65
CA GLY C 585 16.91 17.54 -29.21
C GLY C 585 18.04 16.55 -29.14
N VAL C 586 18.58 16.36 -27.93
CA VAL C 586 19.59 15.36 -27.65
C VAL C 586 19.14 14.58 -26.42
N ALA C 587 19.72 13.40 -26.25
CA ALA C 587 19.33 12.50 -25.18
C ALA C 587 19.74 13.07 -23.82
N ASP C 588 19.21 12.45 -22.77
CA ASP C 588 19.44 12.93 -21.41
C ASP C 588 20.91 12.80 -21.03
N ALA C 589 21.56 11.71 -21.43
CA ALA C 589 22.99 11.56 -21.18
C ALA C 589 23.79 12.64 -21.90
N ASP C 590 23.32 13.08 -23.06
CA ASP C 590 24.01 14.15 -23.78
C ASP C 590 23.93 15.46 -23.03
N TRP C 591 22.76 15.78 -22.47
CA TRP C 591 22.63 16.97 -21.63
C TRP C 591 23.50 16.86 -20.39
N LYS C 592 23.57 15.66 -19.80
CA LYS C 592 24.40 15.44 -18.63
C LYS C 592 25.87 15.69 -18.94
N MET C 593 26.33 15.14 -20.06
CA MET C 593 27.72 15.33 -20.47
C MET C 593 28.02 16.79 -20.80
N LEU C 594 27.07 17.46 -21.46
CA LEU C 594 27.25 18.88 -21.77
C LEU C 594 27.39 19.71 -20.50
N GLY C 595 26.50 19.50 -19.54
CA GLY C 595 26.59 20.25 -18.30
C GLY C 595 27.86 19.97 -17.53
N LEU C 596 28.28 18.70 -17.50
CA LEU C 596 29.52 18.35 -16.81
C LEU C 596 30.74 18.99 -17.47
N HIS C 597 30.80 18.96 -18.80
CA HIS C 597 31.93 19.59 -19.50
C HIS C 597 31.90 21.10 -19.33
N ALA C 598 30.72 21.70 -19.33
CA ALA C 598 30.62 23.14 -19.09
C ALA C 598 31.09 23.50 -17.69
N MET C 599 30.75 22.68 -16.70
CA MET C 599 31.24 22.90 -15.34
C MET C 599 32.76 22.76 -15.27
N SER C 600 33.30 21.75 -15.95
CA SER C 600 34.74 21.49 -15.90
C SER C 600 35.56 22.55 -16.63
N GLN C 601 34.92 23.44 -17.39
CA GLN C 601 35.60 24.53 -18.06
C GLN C 601 35.35 25.87 -17.38
N LEU C 602 34.85 25.87 -16.14
CA LEU C 602 34.50 27.07 -15.39
C LEU C 602 33.51 27.94 -16.17
N ARG C 603 32.50 27.30 -16.74
CA ARG C 603 31.45 27.96 -17.51
C ARG C 603 30.12 27.46 -16.97
N LEU C 604 29.65 28.08 -15.89
CA LEU C 604 28.49 27.59 -15.16
C LEU C 604 27.17 28.11 -15.68
N ASP C 605 27.16 29.22 -16.42
CA ASP C 605 25.91 29.79 -16.90
C ASP C 605 25.21 28.84 -17.88
N ILE C 606 25.97 28.21 -18.77
CA ILE C 606 25.38 27.22 -19.65
C ILE C 606 25.17 25.90 -18.91
N ALA C 607 25.97 25.64 -17.86
CA ALA C 607 25.79 24.43 -17.08
C ALA C 607 24.42 24.42 -16.38
N ARG C 608 24.01 25.56 -15.85
CA ARG C 608 22.70 25.66 -15.20
C ARG C 608 21.57 25.42 -16.19
N LYS C 609 21.80 25.69 -17.47
CA LYS C 609 20.79 25.50 -18.50
C LYS C 609 20.80 24.10 -19.08
N ALA C 610 21.95 23.42 -19.04
CA ALA C 610 22.03 22.08 -19.60
C ALA C 610 21.35 21.05 -18.71
N PHE C 611 21.34 21.29 -17.40
CA PHE C 611 20.76 20.37 -16.43
C PHE C 611 19.29 20.63 -16.17
N THR C 612 18.68 21.53 -16.94
CA THR C 612 17.23 21.72 -16.88
C THR C 612 16.49 20.55 -17.54
N HIS C 613 17.11 19.86 -18.49
CA HIS C 613 16.44 18.84 -19.28
C HIS C 613 16.74 17.42 -18.82
N ILE C 614 17.38 17.25 -17.67
CA ILE C 614 17.83 15.92 -17.25
C ILE C 614 16.90 15.31 -16.20
N GLN C 615 16.34 16.13 -15.31
CA GLN C 615 15.58 15.67 -14.14
C GLN C 615 16.43 14.72 -13.29
N ASP C 616 17.53 15.25 -12.77
CA ASP C 616 18.42 14.53 -11.86
C ASP C 616 18.91 15.54 -10.83
N THR C 617 18.33 15.50 -9.63
CA THR C 617 18.57 16.54 -8.64
C THR C 617 19.98 16.53 -8.09
N LYS C 618 20.72 15.42 -8.24
CA LYS C 618 22.09 15.38 -7.75
C LYS C 618 22.97 16.39 -8.48
N LEU C 619 22.84 16.48 -9.80
CA LEU C 619 23.59 17.49 -10.52
C LEU C 619 23.07 18.89 -10.19
N VAL C 620 21.79 19.03 -9.84
CA VAL C 620 21.27 20.35 -9.50
C VAL C 620 21.86 20.85 -8.19
N GLU C 621 21.95 19.98 -7.19
CA GLU C 621 22.59 20.39 -5.94
C GLU C 621 24.09 20.60 -6.12
N LEU C 622 24.72 19.82 -7.02
CA LEU C 622 26.11 20.10 -7.37
C LEU C 622 26.24 21.50 -7.98
N LEU C 623 25.31 21.86 -8.86
CA LEU C 623 25.31 23.19 -9.49
C LEU C 623 25.17 24.28 -8.44
N LYS C 624 24.24 24.12 -7.51
CA LYS C 624 24.00 25.19 -6.54
C LYS C 624 25.15 25.30 -5.55
N SER C 625 25.81 24.19 -5.21
CA SER C 625 27.02 24.28 -4.41
C SER C 625 28.14 24.99 -5.17
N LEU C 626 28.27 24.70 -6.46
CA LEU C 626 29.30 25.35 -7.27
C LEU C 626 29.05 26.86 -7.37
N GLU C 627 27.79 27.26 -7.53
CA GLU C 627 27.50 28.69 -7.57
C GLU C 627 27.65 29.32 -6.19
N LEU C 628 27.44 28.54 -5.12
CA LEU C 628 27.72 29.02 -3.78
C LEU C 628 29.20 29.37 -3.64
N ARG C 629 30.07 28.52 -4.20
CA ARG C 629 31.49 28.87 -4.25
C ARG C 629 31.71 30.10 -5.13
N ARG C 630 31.11 30.12 -6.33
CA ARG C 630 31.41 31.17 -7.30
C ARG C 630 31.01 32.55 -6.79
N ARG C 631 29.98 32.63 -5.95
CA ARG C 631 29.65 33.92 -5.36
C ARG C 631 30.69 34.40 -4.36
N GLN C 632 31.54 33.49 -3.86
CA GLN C 632 32.59 33.88 -2.91
C GLN C 632 33.79 34.47 -3.66
N LYS C 676 41.69 28.34 -10.91
CA LYS C 676 40.80 27.60 -10.04
C LYS C 676 40.04 26.53 -10.81
N ASP C 677 40.29 26.46 -12.11
CA ASP C 677 39.65 25.43 -12.93
C ASP C 677 40.11 24.03 -12.51
N SER C 678 41.41 23.87 -12.26
CA SER C 678 41.92 22.61 -11.74
C SER C 678 41.48 22.37 -10.30
N VAL C 679 41.15 23.44 -9.57
CA VAL C 679 40.61 23.27 -8.22
C VAL C 679 39.19 22.71 -8.28
N LEU C 680 38.37 23.23 -9.18
CA LEU C 680 36.96 22.87 -9.20
C LEU C 680 36.65 21.66 -10.05
N TYR C 681 37.50 21.30 -11.01
CA TYR C 681 37.32 20.02 -11.68
C TYR C 681 37.55 18.87 -10.71
N GLY C 682 38.38 19.07 -9.69
CA GLY C 682 38.47 18.11 -8.61
C GLY C 682 37.15 17.95 -7.88
N SER C 683 36.46 19.06 -7.60
CA SER C 683 35.15 18.97 -6.99
C SER C 683 34.16 18.26 -7.90
N ILE C 684 34.24 18.52 -9.20
CA ILE C 684 33.36 17.87 -10.16
C ILE C 684 33.56 16.35 -10.13
N LEU C 685 34.82 15.92 -10.11
CA LEU C 685 35.10 14.49 -10.09
C LEU C 685 34.78 13.87 -8.73
N ALA C 686 34.89 14.66 -7.65
CA ALA C 686 34.48 14.16 -6.34
C ALA C 686 32.98 13.89 -6.31
N PHE C 687 32.19 14.85 -6.79
CA PHE C 687 30.76 14.63 -6.90
C PHE C 687 30.41 13.57 -7.93
N GLN C 688 31.31 13.28 -8.87
CA GLN C 688 31.06 12.23 -9.85
C GLN C 688 31.21 10.85 -9.24
N GLY C 689 32.21 10.67 -8.36
CA GLY C 689 32.39 9.38 -7.71
C GLY C 689 33.79 8.82 -7.82
N LYS C 690 34.75 9.65 -8.21
CA LYS C 690 36.16 9.26 -8.31
C LYS C 690 36.95 10.18 -7.38
N TYR C 691 37.06 9.77 -6.12
CA TYR C 691 37.66 10.63 -5.10
C TYR C 691 39.18 10.66 -5.20
N ASN C 692 39.80 9.60 -5.70
CA ASN C 692 41.25 9.59 -5.88
C ASN C 692 41.68 10.62 -6.91
N ASP C 693 40.98 10.67 -8.05
CA ASP C 693 41.28 11.67 -9.08
C ASP C 693 40.95 13.08 -8.59
N ALA C 694 39.89 13.21 -7.79
CA ALA C 694 39.57 14.51 -7.19
C ALA C 694 40.70 14.98 -6.30
N ALA C 695 41.23 14.08 -5.46
CA ALA C 695 42.32 14.44 -4.57
C ALA C 695 43.59 14.75 -5.36
N ARG C 696 43.82 14.04 -6.46
CA ARG C 696 44.95 14.36 -7.32
C ARG C 696 44.82 15.76 -7.92
N GLN C 697 43.60 16.11 -8.35
CA GLN C 697 43.36 17.45 -8.87
C GLN C 697 43.59 18.51 -7.78
N PHE C 698 43.17 18.22 -6.56
CA PHE C 698 43.45 19.13 -5.45
C PHE C 698 44.94 19.19 -5.14
N MET C 699 45.67 18.11 -5.43
CA MET C 699 47.13 18.15 -5.30
C MET C 699 47.76 19.04 -6.35
N LYS C 700 47.16 19.09 -7.54
CA LYS C 700 47.74 19.85 -8.64
C LYS C 700 47.85 21.33 -8.31
N THR C 701 46.85 21.88 -7.60
CA THR C 701 46.89 23.29 -7.25
C THR C 701 47.78 23.58 -6.04
N GLY C 702 48.30 22.54 -5.39
CA GLY C 702 49.20 22.72 -4.27
C GLY C 702 48.54 22.85 -2.91
N CYS C 703 47.21 22.88 -2.85
CA CYS C 703 46.47 22.99 -1.59
C CYS C 703 45.94 21.60 -1.25
N GLU C 704 46.60 20.95 -0.28
CA GLU C 704 46.21 19.60 0.12
C GLU C 704 45.10 19.58 1.16
N LEU C 705 44.85 20.70 1.84
CA LEU C 705 43.90 20.72 2.94
C LEU C 705 42.48 20.39 2.48
N LYS C 706 42.09 20.91 1.31
CA LYS C 706 40.73 20.65 0.83
C LYS C 706 40.50 19.18 0.54
N ALA C 707 41.48 18.52 -0.09
CA ALA C 707 41.37 17.09 -0.33
C ALA C 707 41.41 16.30 0.97
N VAL C 708 42.19 16.77 1.95
CA VAL C 708 42.24 16.10 3.25
C VAL C 708 40.88 16.13 3.92
N GLU C 709 40.23 17.31 3.90
CA GLU C 709 38.90 17.41 4.50
C GLU C 709 37.89 16.60 3.71
N MET C 710 38.02 16.56 2.38
CA MET C 710 37.11 15.77 1.56
C MET C 710 37.21 14.29 1.90
N TYR C 711 38.43 13.79 2.07
CA TYR C 711 38.62 12.40 2.45
C TYR C 711 38.17 12.13 3.88
N CYS C 712 38.32 13.11 4.77
CA CYS C 712 37.80 12.97 6.13
C CYS C 712 36.28 12.84 6.13
N ASP C 713 35.60 13.63 5.30
CA ASP C 713 34.14 13.61 5.27
C ASP C 713 33.57 12.34 4.65
N LEU C 714 34.38 11.54 3.97
CA LEU C 714 33.94 10.23 3.51
C LEU C 714 34.16 9.13 4.54
N LYS C 715 34.83 9.45 5.65
CA LYS C 715 35.08 8.51 6.75
C LYS C 715 35.83 7.27 6.28
N MET C 716 36.79 7.47 5.39
CA MET C 716 37.80 6.45 5.08
C MET C 716 39.16 7.11 5.27
N TRP C 717 39.76 6.88 6.44
CA TRP C 717 40.97 7.58 6.86
C TRP C 717 42.24 6.96 6.30
N ASP C 718 42.17 5.75 5.74
CA ASP C 718 43.33 5.14 5.13
C ASP C 718 43.81 5.95 3.93
N ASN C 719 42.88 6.39 3.08
CA ASN C 719 43.24 7.22 1.94
C ASN C 719 43.47 8.67 2.34
N ALA C 720 42.99 9.09 3.51
CA ALA C 720 43.23 10.43 4.01
C ALA C 720 44.60 10.57 4.67
N LYS C 721 45.16 9.48 5.18
CA LYS C 721 46.41 9.57 5.93
C LYS C 721 47.60 9.86 5.03
N LYS C 722 47.66 9.21 3.85
CA LYS C 722 48.80 9.38 2.98
C LYS C 722 48.90 10.81 2.46
N ILE C 723 47.77 11.41 2.11
CA ILE C 723 47.77 12.75 1.53
C ILE C 723 48.14 13.79 2.56
N CYS C 724 47.57 13.70 3.77
CA CYS C 724 47.88 14.67 4.80
C CYS C 724 49.31 14.49 5.28
N THR C 725 50.04 15.60 5.37
CA THR C 725 51.44 15.58 5.75
C THR C 725 51.82 16.60 6.81
N ASP C 726 50.96 17.58 7.10
CA ASP C 726 51.28 18.58 8.10
C ASP C 726 51.35 17.95 9.49
N GLU C 727 52.23 18.49 10.33
CA GLU C 727 52.49 17.87 11.63
C GLU C 727 51.26 17.90 12.52
N LYS C 728 50.51 19.00 12.50
CA LYS C 728 49.30 19.08 13.33
C LYS C 728 48.17 18.23 12.75
N VAL C 729 48.15 18.03 11.44
CA VAL C 729 47.00 17.42 10.80
C VAL C 729 46.96 15.91 11.03
N LEU C 730 48.10 15.28 11.33
CA LEU C 730 48.08 13.88 11.74
C LEU C 730 47.30 13.71 13.04
N LYS C 731 47.62 14.56 14.03
CA LYS C 731 46.91 14.55 15.30
C LYS C 731 45.44 14.90 15.11
N ASP C 732 45.16 15.89 14.26
CA ASP C 732 43.77 16.25 14.00
C ASP C 732 43.00 15.10 13.37
N LEU C 733 43.62 14.40 12.42
CA LEU C 733 42.93 13.30 11.74
C LEU C 733 42.71 12.12 12.67
N ILE C 734 43.69 11.80 13.53
CA ILE C 734 43.45 10.69 14.46
C ILE C 734 42.43 11.09 15.52
N ARG C 735 42.37 12.38 15.89
CA ARG C 735 41.31 12.85 16.76
C ARG C 735 39.94 12.68 16.12
N GLN C 736 39.84 13.00 14.82
CA GLN C 736 38.58 12.79 14.11
C GLN C 736 38.25 11.31 14.03
N GLN C 737 39.25 10.46 13.83
CA GLN C 737 39.03 9.02 13.86
C GLN C 737 38.47 8.57 15.19
N ALA C 738 39.03 9.08 16.29
CA ALA C 738 38.56 8.72 17.61
C ALA C 738 37.12 9.18 17.83
N ARG C 739 36.79 10.40 17.40
CA ARG C 739 35.43 10.90 17.56
C ARG C 739 34.44 10.06 16.75
N TRP C 740 34.80 9.73 15.50
CA TRP C 740 33.93 8.92 14.67
C TRP C 740 33.74 7.53 15.26
N ALA C 741 34.82 6.92 15.78
CA ALA C 741 34.70 5.62 16.42
C ALA C 741 33.83 5.69 17.66
N GLU C 742 33.92 6.80 18.40
CA GLU C 742 33.02 6.99 19.55
C GLU C 742 31.57 7.04 19.11
N GLU C 743 31.29 7.74 18.01
CA GLU C 743 29.91 7.88 17.55
C GLU C 743 29.44 6.70 16.71
N SER C 744 30.31 5.74 16.40
CA SER C 744 29.96 4.58 15.59
C SER C 744 29.80 3.31 16.42
N GLN C 745 29.72 3.43 17.75
CA GLN C 745 29.57 2.30 18.67
C GLN C 745 30.70 1.29 18.53
N ASN C 746 31.91 1.77 18.25
CA ASN C 746 33.12 0.95 18.20
C ASN C 746 34.05 1.48 19.30
N PHE C 747 33.96 0.87 20.48
CA PHE C 747 34.57 1.43 21.68
C PHE C 747 36.02 1.00 21.87
N VAL C 748 36.34 -0.27 21.61
CA VAL C 748 37.72 -0.73 21.75
C VAL C 748 38.61 -0.06 20.71
N GLU C 749 38.11 0.05 19.47
CA GLU C 749 38.85 0.78 18.44
C GLU C 749 39.01 2.24 18.81
N ALA C 750 37.97 2.83 19.43
CA ALA C 750 38.07 4.22 19.88
C ALA C 750 39.14 4.37 20.95
N ALA C 751 39.22 3.41 21.87
CA ALA C 751 40.26 3.44 22.90
C ALA C 751 41.64 3.33 22.29
N SER C 752 41.80 2.45 21.28
CA SER C 752 43.09 2.33 20.61
C SER C 752 43.46 3.63 19.88
N LEU C 753 42.48 4.26 19.22
CA LEU C 753 42.73 5.52 18.53
C LEU C 753 43.09 6.62 19.52
N TYR C 754 42.45 6.64 20.69
CA TYR C 754 42.80 7.62 21.71
C TYR C 754 44.19 7.38 22.27
N GLU C 755 44.57 6.11 22.45
CA GLU C 755 45.93 5.81 22.91
C GLU C 755 46.96 6.23 21.88
N SER C 756 46.63 6.09 20.59
CA SER C 756 47.47 6.66 19.56
C SER C 756 47.53 8.18 19.67
N CYS C 757 46.39 8.81 19.95
CA CYS C 757 46.35 10.26 20.11
C CYS C 757 46.93 10.70 21.45
N GLY C 758 46.76 9.89 22.50
CA GLY C 758 47.23 10.27 23.81
C GLY C 758 46.27 11.11 24.62
N ASP C 759 44.98 11.10 24.27
CA ASP C 759 43.96 11.86 25.00
C ASP C 759 43.39 10.95 26.08
N TYR C 760 44.13 10.84 27.19
CA TYR C 760 43.76 9.91 28.25
C TYR C 760 42.50 10.32 28.98
N ALA C 761 42.17 11.63 28.97
CA ALA C 761 41.01 12.11 29.72
C ALA C 761 39.72 11.47 29.20
N LYS C 762 39.56 11.38 27.89
CA LYS C 762 38.45 10.65 27.30
C LYS C 762 38.75 9.17 27.12
N ALA C 763 40.03 8.80 27.04
CA ALA C 763 40.39 7.40 26.86
C ALA C 763 40.03 6.57 28.09
N ILE C 764 40.08 7.15 29.28
CA ILE C 764 39.67 6.41 30.48
C ILE C 764 38.20 6.02 30.40
N GLY C 765 37.35 6.97 30.04
CA GLY C 765 35.93 6.67 29.91
C GLY C 765 35.65 5.70 28.78
N MET C 766 36.36 5.85 27.65
CA MET C 766 36.15 4.95 26.53
C MET C 766 36.61 3.53 26.86
N MET C 767 37.70 3.40 27.61
CA MET C 767 38.18 2.09 28.03
C MET C 767 37.24 1.46 29.04
N GLY C 768 36.67 2.28 29.94
CA GLY C 768 35.65 1.77 30.84
C GLY C 768 34.42 1.29 30.11
N GLN C 769 34.04 2.00 29.04
CA GLN C 769 32.92 1.56 28.23
C GLN C 769 33.23 0.28 27.46
N ALA C 770 34.48 0.14 27.01
CA ALA C 770 34.86 -1.04 26.23
C ALA C 770 34.79 -2.31 27.06
N GLY C 771 35.29 -2.28 28.29
CA GLY C 771 35.11 -3.37 29.22
C GLY C 771 36.29 -4.31 29.44
N GLN C 772 37.48 -3.95 28.98
CA GLN C 772 38.67 -4.77 29.23
C GLN C 772 39.33 -4.30 30.52
N VAL C 773 39.19 -5.11 31.58
CA VAL C 773 39.69 -4.71 32.90
C VAL C 773 41.22 -4.67 32.91
N GLU C 774 41.87 -5.64 32.27
CA GLU C 774 43.32 -5.70 32.29
C GLU C 774 43.94 -4.49 31.61
N LYS C 775 43.42 -4.10 30.45
CA LYS C 775 43.93 -2.92 29.76
C LYS C 775 43.64 -1.66 30.57
N LEU C 776 42.50 -1.62 31.25
CA LEU C 776 42.17 -0.47 32.09
C LEU C 776 43.18 -0.33 33.22
N MET C 777 43.52 -1.43 33.88
CA MET C 777 44.51 -1.37 34.96
C MET C 777 45.89 -1.01 34.42
N LYS C 778 46.25 -1.55 33.26
CA LYS C 778 47.55 -1.21 32.67
C LYS C 778 47.64 0.28 32.37
N MET C 779 46.57 0.85 31.82
CA MET C 779 46.55 2.30 31.58
C MET C 779 46.60 3.09 32.88
N CYS C 780 45.84 2.65 33.89
CA CYS C 780 45.79 3.38 35.15
C CYS C 780 47.15 3.38 35.83
N ARG C 781 47.87 2.26 35.76
CA ARG C 781 49.23 2.23 36.28
C ARG C 781 50.20 2.98 35.37
N SER C 782 49.86 3.15 34.09
CA SER C 782 50.69 3.99 33.22
C SER C 782 50.48 5.47 33.49
N LEU C 783 49.37 5.86 34.11
CA LEU C 783 49.15 7.25 34.49
C LEU C 783 50.09 7.64 35.62
N PRO C 784 50.85 8.73 35.48
CA PRO C 784 51.85 9.07 36.52
C PRO C 784 51.25 9.49 37.86
N THR C 785 52.13 9.78 38.82
CA THR C 785 51.69 10.03 40.19
C THR C 785 50.85 11.30 40.31
N SER C 786 51.22 12.35 39.56
CA SER C 786 50.43 13.58 39.57
C SER C 786 49.08 13.40 38.89
N GLU C 787 48.94 12.39 38.04
CA GLU C 787 47.71 12.08 37.34
C GLU C 787 46.93 10.92 37.97
N VAL C 788 47.28 10.57 39.22
CA VAL C 788 46.51 9.58 39.96
C VAL C 788 45.11 10.11 40.28
N THR C 789 44.95 11.43 40.34
CA THR C 789 43.66 12.01 40.73
C THR C 789 42.54 11.61 39.77
N LEU C 790 42.79 11.68 38.46
CA LEU C 790 41.79 11.20 37.51
C LEU C 790 41.55 9.71 37.66
N ILE C 791 42.56 8.96 38.13
CA ILE C 791 42.39 7.54 38.44
C ILE C 791 41.26 7.34 39.43
N THR C 792 40.99 8.33 40.29
CA THR C 792 39.83 8.26 41.18
C THR C 792 38.57 8.01 40.37
N GLU C 793 38.35 8.83 39.34
CA GLU C 793 37.22 8.59 38.43
C GLU C 793 37.38 7.25 37.73
N CYS C 794 38.61 6.91 37.34
CA CYS C 794 38.87 5.60 36.74
C CYS C 794 38.48 4.48 37.71
N ALA C 795 38.67 4.71 39.01
CA ALA C 795 38.29 3.69 39.99
C ALA C 795 36.79 3.44 39.97
N ASN C 796 36.00 4.44 39.60
CA ASN C 796 34.56 4.22 39.44
C ASN C 796 34.30 3.12 38.41
N PHE C 797 35.04 3.15 37.30
CA PHE C 797 34.88 2.12 36.27
C PHE C 797 35.22 0.73 36.79
N PHE C 798 35.99 0.64 37.88
CA PHE C 798 36.29 -0.66 38.44
C PHE C 798 35.10 -1.24 39.20
N ARG C 799 34.23 -0.39 39.75
CA ARG C 799 33.05 -0.94 40.42
C ARG C 799 32.03 -1.46 39.41
N LYS C 800 31.88 -0.75 38.29
CA LYS C 800 30.94 -1.18 37.26
C LYS C 800 31.44 -2.41 36.51
N HIS C 801 32.75 -2.66 36.55
CA HIS C 801 33.33 -3.87 35.98
C HIS C 801 33.49 -4.98 37.01
N ASN C 802 32.99 -4.77 38.22
CA ASN C 802 33.08 -5.74 39.32
C ASN C 802 34.54 -6.08 39.66
N ALA C 803 35.45 -5.13 39.42
CA ALA C 803 36.87 -5.28 39.73
C ALA C 803 37.11 -4.62 41.08
N ILE C 804 36.93 -5.40 42.15
CA ILE C 804 37.05 -4.88 43.51
C ILE C 804 38.50 -4.61 43.90
N PRO C 805 39.44 -5.58 43.81
CA PRO C 805 40.82 -5.26 44.23
C PRO C 805 41.47 -4.17 43.40
N PHE C 806 41.13 -4.08 42.12
CA PHE C 806 41.64 -3.01 41.29
C PHE C 806 41.15 -1.65 41.78
N ALA C 807 39.87 -1.57 42.13
CA ALA C 807 39.34 -0.34 42.72
C ALA C 807 40.04 -0.02 44.03
N ILE C 808 40.30 -1.05 44.85
CA ILE C 808 40.94 -0.83 46.14
C ILE C 808 42.35 -0.27 45.95
N GLU C 809 43.13 -0.87 45.05
CA GLU C 809 44.50 -0.41 44.85
C GLU C 809 44.53 0.97 44.20
N ALA C 810 43.61 1.22 43.26
CA ALA C 810 43.54 2.54 42.63
C ALA C 810 43.19 3.61 43.67
N TYR C 811 42.27 3.28 44.58
CA TYR C 811 41.85 4.27 45.58
C TYR C 811 42.92 4.50 46.63
N GLU C 812 43.62 3.45 47.06
CA GLU C 812 44.67 3.64 48.04
C GLU C 812 45.85 4.41 47.44
N LYS C 813 46.07 4.29 46.13
CA LYS C 813 47.03 5.19 45.50
C LYS C 813 46.45 6.59 45.33
N VAL C 814 45.13 6.70 45.19
CA VAL C 814 44.45 7.99 45.16
C VAL C 814 44.45 8.63 46.54
N GLN C 815 44.40 7.79 47.59
CA GLN C 815 44.12 8.21 48.97
C GLN C 815 42.71 8.77 49.10
N ASP C 816 41.75 8.08 48.46
CA ASP C 816 40.33 8.34 48.64
C ASP C 816 39.79 7.29 49.61
N HIS C 817 39.40 7.72 50.80
CA HIS C 817 38.99 6.80 51.84
C HIS C 817 37.48 6.62 51.93
N GLN C 818 36.69 7.59 51.47
CA GLN C 818 35.24 7.45 51.48
C GLN C 818 34.80 6.30 50.58
N ALA C 819 35.33 6.26 49.36
CA ALA C 819 34.95 5.20 48.44
C ALA C 819 35.53 3.85 48.87
N LEU C 820 36.72 3.85 49.48
CA LEU C 820 37.25 2.62 50.05
C LEU C 820 36.34 2.09 51.15
N ILE C 821 35.84 2.99 52.00
CA ILE C 821 34.89 2.61 53.04
C ILE C 821 33.62 2.05 52.41
N GLY C 822 33.13 2.68 51.35
CA GLY C 822 31.95 2.17 50.68
C GLY C 822 32.15 0.78 50.11
N ILE C 823 33.31 0.55 49.48
CA ILE C 823 33.62 -0.77 48.94
C ILE C 823 33.69 -1.80 50.06
N TYR C 824 34.33 -1.44 51.17
CA TYR C 824 34.51 -2.38 52.27
C TYR C 824 33.17 -2.72 52.94
N VAL C 825 32.29 -1.74 53.11
CA VAL C 825 30.98 -2.04 53.68
C VAL C 825 30.07 -2.73 52.68
N ALA C 826 30.35 -2.60 51.38
CA ALA C 826 29.60 -3.39 50.40
C ALA C 826 30.06 -4.84 50.36
N LYS C 827 31.35 -5.10 50.58
CA LYS C 827 31.87 -6.45 50.57
C LYS C 827 31.78 -7.15 51.92
N GLY C 828 31.43 -6.43 52.99
CA GLY C 828 31.28 -7.04 54.29
C GLY C 828 32.56 -7.22 55.08
N ASP C 829 33.66 -6.59 54.68
CA ASP C 829 34.92 -6.68 55.41
C ASP C 829 35.10 -5.44 56.26
N TRP C 830 35.34 -5.65 57.56
CA TRP C 830 35.27 -4.56 58.52
C TRP C 830 36.61 -4.19 59.16
N ARG C 831 37.60 -5.08 59.13
CA ARG C 831 38.89 -4.75 59.74
C ARG C 831 39.59 -3.62 58.99
N ASN C 832 39.70 -3.77 57.66
CA ASN C 832 40.29 -2.71 56.85
C ASN C 832 39.45 -1.45 56.89
N ALA C 833 38.12 -1.59 56.88
CA ALA C 833 37.24 -0.44 56.96
C ALA C 833 37.45 0.34 58.25
N PHE C 834 37.63 -0.35 59.37
CA PHE C 834 37.84 0.32 60.63
C PHE C 834 39.25 0.90 60.75
N THR C 835 40.25 0.26 60.13
CA THR C 835 41.56 0.90 60.05
C THR C 835 41.48 2.22 59.29
N ILE C 836 40.76 2.21 58.17
CA ILE C 836 40.58 3.44 57.39
C ILE C 836 39.81 4.47 58.20
N LEU C 837 38.79 4.04 58.94
CA LEU C 837 38.04 4.95 59.81
C LEU C 837 38.96 5.57 60.85
N GLU C 838 39.87 4.78 61.42
CA GLU C 838 40.81 5.34 62.39
C GLU C 838 41.78 6.29 61.72
N LYS C 839 42.06 6.09 60.43
CA LYS C 839 42.88 7.06 59.70
C LYS C 839 42.15 8.39 59.56
N THR C 840 40.88 8.35 59.17
CA THR C 840 40.06 9.56 59.01
C THR C 840 38.84 9.45 59.92
N PRO C 841 38.88 10.02 61.13
CA PRO C 841 37.77 9.83 62.08
C PRO C 841 36.48 10.54 61.67
N THR C 842 36.50 11.39 60.65
CA THR C 842 35.30 12.13 60.28
C THR C 842 34.25 11.27 59.60
N LEU C 843 34.64 10.13 59.02
CA LEU C 843 33.75 9.29 58.24
C LEU C 843 33.09 8.19 59.05
N ALA C 844 32.88 8.41 60.35
CA ALA C 844 32.38 7.36 61.23
C ALA C 844 31.00 6.88 60.78
N ARG C 845 30.09 7.82 60.49
CA ARG C 845 28.75 7.46 60.05
C ARG C 845 28.77 6.72 58.72
N GLU C 846 29.88 6.79 57.97
CA GLU C 846 29.98 6.05 56.73
C GLU C 846 30.17 4.55 56.97
N VAL C 847 30.59 4.15 58.16
CA VAL C 847 30.79 2.75 58.50
C VAL C 847 29.77 2.27 59.53
N TYR C 848 29.45 3.12 60.51
CA TYR C 848 28.55 2.69 61.59
C TYR C 848 27.15 2.41 61.05
N VAL C 849 26.66 3.26 60.15
CA VAL C 849 25.33 3.06 59.59
C VAL C 849 25.22 1.75 58.81
N PRO C 850 26.14 1.41 57.89
CA PRO C 850 26.07 0.08 57.29
C PRO C 850 26.27 -1.05 58.28
N TRP C 851 27.06 -0.83 59.33
CA TRP C 851 27.30 -1.89 60.31
C TRP C 851 26.08 -2.09 61.20
N ALA C 852 25.43 -0.99 61.61
CA ALA C 852 24.28 -1.09 62.50
C ALA C 852 23.16 -1.88 61.85
N THR C 853 22.95 -1.70 60.55
CA THR C 853 22.02 -2.57 59.83
C THR C 853 22.55 -3.99 59.78
N TRP C 854 23.85 -4.16 59.48
CA TRP C 854 24.43 -5.49 59.34
C TRP C 854 24.34 -6.27 60.65
N LEU C 855 24.62 -5.61 61.77
CA LEU C 855 24.43 -6.24 63.07
C LEU C 855 22.97 -6.63 63.27
N ALA C 856 22.04 -5.79 62.81
CA ALA C 856 20.64 -6.16 62.86
C ALA C 856 20.30 -7.31 61.92
N ASP C 857 21.13 -7.54 60.90
CA ASP C 857 20.91 -8.68 60.02
C ASP C 857 21.34 -9.99 60.66
N ASN C 858 22.29 -9.93 61.60
CA ASN C 858 22.78 -11.11 62.29
C ASN C 858 22.19 -11.27 63.69
N ASP C 859 21.14 -10.50 64.00
CA ASP C 859 20.43 -10.56 65.28
C ASP C 859 21.39 -10.24 66.44
N LYS C 860 21.99 -9.07 66.36
CA LYS C 860 22.89 -8.58 67.40
C LYS C 860 22.36 -7.25 67.93
N PHE C 861 21.06 -7.19 68.20
CA PHE C 861 20.39 -5.92 68.47
C PHE C 861 20.91 -5.24 69.73
N ASP C 862 21.45 -6.00 70.69
CA ASP C 862 21.97 -5.39 71.91
C ASP C 862 23.12 -4.45 71.59
N GLU C 863 24.02 -4.85 70.70
CA GLU C 863 25.10 -3.99 70.26
C GLU C 863 24.74 -3.22 69.00
N ALA C 864 23.74 -3.68 68.24
CA ALA C 864 23.27 -2.89 67.10
C ALA C 864 22.63 -1.59 67.55
N LEU C 865 22.01 -1.58 68.74
CA LEU C 865 21.47 -0.33 69.25
C LEU C 865 22.58 0.66 69.56
N GLU C 866 23.67 0.19 70.16
CA GLU C 866 24.82 1.06 70.39
C GLU C 866 25.42 1.52 69.06
N ALA C 867 25.41 0.64 68.06
CA ALA C 867 25.89 1.02 66.73
C ALA C 867 25.04 2.13 66.13
N PHE C 868 23.71 2.02 66.26
CA PHE C 868 22.83 3.08 65.77
C PHE C 868 23.06 4.38 66.52
N ARG C 869 23.16 4.32 67.85
CA ARG C 869 23.33 5.52 68.66
C ARG C 869 24.68 6.17 68.42
N ALA C 870 25.69 5.39 68.01
CA ALA C 870 26.98 5.97 67.68
C ALA C 870 26.91 6.83 66.43
N ALA C 871 26.12 6.40 65.44
CA ALA C 871 25.93 7.13 64.20
C ALA C 871 24.69 8.02 64.23
N LYS C 872 24.30 8.49 65.42
CA LYS C 872 23.09 9.27 65.62
C LYS C 872 21.87 8.52 65.09
N TRP C 873 21.36 8.93 63.91
CA TRP C 873 20.26 8.29 63.22
C TRP C 873 19.10 8.00 64.16
N PRO C 874 18.37 9.03 64.61
CA PRO C 874 17.38 8.82 65.68
C PRO C 874 16.26 7.87 65.31
N LYS C 875 15.89 7.74 64.04
CA LYS C 875 14.71 6.95 63.68
C LYS C 875 14.91 5.47 63.99
N GLU C 876 15.98 4.87 63.48
CA GLU C 876 16.19 3.45 63.69
C GLU C 876 16.61 3.15 65.12
N ALA C 877 17.32 4.08 65.76
CA ALA C 877 17.63 3.93 67.17
C ALA C 877 16.36 3.91 68.01
N MET C 878 15.41 4.79 67.69
CA MET C 878 14.11 4.79 68.36
C MET C 878 13.39 3.47 68.15
N ARG C 879 13.33 3.00 66.90
CA ARG C 879 12.61 1.77 66.61
C ARG C 879 13.22 0.59 67.35
N LEU C 880 14.56 0.48 67.32
CA LEU C 880 15.22 -0.62 67.98
C LEU C 880 15.07 -0.56 69.50
N MET C 881 15.22 0.63 70.08
CA MET C 881 15.11 0.75 71.52
C MET C 881 13.71 0.47 72.01
N GLU C 882 12.69 0.95 71.29
CA GLU C 882 11.30 0.65 71.66
C GLU C 882 11.01 -0.83 71.54
N THR C 883 11.50 -1.47 70.47
CA THR C 883 11.27 -2.90 70.31
C THR C 883 11.94 -3.69 71.43
N LEU C 884 13.18 -3.30 71.79
CA LEU C 884 13.88 -4.00 72.87
C LEU C 884 13.19 -3.79 74.21
N ALA C 885 12.70 -2.57 74.48
CA ALA C 885 12.00 -2.32 75.73
C ALA C 885 10.71 -3.14 75.80
N THR C 886 9.96 -3.21 74.69
CA THR C 886 8.75 -4.02 74.68
C THR C 886 9.07 -5.50 74.86
N ASN C 887 10.15 -5.98 74.23
CA ASN C 887 10.54 -7.37 74.41
C ASN C 887 10.92 -7.66 75.86
N SER C 888 11.64 -6.74 76.50
CA SER C 888 12.04 -6.96 77.89
C SER C 888 10.84 -6.91 78.82
N VAL C 889 9.86 -6.05 78.52
CA VAL C 889 8.65 -6.00 79.34
C VAL C 889 7.83 -7.27 79.18
N THR C 890 7.65 -7.72 77.93
CA THR C 890 6.84 -8.92 77.68
C THR C 890 7.51 -10.17 78.23
N CYS C 891 8.83 -10.19 78.30
CA CYS C 891 9.58 -11.34 78.82
C CYS C 891 9.98 -11.16 80.27
N ARG C 892 9.46 -10.13 80.94
CA ARG C 892 9.69 -9.88 82.37
C ARG C 892 11.18 -9.68 82.68
N LYS C 893 11.94 -9.16 81.72
CA LYS C 893 13.32 -8.74 81.97
C LYS C 893 13.27 -7.31 82.48
N PHE C 894 12.94 -7.18 83.77
CA PHE C 894 12.64 -5.87 84.33
C PHE C 894 13.88 -4.98 84.43
N ARG C 895 15.05 -5.56 84.72
CA ARG C 895 16.27 -4.76 84.67
C ARG C 895 16.57 -4.32 83.24
N ASP C 896 16.43 -5.22 82.27
CA ASP C 896 16.61 -4.86 80.86
C ASP C 896 15.57 -3.84 80.42
N ALA C 897 14.32 -4.00 80.86
CA ALA C 897 13.28 -3.06 80.50
C ALA C 897 13.54 -1.69 81.08
N ALA C 898 14.02 -1.63 82.33
CA ALA C 898 14.36 -0.34 82.94
C ALA C 898 15.51 0.32 82.20
N PHE C 899 16.53 -0.46 81.84
CA PHE C 899 17.66 0.09 81.08
C PHE C 899 17.20 0.64 79.73
N TYR C 900 16.40 -0.13 79.00
CA TYR C 900 15.92 0.31 77.70
C TYR C 900 15.04 1.54 77.81
N TYR C 901 14.17 1.59 78.84
CA TYR C 901 13.26 2.72 78.98
C TYR C 901 14.01 3.99 79.40
N ILE C 902 15.00 3.87 80.28
CA ILE C 902 15.73 5.08 80.65
C ILE C 902 16.57 5.56 79.47
N HIS C 903 17.10 4.65 78.65
CA HIS C 903 17.82 5.12 77.47
C HIS C 903 16.87 5.69 76.41
N LEU C 904 15.64 5.18 76.33
CA LEU C 904 14.66 5.77 75.44
C LEU C 904 14.29 7.19 75.88
N ALA C 905 14.14 7.39 77.18
CA ALA C 905 13.90 8.73 77.71
C ALA C 905 15.09 9.64 77.44
N GLU C 906 16.31 9.10 77.55
CA GLU C 906 17.51 9.88 77.23
C GLU C 906 17.51 10.30 75.77
N GLU C 907 17.15 9.39 74.86
CA GLU C 907 17.26 9.69 73.44
C GLU C 907 16.07 10.48 72.90
N TYR C 908 14.95 10.53 73.62
CA TYR C 908 13.76 11.20 73.09
C TYR C 908 13.96 12.68 72.80
N GLY C 909 15.08 13.27 73.20
CA GLY C 909 15.41 14.62 72.79
C GLY C 909 16.63 14.67 71.90
N ARG C 910 16.83 13.65 71.09
CA ARG C 910 17.90 13.62 70.10
C ARG C 910 17.26 13.69 68.72
N PHE C 911 17.23 14.89 68.15
CA PHE C 911 16.68 15.11 66.82
C PHE C 911 17.80 15.13 65.79
N GLU C 912 17.42 15.25 64.53
CA GLU C 912 18.39 15.42 63.46
C GLU C 912 18.84 16.87 63.39
N GLU C 913 20.11 17.08 63.07
CA GLU C 913 20.67 18.43 63.07
C GLU C 913 20.06 19.29 61.97
N THR C 914 19.64 18.69 60.86
CA THR C 914 19.06 19.46 59.77
C THR C 914 17.65 19.94 60.07
N GLU C 915 16.99 19.36 61.08
CA GLU C 915 15.61 19.69 61.41
C GLU C 915 15.55 20.49 62.70
N LYS C 916 14.74 21.55 62.69
CA LYS C 916 14.47 22.33 63.89
C LYS C 916 13.07 21.97 64.38
N PRO C 917 12.94 21.24 65.49
CA PRO C 917 11.61 20.81 65.92
C PRO C 917 10.75 21.96 66.42
N THR C 918 9.44 21.78 66.30
CA THR C 918 8.48 22.75 66.80
C THR C 918 8.38 22.66 68.33
N ASP C 919 7.77 23.68 68.91
CA ASP C 919 7.67 23.73 70.37
C ASP C 919 6.70 22.68 70.90
N VAL C 920 5.62 22.42 70.16
CA VAL C 920 4.63 21.43 70.59
C VAL C 920 5.25 20.05 70.63
N GLU C 921 6.02 19.70 69.59
CA GLU C 921 6.70 18.42 69.57
C GLU C 921 7.73 18.32 70.70
N LYS C 922 8.40 19.43 71.01
CA LYS C 922 9.34 19.44 72.12
C LYS C 922 8.63 19.13 73.44
N ALA C 923 7.49 19.77 73.67
CA ALA C 923 6.74 19.51 74.90
C ALA C 923 6.24 18.07 74.96
N ALA C 924 5.73 17.56 73.82
CA ALA C 924 5.24 16.18 73.79
C ALA C 924 6.36 15.18 74.07
N ARG C 925 7.54 15.41 73.49
CA ARG C 925 8.65 14.50 73.72
C ARG C 925 9.19 14.64 75.14
N ILE C 926 9.10 15.83 75.74
CA ILE C 926 9.47 15.97 77.15
C ILE C 926 8.54 15.14 78.03
N ARG C 927 7.24 15.21 77.75
CA ARG C 927 6.28 14.42 78.53
C ARG C 927 6.50 12.92 78.34
N ARG C 928 6.78 12.49 77.10
CA ARG C 928 7.07 11.08 76.85
C ARG C 928 8.35 10.65 77.55
N SER C 929 9.36 11.52 77.60
CA SER C 929 10.59 11.22 78.30
C SER C 929 10.35 11.04 79.80
N LYS C 930 9.54 11.91 80.40
CA LYS C 930 9.22 11.77 81.82
C LYS C 930 8.44 10.49 82.08
N GLU C 931 7.52 10.14 81.19
CA GLU C 931 6.79 8.87 81.32
C GLU C 931 7.73 7.68 81.26
N CYS C 932 8.69 7.71 80.34
CA CYS C 932 9.66 6.62 80.23
C CYS C 932 10.55 6.54 81.46
N VAL C 933 10.93 7.70 82.02
CA VAL C 933 11.71 7.70 83.25
C VAL C 933 10.94 7.06 84.39
N ARG C 934 9.65 7.40 84.51
CA ARG C 934 8.82 6.80 85.55
C ARG C 934 8.70 5.29 85.36
N ARG C 935 8.49 4.86 84.11
CA ARG C 935 8.38 3.43 83.83
C ARG C 935 9.68 2.70 84.17
N ALA C 936 10.83 3.29 83.82
CA ALA C 936 12.11 2.68 84.14
C ALA C 936 12.32 2.56 85.64
N ASP C 937 11.97 3.61 86.39
CA ASP C 937 12.09 3.55 87.84
C ASP C 937 11.22 2.45 88.42
N ILE C 938 9.96 2.36 87.96
CA ILE C 938 9.05 1.35 88.48
C ILE C 938 9.54 -0.05 88.17
N TYR C 939 10.00 -0.29 86.93
CA TYR C 939 10.46 -1.63 86.56
C TYR C 939 11.72 -2.01 87.32
N TYR C 940 12.66 -1.08 87.48
CA TYR C 940 13.86 -1.37 88.25
C TYR C 940 13.53 -1.69 89.70
N ALA C 941 12.58 -0.95 90.30
CA ALA C 941 12.16 -1.27 91.65
C ALA C 941 11.49 -2.64 91.72
N PHE C 942 10.66 -2.96 90.72
CA PHE C 942 9.85 -4.17 90.76
C PHE C 942 10.63 -5.43 90.42
N SER C 943 11.82 -5.31 89.82
CA SER C 943 12.61 -6.49 89.47
C SER C 943 12.90 -7.35 90.69
N GLY C 944 13.45 -6.75 91.75
CA GLY C 944 13.82 -7.51 92.92
C GLY C 944 12.61 -8.09 93.65
N VAL C 945 11.51 -7.32 93.70
CA VAL C 945 10.30 -7.79 94.35
C VAL C 945 9.73 -9.00 93.62
N TYR C 946 9.70 -8.94 92.28
CA TYR C 946 9.22 -10.07 91.51
C TYR C 946 10.12 -11.28 91.67
N ALA C 947 11.43 -11.05 91.73
CA ALA C 947 12.38 -12.15 91.96
C ALA C 947 12.12 -12.81 93.32
N HIS C 948 11.90 -12.00 94.35
CA HIS C 948 11.60 -12.56 95.67
C HIS C 948 10.29 -13.31 95.68
N THR C 949 9.27 -12.78 95.00
CA THR C 949 7.94 -13.40 95.04
C THR C 949 7.91 -14.71 94.28
N THR C 950 8.52 -14.77 93.10
CA THR C 950 8.36 -15.92 92.23
C THR C 950 9.56 -16.86 92.22
N GLN C 951 10.65 -16.52 92.91
CA GLN C 951 11.83 -17.39 92.86
C GLN C 951 12.37 -17.63 94.26
N PRO C 952 12.89 -18.83 94.52
CA PRO C 952 13.56 -19.13 95.81
C PRO C 952 15.02 -18.68 95.80
N LEU C 953 15.21 -17.36 95.84
CA LEU C 953 16.51 -16.74 95.66
C LEU C 953 16.91 -15.98 96.93
N PRO C 954 18.20 -15.80 97.17
CA PRO C 954 18.63 -14.99 98.31
C PRO C 954 18.18 -13.54 98.15
N TYR C 955 17.88 -12.90 99.28
CA TYR C 955 17.35 -11.55 99.25
C TYR C 955 17.79 -10.80 100.50
N ASN C 956 17.77 -9.48 100.39
CA ASN C 956 17.90 -8.61 101.55
C ASN C 956 16.51 -8.33 102.11
N GLU C 957 16.46 -8.08 103.42
CA GLU C 957 15.17 -7.87 104.08
C GLU C 957 14.79 -6.39 104.15
N LEU C 958 15.66 -5.57 104.74
CA LEU C 958 15.35 -4.15 104.88
C LEU C 958 15.28 -3.45 103.53
N SER C 959 16.19 -3.80 102.62
CA SER C 959 16.16 -3.23 101.28
C SER C 959 14.88 -3.59 100.55
N LEU C 960 14.44 -4.84 100.67
CA LEU C 960 13.20 -5.25 100.04
C LEU C 960 11.99 -4.57 100.68
N PHE C 961 12.06 -4.34 101.99
CA PHE C 961 10.99 -3.63 102.68
C PHE C 961 10.87 -2.20 102.16
N ARG C 962 12.00 -1.50 102.02
CA ARG C 962 11.95 -0.13 101.53
C ARG C 962 11.57 -0.08 100.06
N THR C 963 12.01 -1.06 99.27
CA THR C 963 11.58 -1.16 97.88
C THR C 963 10.07 -1.36 97.79
N ALA C 964 9.52 -2.19 98.67
CA ALA C 964 8.08 -2.41 98.68
C ALA C 964 7.33 -1.15 99.07
N LYS C 965 7.85 -0.40 100.04
CA LYS C 965 7.22 0.87 100.41
C LYS C 965 7.24 1.85 99.24
N TYR C 966 8.37 1.94 98.54
CA TYR C 966 8.46 2.84 97.39
C TYR C 966 7.50 2.43 96.28
N LEU C 967 7.41 1.13 96.00
CA LEU C 967 6.51 0.65 94.95
C LEU C 967 5.06 0.90 95.32
N PHE C 968 4.70 0.69 96.60
CA PHE C 968 3.35 0.99 97.04
C PHE C 968 3.05 2.47 96.91
N GLY C 969 4.03 3.32 97.23
CA GLY C 969 3.82 4.75 97.10
C GLY C 969 3.63 5.20 95.66
N MET C 970 4.45 4.69 94.75
CA MET C 970 4.46 5.18 93.37
C MET C 970 3.70 4.29 92.39
N CYS C 971 2.94 3.31 92.88
CA CYS C 971 2.14 2.49 91.98
C CYS C 971 0.70 2.99 91.84
N ALA C 972 0.21 3.79 92.79
CA ALA C 972 -1.14 4.34 92.74
C ALA C 972 -1.19 5.74 92.15
N GLU C 973 -0.04 6.34 91.82
CA GLU C 973 -0.03 7.70 91.31
C GLU C 973 -0.68 7.80 89.94
N SER C 974 -0.35 6.87 89.03
CA SER C 974 -0.86 6.90 87.67
C SER C 974 -1.17 5.46 87.25
N ALA C 975 -1.39 5.27 85.96
CA ALA C 975 -1.61 3.94 85.43
C ALA C 975 -0.36 3.09 85.62
N ILE C 976 -0.54 1.89 86.17
CA ILE C 976 0.58 1.01 86.48
C ILE C 976 1.09 0.42 85.17
N PRO C 977 2.40 0.30 84.99
CA PRO C 977 2.92 -0.26 83.74
C PRO C 977 2.65 -1.76 83.63
N ILE C 978 2.74 -2.26 82.39
CA ILE C 978 2.43 -3.65 82.12
C ILE C 978 3.40 -4.57 82.85
N ASN C 979 2.87 -5.69 83.34
CA ASN C 979 3.61 -6.73 84.05
C ASN C 979 4.19 -6.23 85.39
N VAL C 980 3.59 -5.19 85.95
CA VAL C 980 3.82 -4.79 87.34
C VAL C 980 2.52 -5.01 88.08
N GLY C 981 2.50 -6.00 88.97
CA GLY C 981 1.27 -6.41 89.65
C GLY C 981 1.21 -5.89 91.07
N LYS C 982 0.00 -5.52 91.49
CA LYS C 982 -0.20 -5.08 92.87
C LYS C 982 -0.20 -6.24 93.85
N GLY C 983 -0.68 -7.41 93.43
CA GLY C 983 -0.73 -8.55 94.34
C GLY C 983 0.65 -8.98 94.79
N ALA C 984 1.60 -9.06 93.86
CA ALA C 984 2.94 -9.51 94.21
C ALA C 984 3.63 -8.52 95.15
N ILE C 985 3.52 -7.23 94.87
CA ILE C 985 4.20 -6.24 95.71
C ILE C 985 3.54 -6.16 97.08
N LEU C 986 2.21 -6.29 97.14
CA LEU C 986 1.53 -6.29 98.43
C LEU C 986 1.89 -7.53 99.24
N TYR C 987 1.97 -8.70 98.60
CA TYR C 987 2.38 -9.90 99.31
C TYR C 987 3.80 -9.79 99.83
N THR C 988 4.71 -9.24 99.01
CA THR C 988 6.10 -9.06 99.44
C THR C 988 6.17 -8.12 100.64
N LEU C 989 5.48 -6.99 100.56
CA LEU C 989 5.50 -6.04 101.67
C LEU C 989 4.91 -6.63 102.94
N SER C 990 3.81 -7.37 102.81
CA SER C 990 3.18 -7.99 103.98
C SER C 990 4.10 -9.02 104.61
N ARG C 991 4.71 -9.89 103.80
CA ARG C 991 5.56 -10.93 104.37
C ARG C 991 6.82 -10.34 105.00
N ILE C 992 7.42 -9.33 104.37
CA ILE C 992 8.63 -8.74 104.94
C ILE C 992 8.31 -7.96 106.20
N ALA C 993 7.18 -7.25 106.22
CA ALA C 993 6.79 -6.53 107.43
C ALA C 993 6.48 -7.49 108.57
N ASN C 994 5.86 -8.64 108.26
CA ASN C 994 5.63 -9.64 109.29
C ASN C 994 6.94 -10.22 109.80
N ARG C 995 7.90 -10.46 108.90
CA ARG C 995 9.19 -11.01 109.32
C ARG C 995 10.00 -9.99 110.10
N LEU C 996 9.96 -8.72 109.68
CA LEU C 996 10.71 -7.67 110.35
C LEU C 996 9.92 -7.03 111.49
N GLU C 997 8.77 -7.62 111.84
CA GLU C 997 7.96 -7.19 112.97
C GLU C 997 7.48 -5.75 112.82
N MET C 998 7.15 -5.37 111.59
CA MET C 998 6.42 -4.12 111.34
C MET C 998 4.92 -4.43 111.40
N VAL C 999 4.49 -4.80 112.60
CA VAL C 999 3.19 -5.46 112.78
C VAL C 999 2.04 -4.53 112.42
N ARG C 1000 2.12 -3.26 112.81
CA ARG C 1000 1.09 -2.30 112.40
C ARG C 1000 1.10 -2.11 110.88
N THR C 1001 2.30 -1.91 110.31
CA THR C 1001 2.42 -1.83 108.87
C THR C 1001 1.99 -3.15 108.22
N ALA C 1002 2.33 -4.28 108.85
CA ALA C 1002 1.96 -5.57 108.30
C ALA C 1002 0.45 -5.74 108.23
N ARG C 1003 -0.26 -5.36 109.29
CA ARG C 1003 -1.72 -5.52 109.27
C ARG C 1003 -2.38 -4.50 108.35
N ALA C 1004 -1.81 -3.30 108.24
CA ALA C 1004 -2.34 -2.33 107.28
C ALA C 1004 -2.22 -2.85 105.85
N VAL C 1005 -1.03 -3.32 105.47
CA VAL C 1005 -0.85 -3.84 104.13
C VAL C 1005 -1.58 -5.17 103.94
N PHE C 1006 -1.88 -5.89 105.03
CA PHE C 1006 -2.67 -7.11 104.91
C PHE C 1006 -4.15 -6.80 104.66
N GLU C 1007 -4.69 -5.81 105.36
CA GLU C 1007 -6.08 -5.42 105.09
C GLU C 1007 -6.20 -4.78 103.71
N LYS C 1008 -5.12 -4.19 103.20
CA LYS C 1008 -5.12 -3.78 101.80
C LYS C 1008 -5.01 -4.99 100.88
N LEU C 1009 -4.18 -5.97 101.24
CA LEU C 1009 -3.97 -7.17 100.45
C LEU C 1009 -5.22 -8.03 100.35
N GLN C 1010 -6.14 -7.87 101.30
CA GLN C 1010 -7.43 -8.56 101.22
C GLN C 1010 -8.21 -8.19 99.96
N GLY C 1011 -7.92 -7.03 99.37
CA GLY C 1011 -8.68 -6.54 98.24
C GLY C 1011 -8.00 -6.68 96.88
N VAL C 1012 -7.09 -7.63 96.75
CA VAL C 1012 -6.47 -7.94 95.47
C VAL C 1012 -6.51 -9.45 95.25
N ILE C 1013 -6.11 -9.87 94.06
CA ILE C 1013 -6.15 -11.27 93.65
C ILE C 1013 -4.75 -11.86 93.77
N LEU C 1014 -4.67 -13.07 94.30
CA LEU C 1014 -3.43 -13.80 94.52
C LEU C 1014 -3.44 -15.09 93.71
N PRO C 1015 -2.27 -15.67 93.43
CA PRO C 1015 -2.23 -16.93 92.68
C PRO C 1015 -2.92 -18.06 93.44
N VAL C 1016 -3.27 -19.11 92.69
CA VAL C 1016 -4.11 -20.18 93.21
C VAL C 1016 -3.45 -20.95 94.34
N SER C 1017 -2.13 -20.84 94.48
CA SER C 1017 -1.38 -21.51 95.53
C SER C 1017 -0.87 -20.53 96.59
N MET C 1018 -1.62 -19.47 96.85
CA MET C 1018 -1.22 -18.44 97.79
C MET C 1018 -2.32 -18.00 98.76
N MET C 1019 -3.60 -18.26 98.44
CA MET C 1019 -4.69 -17.74 99.25
C MET C 1019 -4.68 -18.34 100.65
N GLU C 1020 -4.43 -19.65 100.76
CA GLU C 1020 -4.46 -20.29 102.08
C GLU C 1020 -3.37 -19.74 102.98
N GLN C 1021 -2.16 -19.61 102.44
CA GLN C 1021 -1.05 -19.08 103.21
C GLN C 1021 -1.30 -17.63 103.60
N VAL C 1022 -1.85 -16.84 102.70
CA VAL C 1022 -2.09 -15.44 103.06
C VAL C 1022 -3.20 -15.34 104.09
N ASP C 1023 -4.19 -16.24 104.04
CA ASP C 1023 -5.23 -16.26 105.07
C ASP C 1023 -4.62 -16.56 106.44
N ILE C 1024 -3.75 -17.57 106.50
CA ILE C 1024 -3.12 -17.91 107.77
C ILE C 1024 -2.25 -16.77 108.27
N GLU C 1025 -1.49 -16.13 107.37
CA GLU C 1025 -0.61 -15.05 107.77
C GLU C 1025 -1.40 -13.86 108.30
N THR C 1026 -2.49 -13.48 107.62
CA THR C 1026 -3.24 -12.32 108.07
C THR C 1026 -4.07 -12.62 109.32
N LEU C 1027 -4.43 -13.89 109.56
CA LEU C 1027 -5.07 -14.20 110.82
C LEU C 1027 -4.08 -14.20 111.98
N LEU C 1028 -2.85 -14.68 111.73
CA LEU C 1028 -1.84 -14.66 112.80
C LEU C 1028 -1.36 -13.25 113.09
N VAL C 1029 -1.31 -12.37 112.09
CA VAL C 1029 -0.80 -11.03 112.31
C VAL C 1029 -1.76 -10.18 113.15
N ARG C 1030 -3.01 -10.61 113.30
CA ARG C 1030 -3.97 -9.86 114.12
C ARG C 1030 -3.64 -9.92 115.60
N SER C 1031 -2.76 -10.83 116.02
CA SER C 1031 -2.23 -10.82 117.38
C SER C 1031 -1.05 -9.83 117.43
N LYS C 1032 -0.30 -9.87 118.54
CA LYS C 1032 0.88 -9.04 118.81
C LYS C 1032 0.51 -7.58 119.01
N PRO C 1033 1.24 -6.84 119.83
CA PRO C 1033 0.89 -5.43 120.05
C PRO C 1033 1.04 -4.60 118.78
N VAL C 1034 0.16 -3.60 118.65
CA VAL C 1034 0.14 -2.77 117.43
C VAL C 1034 1.13 -1.63 117.67
N LYS C 1035 2.40 -1.92 117.38
CA LYS C 1035 3.46 -0.93 117.53
C LYS C 1035 4.57 -1.26 116.56
N ASP C 1036 4.98 -0.27 115.76
CA ASP C 1036 6.03 -0.44 114.77
C ASP C 1036 7.33 0.15 115.27
N ARG C 1037 8.43 -0.44 114.82
CA ARG C 1037 9.75 -0.01 115.24
C ARG C 1037 10.06 1.37 114.67
N ASP C 1038 10.71 2.20 115.49
CA ASP C 1038 11.10 3.55 115.08
C ASP C 1038 12.43 3.58 114.35
N GLU C 1039 13.10 2.43 114.19
CA GLU C 1039 14.40 2.39 113.53
C GLU C 1039 14.31 2.17 112.03
N LEU C 1040 13.20 1.63 111.53
CA LEU C 1040 13.04 1.30 110.12
C LEU C 1040 11.84 2.01 109.51
N LEU C 1041 11.60 3.24 109.92
CA LEU C 1041 10.54 4.07 109.39
C LEU C 1041 11.12 5.17 108.52
N ASP C 1042 10.49 5.42 107.37
CA ASP C 1042 10.93 6.49 106.50
C ASP C 1042 10.75 7.84 107.18
N ARG C 1043 11.72 8.72 106.98
CA ARG C 1043 11.72 10.04 107.60
C ARG C 1043 11.65 11.10 106.51
N CYS C 1044 10.73 12.05 106.68
CA CYS C 1044 10.62 13.19 105.78
C CYS C 1044 11.43 14.34 106.34
N PHE C 1045 12.53 14.68 105.68
CA PHE C 1045 13.36 15.78 106.13
C PHE C 1045 12.71 17.14 105.88
N ARG C 1046 11.80 17.21 104.91
CA ARG C 1046 11.07 18.46 104.68
C ARG C 1046 10.17 18.80 105.86
N CYS C 1047 9.45 17.81 106.38
CA CYS C 1047 8.56 18.01 107.52
C CYS C 1047 9.21 17.69 108.85
N ASN C 1048 10.42 17.10 108.85
CA ASN C 1048 11.13 16.71 110.06
C ASN C 1048 10.28 15.76 110.92
N GLN C 1049 9.54 14.88 110.25
CA GLN C 1049 8.65 13.94 110.92
C GLN C 1049 8.81 12.55 110.30
N LEU C 1050 8.63 11.53 111.13
CA LEU C 1050 8.65 10.16 110.65
C LEU C 1050 7.38 9.85 109.88
N ILE C 1051 7.52 9.06 108.80
CA ILE C 1051 6.38 8.67 107.98
C ILE C 1051 5.84 7.37 108.59
N ALA C 1052 4.97 7.52 109.60
CA ALA C 1052 4.41 6.35 110.26
C ALA C 1052 3.41 5.62 109.36
N GLN C 1053 2.60 6.37 108.63
CA GLN C 1053 1.60 5.81 107.74
C GLN C 1053 2.23 5.47 106.40
N LEU C 1054 1.57 4.58 105.67
CA LEU C 1054 2.04 4.21 104.34
C LEU C 1054 1.98 5.41 103.41
N PRO C 1055 2.95 5.56 102.51
CA PRO C 1055 2.90 6.67 101.56
C PRO C 1055 1.69 6.55 100.64
N MET C 1056 1.15 7.71 100.26
CA MET C 1056 -0.01 7.76 99.39
C MET C 1056 0.43 7.57 97.94
N ALA C 1057 -0.47 7.85 97.01
CA ALA C 1057 -0.13 7.77 95.59
C ALA C 1057 0.98 8.77 95.27
N GLY C 1058 2.03 8.27 94.61
CA GLY C 1058 3.19 9.09 94.30
C GLY C 1058 4.28 9.08 95.35
N ASP C 1059 4.13 8.30 96.42
CA ASP C 1059 5.12 8.20 97.50
C ASP C 1059 5.40 9.57 98.12
N ARG C 1060 4.36 10.15 98.71
CA ARG C 1060 4.43 11.50 99.25
C ARG C 1060 4.23 11.47 100.77
N CYS C 1061 4.86 12.44 101.44
CA CYS C 1061 4.70 12.55 102.88
C CYS C 1061 3.26 12.91 103.23
N PRO C 1062 2.69 12.31 104.28
CA PRO C 1062 1.34 12.71 104.70
C PRO C 1062 1.24 14.16 105.12
N ASN C 1063 2.31 14.74 105.66
CA ASN C 1063 2.26 16.11 106.16
C ASN C 1063 2.69 17.15 105.13
N CYS C 1064 3.45 16.76 104.11
CA CYS C 1064 3.99 17.72 103.15
C CYS C 1064 3.67 17.42 101.69
N PHE C 1065 3.27 16.19 101.36
CA PHE C 1065 2.93 15.76 100.00
C PHE C 1065 4.10 15.81 99.04
N HIS C 1066 5.32 16.01 99.54
CA HIS C 1066 6.53 16.03 98.70
C HIS C 1066 7.08 14.62 98.57
N PRO C 1067 7.37 14.16 97.35
CA PRO C 1067 7.94 12.81 97.19
C PRO C 1067 9.34 12.73 97.76
N CYS C 1068 9.55 11.76 98.64
CA CYS C 1068 10.84 11.60 99.29
C CYS C 1068 11.90 11.15 98.30
N VAL C 1069 13.14 11.57 98.56
CA VAL C 1069 14.27 11.28 97.70
C VAL C 1069 14.96 10.05 98.27
N ARG C 1070 14.54 8.88 97.81
CA ARG C 1070 15.18 7.65 98.23
C ARG C 1070 16.45 7.40 97.43
N SER C 1071 17.26 6.46 97.91
CA SER C 1071 18.31 5.90 97.10
C SER C 1071 17.71 5.01 96.02
N PHE C 1072 18.55 4.51 95.12
CA PHE C 1072 18.06 3.70 94.02
C PHE C 1072 18.83 2.39 93.88
N VAL C 1073 19.30 1.85 94.99
CA VAL C 1073 19.78 0.47 95.06
C VAL C 1073 19.09 -0.29 96.19
N ASN C 1074 18.96 0.33 97.36
CA ASN C 1074 18.18 -0.22 98.46
C ASN C 1074 17.02 0.67 98.87
N PHE C 1075 16.81 1.80 98.18
CA PHE C 1075 15.61 2.62 98.31
C PHE C 1075 15.44 3.20 99.72
N GLU C 1076 16.54 3.57 100.36
CA GLU C 1076 16.48 4.25 101.64
C GLU C 1076 16.50 5.77 101.43
N CYS C 1077 15.82 6.48 102.33
CA CYS C 1077 15.66 7.92 102.18
C CYS C 1077 16.99 8.65 102.36
N LEU C 1078 17.06 9.83 101.77
CA LEU C 1078 18.26 10.66 101.76
C LEU C 1078 17.94 12.04 102.29
N PRO C 1079 18.91 12.70 102.93
CA PRO C 1079 18.66 14.05 103.51
C PRO C 1079 18.70 15.15 102.46
N LEU C 1080 17.74 15.10 101.54
CA LEU C 1080 17.63 16.09 100.48
C LEU C 1080 16.20 16.60 100.40
N VAL C 1081 16.07 17.87 100.03
CA VAL C 1081 14.76 18.53 99.90
C VAL C 1081 14.66 19.10 98.49
N GLU C 1082 13.59 18.73 97.78
CA GLU C 1082 13.42 19.12 96.38
C GLU C 1082 12.79 20.51 96.28
N PHE C 1083 13.29 21.30 95.32
CA PHE C 1083 12.66 22.57 94.99
C PHE C 1083 13.02 22.97 93.57
N VAL C 1084 12.27 23.95 93.07
CA VAL C 1084 12.39 24.49 91.73
C VAL C 1084 12.55 26.01 91.85
N LEU C 1085 13.42 26.58 91.03
CA LEU C 1085 13.68 28.01 91.08
C LEU C 1085 12.50 28.79 90.46
N ALA C 1086 12.51 30.10 90.70
CA ALA C 1086 11.47 30.98 90.19
C ALA C 1086 11.76 31.33 88.73
N ASP C 1087 11.01 32.29 88.19
CA ASP C 1087 11.04 32.61 86.77
C ASP C 1087 12.21 33.52 86.37
N GLU C 1088 13.12 33.83 87.30
CA GLU C 1088 14.18 34.80 87.01
C GLU C 1088 15.52 34.30 87.52
N LEU C 1089 15.81 33.01 87.34
CA LEU C 1089 17.07 32.43 87.79
C LEU C 1089 17.57 31.41 86.78
N THR C 1090 18.88 31.19 86.79
CA THR C 1090 19.56 30.20 85.96
C THR C 1090 20.31 29.20 86.86
N ASP C 1091 21.11 28.35 86.23
CA ASP C 1091 21.82 27.30 86.95
C ASP C 1091 23.32 27.56 87.10
N GLU C 1092 23.96 28.19 86.13
CA GLU C 1092 25.42 28.35 86.18
C GLU C 1092 25.84 29.28 87.31
N GLU C 1093 25.13 30.39 87.50
CA GLU C 1093 25.58 31.41 88.45
C GLU C 1093 25.36 31.01 89.89
N ALA C 1094 24.47 30.05 90.16
CA ALA C 1094 24.12 29.70 91.54
C ALA C 1094 25.31 29.13 92.28
N GLU C 1095 25.99 28.15 91.67
CA GLU C 1095 27.14 27.52 92.32
C GLU C 1095 28.26 28.52 92.56
N ARG C 1096 28.54 29.38 91.58
CA ARG C 1096 29.61 30.37 91.74
C ARG C 1096 29.25 31.42 92.78
N ILE C 1097 27.97 31.80 92.88
CA ILE C 1097 27.55 32.73 93.93
C ILE C 1097 27.69 32.09 95.30
N ILE C 1098 27.33 30.82 95.43
CA ILE C 1098 27.49 30.12 96.71
C ILE C 1098 28.97 30.01 97.08
N VAL C 1099 29.82 29.75 96.09
CA VAL C 1099 31.27 29.70 96.33
C VAL C 1099 31.78 31.05 96.81
N SER C 1100 31.37 32.12 96.12
CA SER C 1100 31.78 33.46 96.52
C SER C 1100 31.17 33.85 97.86
N GLY C 1101 29.92 33.48 98.10
CA GLY C 1101 29.26 33.78 99.35
C GLY C 1101 28.14 34.79 99.23
N ASN C 1165 16.43 29.49 110.96
CA ASN C 1165 17.67 29.55 110.20
C ASN C 1165 17.45 29.10 108.75
N ASP C 1166 16.65 28.06 108.59
CA ASP C 1166 16.32 27.56 107.26
C ASP C 1166 15.36 28.53 106.58
N PRO C 1167 15.71 29.08 105.42
CA PRO C 1167 14.80 30.05 104.76
C PRO C 1167 13.48 29.44 104.30
N PHE C 1168 13.41 28.12 104.13
CA PHE C 1168 12.20 27.48 103.63
C PHE C 1168 11.17 27.21 104.72
N PHE C 1169 11.48 27.49 105.99
CA PHE C 1169 10.57 27.12 107.06
C PHE C 1169 9.24 27.85 106.93
N THR C 1170 9.26 29.12 106.52
CA THR C 1170 8.03 29.84 106.25
C THR C 1170 7.26 29.17 105.12
N GLN C 1171 7.97 28.76 104.06
CA GLN C 1171 7.36 27.94 103.02
C GLN C 1171 6.80 26.66 103.60
N LEU C 1172 7.51 26.08 104.58
CA LEU C 1172 6.97 24.92 105.29
C LEU C 1172 5.67 25.28 105.98
N GLN C 1173 5.60 26.46 106.59
CA GLN C 1173 4.37 26.92 107.22
C GLN C 1173 3.26 27.16 106.20
N TYR C 1174 3.59 27.19 104.92
CA TYR C 1174 2.59 27.30 103.87
C TYR C 1174 2.12 25.96 103.35
N VAL C 1175 2.57 24.85 103.95
CA VAL C 1175 2.26 23.51 103.47
C VAL C 1175 1.37 22.76 104.47
N LEU C 1176 1.86 22.52 105.68
CA LEU C 1176 1.15 21.69 106.65
C LEU C 1176 0.26 22.50 107.59
N ARG C 1177 0.16 23.81 107.39
CA ARG C 1177 -0.71 24.62 108.23
C ARG C 1177 -2.17 24.23 108.01
N PRO C 1178 -2.96 24.11 109.07
CA PRO C 1178 -4.39 23.80 108.89
C PRO C 1178 -5.10 24.88 108.09
N GLY C 1179 -6.02 24.44 107.22
CA GLY C 1179 -6.74 25.33 106.35
C GLY C 1179 -6.09 25.59 105.02
N ARG C 1180 -4.80 25.29 104.88
CA ARG C 1180 -4.13 25.46 103.60
C ARG C 1180 -4.60 24.40 102.62
N PRO C 1181 -4.59 24.71 101.32
CA PRO C 1181 -4.99 23.70 100.32
C PRO C 1181 -4.03 22.52 100.27
N THR C 1182 -4.51 21.35 100.68
CA THR C 1182 -3.71 20.13 100.73
C THR C 1182 -4.17 19.10 99.70
N ALA C 1183 -4.86 19.55 98.65
CA ALA C 1183 -5.29 18.61 97.61
C ALA C 1183 -4.12 18.20 96.71
N THR C 1184 -3.20 19.13 96.47
CA THR C 1184 -2.07 18.88 95.58
C THR C 1184 -0.79 19.38 96.22
N TYR C 1185 0.33 18.77 95.82
CA TYR C 1185 1.63 19.11 96.39
C TYR C 1185 2.07 20.50 95.93
N GLN C 1186 2.57 21.30 96.88
CA GLN C 1186 3.07 22.63 96.58
C GLN C 1186 4.59 22.62 96.64
N PRO C 1187 5.28 22.82 95.51
CA PRO C 1187 6.74 22.80 95.54
C PRO C 1187 7.31 23.98 96.30
N PHE C 1188 8.48 23.76 96.91
CA PHE C 1188 9.23 24.85 97.50
C PHE C 1188 9.78 25.75 96.40
N VAL C 1189 9.76 27.05 96.63
CA VAL C 1189 10.20 28.05 95.67
C VAL C 1189 11.31 28.88 96.30
N ALA C 1190 12.42 29.04 95.57
CA ALA C 1190 13.56 29.81 96.03
C ALA C 1190 13.93 30.86 94.99
N SER C 1191 14.46 31.98 95.46
CA SER C 1191 14.92 33.07 94.62
C SER C 1191 16.42 33.28 94.85
N ALA C 1192 16.96 34.34 94.22
CA ALA C 1192 18.38 34.59 94.30
C ALA C 1192 18.84 34.95 95.71
N ASP C 1193 17.93 35.49 96.53
CA ASP C 1193 18.29 35.81 97.91
C ASP C 1193 18.59 34.55 98.72
N ILE C 1194 17.82 33.48 98.50
CA ILE C 1194 18.04 32.24 99.22
C ILE C 1194 19.32 31.56 98.77
N LEU C 1195 19.61 31.62 97.46
CA LEU C 1195 20.76 30.94 96.88
C LEU C 1195 22.05 31.72 97.17
N LYS C 1196 22.34 31.91 98.45
CA LYS C 1196 23.51 32.67 98.88
C LYS C 1196 23.77 32.40 100.36
N GLY C 1197 25.03 32.52 100.75
CA GLY C 1197 25.40 32.42 102.14
C GLY C 1197 25.32 31.03 102.74
N PHE C 1198 25.39 29.99 101.91
CA PHE C 1198 25.33 28.60 102.37
C PHE C 1198 26.64 27.90 102.05
N ARG C 1199 26.72 26.62 102.44
CA ARG C 1199 27.88 25.81 102.11
C ARG C 1199 27.85 25.42 100.63
N ARG C 1200 29.04 25.16 100.08
CA ARG C 1200 29.16 24.92 98.65
C ARG C 1200 28.47 23.61 98.23
N ASP C 1201 28.67 22.55 99.00
CA ASP C 1201 28.14 21.23 98.65
C ASP C 1201 26.72 21.01 99.14
N GLU C 1202 26.11 21.99 99.81
CA GLU C 1202 24.77 21.84 100.36
C GLU C 1202 23.70 21.73 99.28
N VAL C 1203 24.01 22.08 98.03
CA VAL C 1203 23.03 22.09 96.95
C VAL C 1203 23.42 21.04 95.93
N PHE C 1204 22.45 20.21 95.55
CA PHE C 1204 22.59 19.25 94.46
C PHE C 1204 21.74 19.71 93.30
N ILE C 1205 22.37 19.85 92.13
CA ILE C 1205 21.68 20.29 90.92
C ILE C 1205 21.48 19.08 90.02
N VAL C 1206 20.22 18.77 89.71
CA VAL C 1206 19.89 17.66 88.82
C VAL C 1206 19.41 18.23 87.51
N ARG C 1207 20.11 17.89 86.43
CA ARG C 1207 19.71 18.26 85.08
C ARG C 1207 19.14 17.01 84.44
N PRO C 1208 17.82 16.91 84.26
CA PRO C 1208 17.25 15.66 83.74
C PRO C 1208 17.69 15.45 82.30
N ARG C 1209 18.30 14.30 82.05
CA ARG C 1209 18.97 14.04 80.77
C ARG C 1209 17.97 13.36 79.85
N TYR C 1210 17.15 14.18 79.18
CA TYR C 1210 16.33 13.71 78.08
C TYR C 1210 16.92 14.07 76.73
N GLY C 1211 18.25 14.22 76.66
CA GLY C 1211 18.89 14.66 75.43
C GLY C 1211 19.00 16.16 75.31
N THR C 1212 18.65 16.70 74.15
CA THR C 1212 18.75 18.12 73.88
C THR C 1212 17.46 18.89 74.20
N LEU C 1213 16.45 18.22 74.74
CA LEU C 1213 15.20 18.90 75.04
C LEU C 1213 15.42 19.92 76.17
N PRO C 1214 14.85 21.11 76.06
CA PRO C 1214 15.01 22.13 77.11
C PRO C 1214 14.12 21.82 78.31
N VAL C 1215 14.75 21.41 79.40
CA VAL C 1215 14.03 21.10 80.63
C VAL C 1215 14.72 21.80 81.79
N PRO C 1216 13.99 22.55 82.62
CA PRO C 1216 14.64 23.24 83.74
C PRO C 1216 15.21 22.26 84.76
N ASN C 1217 16.27 22.70 85.42
CA ASN C 1217 16.95 21.86 86.38
C ASN C 1217 16.23 21.87 87.73
N ARG C 1218 16.28 20.73 88.41
CA ARG C 1218 15.72 20.59 89.75
C ARG C 1218 16.85 20.75 90.77
N TYR C 1219 16.50 21.22 91.97
CA TYR C 1219 17.53 21.49 92.96
C TYR C 1219 17.16 20.83 94.27
N TYR C 1220 18.18 20.47 95.06
CA TYR C 1220 17.97 19.72 96.28
C TYR C 1220 18.88 20.26 97.38
N ARG C 1221 18.27 20.67 98.49
CA ARG C 1221 19.01 21.07 99.66
C ARG C 1221 19.48 19.84 100.43
N LEU C 1222 20.74 19.84 100.85
CA LEU C 1222 21.34 18.72 101.58
C LEU C 1222 21.25 19.02 103.08
N MET C 1223 20.43 18.26 103.79
CA MET C 1223 20.20 18.51 105.21
C MET C 1223 21.37 18.07 106.07
N ARG C 1224 21.95 16.91 105.78
CA ARG C 1224 23.00 16.33 106.61
C ARG C 1224 24.17 15.88 105.74
N SER C 1225 25.34 15.78 106.38
CA SER C 1225 26.59 15.50 105.68
C SER C 1225 27.15 14.11 105.95
N ASP C 1226 26.64 13.39 106.95
CA ASP C 1226 27.17 12.08 107.28
C ASP C 1226 26.77 11.00 106.30
N VAL C 1227 25.88 11.28 105.35
CA VAL C 1227 25.46 10.34 104.33
C VAL C 1227 25.96 10.84 102.98
N SER C 1228 26.63 9.96 102.24
CA SER C 1228 27.23 10.30 100.96
C SER C 1228 26.30 9.85 99.84
N VAL C 1229 25.89 10.78 98.99
CA VAL C 1229 24.97 10.53 97.90
C VAL C 1229 25.64 10.91 96.59
N CYS C 1230 25.42 10.10 95.55
CA CYS C 1230 26.02 10.32 94.25
C CYS C 1230 24.95 10.26 93.16
N LEU C 1231 25.29 10.86 92.02
CA LEU C 1231 24.41 10.91 90.86
C LEU C 1231 25.12 10.27 89.68
N CYS C 1232 24.46 9.30 89.04
CA CYS C 1232 24.99 8.72 87.81
C CYS C 1232 24.90 9.73 86.68
N ASN C 1233 26.01 9.91 85.96
CA ASN C 1233 26.04 10.90 84.89
C ASN C 1233 25.17 10.52 83.70
N GLY C 1234 24.67 9.30 83.63
CA GLY C 1234 23.79 8.90 82.56
C GLY C 1234 22.33 8.82 82.97
N CYS C 1235 22.06 8.97 84.26
CA CYS C 1235 20.71 8.86 84.78
C CYS C 1235 20.31 10.06 85.63
N GLN C 1236 21.29 10.60 86.37
CA GLN C 1236 21.05 11.65 87.37
C GLN C 1236 20.06 11.21 88.44
N HIS C 1237 20.01 9.91 88.71
CA HIS C 1237 19.32 9.40 89.89
C HIS C 1237 20.27 9.40 91.08
N PHE C 1238 19.69 9.34 92.28
CA PHE C 1238 20.46 9.41 93.51
C PHE C 1238 20.74 8.01 94.03
N PHE C 1239 21.98 7.78 94.44
CA PHE C 1239 22.40 6.50 94.99
C PHE C 1239 23.24 6.75 96.24
N ILE C 1240 23.24 5.76 97.14
CA ILE C 1240 24.20 5.78 98.24
C ILE C 1240 25.58 5.50 97.68
N ALA C 1241 26.55 6.36 98.02
CA ALA C 1241 27.86 6.33 97.37
C ALA C 1241 28.56 4.99 97.60
N GLU C 1242 28.56 4.51 98.85
CA GLU C 1242 29.18 3.21 99.12
C GLU C 1242 28.43 2.09 98.40
N ASP C 1243 27.10 2.12 98.44
CA ASP C 1243 26.32 1.09 97.76
C ASP C 1243 26.42 1.22 96.25
N TYR C 1244 26.51 2.45 95.73
CA TYR C 1244 26.73 2.64 94.30
C TYR C 1244 28.06 2.06 93.86
N GLU C 1245 29.11 2.31 94.66
CA GLU C 1245 30.43 1.75 94.36
C GLU C 1245 30.40 0.23 94.42
N ALA C 1246 29.71 -0.33 95.42
CA ALA C 1246 29.62 -1.79 95.54
C ALA C 1246 28.86 -2.39 94.36
N GLU C 1247 27.80 -1.72 93.90
CA GLU C 1247 27.03 -2.24 92.78
C GLU C 1247 27.76 -2.07 91.45
N CYS C 1248 28.63 -1.08 91.34
CA CYS C 1248 29.37 -0.86 90.10
C CYS C 1248 30.33 -2.00 89.77
N MET C 1249 30.63 -2.87 90.73
CA MET C 1249 31.54 -3.98 90.50
C MET C 1249 30.89 -5.16 89.82
N ARG C 1250 29.58 -5.10 89.56
CA ARG C 1250 28.87 -6.21 88.94
C ARG C 1250 29.23 -6.41 87.48
N GLY C 1251 29.95 -5.46 86.87
CA GLY C 1251 30.31 -5.54 85.48
C GLY C 1251 29.43 -4.76 84.54
N SER C 1252 28.55 -3.90 85.06
CA SER C 1252 27.68 -3.07 84.24
C SER C 1252 27.86 -1.59 84.51
N GLY C 1253 28.04 -1.18 85.76
CA GLY C 1253 28.16 0.22 86.11
C GLY C 1253 27.03 0.66 87.02
N CYS C 1254 26.33 1.72 86.64
CA CYS C 1254 25.11 2.09 87.34
C CYS C 1254 24.08 0.98 87.15
N PRO C 1255 23.44 0.51 88.23
CA PRO C 1255 22.50 -0.61 88.08
C PRO C 1255 21.34 -0.32 87.15
N LEU C 1256 20.91 0.93 87.07
CA LEU C 1256 19.80 1.33 86.21
C LEU C 1256 20.26 1.68 84.79
N CYS C 1257 21.44 2.28 84.66
CA CYS C 1257 21.91 2.80 83.38
C CYS C 1257 22.94 1.93 82.69
N ARG C 1258 23.68 1.11 83.43
CA ARG C 1258 24.85 0.41 82.92
C ARG C 1258 25.83 1.40 82.29
N TYR C 1259 26.09 2.48 83.03
CA TYR C 1259 26.94 3.58 82.57
C TYR C 1259 28.31 3.46 83.21
N ARG C 1260 29.36 3.60 82.39
CA ARG C 1260 30.73 3.56 82.87
C ARG C 1260 31.45 4.81 82.41
N PRO C 1261 32.10 5.54 83.31
CA PRO C 1261 32.81 6.76 82.90
C PRO C 1261 34.10 6.44 82.16
N GLY C 1262 34.63 7.47 81.50
CA GLY C 1262 35.86 7.32 80.74
C GLY C 1262 35.75 6.37 79.58
N LYS C 1263 34.63 6.42 78.86
CA LYS C 1263 34.38 5.56 77.72
C LYS C 1263 34.31 6.38 76.44
N GLN C 1264 35.07 5.97 75.43
CA GLN C 1264 35.04 6.62 74.13
C GLN C 1264 34.18 5.79 73.18
N VAL C 1265 33.44 6.48 72.32
CA VAL C 1265 32.55 5.79 71.38
C VAL C 1265 33.36 4.95 70.39
N SER C 1266 34.53 5.45 69.97
CA SER C 1266 35.33 4.73 68.99
C SER C 1266 35.91 3.45 69.57
N ARG C 1267 36.46 3.53 70.79
CA ARG C 1267 37.07 2.35 71.39
C ARG C 1267 36.02 1.28 71.69
N SER C 1268 34.88 1.70 72.25
CA SER C 1268 33.80 0.75 72.52
C SER C 1268 33.20 0.21 71.24
N MET C 1269 33.22 0.99 70.16
CA MET C 1269 32.70 0.53 68.88
C MET C 1269 33.65 -0.46 68.21
N LYS C 1270 34.94 -0.35 68.46
CA LYS C 1270 35.87 -1.37 67.99
C LYS C 1270 35.90 -2.59 68.90
N GLN C 1271 35.47 -2.42 70.15
CA GLN C 1271 35.43 -3.54 71.09
C GLN C 1271 34.47 -4.63 70.62
N ILE C 1272 33.30 -4.25 70.10
CA ILE C 1272 32.36 -5.26 69.64
C ILE C 1272 32.91 -6.00 68.42
N LEU C 1273 33.63 -5.29 67.54
CA LEU C 1273 34.27 -5.93 66.40
C LEU C 1273 35.32 -6.94 66.86
N PHE C 1274 36.13 -6.56 67.85
CA PHE C 1274 37.15 -7.47 68.37
C PHE C 1274 36.52 -8.68 69.04
N ASP C 1275 35.41 -8.47 69.77
CA ASP C 1275 34.70 -9.57 70.39
C ASP C 1275 34.10 -10.51 69.35
N MET C 1276 33.59 -9.94 68.24
CA MET C 1276 33.11 -10.76 67.14
C MET C 1276 34.24 -11.60 66.54
N GLU C 1277 35.42 -10.99 66.38
CA GLU C 1277 36.57 -11.73 65.88
C GLU C 1277 36.94 -12.88 66.80
N THR C 1278 36.98 -12.62 68.11
CA THR C 1278 37.35 -13.66 69.06
C THR C 1278 36.31 -14.77 69.12
N ALA C 1279 35.02 -14.40 69.05
CA ALA C 1279 33.96 -15.41 69.07
C ALA C 1279 33.98 -16.26 67.81
N ALA C 1280 34.25 -15.64 66.66
CA ALA C 1280 34.33 -16.41 65.42
C ALA C 1280 35.51 -17.37 65.43
N ALA C 1281 36.55 -17.07 66.21
CA ALA C 1281 37.69 -17.98 66.30
C ALA C 1281 37.30 -19.30 66.94
N ALA C 1282 36.48 -19.27 67.97
CA ALA C 1282 36.03 -20.48 68.64
C ALA C 1282 34.80 -21.06 67.95
N GLU D 869 14.52 85.01 -120.22
CA GLU D 869 15.04 83.90 -119.43
C GLU D 869 14.01 83.43 -118.41
N LEU D 870 12.96 84.22 -118.23
CA LEU D 870 11.86 83.88 -117.33
C LEU D 870 10.63 83.40 -118.07
N SER D 871 10.64 83.41 -119.40
CA SER D 871 9.54 82.82 -120.15
C SER D 871 9.45 81.32 -119.91
N VAL D 872 10.60 80.64 -119.83
CA VAL D 872 10.61 79.23 -119.49
C VAL D 872 10.11 79.00 -118.07
N ARG D 873 10.47 79.91 -117.15
CA ARG D 873 9.98 79.78 -115.78
C ARG D 873 8.47 79.94 -115.73
N VAL D 874 7.93 80.89 -116.50
CA VAL D 874 6.48 81.05 -116.59
C VAL D 874 5.85 79.79 -117.15
N GLY D 875 6.43 79.24 -118.22
CA GLY D 875 5.88 78.02 -118.79
C GLY D 875 5.91 76.84 -117.84
N ARG D 876 6.97 76.74 -117.04
CA ARG D 876 7.09 75.62 -116.10
C ARG D 876 6.10 75.79 -114.94
N ALA D 877 6.02 76.98 -114.37
CA ALA D 877 5.02 77.22 -113.32
C ALA D 877 3.60 77.18 -113.88
N LEU D 878 3.45 77.28 -115.20
CA LEU D 878 2.16 77.16 -115.86
C LEU D 878 1.75 75.70 -116.07
N VAL D 879 2.71 74.85 -116.44
CA VAL D 879 2.40 73.43 -116.54
C VAL D 879 2.34 72.79 -115.17
N ALA D 880 2.87 73.44 -114.13
CA ALA D 880 2.71 72.95 -112.76
C ALA D 880 1.24 72.96 -112.35
N ALA D 881 0.48 73.96 -112.80
CA ALA D 881 -0.95 74.03 -112.53
C ALA D 881 -1.76 73.09 -113.42
N HIS D 882 -1.09 72.32 -114.29
CA HIS D 882 -1.72 71.25 -115.07
C HIS D 882 -2.75 71.78 -116.05
N ASP D 883 -2.46 72.93 -116.65
CA ASP D 883 -3.16 73.38 -117.85
C ASP D 883 -2.27 73.07 -119.03
N TYR D 884 -2.72 72.16 -119.89
CA TYR D 884 -1.89 71.66 -120.98
C TYR D 884 -2.21 72.29 -122.32
N ALA D 885 -3.49 72.51 -122.64
CA ALA D 885 -3.81 73.28 -123.84
C ALA D 885 -3.30 74.72 -123.71
N LYS D 886 -3.51 75.33 -122.54
CA LYS D 886 -3.04 76.68 -122.29
C LYS D 886 -1.52 76.75 -122.36
N ALA D 887 -0.83 75.71 -121.89
CA ALA D 887 0.62 75.67 -122.01
C ALA D 887 1.05 75.62 -123.47
N ILE D 888 0.33 74.85 -124.29
CA ILE D 888 0.63 74.79 -125.72
C ILE D 888 0.47 76.17 -126.34
N ARG D 889 -0.64 76.84 -126.02
CA ARG D 889 -0.88 78.17 -126.59
C ARG D 889 0.19 79.16 -126.17
N TYR D 890 0.53 79.17 -124.88
CA TYR D 890 1.52 80.12 -124.39
C TYR D 890 2.89 79.86 -124.99
N TYR D 891 3.29 78.59 -125.10
CA TYR D 891 4.60 78.29 -125.65
C TYR D 891 4.66 78.59 -127.14
N GLN D 892 3.57 78.33 -127.87
CA GLN D 892 3.55 78.68 -129.29
C GLN D 892 3.62 80.20 -129.48
N ASP D 893 2.93 80.96 -128.62
CA ASP D 893 2.98 82.41 -128.71
C ASP D 893 4.38 82.93 -128.41
N ALA D 894 5.01 82.42 -127.35
CA ALA D 894 6.38 82.83 -127.06
C ALA D 894 7.36 82.35 -128.12
N LEU D 895 7.01 81.30 -128.87
CA LEU D 895 7.85 80.87 -129.98
C LEU D 895 7.72 81.81 -131.15
N VAL D 896 6.50 82.27 -131.43
CA VAL D 896 6.31 83.27 -132.49
C VAL D 896 7.00 84.57 -132.12
N THR D 897 7.01 84.92 -130.83
CA THR D 897 7.72 86.11 -130.38
C THR D 897 9.22 85.98 -130.64
N ASP D 898 9.80 84.83 -130.33
CA ASP D 898 11.24 84.62 -130.50
C ASP D 898 11.48 83.15 -130.84
N PRO D 899 11.58 82.83 -132.13
CA PRO D 899 11.83 81.44 -132.53
C PRO D 899 13.28 81.00 -132.43
N HIS D 900 14.17 81.83 -131.88
CA HIS D 900 15.57 81.48 -131.71
C HIS D 900 15.90 81.08 -130.27
N LEU D 901 14.89 80.85 -129.44
CA LEU D 901 15.08 80.32 -128.10
C LEU D 901 14.76 78.83 -128.16
N SER D 902 15.79 77.99 -128.06
CA SER D 902 15.63 76.57 -128.28
C SER D 902 14.94 75.86 -127.12
N ILE D 903 15.07 76.41 -125.90
CA ILE D 903 14.52 75.74 -124.73
C ILE D 903 13.01 75.63 -124.81
N VAL D 904 12.34 76.70 -125.26
CA VAL D 904 10.90 76.65 -125.40
C VAL D 904 10.50 75.71 -126.53
N ARG D 905 11.34 75.60 -127.58
CA ARG D 905 11.08 74.62 -128.63
C ARG D 905 11.10 73.22 -128.07
N ALA D 906 12.11 72.91 -127.25
CA ALA D 906 12.21 71.59 -126.66
C ALA D 906 11.03 71.31 -125.73
N ASP D 907 10.66 72.28 -124.91
CA ASP D 907 9.56 72.09 -123.97
C ASP D 907 8.24 71.89 -124.70
N LEU D 908 7.97 72.71 -125.72
CA LEU D 908 6.74 72.55 -126.49
C LEU D 908 6.69 71.20 -127.20
N ALA D 909 7.82 70.78 -127.80
CA ALA D 909 7.85 69.50 -128.48
C ALA D 909 7.63 68.35 -127.50
N THR D 910 8.28 68.42 -126.33
CA THR D 910 8.11 67.38 -125.32
C THR D 910 6.66 67.31 -124.86
N LEU D 911 6.05 68.46 -124.58
CA LEU D 911 4.68 68.48 -124.10
C LEU D 911 3.72 67.95 -125.16
N GLN D 912 3.92 68.35 -126.42
CA GLN D 912 3.04 67.87 -127.49
C GLN D 912 3.19 66.37 -127.69
N TRP D 913 4.42 65.86 -127.62
CA TRP D 913 4.63 64.42 -127.75
C TRP D 913 4.00 63.66 -126.60
N ARG D 914 4.11 64.18 -125.38
CA ARG D 914 3.58 63.47 -124.21
C ARG D 914 2.07 63.35 -124.26
N LEU D 915 1.38 64.37 -124.76
CA LEU D 915 -0.07 64.34 -124.83
C LEU D 915 -0.59 63.58 -126.04
N GLY D 916 0.27 62.83 -126.74
CA GLY D 916 -0.16 62.10 -127.90
C GLY D 916 -0.23 62.91 -129.18
N HIS D 917 0.30 64.12 -129.20
CA HIS D 917 0.36 64.94 -130.40
C HIS D 917 1.76 64.82 -130.97
N ILE D 918 2.00 63.72 -131.69
CA ILE D 918 3.31 63.50 -132.30
C ILE D 918 3.53 64.44 -133.48
N GLU D 919 2.49 64.67 -134.28
CA GLU D 919 2.64 65.51 -135.46
C GLU D 919 2.98 66.93 -135.07
N GLU D 920 2.33 67.47 -134.05
CA GLU D 920 2.60 68.84 -133.62
C GLU D 920 4.02 68.98 -133.07
N ALA D 921 4.49 67.97 -132.34
CA ALA D 921 5.87 68.01 -131.85
C ALA D 921 6.87 67.95 -133.00
N ARG D 922 6.57 67.13 -134.01
CA ARG D 922 7.44 67.09 -135.19
C ARG D 922 7.44 68.42 -135.91
N GLU D 923 6.28 69.08 -135.98
CA GLU D 923 6.23 70.41 -136.56
C GLU D 923 7.08 71.40 -135.77
N THR D 924 7.04 71.29 -134.44
CA THR D 924 7.87 72.17 -133.61
C THR D 924 9.35 71.93 -133.86
N ILE D 925 9.75 70.68 -134.01
CA ILE D 925 11.16 70.36 -134.26
C ILE D 925 11.58 70.87 -135.64
N VAL D 926 10.77 70.59 -136.66
CA VAL D 926 11.12 70.97 -138.02
C VAL D 926 11.18 72.49 -138.17
N ALA D 927 10.23 73.20 -137.57
CA ALA D 927 10.18 74.65 -137.70
C ALA D 927 11.35 75.35 -137.02
N SER D 928 12.14 74.64 -136.22
CA SER D 928 13.30 75.26 -135.60
C SER D 928 14.31 75.66 -136.68
N PRO D 929 14.90 76.86 -136.57
CA PRO D 929 15.92 77.26 -137.55
C PRO D 929 17.16 76.38 -137.52
N VAL D 930 17.49 75.81 -136.36
CA VAL D 930 18.69 74.99 -136.23
C VAL D 930 18.57 73.73 -137.08
N TYR D 931 17.42 73.07 -137.06
CA TYR D 931 17.22 71.85 -137.81
C TYR D 931 17.21 72.10 -139.31
N GLU D 953 31.56 77.38 -135.54
CA GLU D 953 30.35 77.18 -134.74
C GLU D 953 30.71 76.91 -133.28
N ALA D 954 30.01 77.60 -132.37
CA ALA D 954 30.29 77.46 -130.95
C ALA D 954 29.83 76.09 -130.44
N VAL D 955 30.28 75.77 -129.23
CA VAL D 955 29.92 74.49 -128.62
C VAL D 955 28.42 74.42 -128.35
N GLY D 956 27.85 75.52 -127.84
CA GLY D 956 26.44 75.51 -127.48
C GLY D 956 25.52 75.29 -128.66
N THR D 957 25.87 75.86 -129.81
CA THR D 957 25.03 75.70 -131.00
C THR D 957 24.96 74.24 -131.43
N ALA D 958 26.12 73.57 -131.47
CA ALA D 958 26.10 72.16 -131.84
C ALA D 958 25.46 71.30 -130.75
N ILE D 959 25.59 71.70 -129.49
CA ILE D 959 24.91 70.99 -128.41
C ILE D 959 23.40 71.06 -128.62
N GLU D 960 22.88 72.24 -128.98
CA GLU D 960 21.45 72.34 -129.21
C GLU D 960 21.04 71.61 -130.49
N ARG D 961 21.94 71.56 -131.49
CA ARG D 961 21.67 70.76 -132.67
C ARG D 961 21.46 69.29 -132.32
N ILE D 962 22.41 68.71 -131.58
CA ILE D 962 22.32 67.29 -131.29
C ILE D 962 21.17 67.01 -130.32
N ASN D 963 20.91 67.92 -129.38
CA ASN D 963 19.76 67.74 -128.50
C ASN D 963 18.46 67.75 -129.28
N LEU D 964 18.32 68.65 -130.26
CA LEU D 964 17.13 68.66 -131.10
C LEU D 964 17.00 67.36 -131.87
N TYR D 965 18.11 66.84 -132.40
CA TYR D 965 18.06 65.62 -133.19
C TYR D 965 17.62 64.44 -132.34
N LEU D 966 18.20 64.30 -131.15
CA LEU D 966 17.84 63.17 -130.30
C LEU D 966 16.42 63.32 -129.75
N LEU D 967 15.98 64.55 -129.50
CA LEU D 967 14.60 64.75 -129.10
C LEU D 967 13.64 64.36 -130.21
N LEU D 968 14.00 64.68 -131.46
CA LEU D 968 13.18 64.25 -132.60
C LEU D 968 13.12 62.74 -132.67
N TYR D 969 14.24 62.07 -132.44
CA TYR D 969 14.24 60.61 -132.43
C TYR D 969 13.35 60.06 -131.32
N LYS D 970 13.44 60.65 -130.12
CA LYS D 970 12.63 60.18 -129.01
C LYS D 970 11.14 60.34 -129.32
N VAL D 971 10.77 61.46 -129.94
CA VAL D 971 9.38 61.64 -130.35
C VAL D 971 8.98 60.59 -131.38
N LEU D 972 9.86 60.33 -132.34
CA LEU D 972 9.59 59.34 -133.39
C LEU D 972 10.05 57.95 -133.01
N ARG D 973 10.10 57.62 -131.72
CA ARG D 973 10.35 56.23 -131.34
C ARG D 973 9.30 55.28 -131.87
N ASP D 974 8.12 55.79 -132.21
CA ASP D 974 7.14 55.02 -132.96
C ASP D 974 6.62 55.86 -134.11
N ASP D 992 10.86 51.59 -138.24
CA ASP D 992 10.86 51.99 -139.64
C ASP D 992 12.12 52.76 -139.99
N ASP D 993 12.26 53.06 -141.28
CA ASP D 993 13.39 53.88 -141.74
C ASP D 993 13.32 55.29 -141.18
N ASN D 994 12.11 55.86 -141.10
CA ASN D 994 11.95 57.24 -140.67
C ASN D 994 12.47 57.46 -139.26
N HIS D 995 12.23 56.49 -138.38
CA HIS D 995 12.62 56.63 -136.99
C HIS D 995 14.13 56.67 -136.83
N GLY D 996 14.85 55.79 -137.55
CA GLY D 996 16.28 55.68 -137.37
C GLY D 996 17.07 56.83 -137.97
N ASP D 997 16.48 57.56 -138.93
CA ASP D 997 17.23 58.60 -139.62
C ASP D 997 17.64 59.72 -138.69
N ALA D 998 16.77 60.11 -137.77
CA ALA D 998 17.12 61.15 -136.80
C ALA D 998 18.27 60.73 -135.92
N ALA D 999 18.26 59.48 -135.46
CA ALA D 999 19.36 58.98 -134.64
C ALA D 999 20.66 58.93 -135.43
N LEU D 1000 20.58 58.51 -136.70
CA LEU D 1000 21.77 58.46 -137.54
C LEU D 1000 22.36 59.85 -137.76
N THR D 1001 21.51 60.83 -138.05
CA THR D 1001 22.00 62.19 -138.24
C THR D 1001 22.55 62.77 -136.96
N ALA D 1002 21.94 62.44 -135.82
CA ALA D 1002 22.48 62.84 -134.53
C ALA D 1002 23.87 62.24 -134.32
N LEU D 1003 24.04 60.97 -134.70
CA LEU D 1003 25.35 60.34 -134.59
C LEU D 1003 26.38 61.04 -135.47
N LEU D 1004 26.00 61.36 -136.70
CA LEU D 1004 26.94 62.02 -137.61
C LEU D 1004 27.34 63.39 -137.09
N THR D 1005 26.37 64.17 -136.62
CA THR D 1005 26.68 65.49 -136.09
C THR D 1005 27.50 65.40 -134.82
N ALA D 1006 27.23 64.41 -133.98
CA ALA D 1006 28.03 64.21 -132.77
C ALA D 1006 29.46 63.85 -133.12
N ARG D 1007 29.65 63.01 -134.14
CA ARG D 1007 31.00 62.65 -134.56
C ARG D 1007 31.74 63.86 -135.12
N SER D 1008 31.04 64.69 -135.90
CA SER D 1008 31.63 65.94 -136.35
C SER D 1008 31.94 66.87 -135.18
N LEU D 1009 31.17 66.74 -134.10
CA LEU D 1009 31.37 67.55 -132.91
C LEU D 1009 32.52 67.00 -132.06
N ARG D 1011 35.37 66.30 -133.56
CA ARG D 1011 36.43 67.00 -134.28
C ARG D 1011 36.70 68.38 -133.65
N ARG D 1012 35.68 69.24 -133.66
CA ARG D 1012 35.83 70.53 -133.01
C ARG D 1012 35.99 70.37 -131.50
N LEU D 1013 35.34 69.37 -130.91
CA LEU D 1013 35.56 69.07 -129.51
C LEU D 1013 37.01 68.69 -129.24
N LEU D 1014 37.59 67.87 -130.11
CA LEU D 1014 38.99 67.49 -129.97
C LEU D 1014 39.89 68.71 -130.09
N GLU D 1015 39.65 69.53 -131.12
CA GLU D 1015 40.45 70.73 -131.33
C GLU D 1015 40.33 71.70 -130.17
N HIS D 1016 39.18 71.72 -129.50
CA HIS D 1016 39.02 72.57 -128.33
C HIS D 1016 39.78 72.00 -127.13
N GLN D 1017 39.49 70.74 -126.78
CA GLN D 1017 39.93 70.21 -125.51
C GLN D 1017 41.42 69.86 -125.50
N LEU D 1018 41.97 69.38 -126.62
CA LEU D 1018 43.36 68.98 -126.64
C LEU D 1018 44.32 70.15 -126.50
N ARG D 1019 43.84 71.38 -126.65
CA ARG D 1019 44.69 72.56 -126.53
C ARG D 1019 44.25 73.54 -125.45
N THR D 1020 42.97 73.57 -125.11
CA THR D 1020 42.49 74.49 -124.07
C THR D 1020 42.82 74.02 -122.66
N THR D 1021 43.25 72.77 -122.50
CA THR D 1021 43.58 72.18 -121.19
C THR D 1021 42.40 72.33 -120.22
N GLU D 1022 41.25 71.79 -120.65
CA GLU D 1022 40.03 71.89 -119.86
C GLU D 1022 40.08 70.93 -118.67
N ALA D 1023 39.00 70.93 -117.90
CA ALA D 1023 38.91 70.04 -116.75
C ALA D 1023 38.84 68.58 -117.21
N PRO D 1024 39.43 67.65 -116.47
CA PRO D 1024 39.35 66.23 -116.87
C PRO D 1024 37.93 65.70 -116.93
N GLU D 1025 37.03 66.20 -116.08
CA GLU D 1025 35.64 65.78 -116.14
C GLU D 1025 34.98 66.24 -117.44
N VAL D 1026 35.20 67.50 -117.81
CA VAL D 1026 34.54 68.06 -119.00
C VAL D 1026 35.20 67.64 -120.29
N ILE D 1027 36.41 67.09 -120.24
CA ILE D 1027 37.05 66.59 -121.46
C ILE D 1027 36.40 65.28 -121.90
N THR D 1028 36.24 64.35 -120.96
CA THR D 1028 35.69 63.03 -121.26
C THR D 1028 34.18 62.97 -121.19
N GLU D 1029 33.53 64.06 -120.78
CA GLU D 1029 32.07 64.04 -120.64
C GLU D 1029 31.39 63.84 -121.99
N GLN D 1030 31.92 64.46 -123.04
CA GLN D 1030 31.31 64.38 -124.36
C GLN D 1030 31.82 63.20 -125.17
N ARG D 1031 32.20 62.11 -124.48
CA ARG D 1031 32.51 60.85 -125.12
C ARG D 1031 31.49 59.78 -124.78
N VAL D 1032 31.14 59.68 -123.49
CA VAL D 1032 30.12 58.75 -123.05
C VAL D 1032 28.78 59.07 -123.69
N VAL D 1033 28.51 60.35 -123.97
CA VAL D 1033 27.27 60.72 -124.64
C VAL D 1033 27.22 60.13 -126.04
N MET D 1034 28.32 60.24 -126.77
CA MET D 1034 28.39 59.67 -128.11
C MET D 1034 28.27 58.17 -128.07
N SER D 1035 28.90 57.53 -127.06
CA SER D 1035 28.77 56.09 -126.91
C SER D 1035 27.33 55.69 -126.63
N ARG D 1036 26.63 56.49 -125.83
CA ARG D 1036 25.22 56.21 -125.55
C ARG D 1036 24.37 56.37 -126.80
N ILE D 1037 24.68 57.36 -127.63
CA ILE D 1037 23.95 57.53 -128.89
C ILE D 1037 24.15 56.32 -129.78
N CYS D 1038 25.39 55.84 -129.88
CA CYS D 1038 25.67 54.65 -130.68
C CYS D 1038 24.95 53.43 -130.11
N THR D 1039 24.98 53.27 -128.79
CA THR D 1039 24.31 52.15 -128.15
C THR D 1039 22.82 52.17 -128.42
N GLU D 1040 22.21 53.35 -128.34
CA GLU D 1040 20.78 53.46 -128.59
C GLU D 1040 20.46 53.17 -130.05
N ALA D 1041 21.33 53.60 -130.97
CA ALA D 1041 21.13 53.25 -132.37
C ALA D 1041 21.19 51.75 -132.59
N GLY D 1042 22.17 51.08 -131.97
CA GLY D 1042 22.28 49.64 -132.11
C GLY D 1042 21.08 48.92 -131.53
N ALA D 1043 20.63 49.34 -130.34
CA ALA D 1043 19.44 48.74 -129.75
C ALA D 1043 18.21 49.00 -130.60
N ARG D 1044 18.13 50.19 -131.20
CA ARG D 1044 17.02 50.51 -132.08
C ARG D 1044 16.99 49.58 -133.28
N CYS D 1045 18.15 49.31 -133.87
CA CYS D 1045 18.21 48.40 -135.00
C CYS D 1045 17.90 46.97 -134.61
N ILE D 1046 18.35 46.54 -133.42
CA ILE D 1046 18.10 45.16 -132.99
C ILE D 1046 16.63 44.94 -132.69
N TYR D 1047 16.04 45.82 -131.87
CA TYR D 1047 14.71 45.57 -131.33
C TYR D 1047 13.62 46.01 -132.31
N SER D 1048 13.62 47.28 -132.68
CA SER D 1048 12.54 47.81 -133.50
C SER D 1048 12.53 47.18 -134.88
N THR D 1049 11.33 46.90 -135.37
CA THR D 1049 11.16 46.24 -136.64
C THR D 1049 10.36 47.12 -137.57
N PRO D 1050 10.85 47.42 -138.78
CA PRO D 1050 10.03 48.13 -139.77
C PRO D 1050 8.96 47.24 -140.38
N ALA D 1051 8.75 46.07 -139.79
CA ALA D 1051 7.83 45.09 -140.36
C ALA D 1051 6.38 45.54 -140.49
N PRO D 1052 5.71 46.02 -139.43
CA PRO D 1052 4.22 45.90 -139.38
C PRO D 1052 3.55 46.62 -140.53
N PRO D 1053 2.89 45.89 -141.41
CA PRO D 1053 2.07 46.50 -142.45
C PRO D 1053 0.63 46.59 -142.00
N PRO D 1054 -0.25 47.27 -142.75
CA PRO D 1054 -1.67 47.25 -142.37
C PRO D 1054 -2.34 45.91 -142.66
N PHE D 1055 -2.07 45.32 -143.82
CA PHE D 1055 -2.68 44.11 -144.35
C PHE D 1055 -4.18 43.97 -144.05
N SER D 1056 -4.94 45.05 -144.25
CA SER D 1056 -6.38 45.02 -144.05
C SER D 1056 -7.05 44.39 -145.26
N VAL D 1057 -7.13 43.05 -145.24
CA VAL D 1057 -7.70 42.24 -146.31
C VAL D 1057 -6.91 42.46 -147.60
N VAL D 1058 -7.09 43.64 -148.22
CA VAL D 1058 -6.35 44.10 -149.41
C VAL D 1058 -6.66 43.19 -150.61
N MET D 1059 -6.36 43.67 -151.81
CA MET D 1059 -6.53 42.86 -153.02
C MET D 1059 -5.58 41.66 -152.98
N THR D 1060 -6.08 40.51 -153.43
CA THR D 1060 -5.28 39.28 -153.44
C THR D 1060 -4.15 39.44 -154.44
N ASP D 1061 -2.94 39.64 -153.93
CA ASP D 1061 -1.80 39.98 -154.77
C ASP D 1061 -1.01 38.73 -155.17
N LYS D 1062 -0.45 38.77 -156.37
CA LYS D 1062 0.37 37.68 -156.87
C LYS D 1062 1.76 37.70 -156.24
N LYS D 1063 2.49 38.79 -156.43
CA LYS D 1063 3.90 38.83 -156.02
C LYS D 1063 4.27 40.03 -155.17
N VAL D 1064 3.71 41.22 -155.44
CA VAL D 1064 4.27 42.46 -154.91
C VAL D 1064 4.20 42.50 -153.39
N GLU D 1065 3.24 41.80 -152.78
CA GLU D 1065 3.23 41.69 -151.33
C GLU D 1065 4.42 40.86 -150.84
N ALA D 1066 4.72 39.75 -151.52
CA ALA D 1066 5.92 38.98 -151.20
C ALA D 1066 7.18 39.78 -151.48
N ALA D 1067 7.17 40.61 -152.53
CA ALA D 1067 8.30 41.49 -152.81
C ALA D 1067 8.52 42.46 -151.66
N ALA D 1068 7.45 43.05 -151.14
CA ALA D 1068 7.56 43.93 -149.99
C ALA D 1068 8.06 43.17 -148.77
N ALA D 1069 7.58 41.94 -148.58
CA ALA D 1069 7.99 41.15 -147.42
C ALA D 1069 9.48 40.87 -147.45
N LEU D 1070 9.99 40.42 -148.59
CA LEU D 1070 11.43 40.13 -148.67
C LEU D 1070 12.25 41.41 -148.67
N ALA D 1071 11.70 42.52 -149.17
CA ALA D 1071 12.40 43.80 -149.04
C ALA D 1071 12.53 44.20 -147.59
N VAL D 1072 11.47 43.99 -146.80
CA VAL D 1072 11.52 44.28 -145.37
C VAL D 1072 12.51 43.35 -144.67
N GLN D 1073 12.56 42.09 -145.09
CA GLN D 1073 13.52 41.15 -144.51
C GLN D 1073 14.96 41.58 -144.80
N SER D 1074 15.24 41.97 -146.04
CA SER D 1074 16.56 42.50 -146.37
C SER D 1074 16.85 43.76 -145.58
N ALA D 1075 15.83 44.60 -145.40
CA ALA D 1075 16.01 45.84 -144.65
C ALA D 1075 16.38 45.57 -143.20
N ILE D 1076 15.70 44.63 -142.55
CA ILE D 1076 15.99 44.35 -141.15
C ILE D 1076 17.34 43.63 -141.02
N ALA D 1077 17.70 42.79 -141.99
CA ALA D 1077 19.03 42.20 -141.99
C ALA D 1077 20.11 43.27 -142.12
N SER D 1078 19.88 44.26 -142.98
CA SER D 1078 20.80 45.38 -143.11
C SER D 1078 20.87 46.18 -141.82
N ARG D 1079 19.73 46.37 -141.15
CA ARG D 1079 19.72 47.06 -139.88
C ARG D 1079 20.56 46.30 -138.85
N LEU D 1080 20.46 44.98 -138.86
CA LEU D 1080 21.23 44.16 -137.92
C LEU D 1080 22.73 44.28 -138.19
N THR D 1081 23.13 44.14 -139.45
CA THR D 1081 24.55 44.20 -139.75
C THR D 1081 25.10 45.61 -139.57
N ASN D 1082 24.26 46.63 -139.70
CA ASN D 1082 24.70 47.99 -139.39
C ASN D 1082 24.79 48.19 -137.88
N ALA D 1083 23.87 47.55 -137.13
CA ALA D 1083 23.92 47.60 -135.69
C ALA D 1083 25.19 46.96 -135.17
N ARG D 1084 25.72 45.98 -135.89
CA ARG D 1084 27.02 45.43 -135.54
C ARG D 1084 28.08 46.51 -135.48
N GLU D 1085 28.15 47.33 -136.55
CA GLU D 1085 29.12 48.42 -136.58
C GLU D 1085 28.82 49.46 -135.52
N TYR D 1086 27.53 49.79 -135.33
CA TYR D 1086 27.16 50.79 -134.32
C TYR D 1086 27.58 50.34 -132.93
N LEU D 1087 27.35 49.07 -132.60
CA LEU D 1087 27.66 48.57 -131.27
C LEU D 1087 29.16 48.42 -131.06
N ARG D 1088 29.90 48.00 -132.09
CA ARG D 1088 31.35 47.93 -131.91
C ARG D 1088 31.94 49.33 -131.76
N GLU D 1089 31.38 50.31 -132.46
CA GLU D 1089 31.80 51.69 -132.25
C GLU D 1089 31.45 52.15 -130.83
N ALA D 1090 30.27 51.77 -130.33
CA ALA D 1090 29.86 52.17 -129.00
C ALA D 1090 30.79 51.61 -127.93
N ILE D 1091 31.12 50.32 -128.04
CA ILE D 1091 32.00 49.73 -127.05
C ILE D 1091 33.43 50.24 -127.21
N ALA D 1092 33.83 50.60 -128.44
CA ALA D 1092 35.14 51.18 -128.64
C ALA D 1092 35.26 52.55 -128.00
N PHE D 1093 34.23 53.39 -128.15
CA PHE D 1093 34.30 54.75 -127.64
C PHE D 1093 34.21 54.79 -126.13
N ASP D 1094 33.52 53.83 -125.52
CA ASP D 1094 33.45 53.75 -124.06
C ASP D 1094 33.31 52.30 -123.66
N GLU D 1095 34.29 51.78 -122.94
CA GLU D 1095 34.23 50.43 -122.41
C GLU D 1095 33.48 50.35 -121.09
N SER D 1096 33.22 51.48 -120.43
CA SER D 1096 32.46 51.49 -119.19
C SER D 1096 30.96 51.39 -119.43
N ASN D 1097 30.52 51.45 -120.68
CA ASN D 1097 29.11 51.31 -120.99
C ASN D 1097 28.70 49.85 -120.85
N GLU D 1098 28.27 49.46 -119.65
CA GLU D 1098 27.79 48.10 -119.43
C GLU D 1098 26.59 47.80 -120.32
N ARG D 1099 25.74 48.81 -120.54
CA ARG D 1099 24.59 48.63 -121.40
C ARG D 1099 25.01 48.26 -122.82
N ALA D 1100 26.05 48.92 -123.36
CA ALA D 1100 26.51 48.62 -124.70
C ALA D 1100 27.06 47.22 -124.81
N GLN D 1101 27.81 46.78 -123.79
CA GLN D 1101 28.32 45.41 -123.78
C GLN D 1101 27.16 44.42 -123.77
N LEU D 1102 26.11 44.71 -123.00
CA LEU D 1102 24.93 43.84 -123.00
C LEU D 1102 24.27 43.81 -124.37
N GLU D 1103 24.12 44.97 -125.00
CA GLU D 1103 23.50 45.02 -126.33
C GLU D 1103 24.31 44.24 -127.33
N SER D 1104 25.64 44.35 -127.25
CA SER D 1104 26.50 43.62 -128.18
C SER D 1104 26.40 42.11 -127.96
N ALA D 1105 26.34 41.68 -126.70
CA ALA D 1105 26.16 40.27 -126.42
C ALA D 1105 24.82 39.78 -126.96
N GLN D 1106 23.77 40.58 -126.78
CA GLN D 1106 22.46 40.22 -127.30
C GLN D 1106 22.46 40.14 -128.82
N LEU D 1107 23.16 41.07 -129.47
CA LEU D 1107 23.30 41.04 -130.92
C LEU D 1107 24.03 39.79 -131.38
N CYS D 1108 25.11 39.45 -130.70
CA CYS D 1108 25.86 38.25 -131.05
C CYS D 1108 24.99 37.01 -130.95
N TYR D 1109 24.24 36.90 -129.85
CA TYR D 1109 23.31 35.79 -129.72
C TYR D 1109 22.21 35.84 -130.80
N ARG D 1110 21.87 37.04 -131.26
CA ARG D 1110 20.72 37.19 -132.14
C ARG D 1110 20.96 36.61 -133.52
N THR D 1111 22.18 36.74 -134.04
CA THR D 1111 22.41 36.53 -135.47
C THR D 1111 22.47 35.06 -135.85
N GLY D 1112 22.07 34.15 -134.97
CA GLY D 1112 22.13 32.74 -135.26
C GLY D 1112 23.53 32.24 -135.54
N ASP D 1113 24.52 32.79 -134.83
CA ASP D 1113 25.91 32.43 -135.03
C ASP D 1113 26.35 31.44 -133.96
N THR D 1114 27.31 30.59 -134.31
CA THR D 1114 27.88 29.66 -133.36
C THR D 1114 29.31 30.04 -132.94
N GLU D 1115 29.84 31.15 -133.45
CA GLU D 1115 31.20 31.57 -133.12
C GLU D 1115 31.24 32.90 -132.40
N GLY D 1116 30.59 33.92 -132.94
CA GLY D 1116 30.53 35.19 -132.24
C GLY D 1116 29.79 35.10 -130.93
N CYS D 1117 28.87 34.14 -130.81
CA CYS D 1117 28.22 33.87 -129.53
C CYS D 1117 29.25 33.58 -128.45
N GLU D 1118 30.01 32.50 -128.61
CA GLU D 1118 31.03 32.17 -127.64
C GLU D 1118 32.16 33.20 -127.59
N GLN D 1119 32.30 34.02 -128.64
CA GLN D 1119 33.31 35.07 -128.62
C GLN D 1119 32.93 36.20 -127.66
N HIS D 1120 31.68 36.65 -127.72
CA HIS D 1120 31.28 37.85 -126.98
C HIS D 1120 30.25 37.57 -125.89
N CYS D 1121 29.13 36.92 -126.23
CA CYS D 1121 28.05 36.79 -125.27
C CYS D 1121 28.32 35.71 -124.24
N THR D 1122 29.50 35.11 -124.26
CA THR D 1122 29.98 34.29 -123.15
C THR D 1122 30.89 35.07 -122.21
N THR D 1123 31.49 36.15 -122.69
CA THR D 1123 32.41 36.96 -121.92
C THR D 1123 31.72 37.98 -121.02
N VAL D 1124 30.42 37.81 -120.75
CA VAL D 1124 29.67 38.82 -120.02
C VAL D 1124 30.11 38.91 -118.58
N LEU D 1125 30.75 37.87 -118.04
CA LEU D 1125 31.31 37.97 -116.70
C LEU D 1125 32.38 39.04 -116.63
N ARG D 1126 33.21 39.14 -117.68
CA ARG D 1126 34.16 40.24 -117.77
C ARG D 1126 33.46 41.52 -118.20
N MET D 1127 32.49 41.41 -119.12
CA MET D 1127 31.83 42.59 -119.66
C MET D 1127 30.91 43.23 -118.63
N ALA D 1128 29.88 42.51 -118.21
CA ALA D 1128 28.94 42.99 -117.21
C ALA D 1128 29.43 42.46 -115.86
N GLU D 1129 30.32 43.23 -115.23
CA GLU D 1129 30.84 42.82 -113.93
C GLU D 1129 29.76 42.88 -112.86
N GLY D 1130 29.24 44.09 -112.61
CA GLY D 1130 28.19 44.25 -111.62
C GLY D 1130 27.36 45.51 -111.78
N SER D 1131 26.05 45.36 -111.82
CA SER D 1131 25.10 46.47 -111.93
C SER D 1131 23.71 45.91 -111.67
N ALA D 1132 22.70 46.78 -111.79
CA ALA D 1132 21.32 46.35 -111.62
C ALA D 1132 20.79 45.59 -112.82
N ASN D 1133 21.47 45.62 -113.96
CA ASN D 1133 21.04 44.94 -115.16
C ASN D 1133 21.74 43.60 -115.36
N THR D 1134 22.40 43.08 -114.32
CA THR D 1134 23.09 41.80 -114.43
C THR D 1134 22.13 40.64 -114.66
N ALA D 1135 20.86 40.78 -114.27
CA ALA D 1135 19.89 39.72 -114.51
C ALA D 1135 19.67 39.50 -116.00
N ASP D 1136 19.66 40.60 -116.77
CA ASP D 1136 19.51 40.50 -118.22
C ASP D 1136 20.71 39.79 -118.84
N ALA D 1137 21.90 39.97 -118.29
CA ALA D 1137 23.04 39.19 -118.73
C ALA D 1137 22.89 37.73 -118.33
N ALA D 1138 22.40 37.48 -117.12
CA ALA D 1138 22.37 36.14 -116.57
C ALA D 1138 21.38 35.26 -117.30
N ILE D 1139 20.22 35.80 -117.70
CA ILE D 1139 19.25 34.98 -118.41
C ILE D 1139 19.82 34.50 -119.74
N LEU D 1140 20.45 35.40 -120.48
CA LEU D 1140 21.04 35.03 -121.76
C LEU D 1140 22.19 34.05 -121.57
N LEU D 1141 23.02 34.28 -120.55
CA LEU D 1141 24.14 33.38 -120.29
C LEU D 1141 23.64 31.98 -119.95
N ALA D 1142 22.59 31.90 -119.13
CA ALA D 1142 22.03 30.60 -118.75
C ALA D 1142 21.41 29.90 -119.94
N ASN D 1143 20.68 30.63 -120.78
CA ASN D 1143 20.11 30.00 -121.98
C ASN D 1143 21.20 29.48 -122.90
N LEU D 1144 22.28 30.26 -123.05
CA LEU D 1144 23.40 29.82 -123.87
C LEU D 1144 24.04 28.56 -123.31
N TYR D 1145 24.27 28.54 -121.99
CA TYR D 1145 24.89 27.38 -121.36
C TYR D 1145 24.00 26.15 -121.49
N THR D 1146 22.70 26.30 -121.28
CA THR D 1146 21.79 25.17 -121.43
C THR D 1146 21.71 24.70 -122.87
N GLU D 1147 21.90 25.60 -123.83
CA GLU D 1147 22.00 25.14 -125.22
C GLU D 1147 23.25 24.29 -125.42
N GLN D 1148 24.35 24.65 -124.77
CA GLN D 1148 25.59 23.90 -124.85
C GLN D 1148 25.65 22.75 -123.85
N ASN D 1149 24.59 22.54 -123.08
CA ASN D 1149 24.54 21.51 -122.04
C ASN D 1149 25.62 21.72 -120.98
N ARG D 1150 26.04 22.97 -120.79
CA ARG D 1150 27.03 23.31 -119.79
C ARG D 1150 26.33 23.77 -118.50
N ASP D 1151 25.58 22.85 -117.93
CA ASP D 1151 24.66 23.19 -116.83
C ASP D 1151 25.42 23.64 -115.58
N GLU D 1152 26.55 23.01 -115.28
CA GLU D 1152 27.26 23.30 -114.05
C GLU D 1152 27.79 24.73 -114.02
N ASP D 1153 28.29 25.22 -115.16
CA ASP D 1153 28.74 26.61 -115.23
C ASP D 1153 27.59 27.58 -115.02
N ALA D 1154 26.41 27.24 -115.57
CA ALA D 1154 25.23 28.05 -115.34
C ALA D 1154 24.87 28.07 -113.86
N ARG D 1155 25.03 26.94 -113.18
CA ARG D 1155 24.85 26.92 -111.73
C ARG D 1155 25.84 27.86 -111.05
N ASN D 1156 27.13 27.72 -111.36
CA ASN D 1156 28.18 28.39 -110.61
C ASN D 1156 28.13 29.90 -110.78
N MET D 1157 27.79 30.38 -111.97
CA MET D 1157 27.69 31.81 -112.17
C MET D 1157 26.58 32.41 -111.31
N PHE D 1158 25.44 31.71 -111.21
CA PHE D 1158 24.40 32.14 -110.29
C PHE D 1158 24.90 32.08 -108.85
N GLU D 1159 25.64 31.03 -108.50
CA GLU D 1159 26.14 30.86 -107.14
C GLU D 1159 26.96 32.07 -106.72
N ASP D 1160 27.97 32.43 -107.51
CA ASP D 1160 28.86 33.48 -107.05
C ASP D 1160 28.29 34.88 -107.31
N LEU D 1161 27.41 35.05 -108.29
CA LEU D 1161 26.76 36.36 -108.44
C LEU D 1161 25.82 36.62 -107.27
N LEU D 1162 25.10 35.59 -106.80
CA LEU D 1162 24.29 35.76 -105.61
C LEU D 1162 25.12 35.82 -104.34
N ARG D 1163 26.32 35.23 -104.36
CA ARG D 1163 27.26 35.45 -103.27
C ARG D 1163 27.66 36.92 -103.18
N LYS D 1164 27.85 37.57 -104.33
CA LYS D 1164 28.12 39.00 -104.32
C LYS D 1164 26.92 39.78 -103.80
N THR D 1165 25.73 39.52 -104.36
CA THR D 1165 24.52 40.21 -103.96
C THR D 1165 23.49 39.21 -103.47
N PRO D 1166 23.32 39.05 -102.15
CA PRO D 1166 22.32 38.09 -101.65
C PRO D 1166 20.88 38.49 -101.96
N GLN D 1167 20.60 39.76 -102.20
CA GLN D 1167 19.23 40.26 -102.32
C GLN D 1167 18.77 40.43 -103.76
N HIS D 1168 19.52 39.92 -104.74
CA HIS D 1168 19.14 40.09 -106.12
C HIS D 1168 17.97 39.17 -106.46
N TYR D 1169 16.74 39.68 -106.30
CA TYR D 1169 15.57 38.82 -106.36
C TYR D 1169 15.27 38.32 -107.77
N GLU D 1170 15.59 39.11 -108.80
CA GLU D 1170 15.37 38.63 -110.16
C GLU D 1170 16.36 37.53 -110.53
N ALA D 1171 17.62 37.70 -110.17
CA ALA D 1171 18.58 36.62 -110.33
C ALA D 1171 18.21 35.43 -109.46
N LEU D 1172 17.64 35.67 -108.28
CA LEU D 1172 17.15 34.58 -107.46
C LEU D 1172 16.05 33.80 -108.17
N VAL D 1173 15.14 34.52 -108.84
CA VAL D 1173 14.07 33.87 -109.59
C VAL D 1173 14.65 33.03 -110.73
N TYR D 1174 15.65 33.58 -111.42
CA TYR D 1174 16.28 32.82 -112.49
C TYR D 1174 16.99 31.58 -111.95
N TYR D 1175 17.66 31.71 -110.80
CA TYR D 1175 18.25 30.56 -110.14
C TYR D 1175 17.19 29.50 -109.82
N LEU D 1176 16.06 29.95 -109.26
CA LEU D 1176 15.00 29.02 -108.88
C LEU D 1176 14.43 28.28 -110.08
N ILE D 1177 14.17 29.01 -111.17
CA ILE D 1177 13.60 28.38 -112.34
C ILE D 1177 14.63 27.48 -113.02
N LEU D 1178 15.91 27.83 -112.92
CA LEU D 1178 16.96 26.94 -113.40
C LEU D 1178 16.95 25.62 -112.64
N LEU D 1179 16.88 25.70 -111.31
CA LEU D 1179 16.88 24.48 -110.51
C LEU D 1179 15.64 23.66 -110.76
N TYR D 1180 14.48 24.31 -110.89
CA TYR D 1180 13.27 23.59 -111.25
C TYR D 1180 13.43 22.88 -112.59
N HIS D 1181 14.15 23.50 -113.53
CA HIS D 1181 14.45 22.83 -114.79
C HIS D 1181 15.39 21.64 -114.57
N ALA D 1182 16.35 21.78 -113.67
CA ALA D 1182 17.31 20.72 -113.42
C ALA D 1182 16.79 19.64 -112.48
N GLY D 1183 15.65 19.86 -111.83
CA GLY D 1183 15.14 18.93 -110.86
C GLY D 1183 15.81 19.02 -109.50
N GLN D 1184 16.78 19.89 -109.33
CA GLN D 1184 17.49 20.07 -108.07
C GLN D 1184 16.86 21.17 -107.22
N LEU D 1185 15.56 21.06 -106.99
CA LEU D 1185 14.82 22.10 -106.27
C LEU D 1185 15.32 22.34 -104.85
N PRO D 1186 15.55 21.33 -104.00
CA PRO D 1186 15.97 21.64 -102.62
C PRO D 1186 17.30 22.36 -102.51
N GLU D 1187 18.13 22.32 -103.56
CA GLU D 1187 19.41 23.04 -103.52
C GLU D 1187 19.23 24.54 -103.45
N ALA D 1188 18.04 25.06 -103.73
CA ALA D 1188 17.78 26.49 -103.62
C ALA D 1188 17.45 26.92 -102.21
N LYS D 1189 17.30 25.97 -101.28
CA LYS D 1189 16.86 26.32 -99.93
C LYS D 1189 17.90 27.18 -99.22
N GLU D 1190 19.18 26.87 -99.39
CA GLU D 1190 20.22 27.68 -98.76
C GLU D 1190 20.30 29.06 -99.39
N ALA D 1191 20.06 29.17 -100.70
CA ALA D 1191 20.01 30.49 -101.33
C ALA D 1191 18.84 31.31 -100.77
N LEU D 1192 17.69 30.66 -100.59
CA LEU D 1192 16.54 31.36 -100.01
C LEU D 1192 16.83 31.78 -98.58
N GLU D 1193 17.52 30.92 -97.82
CA GLU D 1193 17.88 31.27 -96.44
C GLU D 1193 18.86 32.44 -96.42
N ARG D 1194 19.83 32.46 -97.34
CA ARG D 1194 20.74 33.59 -97.41
C ARG D 1194 20.01 34.88 -97.75
N ALA D 1195 19.06 34.80 -98.68
CA ALA D 1195 18.25 35.98 -99.00
C ALA D 1195 17.44 36.43 -97.80
N ALA D 1196 16.83 35.49 -97.09
CA ALA D 1196 15.99 35.84 -95.95
C ALA D 1196 16.82 36.46 -94.83
N ALA D 1197 18.00 35.91 -94.56
CA ALA D 1197 18.90 36.44 -93.55
C ALA D 1197 19.61 37.70 -94.00
N ALA D 1198 19.57 38.03 -95.30
CA ALA D 1198 20.18 39.25 -95.80
C ALA D 1198 19.42 40.50 -95.38
N VAL D 1199 18.22 40.36 -94.83
CA VAL D 1199 17.48 41.49 -94.29
C VAL D 1199 18.27 42.02 -93.09
N PRO D 1200 18.17 43.31 -92.77
CA PRO D 1200 19.02 43.89 -91.71
C PRO D 1200 18.81 43.26 -90.34
N ILE D 1201 17.60 43.37 -89.78
CA ILE D 1201 17.36 42.92 -88.42
C ILE D 1201 16.11 42.05 -88.38
N GLY D 1202 15.49 41.84 -89.53
CA GLY D 1202 14.22 41.16 -89.57
C GLY D 1202 13.23 41.85 -90.47
N GLN D 1203 12.18 42.41 -89.86
CA GLN D 1203 11.17 43.27 -90.50
C GLN D 1203 10.36 42.52 -91.55
N ARG D 1204 9.34 43.19 -92.09
CA ARG D 1204 8.51 42.59 -93.12
C ARG D 1204 9.34 42.20 -94.33
N ALA D 1205 9.02 41.03 -94.90
CA ALA D 1205 9.74 40.55 -96.08
C ALA D 1205 9.50 41.48 -97.26
N ASP D 1206 10.57 41.82 -97.96
CA ASP D 1206 10.44 42.66 -99.14
C ASP D 1206 9.66 41.94 -100.23
N PRO D 1207 8.98 42.69 -101.10
CA PRO D 1207 8.13 42.03 -102.11
C PRO D 1207 8.89 41.10 -103.03
N GLY D 1208 10.14 41.41 -103.35
CA GLY D 1208 10.95 40.47 -104.11
C GLY D 1208 11.18 39.17 -103.36
N LEU D 1209 11.53 39.28 -102.07
CA LEU D 1209 11.74 38.09 -101.25
C LEU D 1209 10.48 37.26 -101.14
N SER D 1210 9.34 37.92 -100.93
CA SER D 1210 8.08 37.20 -100.82
C SER D 1210 7.71 36.53 -102.13
N TYR D 1211 7.96 37.20 -103.26
CA TYR D 1211 7.67 36.59 -104.55
C TYR D 1211 8.57 35.38 -104.79
N VAL D 1212 9.84 35.48 -104.40
CA VAL D 1212 10.76 34.36 -104.56
C VAL D 1212 10.31 33.17 -103.72
N ARG D 1213 9.93 33.43 -102.47
CA ARG D 1213 9.44 32.37 -101.60
C ARG D 1213 8.19 31.72 -102.18
N GLY D 1214 7.26 32.54 -102.65
CA GLY D 1214 6.04 31.99 -103.22
C GLY D 1214 6.30 31.18 -104.47
N LEU D 1215 7.25 31.62 -105.30
CA LEU D 1215 7.60 30.86 -106.49
C LEU D 1215 8.21 29.52 -106.11
N TYR D 1216 9.07 29.51 -105.10
CA TYR D 1216 9.65 28.26 -104.63
C TYR D 1216 8.58 27.31 -104.11
N GLU D 1217 7.64 27.83 -103.34
CA GLU D 1217 6.56 26.99 -102.84
C GLU D 1217 5.69 26.46 -103.97
N HIS D 1218 5.40 27.30 -104.96
CA HIS D 1218 4.56 26.88 -106.07
C HIS D 1218 5.23 25.80 -106.90
N LEU D 1219 6.54 25.92 -107.11
CA LEU D 1219 7.25 24.92 -107.90
C LEU D 1219 7.31 23.57 -107.19
N CYS D 1220 7.14 23.55 -105.86
CA CYS D 1220 7.05 22.32 -105.10
C CYS D 1220 5.61 21.85 -104.91
N ASN D 1221 4.67 22.43 -105.65
CA ASN D 1221 3.24 22.15 -105.54
C ASN D 1221 2.71 22.43 -104.14
N ASN D 1222 3.32 23.39 -103.44
CA ASN D 1222 2.80 23.88 -102.16
C ASN D 1222 2.00 25.16 -102.41
N ASN D 1223 0.82 24.97 -103.01
CA ASN D 1223 0.08 26.10 -103.55
C ASN D 1223 -0.48 27.01 -102.46
N ALA D 1224 -0.79 26.48 -101.28
CA ALA D 1224 -1.36 27.32 -100.23
C ALA D 1224 -0.33 28.33 -99.72
N GLU D 1225 0.86 27.86 -99.37
CA GLU D 1225 1.92 28.79 -98.97
C GLU D 1225 2.35 29.66 -100.13
N ALA D 1226 2.25 29.15 -101.36
CA ALA D 1226 2.51 29.97 -102.53
C ALA D 1226 1.56 31.16 -102.59
N LEU D 1227 0.26 30.91 -102.39
CA LEU D 1227 -0.72 31.98 -102.38
C LEU D 1227 -0.46 32.95 -101.23
N ARG D 1228 -0.09 32.43 -100.07
CA ARG D 1228 0.17 33.30 -98.93
C ARG D 1228 1.34 34.24 -99.21
N HIS D 1229 2.44 33.69 -99.75
CA HIS D 1229 3.61 34.53 -100.01
C HIS D 1229 3.37 35.48 -101.16
N PHE D 1230 2.66 35.03 -102.20
CA PHE D 1230 2.33 35.92 -103.31
C PHE D 1230 1.42 37.06 -102.86
N ASN D 1231 0.47 36.77 -101.99
CA ASN D 1231 -0.38 37.83 -101.43
C ASN D 1231 0.45 38.80 -100.60
N LEU D 1232 1.43 38.27 -99.86
CA LEU D 1232 2.33 39.16 -99.13
C LEU D 1232 3.26 39.93 -100.07
N ALA D 1233 3.40 39.48 -101.33
CA ALA D 1233 4.26 40.17 -102.27
C ALA D 1233 3.65 41.46 -102.81
N ARG D 1234 2.33 41.49 -103.00
CA ARG D 1234 1.65 42.66 -103.58
C ARG D 1234 1.62 43.86 -102.68
N LEU D 1235 2.30 43.84 -101.54
CA LEU D 1235 2.24 44.94 -100.58
C LEU D 1235 3.61 45.58 -100.47
N PRO D 1236 3.78 46.87 -100.80
CA PRO D 1236 2.78 47.82 -101.29
C PRO D 1236 2.38 47.55 -102.74
N ALA D 1237 1.19 47.96 -103.15
CA ALA D 1237 0.78 47.75 -104.53
C ALA D 1237 1.54 48.68 -105.46
N GLY D 1238 1.61 48.28 -106.73
CA GLY D 1238 2.38 49.02 -107.70
C GLY D 1238 3.86 48.72 -107.72
N ASN D 1239 4.33 47.80 -106.89
CA ASN D 1239 5.72 47.39 -106.91
C ASN D 1239 6.00 46.59 -108.20
N PRO D 1240 7.27 46.46 -108.59
CA PRO D 1240 7.58 45.73 -109.83
C PRO D 1240 7.10 44.29 -109.83
N TRP D 1241 6.88 43.70 -108.67
CA TRP D 1241 6.39 42.33 -108.59
C TRP D 1241 4.87 42.25 -108.50
N CYS D 1242 4.21 43.37 -108.19
CA CYS D 1242 2.78 43.34 -107.89
C CYS D 1242 1.98 42.81 -109.06
N THR D 1243 2.32 43.24 -110.28
CA THR D 1243 1.69 42.67 -111.47
C THR D 1243 2.02 41.20 -111.58
N ARG D 1244 3.28 40.83 -111.38
CA ARG D 1244 3.69 39.44 -111.52
C ARG D 1244 3.16 38.59 -110.37
N ALA D 1245 3.13 39.14 -109.17
CA ALA D 1245 2.51 38.42 -108.06
C ALA D 1245 1.03 38.18 -108.31
N LEU D 1246 0.34 39.20 -108.83
CA LEU D 1246 -1.08 39.04 -109.16
C LEU D 1246 -1.28 37.99 -110.24
N VAL D 1247 -0.40 37.99 -111.25
CA VAL D 1247 -0.51 37.00 -112.31
C VAL D 1247 -0.30 35.60 -111.76
N ARG D 1248 0.69 35.44 -110.87
CA ARG D 1248 0.93 34.14 -110.25
C ARG D 1248 -0.26 33.69 -109.41
N MET D 1249 -0.86 34.60 -108.65
CA MET D 1249 -2.03 34.24 -107.84
C MET D 1249 -3.19 33.82 -108.72
N ILE D 1250 -3.43 34.56 -109.80
CA ILE D 1250 -4.50 34.19 -110.72
C ILE D 1250 -4.21 32.84 -111.36
N ARG D 1251 -2.96 32.58 -111.69
CA ARG D 1251 -2.59 31.28 -112.25
C ARG D 1251 -2.86 30.15 -111.25
N ILE D 1252 -2.50 30.37 -109.98
CA ILE D 1252 -2.71 29.34 -108.96
C ILE D 1252 -4.21 29.07 -108.79
N TYR D 1253 -5.01 30.13 -108.67
CA TYR D 1253 -6.45 29.94 -108.57
C TYR D 1253 -7.05 29.36 -109.84
N LEU D 1254 -6.37 29.51 -110.97
CA LEU D 1254 -6.84 28.95 -112.22
C LEU D 1254 -6.49 27.46 -112.33
N VAL D 1255 -5.22 27.14 -112.14
CA VAL D 1255 -4.74 25.76 -112.11
C VAL D 1255 -4.13 25.50 -110.74
N PRO D 1256 -4.86 24.88 -109.83
CA PRO D 1256 -4.33 24.64 -108.49
C PRO D 1256 -3.40 23.44 -108.44
N THR D 1257 -3.76 22.40 -109.16
CA THR D 1257 -3.01 21.15 -109.17
C THR D 1257 -2.01 21.19 -110.33
N THR D 1258 -1.45 20.04 -110.70
CA THR D 1258 -0.71 19.96 -111.95
C THR D 1258 -1.66 19.99 -113.14
N GLN D 1259 -2.89 19.50 -112.97
CA GLN D 1259 -3.87 19.50 -114.05
C GLN D 1259 -4.31 20.92 -114.35
N ASP D 1260 -4.18 21.33 -115.61
CA ASP D 1260 -4.45 22.68 -116.04
C ASP D 1260 -5.84 22.77 -116.67
N LEU D 1261 -6.15 23.93 -117.26
CA LEU D 1261 -7.47 24.19 -117.81
C LEU D 1261 -7.81 23.27 -118.98
N TRP D 1262 -6.80 22.69 -119.64
CA TRP D 1262 -7.04 21.87 -120.82
C TRP D 1262 -7.45 20.44 -120.48
N VAL D 1263 -7.86 20.17 -119.24
CA VAL D 1263 -8.32 18.84 -118.87
C VAL D 1263 -9.83 18.78 -119.03
N ARG D 1264 -10.34 17.57 -119.18
CA ARG D 1264 -11.77 17.35 -119.31
C ARG D 1264 -12.37 16.75 -118.04
N SER D 1304 -19.47 21.86 -108.20
CA SER D 1304 -18.42 22.72 -108.74
C SER D 1304 -18.31 24.01 -107.95
N THR D 1305 -18.76 23.96 -106.68
CA THR D 1305 -18.67 25.15 -105.84
C THR D 1305 -17.24 25.54 -105.56
N GLU D 1306 -16.33 24.57 -105.49
CA GLU D 1306 -14.91 24.89 -105.37
C GLU D 1306 -14.40 25.61 -106.60
N LEU D 1307 -14.83 25.18 -107.79
CA LEU D 1307 -14.43 25.85 -109.02
C LEU D 1307 -14.97 27.28 -109.07
N HIS D 1308 -16.24 27.45 -108.70
CA HIS D 1308 -16.83 28.79 -108.70
C HIS D 1308 -16.15 29.69 -107.70
N ASP D 1309 -15.83 29.18 -106.51
CA ASP D 1309 -15.11 29.98 -105.52
C ASP D 1309 -13.72 30.34 -106.03
N ASN D 1310 -13.04 29.39 -106.66
CA ASN D 1310 -11.69 29.65 -107.18
C ASN D 1310 -11.72 30.73 -108.25
N ILE D 1311 -12.61 30.59 -109.24
CA ILE D 1311 -12.67 31.60 -110.29
C ILE D 1311 -13.17 32.93 -109.75
N ARG D 1312 -14.01 32.90 -108.70
CA ARG D 1312 -14.44 34.14 -108.06
C ARG D 1312 -13.26 34.88 -107.46
N HIS D 1313 -12.44 34.18 -106.68
CA HIS D 1313 -11.25 34.82 -106.12
C HIS D 1313 -10.29 35.25 -107.21
N ALA D 1314 -10.21 34.46 -108.28
CA ALA D 1314 -9.34 34.81 -109.41
C ALA D 1314 -9.75 36.14 -110.03
N GLU D 1315 -11.05 36.31 -110.27
CA GLU D 1315 -11.52 37.56 -110.86
C GLU D 1315 -11.43 38.72 -109.87
N GLN D 1316 -11.64 38.46 -108.58
CA GLN D 1316 -11.46 39.51 -107.58
C GLN D 1316 -10.03 40.02 -107.58
N LEU D 1317 -9.06 39.12 -107.76
CA LEU D 1317 -7.67 39.54 -107.91
C LEU D 1317 -7.45 40.21 -109.26
N LEU D 1318 -8.12 39.71 -110.30
CA LEU D 1318 -7.91 40.21 -111.65
C LEU D 1318 -8.34 41.67 -111.78
N LEU D 1319 -9.37 42.07 -111.04
CA LEU D 1319 -9.77 43.47 -111.05
C LEU D 1319 -8.72 44.39 -110.47
N LEU D 1320 -7.71 43.86 -109.78
CA LEU D 1320 -6.61 44.68 -109.29
C LEU D 1320 -5.64 45.06 -110.39
N LEU D 1321 -5.66 44.36 -111.52
CA LEU D 1321 -4.73 44.63 -112.60
C LEU D 1321 -5.10 45.89 -113.37
N PRO D 1322 -4.13 46.59 -113.94
CA PRO D 1322 -4.45 47.73 -114.80
C PRO D 1322 -5.28 47.30 -115.99
N VAL D 1323 -6.25 48.15 -116.36
CA VAL D 1323 -7.17 47.81 -117.43
C VAL D 1323 -6.46 47.78 -118.77
N HIS D 1324 -5.48 48.67 -118.97
CA HIS D 1324 -4.80 48.78 -120.24
C HIS D 1324 -3.69 47.75 -120.39
N SER D 1325 -3.36 47.01 -119.34
CA SER D 1325 -2.29 46.03 -119.42
C SER D 1325 -2.72 44.83 -120.26
N GLU D 1326 -1.78 44.32 -121.07
CA GLU D 1326 -2.06 43.15 -121.90
C GLU D 1326 -2.32 41.92 -121.05
N GLU D 1327 -1.59 41.79 -119.94
CA GLU D 1327 -1.75 40.63 -119.07
C GLU D 1327 -3.16 40.58 -118.49
N ARG D 1328 -3.71 41.73 -118.09
CA ARG D 1328 -5.09 41.75 -117.63
C ARG D 1328 -6.05 41.37 -118.74
N ARG D 1329 -5.77 41.83 -119.97
CA ARG D 1329 -6.69 41.57 -121.07
C ARG D 1329 -6.71 40.09 -121.44
N ILE D 1330 -5.58 39.39 -121.30
CA ILE D 1330 -5.58 37.95 -121.61
C ILE D 1330 -6.07 37.14 -120.41
N LEU D 1331 -5.72 37.55 -119.19
CA LEU D 1331 -6.17 36.83 -118.01
C LEU D 1331 -7.66 37.00 -117.78
N GLN D 1332 -8.27 38.08 -118.27
CA GLN D 1332 -9.72 38.19 -118.22
C GLN D 1332 -10.36 37.09 -119.05
N ALA D 1333 -9.81 36.86 -120.25
CA ALA D 1333 -10.30 35.76 -121.08
C ALA D 1333 -10.04 34.42 -120.41
N TYR D 1334 -8.90 34.29 -119.72
CA TYR D 1334 -8.60 33.05 -119.01
C TYR D 1334 -9.61 32.80 -117.89
N CYS D 1335 -9.92 33.84 -117.11
CA CYS D 1335 -10.89 33.70 -116.04
C CYS D 1335 -12.28 33.37 -116.58
N THR D 1336 -12.64 33.97 -117.71
CA THR D 1336 -13.95 33.66 -118.29
C THR D 1336 -14.00 32.23 -118.84
N MET D 1337 -12.93 31.78 -119.49
CA MET D 1337 -12.91 30.42 -120.02
C MET D 1337 -12.77 29.37 -118.92
N ALA D 1338 -12.30 29.76 -117.74
CA ALA D 1338 -12.21 28.81 -116.63
C ALA D 1338 -13.56 28.25 -116.24
N THR D 1339 -14.61 29.05 -116.37
CA THR D 1339 -15.93 28.65 -115.90
C THR D 1339 -16.51 27.48 -116.69
N ARG D 1340 -15.94 27.14 -117.84
CA ARG D 1340 -16.37 26.06 -118.71
C ARG D 1340 -17.76 26.29 -119.31
N ARG D 1341 -18.37 27.44 -119.06
CA ARG D 1341 -19.68 27.74 -119.61
C ARG D 1341 -19.54 28.12 -121.08
N PRO D 1342 -20.34 27.51 -121.97
CA PRO D 1342 -20.13 27.75 -123.42
C PRO D 1342 -20.24 29.21 -123.84
N GLU D 1343 -21.15 29.97 -123.23
CA GLU D 1343 -21.20 31.40 -123.54
C GLU D 1343 -19.97 32.11 -123.01
N GLU D 1344 -19.48 31.70 -121.84
CA GLU D 1344 -18.21 32.22 -121.34
C GLU D 1344 -17.05 31.79 -122.24
N LEU D 1345 -17.14 30.58 -122.81
CA LEU D 1345 -16.14 30.16 -123.78
C LEU D 1345 -16.14 31.06 -125.01
N GLU D 1346 -17.33 31.42 -125.50
CA GLU D 1346 -17.40 32.32 -126.64
C GLU D 1346 -16.85 33.71 -126.31
N THR D 1347 -17.19 34.22 -125.13
CA THR D 1347 -16.65 35.53 -124.72
C THR D 1347 -15.13 35.48 -124.62
N ALA D 1348 -14.58 34.41 -124.05
CA ALA D 1348 -13.14 34.27 -123.94
C ALA D 1348 -12.49 34.14 -125.31
N LEU D 1349 -13.13 33.41 -126.23
CA LEU D 1349 -12.60 33.26 -127.58
C LEU D 1349 -12.53 34.61 -128.28
N HIS D 1350 -13.60 35.40 -128.17
CA HIS D 1350 -13.59 36.71 -128.81
C HIS D 1350 -12.60 37.64 -128.12
N LEU D 1351 -12.44 37.52 -126.81
CA LEU D 1351 -11.45 38.31 -126.10
C LEU D 1351 -10.03 37.98 -126.58
N PHE D 1352 -9.74 36.70 -126.77
CA PHE D 1352 -8.42 36.30 -127.25
C PHE D 1352 -8.18 36.73 -128.69
N LEU D 1353 -9.22 36.67 -129.52
CA LEU D 1353 -9.10 37.18 -130.88
C LEU D 1353 -8.81 38.69 -130.87
N GLU D 1354 -9.50 39.42 -130.00
CA GLU D 1354 -9.20 40.85 -129.85
C GLU D 1354 -7.76 41.04 -129.37
N CYS D 1355 -7.28 40.18 -128.48
CA CYS D 1355 -5.92 40.28 -127.98
C CYS D 1355 -4.91 40.10 -129.11
N ILE D 1356 -5.11 39.08 -129.94
CA ILE D 1356 -4.14 38.84 -131.02
C ILE D 1356 -4.21 39.95 -132.07
N VAL D 1357 -5.42 40.46 -132.34
CA VAL D 1357 -5.54 41.56 -133.30
C VAL D 1357 -4.83 42.80 -132.78
N ALA D 1358 -5.05 43.14 -131.50
CA ALA D 1358 -4.39 44.30 -130.92
C ALA D 1358 -2.88 44.10 -130.81
N ALA D 1359 -2.44 42.86 -130.65
CA ALA D 1359 -1.00 42.60 -130.60
C ALA D 1359 -0.35 42.69 -131.96
N GLU D 1360 -1.09 42.38 -133.03
CA GLU D 1360 -0.53 42.47 -134.37
C GLU D 1360 -0.21 43.91 -134.74
N THR D 1361 -1.09 44.85 -134.39
CA THR D 1361 -0.87 46.25 -134.72
C THR D 1361 -0.24 46.99 -133.55
N ASP D 1400 -21.08 43.87 -98.77
CA ASP D 1400 -20.04 43.74 -99.79
C ASP D 1400 -20.67 43.46 -101.16
N ASP D 1401 -21.77 44.15 -101.44
CA ASP D 1401 -22.45 43.99 -102.73
C ASP D 1401 -21.74 44.75 -103.84
N GLU D 1402 -20.86 45.69 -103.50
CA GLU D 1402 -20.15 46.45 -104.53
C GLU D 1402 -19.18 45.56 -105.29
N ASP D 1403 -18.50 44.64 -104.60
CA ASP D 1403 -17.59 43.73 -105.28
C ASP D 1403 -18.33 42.81 -106.24
N LEU D 1404 -19.46 42.26 -105.80
CA LEU D 1404 -20.28 41.45 -106.70
C LEU D 1404 -20.81 42.28 -107.86
N GLN D 1405 -21.13 43.55 -107.61
CA GLN D 1405 -21.55 44.45 -108.68
C GLN D 1405 -20.45 44.64 -109.71
N LEU D 1406 -19.20 44.84 -109.24
CA LEU D 1406 -18.07 44.98 -110.17
C LEU D 1406 -17.85 43.70 -110.96
N LEU D 1407 -17.96 42.54 -110.30
CA LEU D 1407 -17.85 41.26 -110.98
C LEU D 1407 -18.89 41.15 -112.09
N ALA D 1408 -20.15 41.44 -111.76
CA ALA D 1408 -21.23 41.35 -112.73
C ALA D 1408 -21.01 42.32 -113.87
N SER D 1409 -20.55 43.54 -113.57
CA SER D 1409 -20.36 44.55 -114.61
C SER D 1409 -19.24 44.14 -115.56
N MET D 1410 -18.16 43.58 -115.04
CA MET D 1410 -17.10 43.12 -115.93
C MET D 1410 -17.55 41.92 -116.74
N HIS D 1411 -18.40 41.07 -116.17
CA HIS D 1411 -18.98 39.97 -116.95
C HIS D 1411 -19.83 40.50 -118.10
N GLU D 1412 -20.67 41.51 -117.82
CA GLU D 1412 -21.48 42.10 -118.89
C GLU D 1412 -20.61 42.79 -119.93
N ALA D 1413 -19.54 43.45 -119.49
CA ALA D 1413 -18.64 44.12 -120.42
C ALA D 1413 -17.97 43.13 -121.36
N ALA D 1414 -17.52 41.98 -120.83
CA ALA D 1414 -16.99 40.93 -121.69
C ALA D 1414 -18.07 40.40 -122.63
N ALA D 1415 -19.30 40.25 -122.14
CA ALA D 1415 -20.38 39.75 -122.98
C ALA D 1415 -20.65 40.68 -124.15
N GLU D 1416 -20.70 41.99 -123.90
CA GLU D 1416 -21.00 42.95 -124.96
C GLU D 1416 -19.81 43.15 -125.90
N LEU D 1417 -18.58 43.05 -125.38
CA LEU D 1417 -17.43 43.07 -126.27
C LEU D 1417 -17.37 41.81 -127.12
N ALA D 1418 -17.97 40.72 -126.65
CA ALA D 1418 -18.13 39.52 -127.45
C ALA D 1418 -19.31 39.60 -128.41
N GLN D 1419 -20.17 40.62 -128.27
CA GLN D 1419 -21.35 40.82 -129.11
C GLN D 1419 -22.25 39.59 -129.13
N THR D 1428 -12.60 37.00 -137.84
CA THR D 1428 -11.40 37.18 -137.04
C THR D 1428 -10.69 35.84 -136.84
N LEU D 1429 -11.39 34.75 -137.15
CA LEU D 1429 -10.78 33.43 -137.04
C LEU D 1429 -9.64 33.26 -138.03
N ALA D 1430 -9.80 33.77 -139.25
CA ALA D 1430 -8.73 33.69 -140.24
C ALA D 1430 -7.57 34.60 -139.89
N PHE D 1431 -7.81 35.63 -139.07
CA PHE D 1431 -6.71 36.47 -138.62
C PHE D 1431 -5.71 35.66 -137.79
N ALA D 1432 -6.21 34.76 -136.95
CA ALA D 1432 -5.33 33.87 -136.20
C ALA D 1432 -4.53 32.98 -137.13
N LEU D 1433 -5.16 32.46 -138.18
CA LEU D 1433 -4.47 31.55 -139.08
C LEU D 1433 -3.42 32.28 -139.92
N GLN D 1434 -3.66 33.54 -140.27
CA GLN D 1434 -2.80 34.21 -141.24
C GLN D 1434 -1.79 35.17 -140.61
N CYS D 1435 -2.08 35.74 -139.44
CA CYS D 1435 -1.22 36.78 -138.90
C CYS D 1435 0.07 36.19 -138.33
N LYS D 1436 1.05 37.06 -138.14
CA LYS D 1436 2.28 36.65 -137.46
C LYS D 1436 1.98 36.30 -136.02
N VAL D 1437 2.57 35.20 -135.55
CA VAL D 1437 2.36 34.72 -134.19
C VAL D 1437 3.33 35.51 -133.30
N ILE D 1438 2.87 36.67 -132.84
CA ILE D 1438 3.72 37.60 -132.09
C ILE D 1438 3.45 37.45 -130.61
N HIS D 1439 2.20 37.15 -130.26
CA HIS D 1439 1.80 37.04 -128.85
C HIS D 1439 1.51 35.58 -128.53
N PRO D 1440 2.41 34.87 -127.85
CA PRO D 1440 2.24 33.43 -127.69
C PRO D 1440 1.18 33.03 -126.67
N GLU D 1441 1.07 33.77 -125.57
CA GLU D 1441 0.12 33.41 -124.53
C GLU D 1441 -1.32 33.55 -125.02
N ALA D 1442 -1.60 34.58 -125.82
CA ALA D 1442 -2.93 34.71 -126.41
C ALA D 1442 -3.21 33.55 -127.35
N PHE D 1443 -2.21 33.12 -128.11
CA PHE D 1443 -2.38 31.96 -128.99
C PHE D 1443 -2.69 30.70 -128.18
N LEU D 1444 -1.98 30.49 -127.07
CA LEU D 1444 -2.25 29.32 -126.24
C LEU D 1444 -3.65 29.39 -125.65
N GLY D 1445 -4.06 30.56 -125.17
CA GLY D 1445 -5.40 30.70 -124.62
C GLY D 1445 -6.48 30.46 -125.66
N LEU D 1446 -6.27 30.98 -126.88
CA LEU D 1446 -7.21 30.71 -127.96
C LEU D 1446 -7.27 29.22 -128.28
N ALA D 1447 -6.11 28.56 -128.32
CA ALA D 1447 -6.08 27.14 -128.64
C ALA D 1447 -6.82 26.31 -127.60
N ILE D 1448 -6.60 26.61 -126.32
CA ILE D 1448 -7.30 25.84 -125.29
C ILE D 1448 -8.78 26.18 -125.29
N CYS D 1449 -9.16 27.42 -125.64
CA CYS D 1449 -10.57 27.74 -125.81
C CYS D 1449 -11.20 26.91 -126.91
N LEU D 1450 -10.50 26.77 -128.04
CA LEU D 1450 -11.00 25.95 -129.14
C LEU D 1450 -11.13 24.50 -128.72
N PHE D 1451 -10.16 23.99 -127.97
CA PHE D 1451 -10.20 22.61 -127.53
C PHE D 1451 -11.35 22.35 -126.56
N ILE D 1452 -11.51 23.23 -125.56
CA ILE D 1452 -12.58 23.05 -124.59
C ILE D 1452 -13.93 23.18 -125.25
N SER D 1453 -14.09 24.17 -126.15
CA SER D 1453 -15.37 24.36 -126.82
C SER D 1453 -15.73 23.20 -127.73
N GLY D 1454 -14.75 22.42 -128.18
CA GLY D 1454 -15.05 21.22 -128.93
C GLY D 1454 -14.31 21.08 -130.25
N GLN D 1455 -13.90 22.20 -130.84
CA GLN D 1455 -13.19 22.17 -132.12
C GLN D 1455 -11.74 21.80 -131.88
N GLU D 1456 -11.44 20.51 -132.06
CA GLU D 1456 -10.06 20.04 -131.88
C GLU D 1456 -9.18 20.42 -133.06
N THR D 1457 -9.74 20.40 -134.28
CA THR D 1457 -8.94 20.65 -135.48
C THR D 1457 -8.38 22.06 -135.50
N ALA D 1458 -9.23 23.04 -135.18
CA ALA D 1458 -8.78 24.43 -135.18
C ALA D 1458 -7.75 24.67 -134.07
N ALA D 1459 -7.92 24.00 -132.93
CA ALA D 1459 -6.93 24.09 -131.87
C ALA D 1459 -5.59 23.53 -132.34
N ARG D 1460 -5.63 22.39 -133.03
CA ARG D 1460 -4.40 21.84 -133.62
C ARG D 1460 -3.74 22.84 -134.54
N ASN D 1461 -4.53 23.47 -135.41
CA ASN D 1461 -3.98 24.42 -136.38
C ASN D 1461 -3.32 25.60 -135.68
N VAL D 1462 -4.03 26.22 -134.74
CA VAL D 1462 -3.51 27.43 -134.12
C VAL D 1462 -2.30 27.12 -133.25
N LEU D 1463 -2.30 25.98 -132.56
CA LEU D 1463 -1.16 25.69 -131.72
C LEU D 1463 0.05 25.25 -132.54
N ALA D 1464 -0.16 24.53 -133.64
CA ALA D 1464 0.93 24.24 -134.56
C ALA D 1464 1.52 25.51 -135.13
N ARG D 1465 0.66 26.49 -135.44
CA ARG D 1465 1.15 27.78 -135.90
C ARG D 1465 1.96 28.49 -134.82
N LEU D 1466 1.52 28.40 -133.55
CA LEU D 1466 2.28 29.02 -132.47
C LEU D 1466 3.64 28.36 -132.32
N LEU D 1467 3.70 27.04 -132.38
CA LEU D 1467 4.94 26.34 -132.08
C LEU D 1467 5.79 26.04 -133.31
N GLU D 1468 5.38 26.48 -134.50
CA GLU D 1468 6.30 26.44 -135.62
C GLU D 1468 7.38 27.52 -135.51
N SER D 1469 7.25 28.45 -134.56
CA SER D 1469 8.27 29.47 -134.37
C SER D 1469 9.59 28.87 -133.91
N LYS D 1470 9.56 28.03 -132.88
CA LYS D 1470 10.78 27.51 -132.29
C LYS D 1470 10.78 25.98 -132.22
N ASP D 1471 9.58 25.40 -132.12
CA ASP D 1471 9.40 23.97 -131.84
C ASP D 1471 10.15 23.55 -130.59
N PRO D 1510 14.94 22.26 -127.81
CA PRO D 1510 14.91 23.52 -128.54
C PRO D 1510 15.37 24.70 -127.69
N ILE D 1511 15.70 25.81 -128.34
CA ILE D 1511 16.20 26.99 -127.63
C ILE D 1511 15.12 27.55 -126.70
N ALA D 1512 13.87 27.60 -127.18
CA ALA D 1512 12.80 28.23 -126.42
C ALA D 1512 12.55 27.52 -125.10
N ILE D 1513 12.49 26.19 -125.12
CA ILE D 1513 12.26 25.44 -123.89
C ILE D 1513 13.47 25.51 -122.99
N LEU D 1514 14.67 25.48 -123.58
CA LEU D 1514 15.92 25.56 -122.82
C LEU D 1514 16.12 26.92 -122.15
N THR D 1515 15.20 27.87 -122.34
CA THR D 1515 15.32 29.16 -121.71
C THR D 1515 15.13 29.06 -120.21
N CYS D 1516 15.95 29.80 -119.47
CA CYS D 1516 15.84 29.90 -118.02
C CYS D 1516 14.96 31.07 -117.61
N SER D 1517 13.77 31.13 -118.19
CA SER D 1517 12.91 32.31 -118.08
C SER D 1517 11.65 31.99 -117.28
N GLU D 1518 11.07 33.04 -116.71
CA GLU D 1518 9.79 32.89 -116.03
C GLU D 1518 8.69 32.45 -116.99
N ASP D 1519 8.72 32.98 -118.22
CA ASP D 1519 7.73 32.61 -119.21
C ASP D 1519 7.82 31.12 -119.51
N ASP D 1520 6.69 30.44 -119.40
CA ASP D 1520 6.62 29.00 -119.64
C ASP D 1520 5.47 28.67 -120.58
N THR D 1521 5.00 29.65 -121.35
CA THR D 1521 3.90 29.43 -122.28
C THR D 1521 4.25 28.38 -123.31
N ILE D 1522 5.51 28.37 -123.76
CA ILE D 1522 5.96 27.38 -124.73
C ILE D 1522 5.89 25.98 -124.14
N GLU D 1523 6.34 25.84 -122.90
CA GLU D 1523 6.29 24.54 -122.23
C GLU D 1523 4.85 24.07 -122.05
N ARG D 1524 3.96 24.99 -121.68
CA ARG D 1524 2.55 24.65 -121.55
C ARG D 1524 1.96 24.24 -122.89
N ALA D 1525 2.43 24.87 -123.97
CA ALA D 1525 2.00 24.45 -125.30
C ALA D 1525 2.46 23.03 -125.58
N MET D 1526 3.68 22.68 -125.15
CA MET D 1526 4.15 21.31 -125.30
C MET D 1526 3.27 20.34 -124.51
N LEU D 1527 2.89 20.72 -123.30
CA LEU D 1527 2.02 19.88 -122.49
C LEU D 1527 0.67 19.68 -123.16
N PHE D 1528 0.11 20.76 -123.73
CA PHE D 1528 -1.15 20.65 -124.44
C PHE D 1528 -1.02 19.74 -125.65
N GLU D 1529 0.10 19.84 -126.37
CA GLU D 1529 0.29 18.98 -127.53
C GLU D 1529 0.33 17.52 -127.10
N ALA D 1530 0.97 17.24 -125.97
CA ALA D 1530 0.95 15.88 -125.44
C ALA D 1530 -0.47 15.45 -125.11
N TYR D 1531 -1.25 16.32 -124.48
CA TYR D 1531 -2.63 15.99 -124.13
C TYR D 1531 -3.45 15.69 -125.39
N MET D 1532 -3.30 16.52 -126.42
CA MET D 1532 -4.05 16.31 -127.65
C MET D 1532 -3.63 15.03 -128.35
N ASP D 1533 -2.32 14.75 -128.38
CA ASP D 1533 -1.85 13.52 -129.04
C ASP D 1533 -2.30 12.27 -128.29
N THR D 1534 -2.45 12.36 -126.97
CA THR D 1534 -2.95 11.22 -126.21
C THR D 1534 -4.37 10.84 -126.60
N GLN D 1535 -5.12 11.76 -127.22
CA GLN D 1535 -6.47 11.47 -127.68
C GLN D 1535 -6.51 11.01 -129.13
N GLU D 1536 -5.37 11.00 -129.82
CA GLU D 1536 -5.31 10.65 -131.23
C GLU D 1536 -5.05 9.17 -131.48
N GLY D 1537 -4.74 8.40 -130.45
CA GLY D 1537 -4.37 7.01 -130.61
C GLY D 1537 -2.89 6.78 -130.83
N ARG D 1538 -2.13 7.82 -131.19
CA ARG D 1538 -0.69 7.74 -131.31
C ARG D 1538 -0.05 8.32 -130.06
N LEU D 1539 1.12 7.78 -129.70
CA LEU D 1539 1.82 8.23 -128.50
C LEU D 1539 3.30 8.50 -128.73
N LYS D 1540 3.87 8.10 -129.86
CA LYS D 1540 5.30 8.25 -130.08
C LYS D 1540 5.72 9.71 -130.12
N ASP D 1541 4.95 10.55 -130.82
CA ASP D 1541 5.27 11.98 -130.86
C ASP D 1541 5.03 12.64 -129.50
N ALA D 1542 4.02 12.19 -128.76
CA ALA D 1542 3.83 12.69 -127.41
C ALA D 1542 5.03 12.38 -126.53
N ARG D 1543 5.56 11.16 -126.64
CA ARG D 1543 6.76 10.81 -125.89
C ARG D 1543 7.96 11.64 -126.35
N PHE D 1544 8.04 11.91 -127.65
CA PHE D 1544 9.07 12.80 -128.18
C PHE D 1544 9.02 14.16 -127.50
N VAL D 1545 7.83 14.76 -127.44
CA VAL D 1545 7.66 16.06 -126.82
C VAL D 1545 7.99 16.01 -125.34
N LEU D 1546 7.53 14.95 -124.66
CA LEU D 1546 7.77 14.82 -123.23
C LEU D 1546 9.26 14.68 -122.93
N GLN D 1547 9.97 13.89 -123.73
CA GLN D 1547 11.40 13.74 -123.52
C GLN D 1547 12.11 15.06 -123.76
N GLN D 1548 11.68 15.81 -124.78
CA GLN D 1548 12.27 17.13 -125.02
C GLN D 1548 12.09 18.03 -123.80
N VAL D 1549 10.84 18.17 -123.32
CA VAL D 1549 10.59 19.12 -122.24
C VAL D 1549 11.25 18.67 -120.95
N LEU D 1550 11.32 17.36 -120.69
CA LEU D 1550 11.93 16.88 -119.47
C LEU D 1550 13.45 16.94 -119.52
N SER D 1551 14.05 16.77 -120.69
CA SER D 1551 15.46 17.07 -120.84
C SER D 1551 15.72 18.55 -120.57
N ALA D 1552 14.81 19.41 -121.02
CA ALA D 1552 14.92 20.82 -120.70
C ALA D 1552 14.56 21.08 -119.24
N ASN D 1553 13.53 20.41 -118.73
CA ASN D 1553 12.94 20.73 -117.42
C ASN D 1553 12.68 19.44 -116.67
N GLU D 1554 13.55 19.11 -115.72
CA GLU D 1554 13.40 17.86 -114.96
C GLU D 1554 12.27 17.92 -113.94
N GLY D 1555 11.82 19.10 -113.56
CA GLY D 1555 10.75 19.26 -112.59
C GLY D 1555 9.35 19.28 -113.15
N CYS D 1556 9.16 19.00 -114.43
CA CYS D 1556 7.83 19.04 -115.04
C CYS D 1556 7.07 17.81 -114.60
N SER D 1557 6.38 17.93 -113.46
CA SER D 1557 5.68 16.80 -112.88
C SER D 1557 4.57 16.29 -113.79
N SER D 1558 3.88 17.19 -114.48
CA SER D 1558 2.83 16.77 -115.39
C SER D 1558 3.40 15.94 -116.54
N ALA D 1559 4.60 16.28 -117.01
CA ALA D 1559 5.23 15.50 -118.06
C ALA D 1559 5.57 14.10 -117.57
N TRP D 1560 6.09 13.98 -116.34
CA TRP D 1560 6.32 12.67 -115.76
C TRP D 1560 5.01 11.88 -115.67
N ASN D 1561 3.94 12.55 -115.25
CA ASN D 1561 2.64 11.91 -115.16
C ASN D 1561 2.19 11.37 -116.51
N GLU D 1562 2.34 12.17 -117.57
CA GLU D 1562 1.87 11.75 -118.88
C GLU D 1562 2.72 10.62 -119.44
N LEU D 1563 4.05 10.67 -119.23
CA LEU D 1563 4.88 9.57 -119.69
C LEU D 1563 4.58 8.29 -118.91
N GLY D 1564 4.32 8.41 -117.61
CA GLY D 1564 3.88 7.26 -116.85
C GLY D 1564 2.58 6.70 -117.36
N LEU D 1565 1.65 7.57 -117.75
CA LEU D 1565 0.36 7.12 -118.26
C LEU D 1565 0.52 6.37 -119.58
N ILE D 1566 1.34 6.89 -120.48
CA ILE D 1566 1.51 6.19 -121.75
C ILE D 1566 2.35 4.93 -121.56
N TYR D 1567 3.21 4.89 -120.53
CA TYR D 1567 3.83 3.63 -120.14
C TYR D 1567 2.79 2.64 -119.65
N GLU D 1568 1.81 3.12 -118.89
CA GLU D 1568 0.72 2.26 -118.43
C GLU D 1568 -0.08 1.71 -119.60
N ARG D 1569 -0.26 2.50 -120.66
CA ARG D 1569 -0.84 1.95 -121.88
C ARG D 1569 0.08 0.89 -122.48
N ASN D 1570 1.38 1.13 -122.48
CA ASN D 1570 2.33 0.17 -123.02
C ASN D 1570 2.60 -1.00 -122.09
N GLN D 1571 1.92 -1.06 -120.94
CA GLN D 1571 2.08 -2.09 -119.92
C GLN D 1571 3.49 -2.14 -119.33
N LYS D 1572 4.35 -1.19 -119.67
CA LYS D 1572 5.67 -1.10 -119.06
C LYS D 1572 5.47 -0.48 -117.69
N HIS D 1573 5.26 -1.33 -116.68
CA HIS D 1573 4.83 -0.85 -115.38
C HIS D 1573 5.97 -0.49 -114.44
N LYS D 1574 7.15 -1.11 -114.60
CA LYS D 1574 8.25 -0.82 -113.69
C LYS D 1574 8.75 0.62 -113.89
N ASN D 1575 9.04 0.99 -115.14
CA ASN D 1575 9.48 2.36 -115.40
C ASN D 1575 8.34 3.35 -115.17
N ALA D 1576 7.10 2.92 -115.41
CA ALA D 1576 5.95 3.77 -115.08
C ALA D 1576 5.93 4.08 -113.60
N SER D 1577 6.14 3.06 -112.76
CA SER D 1577 6.18 3.29 -111.32
C SER D 1577 7.38 4.13 -110.93
N GLN D 1578 8.51 3.94 -111.61
CA GLN D 1578 9.70 4.73 -111.30
C GLN D 1578 9.48 6.22 -111.56
N CYS D 1579 8.96 6.54 -112.76
CA CYS D 1579 8.70 7.94 -113.06
C CYS D 1579 7.55 8.48 -112.22
N TYR D 1580 6.60 7.63 -111.84
CA TYR D 1580 5.55 8.08 -110.93
C TYR D 1580 6.11 8.40 -109.57
N GLN D 1581 7.10 7.65 -109.11
CA GLN D 1581 7.77 7.99 -107.87
C GLN D 1581 8.55 9.29 -108.00
N LYS D 1582 9.16 9.51 -109.16
CA LYS D 1582 9.77 10.81 -109.45
C LYS D 1582 8.75 11.93 -109.33
N ALA D 1583 7.60 11.76 -109.97
CA ALA D 1583 6.55 12.76 -109.93
C ALA D 1583 6.03 12.97 -108.52
N TRP D 1584 5.87 11.88 -107.77
CA TRP D 1584 5.38 11.95 -106.41
C TRP D 1584 6.36 12.69 -105.52
N LYS D 1585 7.66 12.48 -105.74
CA LYS D 1585 8.68 13.23 -105.00
C LYS D 1585 8.63 14.70 -105.35
N LEU D 1586 8.51 15.04 -106.63
CA LEU D 1586 8.47 16.44 -107.04
C LEU D 1586 7.23 17.14 -106.51
N VAL D 1587 6.07 16.46 -106.58
CA VAL D 1587 4.81 17.00 -106.09
C VAL D 1587 4.82 17.12 -104.57
N GLN D 1588 5.70 16.40 -103.89
CA GLN D 1588 5.71 16.28 -102.42
C GLN D 1588 4.40 15.66 -101.92
N GLU D 1589 3.92 14.65 -102.65
CA GLU D 1589 2.79 13.82 -102.22
C GLU D 1589 1.52 14.64 -102.03
N ALA D 1590 1.27 15.57 -102.94
CA ALA D 1590 0.14 16.49 -102.81
C ALA D 1590 -0.58 16.65 -104.16
N ASP D 1591 -0.86 15.54 -104.83
CA ASP D 1591 -1.67 15.59 -106.04
C ASP D 1591 -2.58 14.37 -106.07
N PRO D 1592 -3.87 14.56 -106.32
CA PRO D 1592 -4.79 13.41 -106.30
C PRO D 1592 -4.67 12.50 -107.51
N ASP D 1593 -4.26 13.03 -108.66
CA ASP D 1593 -4.29 12.21 -109.87
C ASP D 1593 -3.04 11.35 -110.01
N VAL D 1594 -1.85 11.93 -109.83
CA VAL D 1594 -0.65 11.12 -109.86
C VAL D 1594 -0.62 10.17 -108.66
N GLY D 1595 -1.15 10.62 -107.52
CA GLY D 1595 -1.31 9.72 -106.39
C GLY D 1595 -2.29 8.59 -106.70
N TYR D 1596 -3.38 8.92 -107.39
CA TYR D 1596 -4.36 7.90 -107.75
C TYR D 1596 -3.75 6.85 -108.65
N LYS D 1597 -3.03 7.28 -109.69
CA LYS D 1597 -2.44 6.32 -110.62
C LYS D 1597 -1.28 5.56 -109.99
N LEU D 1598 -0.53 6.21 -109.10
CA LEU D 1598 0.53 5.51 -108.37
C LEU D 1598 -0.05 4.43 -107.46
N GLY D 1599 -1.15 4.73 -106.77
CA GLY D 1599 -1.81 3.73 -105.97
C GLY D 1599 -2.36 2.59 -106.80
N PHE D 1600 -2.92 2.92 -107.97
CA PHE D 1600 -3.43 1.88 -108.85
C PHE D 1600 -2.30 0.99 -109.37
N ASN D 1601 -1.14 1.57 -109.65
CA ASN D 1601 0.01 0.78 -110.07
C ASN D 1601 0.51 -0.11 -108.95
N TYR D 1602 0.56 0.42 -107.72
CA TYR D 1602 0.91 -0.41 -106.57
C TYR D 1602 -0.06 -1.56 -106.40
N LEU D 1603 -1.35 -1.29 -106.61
CA LEU D 1603 -2.36 -2.34 -106.56
C LEU D 1603 -2.10 -3.40 -107.62
N ARG D 1604 -1.79 -2.97 -108.85
CA ARG D 1604 -1.46 -3.93 -109.89
C ARG D 1604 -0.12 -4.60 -109.62
N GLY D 1605 0.80 -3.89 -108.96
CA GLY D 1605 2.07 -4.48 -108.58
C GLY D 1605 2.04 -5.33 -107.35
N GLY D 1606 0.90 -5.39 -106.65
CA GLY D 1606 0.78 -6.20 -105.45
C GLY D 1606 1.61 -5.71 -104.27
N GLN D 1607 1.61 -4.40 -104.02
CA GLN D 1607 2.23 -3.83 -102.82
C GLN D 1607 1.20 -2.94 -102.14
N PRO D 1608 0.17 -3.54 -101.54
CA PRO D 1608 -0.95 -2.72 -101.02
C PRO D 1608 -0.59 -1.81 -99.88
N VAL D 1609 0.51 -2.06 -99.17
CA VAL D 1609 0.93 -1.13 -98.10
C VAL D 1609 1.32 0.21 -98.70
N LYS D 1610 2.09 0.19 -99.78
CA LYS D 1610 2.49 1.42 -100.44
C LYS D 1610 1.28 2.13 -101.02
N ALA D 1611 0.33 1.38 -101.59
CA ALA D 1611 -0.89 1.98 -102.12
C ALA D 1611 -1.69 2.65 -101.01
N ILE D 1612 -1.78 2.01 -99.83
CA ILE D 1612 -2.47 2.62 -98.71
C ILE D 1612 -1.77 3.90 -98.27
N ASP D 1613 -0.43 3.88 -98.25
CA ASP D 1613 0.30 5.10 -97.89
C ASP D 1613 0.00 6.24 -98.86
N VAL D 1614 0.03 5.94 -100.17
CA VAL D 1614 -0.19 6.97 -101.18
C VAL D 1614 -1.61 7.51 -101.07
N CYS D 1615 -2.60 6.63 -100.94
CA CYS D 1615 -3.98 7.08 -100.84
C CYS D 1615 -4.24 7.85 -99.55
N LYS D 1616 -3.58 7.48 -98.46
CA LYS D 1616 -3.74 8.23 -97.22
C LYS D 1616 -3.13 9.62 -97.36
N ARG D 1617 -2.03 9.76 -98.10
CA ARG D 1617 -1.50 11.10 -98.36
C ARG D 1617 -2.45 11.91 -99.24
N VAL D 1618 -3.02 11.27 -100.26
CA VAL D 1618 -4.00 11.93 -101.12
C VAL D 1618 -5.17 12.45 -100.30
N LEU D 1619 -5.66 11.64 -99.37
CA LEU D 1619 -6.82 12.04 -98.58
C LEU D 1619 -6.47 13.05 -97.49
N THR D 1620 -5.26 12.97 -96.91
CA THR D 1620 -4.89 13.96 -95.92
C THR D 1620 -4.56 15.30 -96.55
N HIS D 1621 -4.31 15.34 -97.86
CA HIS D 1621 -4.13 16.61 -98.54
C HIS D 1621 -5.38 17.07 -99.28
N HIS D 1622 -5.99 16.20 -100.10
CA HIS D 1622 -7.20 16.54 -100.85
C HIS D 1622 -8.25 15.48 -100.52
N ALA D 1623 -8.97 15.69 -99.42
CA ALA D 1623 -9.90 14.67 -98.92
C ALA D 1623 -11.12 14.51 -99.80
N THR D 1624 -11.44 15.50 -100.63
CA THR D 1624 -12.67 15.48 -101.40
C THR D 1624 -12.50 14.86 -102.79
N TYR D 1625 -11.33 14.33 -103.10
CA TYR D 1625 -11.14 13.71 -104.40
C TYR D 1625 -12.00 12.46 -104.49
N PRO D 1626 -12.80 12.30 -105.54
CA PRO D 1626 -13.65 11.11 -105.65
C PRO D 1626 -12.88 9.90 -106.13
N ARG D 1627 -13.54 8.74 -106.05
CA ARG D 1627 -13.08 7.48 -106.64
C ARG D 1627 -11.78 6.96 -106.05
N ILE D 1628 -11.23 7.62 -105.04
CA ILE D 1628 -9.94 7.20 -104.50
C ILE D 1628 -10.12 5.96 -103.61
N GLU D 1629 -10.94 6.08 -102.57
CA GLU D 1629 -11.12 4.97 -101.64
C GLU D 1629 -11.75 3.78 -102.33
N ALA D 1630 -12.89 4.00 -103.00
CA ALA D 1630 -13.67 2.90 -103.54
C ALA D 1630 -12.95 2.15 -104.66
N ASP D 1631 -11.87 2.71 -105.19
CA ASP D 1631 -11.12 2.03 -106.24
C ASP D 1631 -9.76 1.51 -105.81
N ILE D 1632 -9.14 2.08 -104.78
CA ILE D 1632 -7.82 1.65 -104.35
C ILE D 1632 -7.83 1.12 -102.91
N MET D 1633 -8.44 1.87 -101.99
CA MET D 1633 -8.34 1.53 -100.58
C MET D 1633 -9.04 0.21 -100.27
N ASP D 1634 -10.21 -0.01 -100.87
CA ASP D 1634 -10.96 -1.23 -100.62
C ASP D 1634 -10.19 -2.47 -101.08
N ALA D 1635 -9.62 -2.41 -102.29
CA ALA D 1635 -8.89 -3.55 -102.79
C ALA D 1635 -7.54 -3.72 -102.07
N ALA D 1636 -6.96 -2.62 -101.61
CA ALA D 1636 -5.74 -2.74 -100.81
C ALA D 1636 -6.00 -3.41 -99.48
N TYR D 1637 -7.13 -3.07 -98.84
CA TYR D 1637 -7.52 -3.78 -97.62
C TYR D 1637 -7.86 -5.23 -97.91
N SER D 1638 -8.50 -5.51 -99.05
CA SER D 1638 -8.91 -6.86 -99.36
C SER D 1638 -7.72 -7.77 -99.68
N MET D 1639 -6.69 -7.23 -100.34
CA MET D 1639 -5.55 -8.02 -100.78
C MET D 1639 -4.28 -7.67 -100.00
N LEU D 1640 -4.44 -7.20 -98.76
CA LEU D 1640 -3.27 -6.98 -97.91
C LEU D 1640 -2.72 -8.31 -97.39
N ARG D 1641 -3.59 -9.23 -96.99
CA ARG D 1641 -3.21 -10.57 -96.55
C ARG D 1641 -4.02 -11.57 -97.34
N PRO D 1642 -3.55 -11.96 -98.53
CA PRO D 1642 -4.24 -12.91 -99.41
C PRO D 1642 -4.36 -14.31 -98.81
N MET E 1 -24.87 -18.39 33.65
CA MET E 1 -25.33 -19.77 33.61
C MET E 1 -26.19 -20.01 32.37
N SER E 2 -26.01 -21.20 31.78
CA SER E 2 -26.70 -21.56 30.55
C SER E 2 -27.16 -23.00 30.65
N LEU E 3 -28.15 -23.34 29.83
CA LEU E 3 -28.65 -24.71 29.76
C LEU E 3 -28.89 -25.07 28.30
N PHE E 4 -28.69 -26.35 27.99
CA PHE E 4 -28.88 -26.86 26.64
C PHE E 4 -30.28 -27.46 26.52
N VAL E 5 -31.16 -26.76 25.81
CA VAL E 5 -32.44 -27.37 25.47
C VAL E 5 -32.19 -28.47 24.44
N VAL E 6 -32.85 -29.61 24.63
CA VAL E 6 -32.56 -30.83 23.88
C VAL E 6 -33.76 -31.15 23.02
N ASN E 7 -33.51 -31.37 21.73
CA ASN E 7 -34.52 -31.88 20.80
C ASN E 7 -34.04 -33.21 20.28
N ALA E 8 -34.88 -34.24 20.41
CA ALA E 8 -34.52 -35.60 20.05
C ALA E 8 -35.55 -36.14 19.06
N PRO E 9 -35.46 -35.73 17.80
CA PRO E 9 -36.40 -36.25 16.79
C PRO E 9 -36.09 -37.69 16.42
N GLY E 10 -36.92 -38.61 16.88
CA GLY E 10 -36.68 -40.01 16.61
C GLY E 10 -36.89 -40.38 15.16
N HIS E 11 -36.22 -41.45 14.74
CA HIS E 11 -36.35 -41.97 13.39
C HIS E 11 -36.49 -43.49 13.49
N GLU E 12 -37.15 -44.06 12.48
CA GLU E 12 -37.40 -45.50 12.48
C GLU E 12 -36.13 -46.32 12.30
N GLY E 13 -35.06 -45.72 11.79
CA GLY E 13 -33.82 -46.41 11.54
C GLY E 13 -32.82 -46.27 12.67
N GLN E 14 -31.57 -46.59 12.37
CA GLN E 14 -30.47 -46.52 13.33
C GLN E 14 -29.48 -45.45 12.89
N LEU E 15 -29.08 -44.60 13.82
CA LEU E 15 -28.16 -43.51 13.51
C LEU E 15 -26.75 -44.04 13.24
N LYS E 16 -26.00 -43.29 12.45
CA LYS E 16 -24.62 -43.61 12.15
C LYS E 16 -23.69 -42.65 12.88
N GLU E 17 -22.51 -43.16 13.24
CA GLU E 17 -21.56 -42.39 14.03
C GLU E 17 -21.08 -41.16 13.28
N GLN E 18 -20.39 -41.36 12.16
CA GLN E 18 -19.66 -40.29 11.48
C GLN E 18 -20.42 -39.71 10.30
N LEU E 19 -21.70 -40.04 10.14
CA LEU E 19 -22.48 -39.60 8.99
C LEU E 19 -23.37 -38.41 9.31
N ILE E 20 -22.89 -37.48 10.12
CA ILE E 20 -23.60 -36.24 10.43
C ILE E 20 -22.84 -35.09 9.77
N VAL E 21 -23.55 -34.29 8.98
CA VAL E 21 -22.96 -33.20 8.23
C VAL E 21 -23.68 -31.90 8.58
N ALA E 22 -22.91 -30.85 8.81
CA ALA E 22 -23.44 -29.55 9.19
C ALA E 22 -22.90 -28.48 8.25
N HIS E 23 -23.80 -27.65 7.72
CA HIS E 23 -23.40 -26.54 6.87
C HIS E 23 -22.64 -25.50 7.69
N LYS E 24 -21.66 -24.86 7.04
CA LYS E 24 -20.76 -23.96 7.76
C LYS E 24 -21.44 -22.63 8.09
N ARG E 25 -22.22 -22.09 7.16
CA ARG E 25 -22.83 -20.77 7.34
C ARG E 25 -24.35 -20.83 7.46
N ARG E 26 -25.03 -21.54 6.57
CA ARG E 26 -26.47 -21.65 6.67
C ARG E 26 -26.84 -22.60 7.80
N PRO E 27 -27.87 -22.28 8.59
CA PRO E 27 -28.28 -23.18 9.68
C PRO E 27 -28.96 -24.44 9.17
N LEU E 28 -28.17 -25.41 8.75
CA LEU E 28 -28.67 -26.68 8.23
C LEU E 28 -27.92 -27.83 8.87
N LEU E 29 -28.57 -28.99 8.89
CA LEU E 29 -27.98 -30.19 9.45
C LEU E 29 -28.69 -31.41 8.85
N ALA E 30 -27.91 -32.43 8.50
CA ALA E 30 -28.45 -33.65 7.94
C ALA E 30 -27.70 -34.84 8.50
N THR E 31 -28.40 -35.96 8.63
CA THR E 31 -27.78 -37.18 9.16
C THR E 31 -28.50 -38.41 8.61
N ALA E 32 -27.78 -39.52 8.58
CA ALA E 32 -28.24 -40.74 7.92
C ALA E 32 -28.82 -41.73 8.92
N TRP E 33 -29.75 -42.55 8.44
CA TRP E 33 -30.35 -43.62 9.22
C TRP E 33 -30.43 -44.87 8.35
N VAL E 34 -30.42 -46.04 9.00
CA VAL E 34 -30.39 -47.33 8.30
C VAL E 34 -31.44 -48.24 8.92
N ASN E 35 -32.17 -48.96 8.05
CA ASN E 35 -33.22 -49.92 8.41
C ASN E 35 -34.34 -49.25 9.20
N PRO E 36 -35.20 -48.46 8.54
CA PRO E 36 -35.20 -48.11 7.11
C PRO E 36 -34.21 -46.99 6.79
N PRO E 37 -33.37 -47.18 5.77
CA PRO E 37 -32.35 -46.19 5.46
C PRO E 37 -32.97 -44.95 4.83
N SER E 38 -32.56 -43.78 5.34
CA SER E 38 -33.03 -42.50 4.84
C SER E 38 -32.06 -41.44 5.34
N VAL E 39 -32.36 -40.18 5.03
CA VAL E 39 -31.61 -39.05 5.56
C VAL E 39 -32.61 -38.05 6.14
N LEU E 40 -32.26 -37.51 7.29
CA LEU E 40 -33.06 -36.51 7.99
C LEU E 40 -32.33 -35.17 7.88
N ILE E 41 -33.00 -34.19 7.31
CA ILE E 41 -32.48 -32.84 7.17
C ILE E 41 -33.26 -31.95 8.14
N THR E 42 -32.53 -31.30 9.04
CA THR E 42 -33.11 -30.48 10.09
C THR E 42 -32.36 -29.15 10.17
N ASN E 43 -33.02 -28.16 10.76
CA ASN E 43 -32.37 -26.88 10.96
C ASN E 43 -31.40 -26.96 12.15
N SER E 44 -30.77 -25.84 12.46
CA SER E 44 -29.76 -25.82 13.52
C SER E 44 -30.38 -26.09 14.89
N GLU E 45 -31.59 -25.55 15.14
CA GLU E 45 -32.19 -25.69 16.45
C GLU E 45 -32.71 -27.09 16.73
N GLY E 46 -32.85 -27.93 15.71
CA GLY E 46 -33.22 -29.32 15.88
C GLY E 46 -34.56 -29.72 15.31
N GLU E 47 -35.38 -28.77 14.87
CA GLU E 47 -36.66 -29.12 14.28
C GLU E 47 -36.47 -29.79 12.93
N VAL E 48 -37.21 -30.88 12.71
CA VAL E 48 -37.08 -31.63 11.47
C VAL E 48 -37.66 -30.83 10.31
N LEU E 49 -36.88 -30.68 9.25
CA LEU E 49 -37.37 -30.05 8.02
C LEU E 49 -37.92 -31.11 7.07
N THR E 50 -37.09 -32.06 6.65
CA THR E 50 -37.52 -33.05 5.68
C THR E 50 -36.80 -34.37 5.92
N GLN E 51 -37.32 -35.42 5.32
CA GLN E 51 -36.65 -36.71 5.24
C GLN E 51 -36.66 -37.17 3.80
N VAL E 52 -35.56 -37.77 3.36
CA VAL E 52 -35.41 -38.29 2.01
C VAL E 52 -35.13 -39.78 2.08
N ALA E 53 -35.93 -40.55 1.35
CA ALA E 53 -35.86 -42.01 1.35
C ALA E 53 -34.87 -42.45 0.27
N ASP E 54 -34.93 -43.73 -0.11
CA ASP E 54 -34.08 -44.38 -1.12
C ASP E 54 -33.97 -43.55 -2.40
N PRO E 55 -32.84 -43.64 -3.11
CA PRO E 55 -32.67 -42.82 -4.31
C PRO E 55 -33.66 -43.21 -5.39
N PRO E 56 -34.02 -42.29 -6.28
CA PRO E 56 -35.00 -42.61 -7.32
C PRO E 56 -34.49 -43.69 -8.27
N GLY E 57 -35.43 -44.46 -8.80
CA GLY E 57 -35.11 -45.59 -9.65
C GLY E 57 -34.82 -46.87 -8.92
N SER E 58 -34.89 -46.89 -7.59
CA SER E 58 -34.65 -48.11 -6.84
C SER E 58 -35.74 -49.13 -7.11
N THR E 59 -35.33 -50.37 -7.34
CA THR E 59 -36.28 -51.45 -7.67
C THR E 59 -36.62 -52.26 -6.43
N GLY E 60 -37.26 -51.60 -5.46
CA GLY E 60 -37.75 -52.25 -4.27
C GLY E 60 -36.71 -52.54 -3.20
N ARG E 61 -35.46 -52.15 -3.42
CA ARG E 61 -34.40 -52.36 -2.43
C ARG E 61 -34.02 -51.02 -1.81
N THR E 62 -34.13 -50.92 -0.50
CA THR E 62 -33.74 -49.71 0.21
C THR E 62 -32.22 -49.67 0.35
N HIS E 63 -31.63 -48.53 0.00
CA HIS E 63 -30.18 -48.38 -0.07
C HIS E 63 -29.69 -47.50 1.08
N GLN E 64 -28.61 -47.93 1.72
CA GLN E 64 -28.09 -47.23 2.88
C GLN E 64 -27.31 -45.99 2.45
N PRO E 65 -27.64 -44.80 2.94
CA PRO E 65 -26.80 -43.63 2.66
C PRO E 65 -25.45 -43.74 3.35
N THR E 66 -24.38 -43.86 2.56
CA THR E 66 -23.06 -44.13 3.09
C THR E 66 -22.21 -42.89 3.29
N ALA E 67 -22.46 -41.82 2.54
CA ALA E 67 -21.68 -40.60 2.69
C ALA E 67 -22.56 -39.39 2.44
N LEU E 68 -22.32 -38.33 3.20
CA LEU E 68 -23.05 -37.07 3.05
C LEU E 68 -22.04 -35.92 3.00
N THR E 69 -22.37 -34.88 2.23
CA THR E 69 -21.55 -33.67 2.24
C THR E 69 -22.40 -32.46 1.89
N TRP E 70 -22.12 -31.34 2.56
CA TRP E 70 -22.80 -30.07 2.32
C TRP E 70 -22.01 -29.20 1.35
N HIS E 71 -22.72 -28.51 0.48
CA HIS E 71 -22.09 -27.51 -0.37
C HIS E 71 -21.64 -26.33 0.49
N PRO E 72 -20.42 -25.82 0.32
CA PRO E 72 -19.93 -24.75 1.20
C PRO E 72 -20.73 -23.46 1.14
N ASN E 73 -21.33 -23.14 -0.01
CA ASN E 73 -22.13 -21.93 -0.15
C ASN E 73 -23.59 -22.22 -0.44
N GLU E 74 -23.85 -23.10 -1.41
CA GLU E 74 -25.23 -23.48 -1.74
C GLU E 74 -25.84 -24.33 -0.63
N GLU E 75 -27.15 -24.23 -0.48
CA GLU E 75 -27.90 -25.11 0.42
C GLU E 75 -28.22 -26.40 -0.32
N LEU E 76 -27.16 -27.14 -0.62
CA LEU E 76 -27.20 -28.33 -1.47
C LEU E 76 -26.50 -29.46 -0.77
N LEU E 77 -27.09 -30.66 -0.78
CA LEU E 77 -26.52 -31.83 -0.12
C LEU E 77 -26.22 -32.90 -1.16
N VAL E 78 -25.11 -33.61 -0.98
CA VAL E 78 -24.75 -34.72 -1.84
C VAL E 78 -24.67 -35.99 -1.00
N ILE E 79 -25.32 -37.06 -1.48
CA ILE E 79 -25.47 -38.30 -0.75
C ILE E 79 -24.97 -39.44 -1.62
N GLY E 80 -23.96 -40.17 -1.13
CA GLY E 80 -23.51 -41.38 -1.76
C GLY E 80 -24.08 -42.58 -1.04
N TRP E 81 -24.83 -43.39 -1.78
CA TRP E 81 -25.55 -44.52 -1.23
C TRP E 81 -24.64 -45.75 -1.17
N SER E 82 -25.22 -46.91 -0.90
CA SER E 82 -24.49 -48.15 -0.76
C SER E 82 -24.55 -49.05 -1.99
N ASN E 83 -25.41 -48.74 -2.95
CA ASN E 83 -25.56 -49.54 -4.16
C ASN E 83 -24.81 -48.95 -5.35
N GLY E 84 -23.99 -47.92 -5.13
CA GLY E 84 -23.23 -47.29 -6.18
C GLY E 84 -23.85 -46.01 -6.73
N GLU E 85 -25.11 -45.74 -6.43
CA GLU E 85 -25.76 -44.54 -6.92
C GLU E 85 -25.29 -43.31 -6.13
N MET E 86 -25.52 -42.15 -6.73
CA MET E 86 -25.19 -40.86 -6.11
C MET E 86 -26.35 -39.91 -6.34
N SER E 87 -26.76 -39.20 -5.29
CA SER E 87 -27.91 -38.33 -5.37
C SER E 87 -27.55 -36.93 -4.85
N LEU E 88 -28.27 -35.93 -5.36
CA LEU E 88 -28.13 -34.55 -4.94
C LEU E 88 -29.48 -34.06 -4.46
N TRP E 89 -29.55 -33.62 -3.21
CA TRP E 89 -30.75 -33.05 -2.63
C TRP E 89 -30.64 -31.53 -2.69
N SER E 90 -31.60 -30.90 -3.36
CA SER E 90 -31.60 -29.45 -3.52
C SER E 90 -33.00 -28.92 -3.30
N MET E 91 -33.10 -27.89 -2.47
CA MET E 91 -34.36 -27.21 -2.26
C MET E 91 -34.36 -25.86 -2.99
N PRO E 92 -35.53 -25.40 -3.45
CA PRO E 92 -35.57 -24.08 -4.09
C PRO E 92 -35.15 -22.98 -3.12
N SER E 93 -34.38 -22.03 -3.64
CA SER E 93 -33.81 -20.99 -2.79
C SER E 93 -34.89 -20.02 -2.34
N VAL E 94 -34.77 -19.55 -1.10
CA VAL E 94 -35.73 -18.61 -0.56
C VAL E 94 -35.63 -17.26 -1.27
N SER E 95 -34.40 -16.81 -1.55
CA SER E 95 -34.21 -15.51 -2.18
C SER E 95 -34.71 -15.47 -3.62
N SER E 96 -34.94 -16.62 -4.24
CA SER E 96 -35.50 -16.64 -5.60
C SER E 96 -36.93 -16.12 -5.64
N LEU E 97 -37.64 -16.17 -4.51
CA LEU E 97 -38.99 -15.62 -4.47
C LEU E 97 -39.00 -14.10 -4.54
N ALA E 98 -37.89 -13.46 -4.19
CA ALA E 98 -37.74 -11.99 -4.25
C ALA E 98 -38.81 -11.27 -3.43
N LEU E 99 -39.15 -11.83 -2.27
CA LEU E 99 -40.13 -11.23 -1.40
C LEU E 99 -39.48 -10.14 -0.54
N GLY E 100 -40.27 -9.56 0.37
CA GLY E 100 -39.80 -8.47 1.19
C GLY E 100 -38.86 -8.93 2.30
N GLU E 101 -38.33 -7.93 3.02
CA GLU E 101 -37.42 -8.16 4.12
C GLU E 101 -38.13 -8.35 5.45
N ASP E 102 -39.37 -8.81 5.44
CA ASP E 102 -40.16 -8.99 6.65
C ASP E 102 -39.75 -10.23 7.44
N TYR E 103 -38.73 -10.96 7.00
CA TYR E 103 -38.27 -12.16 7.70
C TYR E 103 -37.29 -11.81 8.83
N THR E 104 -37.72 -10.92 9.72
CA THR E 104 -36.89 -10.49 10.83
C THR E 104 -36.94 -11.44 12.02
N THR E 105 -37.84 -12.42 12.02
CA THR E 105 -37.98 -13.36 13.11
C THR E 105 -37.50 -14.74 12.69
N ALA E 106 -37.01 -15.50 13.68
CA ALA E 106 -36.51 -16.84 13.40
C ALA E 106 -37.62 -17.79 12.98
N ALA E 107 -38.82 -17.63 13.56
CA ALA E 107 -39.91 -18.55 13.27
C ALA E 107 -40.42 -18.41 11.83
N ALA E 108 -40.53 -17.17 11.34
CA ALA E 108 -40.97 -16.96 9.97
C ALA E 108 -39.94 -17.50 8.97
N ARG E 109 -38.66 -17.27 9.25
CA ARG E 109 -37.61 -17.82 8.40
C ARG E 109 -37.62 -19.34 8.42
N SER E 110 -37.88 -19.93 9.60
CA SER E 110 -37.99 -21.38 9.69
C SER E 110 -39.18 -21.89 8.89
N ALA E 111 -40.30 -21.16 8.93
CA ALA E 111 -41.49 -21.58 8.19
C ALA E 111 -41.25 -21.51 6.68
N VAL E 112 -40.65 -20.42 6.20
CA VAL E 112 -40.40 -20.32 4.77
C VAL E 112 -39.33 -21.33 4.34
N GLN E 113 -38.36 -21.61 5.20
CA GLN E 113 -37.36 -22.64 4.93
C GLN E 113 -38.02 -24.01 4.83
N LEU E 114 -38.95 -24.31 5.73
CA LEU E 114 -39.65 -25.59 5.70
C LEU E 114 -40.50 -25.73 4.45
N ILE E 115 -41.24 -24.67 4.08
CA ILE E 115 -42.07 -24.77 2.89
C ILE E 115 -41.24 -24.80 1.62
N ALA E 116 -40.01 -24.26 1.65
CA ALA E 116 -39.12 -24.41 0.51
C ALA E 116 -38.55 -25.82 0.45
N ALA E 117 -38.19 -26.40 1.59
CA ALA E 117 -37.64 -27.74 1.63
C ALA E 117 -38.68 -28.81 1.36
N LYS E 118 -39.97 -28.49 1.50
CA LYS E 118 -41.02 -29.46 1.18
C LYS E 118 -41.00 -29.82 -0.29
N ALA E 119 -40.79 -28.83 -1.16
CA ALA E 119 -40.77 -29.05 -2.61
C ALA E 119 -39.36 -29.33 -3.14
N ALA E 120 -38.48 -29.86 -2.30
CA ALA E 120 -37.12 -30.14 -2.71
C ALA E 120 -37.07 -31.33 -3.67
N THR E 121 -35.96 -31.44 -4.39
CA THR E 121 -35.77 -32.48 -5.40
C THR E 121 -34.49 -33.26 -5.13
N GLN E 122 -34.58 -34.57 -5.32
CA GLN E 122 -33.42 -35.47 -5.26
C GLN E 122 -33.12 -35.94 -6.68
N SER E 123 -32.02 -35.45 -7.23
CA SER E 123 -31.62 -35.75 -8.60
C SER E 123 -30.52 -36.81 -8.60
N SER E 124 -30.57 -37.69 -9.59
CA SER E 124 -29.61 -38.78 -9.71
C SER E 124 -28.56 -38.44 -10.76
N ALA E 125 -27.29 -38.61 -10.40
CA ALA E 125 -26.20 -38.44 -11.35
C ALA E 125 -26.07 -39.69 -12.20
N GLU E 126 -26.04 -39.51 -13.51
CA GLU E 126 -26.10 -40.65 -14.43
C GLU E 126 -24.78 -41.42 -14.42
N GLY E 127 -24.90 -42.75 -14.38
CA GLY E 127 -23.74 -43.62 -14.48
C GLY E 127 -22.81 -43.59 -13.29
N ALA E 128 -23.31 -43.24 -12.10
CA ALA E 128 -22.45 -43.20 -10.91
C ALA E 128 -21.92 -44.58 -10.55
N THR E 129 -22.78 -45.61 -10.68
CA THR E 129 -22.33 -46.98 -10.43
C THR E 129 -21.27 -47.42 -11.44
N ARG E 130 -21.31 -46.88 -12.66
CA ARG E 130 -20.27 -47.19 -13.63
C ARG E 130 -18.93 -46.60 -13.23
N GLU E 131 -18.94 -45.37 -12.71
CA GLU E 131 -17.69 -44.73 -12.29
C GLU E 131 -17.15 -45.35 -11.00
N HIS E 132 -18.03 -45.76 -10.10
CA HIS E 132 -17.62 -46.42 -8.87
C HIS E 132 -17.54 -47.93 -8.99
N ALA E 133 -17.79 -48.48 -10.19
CA ALA E 133 -17.69 -49.92 -10.48
C ALA E 133 -18.59 -50.73 -9.55
N SER E 134 -19.85 -50.29 -9.44
CA SER E 134 -20.88 -50.97 -8.63
C SER E 134 -20.44 -51.12 -7.18
N GLY E 135 -19.80 -50.09 -6.65
CA GLY E 135 -19.31 -50.11 -5.28
C GLY E 135 -19.95 -49.00 -4.46
N ALA E 136 -20.07 -49.25 -3.16
CA ALA E 136 -20.67 -48.28 -2.25
C ALA E 136 -19.79 -47.04 -2.15
N VAL E 137 -20.40 -45.87 -2.27
CA VAL E 137 -19.67 -44.60 -2.21
C VAL E 137 -19.22 -44.36 -0.78
N VAL E 138 -17.93 -44.56 -0.52
CA VAL E 138 -17.43 -44.49 0.85
C VAL E 138 -17.39 -43.04 1.32
N ALA E 139 -16.83 -42.14 0.51
CA ALA E 139 -16.59 -40.78 0.96
C ALA E 139 -16.85 -39.80 -0.17
N SER E 140 -17.07 -38.55 0.20
CA SER E 140 -17.23 -37.46 -0.76
C SER E 140 -16.73 -36.17 -0.13
N GLU E 141 -16.35 -35.22 -0.99
CA GLU E 141 -15.81 -33.96 -0.51
C GLU E 141 -15.92 -32.91 -1.61
N TRP E 142 -16.50 -31.76 -1.27
CA TRP E 142 -16.54 -30.63 -2.19
C TRP E 142 -15.23 -29.84 -2.10
N SER E 143 -14.98 -29.04 -3.13
CA SER E 143 -13.88 -28.10 -3.09
C SER E 143 -14.24 -26.90 -2.21
N THR E 144 -13.25 -26.04 -1.95
CA THR E 144 -13.48 -24.88 -1.11
C THR E 144 -14.52 -23.94 -1.73
N ARG E 145 -14.42 -23.70 -3.03
CA ARG E 145 -15.42 -22.90 -3.72
C ARG E 145 -16.65 -23.71 -4.14
N GLY E 146 -16.65 -25.01 -3.89
CA GLY E 146 -17.80 -25.85 -4.17
C GLY E 146 -17.99 -26.20 -5.63
N LEU E 147 -16.97 -26.02 -6.47
CA LEU E 147 -17.11 -26.27 -7.90
C LEU E 147 -16.72 -27.69 -8.29
N TYR E 148 -15.82 -28.32 -7.54
CA TYR E 148 -15.35 -29.67 -7.84
C TYR E 148 -15.77 -30.61 -6.72
N LEU E 149 -16.08 -31.86 -7.07
CA LEU E 149 -16.44 -32.88 -6.09
C LEU E 149 -15.52 -34.08 -6.26
N VAL E 150 -15.17 -34.71 -5.14
CA VAL E 150 -14.37 -35.91 -5.13
C VAL E 150 -15.17 -37.00 -4.44
N SER E 151 -15.29 -38.17 -5.09
CA SER E 151 -16.01 -39.29 -4.53
C SER E 151 -15.10 -40.51 -4.48
N ALA E 152 -15.22 -41.29 -3.42
CA ALA E 152 -14.40 -42.48 -3.21
C ALA E 152 -15.30 -43.65 -2.87
N SER E 153 -15.13 -44.75 -3.60
CA SER E 153 -15.94 -45.95 -3.45
C SER E 153 -15.20 -47.00 -2.64
N GLN E 154 -15.90 -48.12 -2.38
CA GLN E 154 -15.31 -49.24 -1.68
C GLN E 154 -14.60 -50.21 -2.60
N GLN E 155 -14.73 -50.03 -3.92
CA GLN E 155 -14.01 -50.83 -4.90
C GLN E 155 -12.67 -50.21 -5.27
N ARG E 156 -12.10 -49.37 -4.40
CA ARG E 156 -10.81 -48.73 -4.60
C ARG E 156 -10.80 -47.88 -5.87
N HIS E 157 -11.76 -46.95 -5.94
CA HIS E 157 -11.86 -46.02 -7.05
C HIS E 157 -12.11 -44.61 -6.53
N VAL E 158 -11.51 -43.63 -7.18
CA VAL E 158 -11.70 -42.22 -6.86
C VAL E 158 -12.13 -41.51 -8.14
N VAL E 159 -13.27 -40.83 -8.08
CA VAL E 159 -13.88 -40.19 -9.24
C VAL E 159 -14.00 -38.70 -8.99
N MET E 160 -13.70 -37.91 -10.01
CA MET E 160 -13.85 -36.46 -9.97
C MET E 160 -15.16 -36.08 -10.65
N TRP E 161 -15.93 -35.22 -9.99
CA TRP E 161 -17.26 -34.83 -10.44
C TRP E 161 -17.30 -33.33 -10.64
N MET E 162 -17.85 -32.91 -11.78
CA MET E 162 -17.99 -31.51 -12.12
C MET E 162 -19.42 -31.07 -11.87
N LEU E 163 -19.56 -29.92 -11.22
CA LEU E 163 -20.86 -29.34 -10.88
C LEU E 163 -21.23 -28.27 -11.90
N GLU E 164 -22.40 -28.40 -12.50
CA GLU E 164 -22.92 -27.44 -13.46
C GLU E 164 -24.21 -26.86 -12.91
N LYS E 165 -24.23 -25.56 -12.65
CA LYS E 165 -25.38 -24.86 -12.09
C LYS E 165 -26.12 -24.21 -13.25
N ILE E 166 -27.13 -24.89 -13.77
CA ILE E 166 -27.86 -24.39 -14.92
C ILE E 166 -29.13 -23.68 -14.46
N PRO E 167 -29.52 -22.58 -15.10
CA PRO E 167 -30.77 -21.91 -14.74
C PRO E 167 -31.97 -22.53 -15.45
N ALA E 168 -33.12 -22.44 -14.77
CA ALA E 168 -34.36 -22.95 -15.32
C ALA E 168 -35.43 -21.86 -15.29
N GLU E 169 -36.68 -22.24 -15.60
CA GLU E 169 -37.76 -21.27 -15.62
C GLU E 169 -38.06 -20.72 -14.23
N THR E 170 -38.03 -21.57 -13.21
CA THR E 170 -38.41 -21.17 -11.85
C THR E 170 -37.30 -21.27 -10.83
N SER E 171 -36.25 -22.05 -11.09
CA SER E 171 -35.19 -22.25 -10.09
C SER E 171 -33.89 -22.53 -10.84
N VAL E 172 -32.87 -22.89 -10.07
CA VAL E 172 -31.55 -23.23 -10.61
C VAL E 172 -31.28 -24.70 -10.25
N THR E 173 -31.02 -25.52 -11.26
CA THR E 173 -30.76 -26.93 -11.06
C THR E 173 -29.27 -27.22 -11.18
N PHE E 174 -28.87 -28.40 -10.70
CA PHE E 174 -27.48 -28.79 -10.65
C PHE E 174 -27.29 -30.15 -11.32
N LYS E 175 -26.24 -30.27 -12.13
CA LYS E 175 -25.87 -31.51 -12.78
C LYS E 175 -24.45 -31.89 -12.40
N LEU E 176 -24.26 -33.16 -12.05
CA LEU E 176 -22.95 -33.68 -11.67
C LEU E 176 -22.47 -34.62 -12.77
N LYS E 177 -21.32 -34.29 -13.37
CA LYS E 177 -20.79 -35.04 -14.50
C LYS E 177 -19.45 -35.68 -14.13
N PRO E 178 -19.28 -36.98 -14.33
CA PRO E 178 -17.99 -37.60 -14.04
C PRO E 178 -16.92 -37.17 -15.03
N LEU E 179 -15.69 -37.08 -14.55
CA LEU E 179 -14.56 -36.69 -15.38
C LEU E 179 -13.49 -37.77 -15.48
N TRP E 180 -12.99 -38.27 -14.36
CA TRP E 180 -11.86 -39.17 -14.32
C TRP E 180 -12.29 -40.55 -13.84
N SER E 181 -11.30 -41.44 -13.72
CA SER E 181 -11.48 -42.73 -13.06
C SER E 181 -10.11 -43.12 -12.51
N VAL E 182 -9.89 -42.81 -11.23
CA VAL E 182 -8.58 -42.96 -10.60
C VAL E 182 -8.62 -44.16 -9.67
N GLN E 183 -7.60 -45.02 -9.78
CA GLN E 183 -7.50 -46.20 -8.94
C GLN E 183 -6.74 -45.88 -7.66
N SER E 184 -7.25 -46.41 -6.55
CA SER E 184 -6.62 -46.23 -5.24
C SER E 184 -6.22 -47.59 -4.68
N ARG E 185 -5.32 -47.56 -3.71
CA ARG E 185 -4.86 -48.80 -3.08
C ARG E 185 -5.95 -49.40 -2.22
N GLU E 186 -6.58 -48.58 -1.38
CA GLU E 186 -7.65 -48.98 -0.49
C GLU E 186 -8.77 -47.96 -0.60
N PRO E 187 -9.99 -48.31 -0.19
CA PRO E 187 -11.06 -47.30 -0.12
C PRO E 187 -10.65 -46.13 0.77
N VAL E 188 -10.92 -44.92 0.30
CA VAL E 188 -10.39 -43.72 0.93
C VAL E 188 -11.24 -43.37 2.15
N ALA E 189 -10.58 -43.26 3.31
CA ALA E 189 -11.29 -42.90 4.53
C ALA E 189 -11.66 -41.42 4.56
N ARG E 190 -10.73 -40.54 4.16
CA ARG E 190 -10.96 -39.11 4.25
C ARG E 190 -10.39 -38.39 3.03
N ILE E 191 -11.15 -37.43 2.51
CA ILE E 191 -10.73 -36.60 1.38
C ILE E 191 -10.65 -35.16 1.87
N ILE E 192 -9.48 -34.55 1.72
CA ILE E 192 -9.24 -33.19 2.16
C ILE E 192 -8.85 -32.35 0.94
N HIS E 193 -9.06 -31.04 1.06
CA HIS E 193 -8.76 -30.11 -0.02
C HIS E 193 -7.71 -29.09 0.42
N VAL E 194 -6.88 -28.68 -0.54
CA VAL E 194 -5.87 -27.65 -0.33
C VAL E 194 -6.22 -26.46 -1.23
N PRO E 195 -6.33 -25.26 -0.70
CA PRO E 195 -6.55 -24.08 -1.54
C PRO E 195 -5.25 -23.50 -2.08
N SER E 196 -5.35 -22.93 -3.29
CA SER E 196 -4.18 -22.32 -3.90
C SER E 196 -3.77 -21.06 -3.14
N LYS E 197 -4.73 -20.23 -2.76
CA LYS E 197 -4.48 -18.98 -2.06
C LYS E 197 -5.26 -18.97 -0.75
N ALA E 198 -4.61 -18.50 0.31
CA ALA E 198 -5.25 -18.43 1.61
C ALA E 198 -6.35 -17.36 1.60
N SER E 199 -7.47 -17.67 2.24
CA SER E 199 -8.60 -16.77 2.30
C SER E 199 -9.40 -16.97 3.58
N ASP E 222 -10.47 -22.87 -6.30
CA ASP E 222 -10.77 -23.09 -7.71
C ASP E 222 -9.70 -23.99 -8.33
N ASP E 223 -8.71 -24.37 -7.53
CA ASP E 223 -7.63 -25.23 -7.98
C ASP E 223 -7.92 -26.69 -7.59
N ILE E 224 -7.21 -27.60 -8.25
CA ILE E 224 -7.32 -29.02 -7.98
C ILE E 224 -6.14 -29.41 -7.09
N SER E 225 -6.41 -29.62 -5.81
CA SER E 225 -5.38 -30.10 -4.89
C SER E 225 -6.10 -30.81 -3.75
N PHE E 226 -6.14 -32.14 -3.82
CA PHE E 226 -6.83 -32.94 -2.81
C PHE E 226 -5.88 -34.00 -2.26
N LEU E 227 -6.17 -34.43 -1.04
CA LEU E 227 -5.44 -35.50 -0.38
C LEU E 227 -6.42 -36.60 -0.01
N LEU E 228 -6.03 -37.85 -0.23
CA LEU E 228 -6.85 -39.01 0.06
C LEU E 228 -6.12 -39.87 1.08
N ALA E 229 -6.78 -40.15 2.20
CA ALA E 229 -6.29 -41.07 3.21
C ALA E 229 -7.20 -42.28 3.22
N ASP E 230 -6.63 -43.45 2.95
CA ASP E 230 -7.38 -44.69 2.83
C ASP E 230 -7.29 -45.55 4.09
N GLY E 231 -6.71 -45.03 5.16
CA GLY E 231 -6.58 -45.76 6.40
C GLY E 231 -5.36 -46.66 6.48
N GLY E 232 -4.59 -46.78 5.40
CA GLY E 232 -3.38 -47.59 5.37
C GLY E 232 -2.14 -46.75 5.56
N THR E 233 -1.08 -47.13 4.85
CA THR E 233 0.19 -46.43 4.92
C THR E 233 0.40 -45.50 3.73
N SER E 234 -0.68 -44.95 3.17
CA SER E 234 -0.61 -44.10 1.99
C SER E 234 -1.47 -42.86 2.20
N VAL E 235 -0.89 -41.69 1.93
CA VAL E 235 -1.63 -40.43 1.88
C VAL E 235 -1.41 -39.88 0.48
N THR E 236 -2.33 -40.17 -0.42
CA THR E 236 -2.11 -39.94 -1.84
C THR E 236 -2.66 -38.57 -2.24
N ALA E 237 -1.80 -37.72 -2.76
CA ALA E 237 -2.25 -36.43 -3.27
C ALA E 237 -2.77 -36.59 -4.70
N ILE E 238 -3.53 -35.60 -5.14
CA ILE E 238 -4.08 -35.59 -6.49
C ILE E 238 -4.31 -34.14 -6.90
N ASN E 239 -4.03 -33.83 -8.17
CA ASN E 239 -4.17 -32.49 -8.70
C ASN E 239 -4.72 -32.60 -10.12
N GLU E 240 -4.63 -31.51 -10.88
CA GLU E 240 -5.15 -31.47 -12.24
C GLU E 240 -4.36 -32.35 -13.20
N ASP E 241 -3.21 -32.88 -12.79
CA ASP E 241 -2.43 -33.76 -13.64
C ASP E 241 -3.08 -35.14 -13.81
N GLN E 242 -4.15 -35.42 -13.07
CA GLN E 242 -4.88 -36.70 -13.15
C GLN E 242 -3.99 -37.89 -12.80
N GLN E 243 -3.03 -37.67 -11.90
CA GLN E 243 -2.16 -38.73 -11.42
C GLN E 243 -2.18 -38.75 -9.90
N LEU E 244 -2.25 -39.95 -9.33
CA LEU E 244 -2.36 -40.12 -7.88
C LEU E 244 -0.97 -40.22 -7.27
N PHE E 245 -0.24 -39.12 -7.35
CA PHE E 245 1.10 -39.08 -6.77
C PHE E 245 1.01 -38.90 -5.26
N PRO E 246 1.69 -39.73 -4.48
CA PRO E 246 1.64 -39.58 -3.02
C PRO E 246 2.27 -38.27 -2.57
N CYS E 247 1.73 -37.72 -1.49
CA CYS E 247 2.27 -36.51 -0.89
C CYS E 247 3.27 -36.82 0.21
N VAL E 248 2.83 -37.52 1.25
CA VAL E 248 3.69 -37.95 2.34
C VAL E 248 3.31 -39.38 2.73
N THR E 249 4.31 -40.24 2.84
CA THR E 249 4.10 -41.62 3.23
C THR E 249 5.00 -41.93 4.42
N GLN E 250 4.42 -42.45 5.48
CA GLN E 250 5.15 -42.73 6.72
C GLN E 250 5.34 -44.24 6.88
N GLN E 251 6.19 -44.60 7.85
CA GLN E 251 6.55 -45.99 8.07
C GLN E 251 5.42 -46.81 8.66
N GLU E 252 4.38 -46.16 9.20
CA GLU E 252 3.27 -46.84 9.84
C GLU E 252 1.99 -46.54 9.08
N GLN E 253 0.97 -47.37 9.31
CA GLN E 253 -0.35 -47.10 8.77
C GLN E 253 -0.90 -45.82 9.40
N ILE E 254 -1.45 -44.95 8.57
CA ILE E 254 -1.94 -43.67 9.07
C ILE E 254 -3.29 -43.87 9.76
N ALA E 255 -3.53 -43.08 10.80
CA ALA E 255 -4.83 -43.04 11.45
C ALA E 255 -5.69 -41.92 10.90
N SER E 256 -5.17 -40.68 10.90
CA SER E 256 -5.94 -39.57 10.40
C SER E 256 -5.02 -38.43 9.97
N VAL E 257 -5.59 -37.51 9.21
CA VAL E 257 -4.91 -36.32 8.71
C VAL E 257 -5.73 -35.09 9.10
N LEU E 258 -5.05 -34.05 9.59
CA LEU E 258 -5.70 -32.81 9.98
C LEU E 258 -5.00 -31.66 9.27
N TYR E 259 -5.75 -30.87 8.50
CA TYR E 259 -5.17 -29.88 7.61
C TYR E 259 -5.64 -28.48 7.96
N ASP E 260 -4.71 -27.52 7.90
CA ASP E 260 -4.98 -26.09 8.02
C ASP E 260 -4.77 -25.46 6.65
N ALA E 261 -5.83 -24.86 6.11
CA ALA E 261 -5.79 -24.31 4.77
C ALA E 261 -5.05 -22.98 4.72
N ALA E 262 -5.19 -22.15 5.76
CA ALA E 262 -4.59 -20.82 5.75
C ALA E 262 -3.07 -20.91 5.77
N THR E 263 -2.51 -21.70 6.68
CA THR E 263 -1.07 -21.89 6.76
C THR E 263 -0.58 -23.08 5.94
N ARG E 264 -1.48 -23.80 5.29
CA ARG E 264 -1.14 -25.00 4.51
C ARG E 264 -0.39 -26.01 5.35
N THR E 265 -0.82 -26.19 6.60
CA THR E 265 -0.11 -27.02 7.56
C THR E 265 -0.82 -28.36 7.70
N LEU E 266 -0.10 -29.44 7.42
CA LEU E 266 -0.65 -30.78 7.51
C LEU E 266 -0.16 -31.45 8.79
N VAL E 267 -1.01 -32.25 9.41
CA VAL E 267 -0.65 -33.04 10.58
C VAL E 267 -1.11 -34.46 10.34
N THR E 268 -0.16 -35.40 10.39
CA THR E 268 -0.44 -36.82 10.20
C THR E 268 -0.33 -37.52 11.53
N LEU E 269 -1.37 -38.26 11.91
CA LEU E 269 -1.42 -38.97 13.17
C LEU E 269 -1.60 -40.46 12.89
N THR E 270 -0.78 -41.28 13.52
CA THR E 270 -0.78 -42.73 13.34
C THR E 270 -1.50 -43.40 14.50
N THR E 271 -1.75 -44.70 14.34
CA THR E 271 -2.43 -45.47 15.37
C THR E 271 -1.58 -45.71 16.60
N THR E 272 -0.27 -45.41 16.55
CA THR E 272 0.63 -45.66 17.66
C THR E 272 1.01 -44.36 18.38
N SER E 273 0.08 -43.39 18.40
CA SER E 273 0.24 -42.14 19.14
C SER E 273 1.47 -41.37 18.68
N MET E 274 1.65 -41.29 17.35
CA MET E 274 2.73 -40.54 16.74
C MET E 274 2.14 -39.46 15.83
N ILE E 275 2.62 -38.22 15.99
CA ILE E 275 2.15 -37.09 15.20
C ILE E 275 3.34 -36.46 14.48
N GLU E 276 3.13 -36.11 13.21
CA GLU E 276 4.12 -35.41 12.42
C GLU E 276 3.48 -34.19 11.76
N VAL E 277 4.24 -33.12 11.65
CA VAL E 277 3.77 -31.86 11.09
C VAL E 277 4.53 -31.58 9.81
N TYR E 278 3.80 -31.35 8.73
CA TYR E 278 4.36 -31.09 7.41
C TYR E 278 3.89 -29.73 6.91
N ALA E 279 4.72 -29.10 6.07
CA ALA E 279 4.38 -27.86 5.40
C ALA E 279 4.11 -28.19 3.93
N VAL E 280 2.86 -28.00 3.51
CA VAL E 280 2.45 -28.38 2.16
C VAL E 280 2.91 -27.31 1.17
N GLY E 281 3.60 -27.73 0.12
CA GLY E 281 4.03 -26.84 -0.94
C GLY E 281 3.00 -26.72 -2.05
N GLU E 282 3.42 -26.06 -3.12
CA GLU E 282 2.53 -25.88 -4.27
C GLU E 282 2.21 -27.21 -4.95
N ASP E 283 3.20 -28.10 -5.05
CA ASP E 283 3.01 -29.42 -5.63
C ASP E 283 2.52 -30.44 -4.61
N ILE E 284 1.96 -29.98 -3.49
CA ILE E 284 1.44 -30.82 -2.42
C ILE E 284 2.53 -31.77 -1.93
N LYS E 285 3.61 -31.21 -1.39
CA LYS E 285 4.68 -31.98 -0.78
C LYS E 285 4.95 -31.42 0.60
N GLY E 286 5.15 -32.31 1.57
CA GLY E 286 5.30 -31.93 2.96
C GLY E 286 6.73 -32.15 3.46
N THR E 287 7.19 -31.23 4.31
CA THR E 287 8.49 -31.34 4.95
C THR E 287 8.27 -31.37 6.47
N SER E 288 8.84 -32.38 7.12
CA SER E 288 8.63 -32.54 8.55
C SER E 288 9.35 -31.45 9.33
N THR E 289 8.63 -30.83 10.27
CA THR E 289 9.20 -29.80 11.13
C THR E 289 8.87 -29.98 12.61
N LEU E 290 7.81 -30.71 12.95
CA LEU E 290 7.48 -30.98 14.35
C LEU E 290 7.05 -32.44 14.45
N ARG E 291 7.86 -33.25 15.15
CA ARG E 291 7.59 -34.66 15.33
C ARG E 291 7.40 -34.92 16.82
N ARG E 292 6.34 -35.63 17.18
CA ARG E 292 6.05 -35.79 18.60
C ARG E 292 5.35 -37.12 18.83
N LYS E 293 5.44 -37.58 20.08
CA LYS E 293 4.82 -38.80 20.55
C LYS E 293 3.91 -38.47 21.72
N LEU E 294 2.77 -39.17 21.81
CA LEU E 294 1.82 -38.97 22.89
C LEU E 294 1.99 -40.06 23.94
N SER E 295 1.99 -39.65 25.21
CA SER E 295 2.14 -40.57 26.32
C SER E 295 0.90 -41.43 26.52
N ARG E 310 -12.75 -50.24 21.50
CA ARG E 310 -11.88 -49.20 22.06
C ARG E 310 -12.07 -47.89 21.31
N ILE E 311 -11.97 -46.78 22.04
CA ILE E 311 -12.17 -45.46 21.46
C ILE E 311 -11.03 -45.15 20.50
N ALA E 312 -11.37 -44.92 19.24
CA ALA E 312 -10.39 -44.45 18.27
C ALA E 312 -9.99 -43.02 18.59
N MET E 313 -8.72 -42.70 18.35
CA MET E 313 -8.22 -41.37 18.66
C MET E 313 -8.87 -40.32 17.76
N SER E 314 -9.17 -39.16 18.35
CA SER E 314 -9.76 -38.05 17.64
C SER E 314 -8.84 -36.83 17.77
N MET E 315 -8.84 -36.00 16.73
CA MET E 315 -7.97 -34.83 16.71
C MET E 315 -8.63 -33.74 15.87
N VAL E 316 -8.78 -32.56 16.44
CA VAL E 316 -9.41 -31.43 15.78
C VAL E 316 -8.57 -30.18 16.02
N TRP E 317 -8.85 -29.14 15.23
CA TRP E 317 -8.17 -27.85 15.34
C TRP E 317 -8.80 -27.05 16.47
N ALA E 318 -8.08 -26.91 17.59
CA ALA E 318 -8.56 -26.07 18.68
C ALA E 318 -8.48 -24.60 18.30
N SER E 319 -7.37 -24.18 17.71
CA SER E 319 -7.14 -22.80 17.33
C SER E 319 -6.22 -22.81 16.12
N PRO E 320 -6.14 -21.68 15.39
CA PRO E 320 -5.14 -21.61 14.32
C PRO E 320 -3.73 -21.81 14.84
N GLY E 321 -3.10 -22.92 14.43
CA GLY E 321 -1.79 -23.27 14.92
C GLY E 321 -1.77 -24.06 16.21
N VAL E 322 -2.93 -24.33 16.81
CA VAL E 322 -3.02 -25.04 18.08
C VAL E 322 -3.95 -26.22 17.91
N VAL E 323 -3.45 -27.43 18.18
CA VAL E 323 -4.17 -28.67 17.94
C VAL E 323 -4.51 -29.31 19.28
N ALA E 324 -5.76 -29.70 19.44
CA ALA E 324 -6.22 -30.41 20.62
C ALA E 324 -6.58 -31.84 20.26
N PHE E 325 -6.20 -32.79 21.12
CA PHE E 325 -6.52 -34.18 20.86
C PHE E 325 -6.65 -34.94 22.17
N GLY E 326 -7.35 -36.07 22.09
CA GLY E 326 -7.50 -36.97 23.23
C GLY E 326 -7.44 -38.41 22.78
N SER E 327 -6.84 -39.27 23.60
CA SER E 327 -6.65 -40.68 23.27
C SER E 327 -7.62 -41.57 24.02
N GLY E 328 -8.85 -41.10 24.24
CA GLY E 328 -9.82 -41.86 25.01
C GLY E 328 -9.55 -41.87 26.50
N ASP E 329 -8.62 -41.06 26.97
CA ASP E 329 -8.27 -40.99 28.37
C ASP E 329 -9.01 -39.82 29.04
N ASP E 330 -8.62 -39.52 30.28
CA ASP E 330 -9.27 -38.50 31.08
C ASP E 330 -8.69 -37.10 30.85
N ARG E 331 -7.65 -36.97 30.04
CA ARG E 331 -6.94 -35.71 29.88
C ARG E 331 -6.95 -35.29 28.41
N LEU E 332 -7.11 -34.00 28.17
CA LEU E 332 -6.91 -33.45 26.83
C LEU E 332 -5.45 -33.07 26.67
N ARG E 333 -4.99 -33.02 25.42
CA ARG E 333 -3.62 -32.61 25.14
C ARG E 333 -3.65 -31.51 24.08
N ILE E 334 -2.94 -30.42 24.36
CA ILE E 334 -2.96 -29.23 23.52
C ILE E 334 -1.53 -28.96 23.04
N LEU E 335 -1.36 -28.87 21.73
CA LEU E 335 -0.07 -28.75 21.09
C LEU E 335 0.00 -27.42 20.36
N ASP E 336 1.06 -26.65 20.62
CA ASP E 336 1.29 -25.38 19.94
C ASP E 336 2.33 -25.61 18.84
N LEU E 337 1.90 -25.41 17.59
CA LEU E 337 2.80 -25.63 16.47
C LEU E 337 3.89 -24.56 16.39
N SER E 338 3.60 -23.34 16.86
CA SER E 338 4.57 -22.27 16.78
C SER E 338 5.76 -22.52 17.69
N SER E 339 5.52 -23.06 18.89
CA SER E 339 6.58 -23.29 19.85
C SER E 339 6.98 -24.75 20.02
N GLY E 340 6.10 -25.69 19.67
CA GLY E 340 6.38 -27.10 19.83
C GLY E 340 6.13 -27.64 21.22
N SER E 341 5.69 -26.81 22.16
CA SER E 341 5.44 -27.25 23.53
C SER E 341 4.07 -27.90 23.64
N LEU E 342 4.01 -29.08 24.25
CA LEU E 342 2.77 -29.81 24.44
C LEU E 342 2.36 -29.72 25.90
N ASP E 343 1.11 -29.35 26.15
CA ASP E 343 0.57 -29.24 27.49
C ASP E 343 -0.62 -30.16 27.65
N VAL E 344 -1.00 -30.42 28.90
CA VAL E 344 -2.10 -31.31 29.22
C VAL E 344 -3.19 -30.47 29.88
N LEU E 345 -4.38 -30.49 29.29
CA LEU E 345 -5.56 -29.86 29.86
C LEU E 345 -6.28 -30.89 30.72
N LEU E 346 -6.32 -30.64 32.03
CA LEU E 346 -6.80 -31.60 33.00
C LEU E 346 -8.31 -31.49 33.19
N LEU E 347 -8.95 -32.63 33.40
CA LEU E 347 -10.36 -32.69 33.75
C LEU E 347 -10.49 -33.06 35.22
N PRO E 348 -11.10 -32.22 36.05
CA PRO E 348 -11.16 -32.52 37.49
C PRO E 348 -11.92 -33.79 37.84
N GLN E 349 -12.82 -34.26 36.97
CA GLN E 349 -13.64 -35.42 37.26
C GLN E 349 -12.98 -36.68 36.73
N PRO E 350 -12.64 -37.65 37.58
CA PRO E 350 -12.07 -38.90 37.08
C PRO E 350 -13.10 -39.79 36.40
N ASP E 351 -12.65 -40.91 35.84
CA ASP E 351 -13.44 -41.92 35.15
C ASP E 351 -13.99 -41.44 33.81
N LEU E 352 -13.79 -40.17 33.45
CA LEU E 352 -14.27 -39.66 32.17
C LEU E 352 -13.32 -40.06 31.05
N HIS E 353 -13.90 -40.50 29.93
CA HIS E 353 -13.14 -40.89 28.76
C HIS E 353 -13.71 -40.16 27.55
N VAL E 354 -12.85 -39.42 26.83
CA VAL E 354 -13.30 -38.66 25.68
C VAL E 354 -13.64 -39.61 24.54
N SER E 355 -14.78 -39.37 23.88
CA SER E 355 -15.24 -40.21 22.79
C SER E 355 -15.21 -39.52 21.43
N SER E 356 -15.48 -38.21 21.39
CA SER E 356 -15.44 -37.44 20.15
C SER E 356 -15.17 -35.99 20.49
N LEU E 357 -14.70 -35.24 19.50
CA LEU E 357 -14.33 -33.85 19.70
C LEU E 357 -14.80 -33.00 18.51
N ALA E 358 -15.05 -31.73 18.79
CA ALA E 358 -15.36 -30.74 17.77
C ALA E 358 -15.07 -29.37 18.35
N THR E 359 -14.96 -28.38 17.46
CA THR E 359 -14.61 -27.03 17.88
C THR E 359 -15.39 -26.02 17.06
N PHE E 360 -15.68 -24.87 17.67
CA PHE E 360 -16.32 -23.74 17.01
C PHE E 360 -15.35 -22.57 17.05
N ALA E 361 -14.77 -22.24 15.90
CA ALA E 361 -13.71 -21.23 15.87
C ALA E 361 -14.23 -19.81 16.04
N ALA E 362 -15.51 -19.57 15.77
CA ALA E 362 -16.04 -18.21 15.86
C ALA E 362 -16.01 -17.69 17.29
N LYS E 363 -16.39 -18.52 18.26
CA LYS E 363 -16.36 -18.14 19.67
C LYS E 363 -15.31 -18.89 20.47
N GLY E 364 -14.59 -19.82 19.85
CA GLY E 364 -13.52 -20.54 20.52
C GLY E 364 -14.02 -21.51 21.58
N THR E 365 -14.88 -22.45 21.18
CA THR E 365 -15.46 -23.42 22.10
C THR E 365 -15.17 -24.84 21.62
N MET E 366 -14.68 -25.67 22.54
CA MET E 366 -14.54 -27.10 22.33
C MET E 366 -15.66 -27.83 23.06
N ILE E 367 -16.25 -28.82 22.38
CA ILE E 367 -17.35 -29.60 22.96
C ILE E 367 -16.87 -31.02 23.21
N VAL E 368 -16.41 -31.29 24.42
CA VAL E 368 -15.92 -32.62 24.80
C VAL E 368 -17.12 -33.50 25.12
N GLY E 369 -17.25 -34.61 24.40
CA GLY E 369 -18.24 -35.63 24.68
C GLY E 369 -17.57 -36.83 25.30
N THR E 370 -18.23 -37.44 26.27
CA THR E 370 -17.68 -38.56 27.02
C THR E 370 -18.56 -39.79 26.88
N VAL E 371 -17.98 -40.94 27.25
CA VAL E 371 -18.71 -42.20 27.19
C VAL E 371 -19.83 -42.21 28.23
N GLU E 372 -19.60 -41.59 29.39
CA GLU E 372 -20.62 -41.55 30.43
C GLU E 372 -21.85 -40.77 29.96
N GLY E 373 -21.64 -39.66 29.26
CA GLY E 373 -22.74 -38.79 28.89
C GLY E 373 -22.55 -37.39 29.43
N PHE E 374 -21.31 -36.98 29.62
CA PHE E 374 -20.99 -35.64 30.09
C PHE E 374 -20.46 -34.83 28.92
N LEU E 375 -21.11 -33.69 28.66
CA LEU E 375 -20.65 -32.74 27.65
C LEU E 375 -20.02 -31.55 28.37
N VAL E 376 -18.76 -31.29 28.06
CA VAL E 376 -18.01 -30.19 28.67
C VAL E 376 -17.69 -29.18 27.58
N VAL E 377 -18.11 -27.93 27.78
CA VAL E 377 -17.87 -26.85 26.82
C VAL E 377 -16.76 -25.98 27.36
N PHE E 378 -15.69 -25.85 26.59
CA PHE E 378 -14.53 -25.01 26.90
C PHE E 378 -14.56 -23.76 26.04
N GLN E 379 -14.38 -22.60 26.66
CA GLN E 379 -14.39 -21.31 25.99
C GLN E 379 -13.07 -20.59 26.21
N HIS E 380 -12.53 -20.00 25.16
CA HIS E 380 -11.28 -19.26 25.25
C HIS E 380 -11.48 -17.95 26.01
N HIS E 381 -10.42 -17.49 26.65
CA HIS E 381 -10.44 -16.21 27.35
C HIS E 381 -10.51 -15.06 26.36
N GLU E 410 -0.19 -22.69 26.67
CA GLU E 410 -1.37 -22.56 25.83
C GLU E 410 -2.59 -23.17 26.52
N ALA E 411 -2.34 -24.18 27.37
CA ALA E 411 -3.43 -24.77 28.14
C ALA E 411 -3.95 -23.81 29.19
N SER E 412 -3.08 -22.96 29.74
CA SER E 412 -3.49 -22.03 30.79
C SER E 412 -4.45 -20.96 30.28
N GLN E 413 -4.51 -20.74 28.97
CA GLN E 413 -5.41 -19.74 28.41
C GLN E 413 -6.82 -20.29 28.15
N TRP E 414 -7.03 -21.58 28.33
CA TRP E 414 -8.34 -22.19 28.17
C TRP E 414 -8.99 -22.42 29.53
N GLU E 415 -10.31 -22.58 29.52
CA GLU E 415 -11.07 -22.79 30.74
C GLU E 415 -12.34 -23.54 30.41
N ALA E 416 -12.89 -24.21 31.42
CA ALA E 416 -14.13 -24.97 31.26
C ALA E 416 -15.32 -24.04 31.42
N MET E 417 -15.99 -23.74 30.32
CA MET E 417 -17.11 -22.80 30.36
C MET E 417 -18.32 -23.41 31.08
N THR E 418 -18.68 -24.64 30.71
CA THR E 418 -19.84 -25.26 31.34
C THR E 418 -19.75 -26.78 31.23
N VAL E 419 -20.58 -27.46 32.01
CA VAL E 419 -20.68 -28.91 32.03
C VAL E 419 -22.14 -29.30 31.83
N HIS E 420 -22.38 -30.25 30.92
CA HIS E 420 -23.72 -30.77 30.68
C HIS E 420 -23.67 -32.29 30.77
N GLN E 421 -24.79 -32.88 31.20
CA GLN E 421 -24.89 -34.32 31.44
C GLN E 421 -26.05 -34.88 30.62
N VAL E 422 -25.77 -35.31 29.39
CA VAL E 422 -26.79 -35.99 28.61
C VAL E 422 -27.04 -37.39 29.17
N GLY E 423 -25.99 -38.08 29.60
CA GLY E 423 -26.14 -39.35 30.28
C GLY E 423 -26.15 -40.58 29.41
N LYS E 424 -25.58 -40.53 28.21
CA LYS E 424 -25.54 -41.67 27.31
C LYS E 424 -24.22 -41.69 26.56
N CYS E 425 -23.89 -42.85 26.00
CA CYS E 425 -22.63 -43.02 25.28
C CYS E 425 -22.64 -42.17 24.03
N VAL E 426 -21.85 -41.09 24.05
CA VAL E 426 -21.82 -40.13 22.95
C VAL E 426 -20.95 -40.69 21.83
N ASP E 427 -21.58 -41.09 20.72
CA ASP E 427 -20.82 -41.63 19.60
C ASP E 427 -20.09 -40.52 18.86
N ARG E 428 -20.75 -39.39 18.62
CA ARG E 428 -20.10 -38.30 17.90
C ARG E 428 -20.71 -36.96 18.29
N VAL E 429 -19.87 -35.93 18.25
CA VAL E 429 -20.26 -34.54 18.50
C VAL E 429 -20.01 -33.74 17.23
N VAL E 430 -21.04 -33.09 16.72
CA VAL E 430 -20.93 -32.23 15.55
C VAL E 430 -21.48 -30.85 15.93
N LEU E 431 -21.03 -29.83 15.23
CA LEU E 431 -21.48 -28.47 15.49
C LEU E 431 -22.02 -27.85 14.21
N THR E 432 -23.21 -27.25 14.31
CA THR E 432 -23.88 -26.64 13.16
C THR E 432 -23.35 -25.22 12.94
N ALA E 433 -24.02 -24.47 12.07
CA ALA E 433 -23.53 -23.15 11.69
C ALA E 433 -23.72 -22.14 12.81
N LEU E 434 -24.82 -22.22 13.55
CA LEU E 434 -25.17 -21.22 14.55
C LEU E 434 -24.62 -21.52 15.93
N GLY E 435 -23.87 -22.61 16.09
CA GLY E 435 -23.31 -22.97 17.37
C GLY E 435 -24.06 -24.05 18.12
N ASP E 436 -25.10 -24.63 17.52
CA ASP E 436 -25.80 -25.74 18.14
C ASP E 436 -24.92 -26.99 18.12
N VAL E 437 -25.20 -27.92 19.03
CA VAL E 437 -24.39 -29.11 19.21
C VAL E 437 -25.25 -30.32 18.88
N ALA E 438 -25.00 -30.93 17.73
CA ALA E 438 -25.64 -32.20 17.40
C ALA E 438 -24.86 -33.34 18.02
N LEU E 439 -25.58 -34.34 18.53
CA LEU E 439 -24.99 -35.47 19.21
C LEU E 439 -25.57 -36.76 18.66
N CYS E 440 -24.69 -37.66 18.24
CA CYS E 440 -25.04 -39.06 17.99
C CYS E 440 -24.68 -39.83 19.25
N CYS E 441 -25.70 -40.34 19.94
CA CYS E 441 -25.53 -41.04 21.20
C CYS E 441 -26.41 -42.28 21.20
N GLY E 442 -25.99 -43.28 21.99
CA GLY E 442 -26.77 -44.49 22.15
C GLY E 442 -26.89 -45.36 20.92
N GLY E 443 -26.06 -45.13 19.90
CA GLY E 443 -26.10 -45.94 18.70
C GLY E 443 -27.13 -45.48 17.68
N SER E 444 -28.35 -45.16 18.16
CA SER E 444 -29.43 -44.77 17.27
C SER E 444 -30.21 -43.57 17.83
N GLU E 445 -29.55 -42.68 18.56
CA GLU E 445 -30.20 -41.53 19.16
C GLU E 445 -29.54 -40.26 18.66
N LEU E 446 -30.34 -39.34 18.15
CA LEU E 446 -29.89 -38.03 17.70
C LEU E 446 -30.45 -36.97 18.64
N GLN E 447 -29.57 -36.13 19.18
CA GLN E 447 -29.98 -35.08 20.10
C GLN E 447 -29.32 -33.77 19.71
N VAL E 448 -30.14 -32.78 19.37
CA VAL E 448 -29.66 -31.44 19.07
C VAL E 448 -29.78 -30.61 20.34
N LEU E 449 -28.67 -30.07 20.81
CA LEU E 449 -28.62 -29.27 22.02
C LEU E 449 -28.38 -27.82 21.62
N HIS E 450 -29.28 -26.94 22.04
CA HIS E 450 -29.16 -25.50 21.79
C HIS E 450 -28.93 -24.80 23.10
N GLU E 451 -27.87 -23.99 23.18
CA GLU E 451 -27.58 -23.26 24.40
C GLU E 451 -28.54 -22.08 24.51
N ILE E 452 -29.26 -22.01 25.64
CA ILE E 452 -30.13 -20.89 25.94
C ILE E 452 -29.82 -20.44 27.37
N ILE E 453 -30.08 -19.16 27.64
CA ILE E 453 -29.86 -18.63 28.97
C ILE E 453 -30.95 -19.14 29.90
N ARG E 454 -30.66 -19.14 31.20
CA ARG E 454 -31.64 -19.61 32.19
C ARG E 454 -32.78 -18.60 32.27
N LYS E 455 -33.91 -18.96 31.69
CA LYS E 455 -35.07 -18.08 31.66
C LYS E 455 -35.73 -18.09 33.03
N ARG E 456 -35.43 -17.09 33.83
CA ARG E 456 -36.02 -16.95 35.16
C ARG E 456 -36.75 -15.61 35.25
N ALA E 457 -37.82 -15.58 36.03
CA ALA E 457 -38.65 -14.40 36.12
C ALA E 457 -39.19 -14.24 37.55
N TRP E 458 -39.42 -12.99 37.93
CA TRP E 458 -39.91 -12.63 39.26
C TRP E 458 -40.82 -11.43 39.12
N ASP E 459 -41.99 -11.49 39.76
CA ASP E 459 -42.98 -10.42 39.66
C ASP E 459 -43.15 -9.61 40.94
N GLY E 460 -42.87 -10.21 42.09
CA GLY E 460 -43.06 -9.53 43.36
C GLY E 460 -43.69 -10.44 44.40
N VAL E 461 -44.31 -11.53 43.95
CA VAL E 461 -44.96 -12.49 44.81
C VAL E 461 -44.28 -13.86 44.75
N ALA E 462 -44.01 -14.34 43.53
CA ALA E 462 -43.41 -15.65 43.33
C ALA E 462 -42.44 -15.59 42.17
N ALA E 463 -41.53 -16.56 42.13
CA ALA E 463 -40.49 -16.65 41.13
C ALA E 463 -40.67 -17.92 40.31
N ALA E 464 -40.57 -17.79 38.99
CA ALA E 464 -40.63 -18.92 38.07
C ALA E 464 -39.27 -19.07 37.42
N THR E 465 -38.56 -20.14 37.76
CA THR E 465 -37.20 -20.37 37.32
C THR E 465 -37.15 -21.61 36.43
N GLN E 466 -36.59 -21.46 35.23
CA GLN E 466 -36.35 -22.60 34.35
C GLN E 466 -35.07 -23.31 34.80
N ILE E 467 -35.14 -24.63 34.91
CA ILE E 467 -34.02 -25.42 35.38
C ILE E 467 -33.59 -26.49 34.38
N SER E 468 -34.41 -26.84 33.41
CA SER E 468 -34.08 -27.86 32.42
C SER E 468 -34.63 -27.36 31.08
N SER E 469 -34.75 -28.29 30.11
CA SER E 469 -35.31 -27.94 28.82
C SER E 469 -36.75 -27.46 28.95
N ASP E 470 -37.53 -28.09 29.82
CA ASP E 470 -38.94 -27.76 29.98
C ASP E 470 -39.41 -27.58 31.42
N MET E 471 -38.67 -28.08 32.41
CA MET E 471 -39.12 -28.00 33.80
C MET E 471 -38.94 -26.59 34.35
N VAL E 472 -40.00 -26.06 34.96
CA VAL E 472 -39.97 -24.75 35.59
C VAL E 472 -40.45 -24.89 37.03
N VAL E 473 -39.69 -24.34 37.97
CA VAL E 473 -40.07 -24.34 39.38
C VAL E 473 -40.69 -22.98 39.68
N ILE E 474 -41.94 -22.98 40.15
CA ILE E 474 -42.64 -21.77 40.52
C ILE E 474 -42.80 -21.81 42.03
N GLU E 475 -42.12 -20.90 42.73
CA GLU E 475 -42.11 -20.91 44.19
C GLU E 475 -42.24 -19.50 44.72
N SER E 476 -43.02 -19.34 45.79
CA SER E 476 -43.23 -18.05 46.42
C SER E 476 -42.50 -18.00 47.76
N ILE E 477 -42.33 -16.78 48.27
CA ILE E 477 -41.70 -16.60 49.57
C ILE E 477 -42.58 -17.04 50.73
N THR E 478 -43.87 -17.26 50.47
CA THR E 478 -44.79 -17.72 51.51
C THR E 478 -44.74 -19.22 51.73
N GLY E 479 -44.02 -19.96 50.90
CA GLY E 479 -43.89 -21.40 51.03
C GLY E 479 -44.54 -22.21 49.92
N CYS E 480 -45.38 -21.59 49.09
CA CYS E 480 -45.98 -22.31 47.98
C CYS E 480 -44.92 -22.67 46.94
N GLN E 481 -45.03 -23.88 46.41
CA GLN E 481 -44.07 -24.36 45.43
C GLN E 481 -44.76 -25.37 44.51
N CYS E 482 -44.43 -25.31 43.22
CA CYS E 482 -45.02 -26.21 42.24
C CYS E 482 -44.09 -26.34 41.04
N LEU E 483 -44.34 -27.36 40.24
CA LEU E 483 -43.53 -27.70 39.08
C LEU E 483 -44.38 -27.65 37.82
N LEU E 484 -43.82 -27.08 36.76
CA LEU E 484 -44.48 -26.97 35.47
C LEU E 484 -43.66 -27.71 34.42
N GLN E 485 -44.32 -28.60 33.68
CA GLN E 485 -43.72 -29.31 32.57
C GLN E 485 -44.52 -28.96 31.31
N ASN E 486 -43.93 -28.15 30.45
CA ASN E 486 -44.60 -27.77 29.21
C ASN E 486 -44.64 -28.96 28.25
N LYS E 487 -45.64 -28.98 27.37
CA LYS E 487 -45.74 -30.03 26.38
C LYS E 487 -44.55 -29.99 25.42
N GLY E 488 -44.14 -28.80 25.02
CA GLY E 488 -42.95 -28.59 24.22
C GLY E 488 -41.77 -28.14 25.06
N ASN E 489 -40.87 -27.39 24.43
CA ASN E 489 -39.72 -26.84 25.13
C ASN E 489 -40.13 -25.58 25.88
N VAL E 490 -39.16 -24.90 26.48
CA VAL E 490 -39.37 -23.63 27.16
C VAL E 490 -38.37 -22.63 26.61
N HIS E 491 -38.87 -21.52 26.08
CA HIS E 491 -38.02 -20.45 25.59
C HIS E 491 -38.25 -19.12 26.28
N GLY E 492 -39.46 -18.84 26.75
CA GLY E 492 -39.72 -17.63 27.51
C GLY E 492 -40.69 -17.91 28.63
N VAL E 493 -40.49 -17.21 29.74
CA VAL E 493 -41.33 -17.35 30.93
C VAL E 493 -41.77 -15.97 31.39
N SER E 494 -43.06 -15.81 31.64
CA SER E 494 -43.59 -14.56 32.20
C SER E 494 -44.51 -14.91 33.37
N ILE E 495 -44.32 -14.21 34.48
CA ILE E 495 -45.10 -14.46 35.69
C ILE E 495 -45.67 -13.14 36.19
N ALA E 496 -46.97 -13.15 36.51
CA ALA E 496 -47.61 -12.02 37.18
C ALA E 496 -48.69 -12.66 38.07
N PHE E 497 -48.33 -12.91 39.32
CA PHE E 497 -48.99 -13.92 40.14
C PHE E 497 -50.49 -13.62 40.28
N PRO E 498 -51.35 -14.64 40.16
CA PRO E 498 -51.05 -16.07 39.92
C PRO E 498 -50.95 -16.45 38.44
N ASN E 499 -50.95 -15.47 37.54
CA ASN E 499 -50.84 -15.75 36.12
C ASN E 499 -49.43 -16.24 35.77
N ILE E 500 -49.36 -17.30 34.97
CA ILE E 500 -48.09 -17.80 34.46
C ILE E 500 -48.25 -18.06 32.96
N ALA E 501 -47.19 -17.78 32.21
CA ALA E 501 -47.23 -17.99 30.76
C ALA E 501 -45.88 -18.45 30.26
N LEU E 502 -45.89 -19.45 29.39
CA LEU E 502 -44.70 -20.02 28.80
C LEU E 502 -44.76 -19.92 27.28
N TRP E 503 -43.65 -19.55 26.66
CA TRP E 503 -43.53 -19.39 25.22
C TRP E 503 -42.51 -20.39 24.71
N ASN E 504 -42.94 -21.23 23.76
CA ASN E 504 -42.11 -22.26 23.17
C ASN E 504 -41.96 -22.05 21.66
N GLY E 505 -41.94 -20.80 21.23
CA GLY E 505 -41.78 -20.50 19.82
C GLY E 505 -43.07 -20.43 19.05
N SER E 506 -43.69 -21.59 18.80
CA SER E 506 -44.87 -21.64 17.95
C SER E 506 -46.10 -21.08 18.65
N GLN E 507 -46.24 -21.35 19.95
CA GLN E 507 -47.43 -20.97 20.69
C GLN E 507 -47.05 -20.58 22.11
N ILE E 508 -47.93 -19.81 22.75
CA ILE E 508 -47.76 -19.38 24.12
C ILE E 508 -48.91 -19.94 24.94
N ASP E 509 -48.59 -20.70 25.97
CA ASP E 509 -49.59 -21.28 26.86
C ASP E 509 -49.60 -20.54 28.18
N PHE E 510 -50.79 -20.09 28.60
CA PHE E 510 -50.94 -19.38 29.86
C PHE E 510 -51.89 -20.15 30.76
N TYR E 511 -51.43 -20.36 32.00
CA TYR E 511 -52.15 -21.05 33.07
C TYR E 511 -52.19 -20.15 34.30
N MET E 512 -52.88 -20.65 35.31
CA MET E 512 -52.95 -20.00 36.61
C MET E 512 -52.15 -20.81 37.64
N ILE E 513 -52.00 -20.24 38.83
CA ILE E 513 -51.35 -20.90 39.95
C ILE E 513 -52.34 -20.96 41.09
N ASP E 514 -52.75 -22.16 41.47
CA ASP E 514 -53.69 -22.36 42.57
C ASP E 514 -52.87 -22.58 43.84
N GLU E 515 -52.68 -21.50 44.60
CA GLU E 515 -51.76 -21.54 45.74
C GLU E 515 -52.26 -22.45 46.86
N ALA E 516 -53.58 -22.50 47.08
CA ALA E 516 -54.12 -23.27 48.19
C ALA E 516 -53.86 -24.76 48.01
N THR E 517 -54.08 -25.29 46.81
CA THR E 517 -53.92 -26.71 46.54
C THR E 517 -52.67 -27.03 45.74
N SER E 518 -51.79 -26.05 45.52
CA SER E 518 -50.55 -26.22 44.76
C SER E 518 -50.81 -26.80 43.37
N GLU E 519 -51.90 -26.34 42.73
CA GLU E 519 -52.30 -26.80 41.42
C GLU E 519 -52.05 -25.72 40.38
N ILE E 520 -52.02 -26.14 39.11
CA ILE E 520 -51.79 -25.26 37.98
C ILE E 520 -52.90 -25.53 36.97
N THR E 521 -53.82 -24.58 36.84
CA THR E 521 -54.97 -24.71 35.96
C THR E 521 -54.69 -23.99 34.65
N PHE E 522 -54.73 -24.73 33.54
CA PHE E 522 -54.41 -24.20 32.22
C PHE E 522 -55.59 -23.38 31.70
N ILE E 523 -55.36 -22.12 31.39
CA ILE E 523 -56.42 -21.30 30.77
C ILE E 523 -56.46 -21.59 29.28
N ASN E 524 -55.40 -21.21 28.56
CA ASN E 524 -55.46 -21.29 27.11
C ASN E 524 -54.14 -20.93 26.44
N PHE E 525 -54.08 -21.08 25.12
CA PHE E 525 -52.90 -20.74 24.34
C PHE E 525 -53.25 -19.71 23.28
N VAL E 526 -52.24 -18.95 22.87
CA VAL E 526 -52.31 -18.08 21.71
C VAL E 526 -51.27 -18.55 20.71
N LEU E 527 -51.70 -18.76 19.47
CA LEU E 527 -50.83 -19.26 18.41
C LEU E 527 -50.08 -18.08 17.79
N THR E 528 -49.03 -17.66 18.46
CA THR E 528 -48.20 -16.55 18.00
C THR E 528 -46.73 -16.96 18.03
N THR E 529 -45.97 -16.41 17.08
CA THR E 529 -44.55 -16.70 16.95
C THR E 529 -43.68 -15.55 17.44
N SER E 530 -44.22 -14.69 18.29
CA SER E 530 -43.49 -13.51 18.72
C SER E 530 -42.43 -13.88 19.75
N PRO E 531 -41.17 -13.48 19.55
CA PRO E 531 -40.17 -13.67 20.62
C PRO E 531 -40.42 -12.80 21.83
N ALA E 532 -41.21 -11.74 21.70
CA ALA E 532 -41.49 -10.82 22.79
C ALA E 532 -42.94 -10.98 23.25
N PHE E 533 -43.12 -11.21 24.54
CA PHE E 533 -44.45 -11.33 25.13
C PHE E 533 -44.34 -11.08 26.63
N ALA E 534 -45.47 -10.73 27.24
CA ALA E 534 -45.48 -10.48 28.67
C ALA E 534 -46.91 -10.55 29.19
N ILE E 535 -47.15 -11.39 30.19
CA ILE E 535 -48.48 -11.54 30.78
C ILE E 535 -48.58 -10.64 32.01
N HIS E 536 -49.74 -10.01 32.17
CA HIS E 536 -49.98 -9.07 33.25
C HIS E 536 -51.22 -9.52 34.02
N ARG E 537 -51.55 -8.77 35.08
CA ARG E 537 -52.74 -9.06 35.85
C ARG E 537 -54.00 -8.85 35.01
N GLU E 538 -54.01 -7.83 34.17
CA GLU E 538 -55.19 -7.54 33.36
C GLU E 538 -55.22 -8.36 32.07
N GLY E 539 -54.07 -8.69 31.51
CA GLY E 539 -54.06 -9.44 30.27
C GLY E 539 -52.66 -9.72 29.80
N LEU E 540 -52.57 -10.23 28.57
CA LEU E 540 -51.30 -10.62 27.95
C LEU E 540 -51.00 -9.70 26.77
N ILE E 541 -49.76 -9.25 26.68
CA ILE E 541 -49.28 -8.42 25.60
C ILE E 541 -48.38 -9.27 24.71
N TYR E 542 -48.73 -9.36 23.43
CA TYR E 542 -47.95 -10.16 22.49
C TYR E 542 -47.90 -9.47 21.14
N VAL E 543 -46.80 -9.70 20.42
CA VAL E 543 -46.59 -9.11 19.10
C VAL E 543 -47.21 -10.03 18.05
N LYS E 544 -47.84 -9.43 17.04
CA LYS E 544 -48.41 -10.18 15.92
C LYS E 544 -48.22 -9.33 14.67
N GLY E 545 -47.20 -9.64 13.89
CA GLY E 545 -46.85 -8.82 12.74
C GLY E 545 -46.01 -7.63 13.13
N ASN E 546 -46.35 -6.45 12.60
CA ASN E 546 -45.69 -5.21 12.97
C ASN E 546 -46.38 -4.50 14.14
N ARG E 547 -47.38 -5.12 14.73
CA ARG E 547 -48.18 -4.50 15.80
C ARG E 547 -48.10 -5.36 17.06
N ILE E 548 -48.47 -4.75 18.18
CA ILE E 548 -48.57 -5.44 19.46
C ILE E 548 -50.00 -5.33 19.95
N VAL E 549 -50.49 -6.40 20.57
CA VAL E 549 -51.87 -6.49 21.03
C VAL E 549 -51.86 -6.86 22.50
N PHE E 550 -52.63 -6.14 23.31
CA PHE E 550 -52.82 -6.41 24.73
C PHE E 550 -54.25 -6.87 24.93
N GLU E 551 -54.41 -8.09 25.46
CA GLU E 551 -55.71 -8.71 25.65
C GLU E 551 -55.88 -9.19 27.09
N THR E 552 -56.95 -9.93 27.35
CA THR E 552 -57.18 -10.54 28.66
C THR E 552 -56.75 -11.99 28.64
N MET E 553 -56.99 -12.69 29.75
CA MET E 553 -56.72 -14.11 29.82
C MET E 553 -57.75 -14.93 29.05
N GLN E 554 -58.90 -14.35 28.74
CA GLN E 554 -59.96 -15.03 27.99
C GLN E 554 -60.04 -14.55 26.55
N LEU E 555 -58.91 -14.07 26.00
CA LEU E 555 -58.81 -13.63 24.61
C LEU E 555 -59.81 -12.52 24.29
N ALA E 556 -59.92 -11.55 25.18
CA ALA E 556 -60.74 -10.37 24.93
C ALA E 556 -59.82 -9.23 24.51
N PRO E 557 -59.89 -8.75 23.27
CA PRO E 557 -58.93 -7.73 22.82
C PRO E 557 -59.15 -6.39 23.50
N ILE E 558 -58.22 -6.00 24.37
CA ILE E 558 -58.33 -4.72 25.06
C ILE E 558 -57.81 -3.59 24.19
N ALA E 559 -56.59 -3.72 23.68
CA ALA E 559 -55.99 -2.65 22.90
C ALA E 559 -54.95 -3.23 21.96
N GLN E 560 -54.53 -2.41 21.00
CA GLN E 560 -53.43 -2.78 20.10
C GLN E 560 -52.84 -1.51 19.53
N MET E 561 -51.52 -1.55 19.27
CA MET E 561 -50.85 -0.44 18.62
C MET E 561 -49.98 -0.98 17.49
N THR E 562 -49.92 -0.22 16.41
CA THR E 562 -49.26 -0.64 15.19
C THR E 562 -48.05 0.24 14.89
N PHE E 563 -47.00 -0.38 14.34
CA PHE E 563 -45.79 0.32 13.97
C PHE E 563 -45.47 0.06 12.50
N THR E 564 -44.86 1.05 11.86
CA THR E 564 -44.46 0.90 10.47
C THR E 564 -43.26 -0.03 10.36
N GLU E 565 -43.01 -0.52 9.15
CA GLU E 565 -41.85 -1.37 8.90
C GLU E 565 -40.55 -0.60 9.09
N SER E 566 -40.58 0.71 8.88
CA SER E 566 -39.40 1.54 9.16
C SER E 566 -39.11 1.63 10.64
N GLU E 567 -40.11 1.44 11.49
CA GLU E 567 -39.94 1.45 12.94
C GLU E 567 -39.55 0.09 13.49
N GLY E 568 -39.43 -0.93 12.64
CA GLY E 568 -38.97 -2.24 13.07
C GLY E 568 -40.05 -3.07 13.71
N VAL E 569 -39.64 -4.25 14.16
CA VAL E 569 -40.52 -5.21 14.83
C VAL E 569 -40.02 -5.36 16.27
N PRO E 570 -40.90 -5.27 17.26
CA PRO E 570 -40.46 -5.43 18.66
C PRO E 570 -39.85 -6.80 18.90
N VAL E 571 -38.74 -6.82 19.64
CA VAL E 571 -38.04 -8.06 19.93
C VAL E 571 -37.99 -8.26 21.45
N ILE E 572 -38.00 -7.16 22.19
CA ILE E 572 -37.92 -7.19 23.65
C ILE E 572 -39.15 -6.52 24.21
N MET E 573 -39.84 -7.20 25.13
CA MET E 573 -41.01 -6.66 25.81
C MET E 573 -40.90 -6.99 27.29
N ASP E 574 -40.82 -5.96 28.13
CA ASP E 574 -40.66 -6.15 29.57
C ASP E 574 -41.71 -5.34 30.30
N ILE E 575 -42.50 -6.00 31.13
CA ILE E 575 -43.49 -5.31 31.96
C ILE E 575 -43.20 -5.57 33.42
N MET E 576 -43.53 -4.60 34.26
CA MET E 576 -43.44 -4.76 35.70
C MET E 576 -44.25 -3.65 36.36
N ASN E 577 -44.94 -4.01 37.45
CA ASN E 577 -45.93 -3.16 38.10
C ASN E 577 -46.95 -2.66 37.09
N ASP E 578 -46.78 -1.42 36.64
CA ASP E 578 -47.66 -0.83 35.63
C ASP E 578 -46.85 -0.09 34.58
N TYR E 579 -45.69 -0.62 34.23
CA TYR E 579 -44.83 -0.02 33.22
C TYR E 579 -44.37 -1.08 32.22
N LEU E 580 -44.23 -0.67 30.97
CA LEU E 580 -43.84 -1.53 29.86
C LEU E 580 -42.75 -0.87 29.04
N VAL E 581 -41.76 -1.66 28.65
CA VAL E 581 -40.67 -1.23 27.78
C VAL E 581 -40.66 -2.14 26.56
N VAL E 582 -40.66 -1.53 25.38
CA VAL E 582 -40.65 -2.25 24.11
C VAL E 582 -39.41 -1.82 23.33
N VAL E 583 -38.60 -2.79 22.93
CA VAL E 583 -37.40 -2.56 22.13
C VAL E 583 -37.51 -3.35 20.84
N SER E 584 -37.33 -2.67 19.71
CA SER E 584 -37.43 -3.29 18.41
C SER E 584 -36.07 -3.88 18.02
N SER E 585 -35.93 -4.28 16.75
CA SER E 585 -34.72 -4.89 16.25
C SER E 585 -33.67 -3.88 15.78
N LYS E 586 -34.03 -2.60 15.71
CA LYS E 586 -33.12 -1.57 15.21
C LYS E 586 -32.89 -0.49 16.27
N ASN E 587 -32.79 -0.91 17.54
CA ASN E 587 -32.49 -0.01 18.66
C ASN E 587 -33.52 1.11 18.78
N TYR E 588 -34.79 0.76 18.67
CA TYR E 588 -35.88 1.69 18.90
C TYR E 588 -36.54 1.33 20.23
N LEU E 589 -36.55 2.28 21.16
CA LEU E 589 -37.01 2.06 22.52
C LEU E 589 -38.24 2.90 22.81
N ARG E 590 -39.26 2.28 23.39
CA ARG E 590 -40.47 3.00 23.79
C ARG E 590 -40.88 2.58 25.19
N LEU E 591 -41.22 3.56 26.02
CA LEU E 591 -41.70 3.33 27.38
C LEU E 591 -43.17 3.72 27.46
N ALA E 592 -43.95 2.94 28.20
CA ALA E 592 -45.38 3.20 28.30
C ALA E 592 -45.88 2.76 29.66
N ARG E 593 -47.05 3.29 30.02
CA ARG E 593 -47.74 2.91 31.25
C ARG E 593 -49.01 2.14 30.89
N ILE E 594 -49.15 0.95 31.45
CA ILE E 594 -50.36 0.17 31.26
C ILE E 594 -51.43 0.65 32.24
N SER E 595 -52.68 0.55 31.83
CA SER E 595 -53.79 0.95 32.69
C SER E 595 -54.88 -0.11 32.66
N THR E 596 -56.03 0.18 33.26
CA THR E 596 -57.15 -0.75 33.24
C THR E 596 -57.79 -0.84 31.86
N ARG E 597 -57.64 0.19 31.03
CA ARG E 597 -58.30 0.24 29.73
C ARG E 597 -57.36 0.44 28.56
N ASP E 598 -56.32 1.27 28.71
CA ASP E 598 -55.48 1.66 27.59
C ASP E 598 -54.01 1.56 27.96
N LEU E 599 -53.15 1.74 26.96
CA LEU E 599 -51.70 1.70 27.11
C LEU E 599 -51.16 3.08 26.75
N GLN E 600 -50.97 3.93 27.76
CA GLN E 600 -50.56 5.31 27.54
C GLN E 600 -49.07 5.33 27.24
N GLN E 601 -48.72 5.59 25.99
CA GLN E 601 -47.32 5.67 25.60
C GLN E 601 -46.73 7.00 26.06
N LEU E 602 -45.54 6.94 26.67
CA LEU E 602 -44.86 8.12 27.18
C LEU E 602 -43.73 8.49 26.23
N GLY E 603 -44.06 9.30 25.23
CA GLY E 603 -43.09 9.80 24.29
C GLY E 603 -42.90 8.88 23.10
N PRO E 604 -42.23 9.39 22.06
CA PRO E 604 -41.99 8.59 20.85
C PRO E 604 -40.78 7.68 21.03
N ALA E 605 -40.44 6.98 19.96
CA ALA E 605 -39.27 6.10 19.96
C ALA E 605 -37.99 6.93 20.04
N ARG E 606 -37.02 6.42 20.80
CA ARG E 606 -35.76 7.10 21.01
C ARG E 606 -34.60 6.23 20.57
N PRO E 607 -33.75 6.71 19.67
CA PRO E 607 -32.53 5.97 19.33
C PRO E 607 -31.52 6.02 20.45
N LEU E 608 -30.69 4.97 20.51
CA LEU E 608 -29.66 4.86 21.53
C LEU E 608 -28.31 4.66 20.86
N THR E 609 -27.27 5.26 21.44
CA THR E 609 -25.93 5.24 20.88
C THR E 609 -25.02 4.40 21.75
N PHE E 610 -24.29 3.47 21.12
CA PHE E 610 -23.33 2.64 21.84
C PHE E 610 -21.92 3.08 21.46
N PRO E 611 -21.18 3.76 22.34
CA PRO E 611 -19.82 4.22 22.05
C PRO E 611 -18.81 3.07 22.02
N LEU E 638 -18.72 -7.04 16.66
CA LEU E 638 -18.94 -6.29 15.42
C LEU E 638 -20.18 -5.42 15.54
N GLU E 639 -21.34 -6.04 15.30
CA GLU E 639 -22.62 -5.34 15.34
C GLU E 639 -23.27 -5.55 16.71
N VAL E 640 -23.72 -4.46 17.32
CA VAL E 640 -24.31 -4.49 18.66
C VAL E 640 -25.82 -4.68 18.50
N SER E 641 -26.34 -5.76 19.09
CA SER E 641 -27.77 -6.03 19.12
C SER E 641 -28.19 -6.22 20.56
N VAL E 642 -29.21 -5.47 20.99
CA VAL E 642 -29.66 -5.55 22.37
C VAL E 642 -30.43 -6.84 22.59
N SER E 643 -30.02 -7.61 23.59
CA SER E 643 -30.63 -8.90 23.88
C SER E 643 -31.67 -8.85 24.99
N GLY E 644 -31.56 -7.90 25.90
CA GLY E 644 -32.49 -7.84 27.02
C GLY E 644 -32.66 -6.43 27.53
N ALA E 645 -33.85 -6.16 28.07
CA ALA E 645 -34.17 -4.85 28.61
C ALA E 645 -35.02 -5.02 29.86
N ARG E 646 -34.62 -4.34 30.93
CA ARG E 646 -35.36 -4.30 32.19
C ARG E 646 -35.65 -2.85 32.57
N VAL E 647 -36.80 -2.62 33.18
CA VAL E 647 -37.24 -1.28 33.53
C VAL E 647 -37.55 -1.23 35.03
N ASN E 648 -37.13 -0.15 35.68
CA ASN E 648 -37.42 0.03 37.10
C ASN E 648 -38.90 0.37 37.29
N ALA E 649 -39.30 0.44 38.56
CA ALA E 649 -40.71 0.61 38.90
C ALA E 649 -41.25 2.01 38.59
N GLN E 650 -40.39 2.96 38.25
CA GLN E 650 -40.85 4.29 37.88
C GLN E 650 -41.06 4.45 36.38
N GLY E 651 -40.64 3.48 35.57
CA GLY E 651 -40.66 3.66 34.13
C GLY E 651 -39.77 4.82 33.69
N ARG E 652 -38.59 4.93 34.27
CA ARG E 652 -37.70 6.06 34.05
C ARG E 652 -36.31 5.65 33.60
N ARG E 653 -35.78 4.56 34.14
CA ARG E 653 -34.44 4.09 33.80
C ARG E 653 -34.48 2.64 33.35
N VAL E 654 -33.70 2.32 32.32
CA VAL E 654 -33.74 1.01 31.69
C VAL E 654 -32.34 0.43 31.67
N ALA E 655 -32.21 -0.82 32.12
CA ALA E 655 -30.98 -1.59 32.02
C ALA E 655 -31.04 -2.46 30.76
N LEU E 656 -29.91 -2.54 30.06
CA LEU E 656 -29.85 -3.12 28.74
C LEU E 656 -28.66 -4.07 28.63
N MET E 657 -28.95 -5.28 28.14
CA MET E 657 -27.98 -6.29 27.79
C MET E 657 -27.90 -6.41 26.28
N SER E 658 -26.69 -6.32 25.74
CA SER E 658 -26.46 -6.37 24.30
C SER E 658 -25.51 -7.51 23.96
N THR E 659 -25.62 -8.00 22.72
CA THR E 659 -24.77 -9.05 22.20
C THR E 659 -24.05 -8.56 20.95
N LEU E 660 -22.91 -9.18 20.66
CA LEU E 660 -22.06 -8.76 19.56
C LEU E 660 -22.04 -9.82 18.46
N GLY E 661 -22.14 -9.37 17.22
CA GLY E 661 -22.01 -10.25 16.07
C GLY E 661 -23.28 -10.99 15.75
N PRO E 662 -23.37 -11.50 14.52
CA PRO E 662 -24.54 -12.33 14.15
C PRO E 662 -24.63 -13.63 14.92
N LEU E 663 -23.53 -14.10 15.51
CA LEU E 663 -23.54 -15.32 16.32
C LEU E 663 -24.01 -15.08 17.75
N ALA E 664 -24.35 -13.83 18.09
CA ALA E 664 -24.85 -13.45 19.42
C ALA E 664 -23.82 -13.79 20.50
N LEU E 665 -22.63 -13.22 20.35
CA LEU E 665 -21.60 -13.35 21.37
C LEU E 665 -21.92 -12.43 22.53
N PRO E 666 -22.02 -12.93 23.76
CA PRO E 666 -22.35 -12.07 24.89
C PRO E 666 -21.29 -10.98 25.10
N ASP E 667 -21.78 -9.80 25.48
CA ASP E 667 -20.93 -8.64 25.68
C ASP E 667 -20.80 -8.35 27.18
N THR E 668 -19.66 -7.74 27.55
CA THR E 668 -19.34 -7.47 28.94
C THR E 668 -19.68 -6.04 29.36
N ARG E 669 -20.75 -5.48 28.82
CA ARG E 669 -21.15 -4.12 29.14
C ARG E 669 -22.61 -4.10 29.57
N ILE E 670 -22.90 -3.30 30.60
CA ILE E 670 -24.26 -3.02 31.04
C ILE E 670 -24.61 -1.61 30.59
N TRP E 671 -25.78 -1.43 30.00
CA TRP E 671 -26.20 -0.13 29.50
C TRP E 671 -27.33 0.40 30.37
N VAL E 672 -27.17 1.61 30.90
CA VAL E 672 -28.20 2.27 31.69
C VAL E 672 -28.67 3.50 30.93
N TYR E 673 -29.96 3.56 30.64
CA TYR E 673 -30.55 4.68 29.91
C TYR E 673 -31.57 5.39 30.79
N ASP E 674 -31.41 6.70 30.94
CA ASP E 674 -32.36 7.54 31.65
C ASP E 674 -33.22 8.25 30.61
N SER E 675 -34.47 7.83 30.49
CA SER E 675 -35.34 8.37 29.45
C SER E 675 -35.79 9.79 29.78
N ASP E 676 -36.04 10.08 31.06
CA ASP E 676 -36.47 11.42 31.43
C ASP E 676 -35.39 12.46 31.17
N THR E 677 -34.14 12.13 31.50
CA THR E 677 -33.03 13.01 31.17
C THR E 677 -32.39 12.65 29.83
N ASP E 678 -32.79 11.53 29.22
CA ASP E 678 -32.29 11.08 27.92
C ASP E 678 -30.76 10.99 27.92
N LYS E 679 -30.23 10.23 28.88
CA LYS E 679 -28.80 10.07 29.03
C LYS E 679 -28.43 8.60 28.97
N MET E 680 -27.26 8.31 28.39
CA MET E 680 -26.80 6.95 28.18
C MET E 680 -25.48 6.76 28.92
N SER E 681 -25.44 5.81 29.85
CA SER E 681 -24.23 5.43 30.56
C SER E 681 -24.01 3.93 30.40
N PHE E 682 -22.79 3.49 30.67
CA PHE E 682 -22.49 2.07 30.58
C PHE E 682 -21.37 1.73 31.53
N PHE E 683 -21.29 0.46 31.90
CA PHE E 683 -20.21 -0.05 32.72
C PHE E 683 -19.67 -1.35 32.11
N ASP E 684 -18.35 -1.46 32.07
CA ASP E 684 -17.67 -2.58 31.43
C ASP E 684 -17.32 -3.63 32.46
N PHE E 685 -17.68 -4.88 32.18
CA PHE E 685 -17.35 -6.01 33.05
C PHE E 685 -16.03 -6.68 32.68
N GLY E 686 -15.38 -6.25 31.60
CA GLY E 686 -14.11 -6.83 31.22
C GLY E 686 -12.97 -6.47 32.15
N SER E 687 -13.08 -5.34 32.86
CA SER E 687 -12.04 -4.97 33.81
C SER E 687 -12.02 -5.89 35.02
N ARG E 688 -13.16 -6.49 35.35
CA ARG E 688 -13.26 -7.42 36.47
C ARG E 688 -13.05 -8.87 36.06
N ASN E 689 -12.72 -9.13 34.79
CA ASN E 689 -12.58 -10.47 34.25
C ASN E 689 -13.86 -11.29 34.47
N GLU E 690 -15.00 -10.65 34.25
CA GLU E 690 -16.30 -11.27 34.44
C GLU E 690 -17.17 -11.03 33.21
N ILE E 691 -18.06 -11.99 32.94
CA ILE E 691 -19.04 -11.87 31.88
C ILE E 691 -20.41 -12.00 32.52
N PRO E 692 -21.36 -11.11 32.23
CA PRO E 692 -22.67 -11.16 32.89
C PRO E 692 -23.62 -12.13 32.20
N ASN E 693 -24.66 -12.50 32.94
CA ASN E 693 -25.75 -13.31 32.43
C ASN E 693 -27.07 -12.54 32.41
N SER E 694 -27.50 -12.02 33.56
CA SER E 694 -28.75 -11.29 33.64
C SER E 694 -28.58 -10.07 34.52
N VAL E 695 -29.42 -9.07 34.29
CA VAL E 695 -29.44 -7.84 35.08
C VAL E 695 -30.86 -7.61 35.56
N TYR E 696 -31.01 -7.14 36.79
CA TYR E 696 -32.32 -7.03 37.41
C TYR E 696 -32.45 -5.72 38.18
N TRP E 697 -33.59 -5.07 38.03
CA TRP E 697 -33.97 -3.92 38.84
C TRP E 697 -34.68 -4.37 40.10
N ASN E 698 -34.76 -3.45 41.06
CA ASN E 698 -35.51 -3.72 42.29
C ASN E 698 -36.98 -3.89 41.99
N THR E 699 -37.59 -4.92 42.58
CA THR E 699 -38.99 -5.24 42.35
C THR E 699 -39.78 -5.03 43.63
N PRO E 700 -40.48 -3.90 43.77
CA PRO E 700 -41.30 -3.70 44.97
C PRO E 700 -42.48 -4.67 44.99
N GLU E 701 -42.86 -5.06 46.21
CA GLU E 701 -43.97 -5.97 46.38
C GLU E 701 -45.29 -5.28 46.05
N PRO E 702 -46.32 -6.06 45.71
CA PRO E 702 -47.65 -5.46 45.51
C PRO E 702 -48.18 -4.86 46.80
N ASN E 703 -49.10 -3.91 46.64
CA ASN E 703 -49.65 -3.06 47.70
C ASN E 703 -48.59 -2.58 48.69
N THR E 704 -47.43 -2.18 48.16
CA THR E 704 -46.33 -1.64 48.95
C THR E 704 -45.84 -0.38 48.24
N THR E 705 -46.42 0.77 48.60
CA THR E 705 -46.13 2.03 47.94
C THR E 705 -45.17 2.90 48.75
N THR E 706 -44.53 2.35 49.77
CA THR E 706 -43.58 3.09 50.60
C THR E 706 -42.15 2.97 50.11
N VAL E 707 -41.96 2.78 48.80
CA VAL E 707 -40.64 2.55 48.21
C VAL E 707 -40.14 3.86 47.62
N GLY E 708 -38.95 4.29 48.05
CA GLY E 708 -38.37 5.51 47.55
C GLY E 708 -37.63 5.32 46.23
N GLU E 709 -37.23 6.44 45.63
CA GLU E 709 -36.54 6.40 44.34
C GLU E 709 -35.12 5.86 44.47
N PHE E 710 -34.50 5.98 45.65
CA PHE E 710 -33.18 5.37 45.85
C PHE E 710 -33.26 3.86 45.81
N GLU E 711 -34.36 3.29 46.29
CA GLU E 711 -34.57 1.85 46.14
C GLU E 711 -34.88 1.49 44.70
N TYR E 712 -35.47 2.42 43.94
CA TYR E 712 -35.79 2.15 42.54
C TYR E 712 -34.56 2.18 41.67
N ILE E 713 -33.60 3.06 41.96
CA ILE E 713 -32.42 3.18 41.12
C ILE E 713 -31.38 2.10 41.39
N LEU E 714 -31.56 1.29 42.42
CA LEU E 714 -30.61 0.23 42.71
C LEU E 714 -30.72 -0.87 41.66
N LEU E 715 -29.57 -1.31 41.14
CA LEU E 715 -29.52 -2.30 40.09
C LEU E 715 -28.71 -3.50 40.56
N ALA E 716 -29.12 -4.70 40.15
CA ALA E 716 -28.42 -5.93 40.50
C ALA E 716 -28.19 -6.75 39.23
N CYS E 717 -27.02 -7.38 39.15
CA CYS E 717 -26.71 -8.21 37.99
C CYS E 717 -25.84 -9.38 38.42
N GLU E 718 -25.98 -10.48 37.67
CA GLU E 718 -25.25 -11.71 37.93
C GLU E 718 -24.14 -11.86 36.90
N THR E 719 -22.91 -12.10 37.38
CA THR E 719 -21.76 -12.29 36.51
C THR E 719 -21.02 -13.55 36.92
N TYR E 720 -20.19 -14.04 36.01
CA TYR E 720 -19.32 -15.17 36.30
C TYR E 720 -17.97 -14.95 35.62
N GLN E 721 -16.90 -15.34 36.33
CA GLN E 721 -15.54 -15.14 35.82
C GLN E 721 -15.19 -16.18 34.77
N GLU E 768 -3.66 -23.55 68.55
CA GLU E 768 -3.56 -22.81 67.31
C GLU E 768 -4.83 -22.93 66.49
N ASN E 769 -5.88 -22.24 66.93
CA ASN E 769 -7.16 -22.16 66.22
C ASN E 769 -7.78 -23.55 66.01
N TYR E 770 -8.12 -24.20 67.13
CA TYR E 770 -8.80 -25.48 67.09
C TYR E 770 -10.29 -25.37 67.35
N ALA E 771 -10.73 -24.35 68.09
CA ALA E 771 -12.14 -24.12 68.40
C ALA E 771 -12.73 -22.98 67.58
N GLU E 772 -12.33 -22.86 66.32
CA GLU E 772 -12.76 -21.78 65.45
C GLU E 772 -13.70 -22.23 64.34
N LYS E 773 -13.29 -23.24 63.57
CA LYS E 773 -14.06 -23.65 62.39
C LYS E 773 -15.38 -24.30 62.74
N LYS E 774 -15.51 -24.89 63.93
CA LYS E 774 -16.71 -25.65 64.26
C LYS E 774 -17.94 -24.75 64.43
N ALA E 775 -17.75 -23.45 64.66
CA ALA E 775 -18.89 -22.54 64.74
C ALA E 775 -19.61 -22.44 63.40
N GLU E 776 -18.85 -22.39 62.30
CA GLU E 776 -19.41 -22.29 60.97
C GLU E 776 -19.44 -23.62 60.23
N LEU E 777 -19.19 -24.73 60.94
CA LEU E 777 -19.26 -26.03 60.28
C LEU E 777 -20.69 -26.37 59.84
N GLU E 778 -21.70 -25.85 60.55
CA GLU E 778 -23.07 -26.04 60.11
C GLU E 778 -23.31 -25.39 58.74
N ASP E 779 -22.80 -24.17 58.56
CA ASP E 779 -22.88 -23.54 57.24
C ASP E 779 -22.03 -24.29 56.22
N ALA E 780 -20.87 -24.78 56.63
CA ALA E 780 -20.00 -25.53 55.72
C ALA E 780 -20.65 -26.81 55.24
N ARG E 781 -21.46 -27.45 56.07
CA ARG E 781 -22.22 -28.61 55.63
C ARG E 781 -23.51 -28.22 54.90
N ARG E 782 -24.04 -27.02 55.16
CA ARG E 782 -25.10 -26.49 54.32
C ARG E 782 -24.62 -26.24 52.90
N GLU E 783 -23.31 -26.00 52.74
CA GLU E 783 -22.74 -25.92 51.39
C GLU E 783 -23.00 -27.20 50.62
N SER E 784 -22.92 -28.35 51.27
CA SER E 784 -23.20 -29.63 50.63
C SER E 784 -24.70 -29.81 50.40
N ARG E 794 -17.80 -22.28 37.35
CA ARG E 794 -17.21 -20.95 37.46
C ARG E 794 -17.81 -20.18 38.62
N PRO E 795 -17.02 -19.28 39.23
CA PRO E 795 -17.51 -18.50 40.37
C PRO E 795 -18.68 -17.61 40.01
N HIS E 796 -19.59 -17.44 40.97
CA HIS E 796 -20.73 -16.56 40.84
C HIS E 796 -20.45 -15.23 41.52
N ASN E 797 -20.89 -14.14 40.92
CA ASN E 797 -20.71 -12.81 41.48
C ASN E 797 -22.00 -12.03 41.30
N ILE E 798 -22.72 -11.77 42.39
CA ILE E 798 -23.88 -10.89 42.35
C ILE E 798 -23.38 -9.49 42.67
N VAL E 799 -23.45 -8.59 41.69
CA VAL E 799 -22.88 -7.26 41.80
C VAL E 799 -24.00 -6.24 41.65
N THR E 800 -24.08 -5.32 42.59
CA THR E 800 -25.13 -4.31 42.62
C THR E 800 -24.51 -2.93 42.42
N PHE E 801 -25.15 -2.14 41.56
CA PHE E 801 -24.78 -0.77 41.27
C PHE E 801 -25.86 0.19 41.74
N PHE E 802 -25.48 1.46 41.88
CA PHE E 802 -26.42 2.55 42.13
C PHE E 802 -26.50 3.38 40.85
N ALA E 803 -27.58 3.20 40.10
CA ALA E 803 -27.77 3.93 38.85
C ALA E 803 -28.00 5.40 39.15
N THR E 804 -27.03 6.23 38.83
CA THR E 804 -27.06 7.66 39.08
C THR E 804 -27.08 8.41 37.75
N HIS E 805 -27.78 9.55 37.72
CA HIS E 805 -27.75 10.41 36.55
C HIS E 805 -26.35 10.93 36.26
N ASP E 806 -25.46 10.91 37.25
CA ASP E 806 -24.06 11.30 37.05
C ASP E 806 -23.20 10.16 36.52
N GLY E 807 -23.74 8.94 36.41
CA GLY E 807 -23.03 7.81 35.91
C GLY E 807 -23.35 6.58 36.73
N LEU E 808 -22.67 5.48 36.43
CA LEU E 808 -22.85 4.22 37.14
C LEU E 808 -21.78 4.10 38.22
N VAL E 809 -22.21 3.93 39.46
CA VAL E 809 -21.32 3.81 40.61
C VAL E 809 -21.43 2.38 41.14
N LEU E 810 -20.28 1.74 41.30
CA LEU E 810 -20.23 0.36 41.78
C LEU E 810 -20.54 0.33 43.27
N GLN E 811 -21.71 -0.20 43.64
CA GLN E 811 -22.11 -0.19 45.03
C GLN E 811 -21.47 -1.34 45.80
N ASN E 812 -21.79 -2.59 45.43
CA ASN E 812 -21.36 -3.71 46.25
C ASN E 812 -21.21 -4.95 45.37
N PHE E 813 -20.44 -5.91 45.90
CA PHE E 813 -20.14 -7.17 45.23
C PHE E 813 -20.31 -8.30 46.22
N ALA E 814 -20.80 -9.44 45.74
CA ALA E 814 -21.03 -10.57 46.64
C ALA E 814 -20.74 -11.90 45.94
N PRO E 815 -19.77 -12.67 46.42
CA PRO E 815 -19.59 -14.03 45.92
C PRO E 815 -20.73 -14.93 46.39
N LEU E 816 -20.97 -15.99 45.62
CA LEU E 816 -21.97 -16.98 45.96
C LEU E 816 -21.29 -18.33 46.19
N ARG E 817 -22.11 -19.35 46.43
CA ARG E 817 -21.64 -20.71 46.65
C ARG E 817 -22.20 -21.63 45.57
N ARG E 818 -21.64 -22.84 45.52
CA ARG E 818 -21.95 -23.79 44.45
C ARG E 818 -23.40 -24.27 44.48
N TYR E 819 -24.07 -24.18 45.62
CA TYR E 819 -25.46 -24.62 45.70
C TYR E 819 -26.45 -23.51 45.35
N GLN E 820 -25.99 -22.28 45.19
CA GLN E 820 -26.83 -21.15 44.77
C GLN E 820 -26.69 -21.02 43.26
N ILE E 821 -27.65 -21.59 42.52
CA ILE E 821 -27.48 -21.75 41.08
C ILE E 821 -27.61 -20.42 40.36
N CYS E 822 -28.66 -19.66 40.66
CA CYS E 822 -28.93 -18.45 39.89
C CYS E 822 -29.68 -17.44 40.75
N LEU E 823 -29.67 -16.19 40.29
CA LEU E 823 -30.40 -15.10 40.93
C LEU E 823 -31.65 -14.80 40.11
N VAL E 824 -32.82 -14.90 40.75
CA VAL E 824 -34.07 -14.75 40.02
C VAL E 824 -34.60 -13.32 40.03
N GLY E 825 -34.10 -12.46 40.90
CA GLY E 825 -34.56 -11.09 40.94
C GLY E 825 -34.17 -10.43 42.24
N LEU E 826 -34.45 -9.13 42.30
CA LEU E 826 -34.13 -8.32 43.47
C LEU E 826 -35.41 -7.86 44.13
N THR E 827 -35.55 -8.14 45.43
CA THR E 827 -36.66 -7.67 46.24
C THR E 827 -36.05 -7.03 47.48
N ILE E 828 -36.03 -5.70 47.52
CA ILE E 828 -35.27 -4.97 48.53
C ILE E 828 -35.81 -5.29 49.92
N PRO E 829 -34.96 -5.51 50.93
CA PRO E 829 -33.50 -5.61 50.89
C PRO E 829 -33.01 -7.06 50.86
N ASP E 830 -33.56 -7.91 50.00
CA ASP E 830 -33.26 -9.33 50.04
C ASP E 830 -32.92 -9.83 48.64
N PHE E 831 -31.76 -10.47 48.51
CA PHE E 831 -31.46 -11.20 47.30
C PHE E 831 -32.36 -12.44 47.21
N LEU E 832 -32.61 -12.89 45.98
CA LEU E 832 -33.55 -13.97 45.73
C LEU E 832 -32.88 -15.09 44.94
N LEU E 833 -31.71 -15.52 45.41
CA LEU E 833 -30.97 -16.58 44.74
C LEU E 833 -31.75 -17.88 44.79
N ALA E 834 -31.97 -18.48 43.61
CA ALA E 834 -32.51 -19.84 43.56
C ALA E 834 -31.40 -20.82 43.92
N SER E 835 -31.71 -21.74 44.84
CA SER E 835 -30.70 -22.64 45.36
C SER E 835 -31.26 -24.05 45.47
N VAL E 836 -30.36 -25.01 45.50
CA VAL E 836 -30.70 -26.41 45.72
C VAL E 836 -30.69 -26.67 47.22
N LYS E 837 -31.46 -27.66 47.64
CA LYS E 837 -31.64 -27.94 49.07
C LYS E 837 -30.42 -28.67 49.63
N ILE E 838 -30.50 -29.05 50.90
CA ILE E 838 -29.36 -29.64 51.60
C ILE E 838 -29.10 -31.03 51.06
N ASN E 839 -27.85 -31.30 50.68
CA ASN E 839 -27.41 -32.60 50.16
C ASN E 839 -28.24 -33.03 48.95
N GLY E 840 -28.61 -32.07 48.12
CA GLY E 840 -29.45 -32.33 46.97
C GLY E 840 -28.65 -32.51 45.69
N ASP E 841 -29.37 -32.46 44.57
CA ASP E 841 -28.78 -32.65 43.26
C ASP E 841 -29.32 -31.57 42.32
N PRO E 842 -28.44 -30.88 41.59
CA PRO E 842 -28.92 -29.82 40.68
C PRO E 842 -29.82 -30.34 39.56
N ASN E 843 -29.60 -31.56 39.08
CA ASN E 843 -30.39 -32.07 37.97
C ASN E 843 -31.79 -32.50 38.40
N ASN E 844 -32.01 -32.68 39.70
CA ASN E 844 -33.34 -33.02 40.19
C ASN E 844 -34.27 -31.82 40.06
N ALA E 845 -35.50 -32.09 39.60
CA ALA E 845 -36.46 -31.00 39.41
C ALA E 845 -36.98 -30.46 40.73
N GLU E 846 -37.27 -31.35 41.68
CA GLU E 846 -37.83 -30.92 42.96
C GLU E 846 -36.80 -30.20 43.81
N ASP E 847 -35.53 -30.56 43.70
CA ASP E 847 -34.50 -30.07 44.60
C ASP E 847 -34.16 -28.61 44.32
N TYR E 848 -35.09 -27.71 44.61
CA TYR E 848 -34.90 -26.28 44.42
C TYR E 848 -35.70 -25.51 45.45
N VAL E 849 -35.06 -24.50 46.04
CA VAL E 849 -35.69 -23.64 47.04
C VAL E 849 -35.37 -22.20 46.69
N ILE E 850 -36.35 -21.31 46.88
CA ILE E 850 -36.14 -19.88 46.67
C ILE E 850 -35.44 -19.32 47.92
N GLU E 851 -34.12 -19.29 47.89
CA GLU E 851 -33.35 -18.82 49.03
C GLU E 851 -33.31 -17.30 49.03
N GLN E 852 -33.31 -16.74 50.24
CA GLN E 852 -33.31 -15.29 50.43
C GLN E 852 -32.15 -14.93 51.36
N LYS E 853 -31.15 -14.25 50.81
CA LYS E 853 -30.01 -13.79 51.60
C LYS E 853 -30.00 -12.27 51.67
N ARG E 854 -29.71 -11.75 52.86
CA ARG E 854 -29.71 -10.31 53.07
C ARG E 854 -28.57 -9.65 52.31
N LEU E 855 -28.76 -8.38 51.97
CA LEU E 855 -27.72 -7.62 51.30
C LEU E 855 -26.53 -7.42 52.23
N ARG E 856 -25.34 -7.34 51.64
CA ARG E 856 -24.14 -7.10 52.42
C ARG E 856 -24.13 -5.74 53.10
N ASP E 857 -24.89 -4.79 52.57
CA ASP E 857 -25.08 -3.49 53.21
C ASP E 857 -26.24 -3.49 54.20
N PHE E 858 -26.94 -4.61 54.35
CA PHE E 858 -28.08 -4.73 55.24
C PHE E 858 -27.81 -5.73 56.35
N GLU E 859 -26.61 -5.67 56.92
CA GLU E 859 -26.27 -6.51 58.06
C GLU E 859 -27.09 -6.10 59.28
N GLY E 860 -27.52 -7.09 60.05
CA GLY E 860 -28.19 -6.83 61.32
C GLY E 860 -29.63 -6.41 61.23
N LEU E 861 -30.21 -6.35 60.04
CA LEU E 861 -31.61 -5.98 59.85
C LEU E 861 -32.34 -7.23 59.38
N LYS E 862 -32.80 -8.04 60.33
CA LYS E 862 -33.52 -9.27 60.02
C LYS E 862 -35.03 -9.15 60.21
N SER E 863 -35.50 -8.11 60.90
CA SER E 863 -36.94 -7.92 61.08
C SER E 863 -37.62 -7.65 59.74
N ASP E 864 -37.01 -6.82 58.90
CA ASP E 864 -37.54 -6.47 57.58
C ASP E 864 -38.95 -5.88 57.68
N LYS E 865 -39.18 -5.07 58.71
CA LYS E 865 -40.47 -4.46 58.94
C LYS E 865 -40.41 -2.94 58.92
N ASP E 866 -39.43 -2.35 59.60
CA ASP E 866 -39.32 -0.89 59.65
C ASP E 866 -39.01 -0.33 58.27
N VAL E 867 -39.62 0.81 57.95
CA VAL E 867 -39.49 1.44 56.65
C VAL E 867 -38.52 2.61 56.69
N ALA E 868 -38.67 3.49 57.68
CA ALA E 868 -37.81 4.67 57.78
C ALA E 868 -36.35 4.28 57.98
N VAL E 869 -36.10 3.29 58.84
CA VAL E 869 -34.73 2.81 59.05
C VAL E 869 -34.17 2.22 57.75
N ARG E 870 -34.99 1.44 57.04
CA ARG E 870 -34.52 0.81 55.81
C ARG E 870 -34.18 1.84 54.74
N GLU E 871 -35.05 2.84 54.55
CA GLU E 871 -34.78 3.85 53.52
C GLU E 871 -33.61 4.75 53.92
N ALA E 872 -33.46 5.04 55.22
CA ALA E 872 -32.32 5.83 55.65
C ALA E 872 -31.02 5.05 55.48
N LEU E 873 -31.06 3.73 55.67
CA LEU E 873 -29.89 2.90 55.38
C LEU E 873 -29.60 2.86 53.89
N MET E 874 -30.65 2.85 53.06
CA MET E 874 -30.47 2.93 51.62
C MET E 874 -29.76 4.22 51.22
N LYS E 875 -30.21 5.34 51.80
CA LYS E 875 -29.57 6.63 51.53
C LYS E 875 -28.13 6.64 52.03
N PHE E 876 -27.88 6.04 53.20
CA PHE E 876 -26.52 5.96 53.72
C PHE E 876 -25.62 5.17 52.78
N SER E 877 -26.11 4.03 52.27
CA SER E 877 -25.31 3.24 51.33
C SER E 877 -25.04 4.01 50.05
N TYR E 878 -26.06 4.72 49.55
CA TYR E 878 -25.90 5.50 48.33
C TYR E 878 -24.86 6.60 48.50
N TYR E 879 -24.94 7.33 49.62
CA TYR E 879 -24.01 8.42 49.88
C TYR E 879 -22.62 7.91 50.24
N ALA E 880 -22.51 6.67 50.72
CA ALA E 880 -21.20 6.08 50.93
C ALA E 880 -20.57 5.67 49.61
N THR E 881 -21.37 5.11 48.70
CA THR E 881 -20.84 4.72 47.39
C THR E 881 -20.43 5.94 46.56
N ILE E 882 -21.22 7.02 46.61
CA ILE E 882 -20.84 8.23 45.90
C ILE E 882 -19.80 9.05 46.65
N GLY E 883 -19.39 8.60 47.84
CA GLY E 883 -18.35 9.26 48.59
C GLY E 883 -18.82 10.41 49.46
N ASN E 884 -20.11 10.74 49.44
CA ASN E 884 -20.65 11.83 50.25
C ASN E 884 -20.89 11.29 51.66
N MET E 885 -19.79 11.16 52.40
CA MET E 885 -19.86 10.57 53.74
C MET E 885 -20.61 11.46 54.72
N ASP E 886 -20.57 12.78 54.53
CA ASP E 886 -21.29 13.67 55.42
C ASP E 886 -22.79 13.45 55.33
N GLU E 887 -23.32 13.29 54.12
CA GLU E 887 -24.74 13.00 53.96
C GLU E 887 -25.08 11.61 54.51
N ALA E 888 -24.14 10.66 54.40
CA ALA E 888 -24.35 9.36 55.02
C ALA E 888 -24.46 9.48 56.53
N TYR E 889 -23.62 10.31 57.14
CA TYR E 889 -23.71 10.59 58.57
C TYR E 889 -25.04 11.23 58.90
N ARG E 890 -25.49 12.19 58.08
CA ARG E 890 -26.78 12.83 58.31
C ARG E 890 -27.93 11.83 58.23
N CYS E 891 -27.85 10.88 57.30
CA CYS E 891 -28.91 9.89 57.15
C CYS E 891 -28.93 8.90 58.31
N VAL E 892 -27.75 8.45 58.76
CA VAL E 892 -27.71 7.51 59.88
C VAL E 892 -27.93 8.18 61.22
N LYS E 893 -27.84 9.51 61.29
CA LYS E 893 -28.11 10.22 62.54
C LYS E 893 -29.54 10.01 63.01
N SER E 894 -30.48 9.84 62.08
CA SER E 894 -31.87 9.58 62.41
C SER E 894 -32.16 8.11 62.66
N ILE E 895 -31.17 7.23 62.53
CA ILE E 895 -31.34 5.80 62.71
C ILE E 895 -30.93 5.42 64.12
N LYS E 896 -31.82 4.73 64.83
CA LYS E 896 -31.51 4.21 66.16
C LYS E 896 -31.00 2.78 66.11
N ASN E 897 -30.95 2.16 64.94
CA ASN E 897 -30.43 0.81 64.81
C ASN E 897 -28.90 0.87 64.75
N PRO E 898 -28.19 0.15 65.63
CA PRO E 898 -26.71 0.18 65.60
C PRO E 898 -26.12 -0.45 64.36
N ALA E 899 -26.90 -1.17 63.56
CA ALA E 899 -26.39 -1.72 62.31
C ALA E 899 -25.96 -0.62 61.36
N ALA E 900 -26.72 0.46 61.28
CA ALA E 900 -26.29 1.61 60.51
C ALA E 900 -25.00 2.20 61.06
N TRP E 901 -24.82 2.15 62.38
CA TRP E 901 -23.60 2.70 62.98
C TRP E 901 -22.39 1.84 62.66
N GLN E 902 -22.54 0.51 62.66
CA GLN E 902 -21.41 -0.33 62.26
C GLN E 902 -21.14 -0.20 60.76
N GLY E 903 -22.17 0.00 59.96
CA GLY E 903 -21.94 0.29 58.55
C GLY E 903 -21.17 1.58 58.35
N LEU E 904 -21.51 2.62 59.11
CA LEU E 904 -20.77 3.88 59.03
C LEU E 904 -19.34 3.71 59.54
N ALA E 905 -19.15 2.87 60.56
CA ALA E 905 -17.80 2.61 61.05
C ALA E 905 -16.96 1.89 59.98
N ARG E 906 -17.56 0.92 59.28
CA ARG E 906 -16.86 0.27 58.17
C ARG E 906 -16.56 1.28 57.05
N LEU E 907 -17.49 2.18 56.79
CA LEU E 907 -17.25 3.24 55.81
C LEU E 907 -16.09 4.13 56.24
N CYS E 908 -16.00 4.43 57.54
CA CYS E 908 -14.89 5.21 58.05
C CYS E 908 -13.58 4.45 57.92
N VAL E 909 -13.62 3.14 58.09
CA VAL E 909 -12.43 2.30 57.84
C VAL E 909 -12.00 2.44 56.40
N THR E 910 -12.95 2.33 55.48
CA THR E 910 -12.65 2.38 54.05
C THR E 910 -12.44 3.79 53.53
N SER E 911 -12.65 4.82 54.35
CA SER E 911 -12.52 6.20 53.92
C SER E 911 -11.58 7.03 54.77
N GLY E 912 -10.96 6.44 55.81
CA GLY E 912 -10.05 7.18 56.65
C GLY E 912 -10.66 8.28 57.49
N ARG E 913 -11.80 8.00 58.12
CA ARG E 913 -12.44 8.94 59.03
C ARG E 913 -12.41 8.38 60.45
N LEU E 914 -12.10 9.24 61.41
CA LEU E 914 -11.83 8.80 62.78
C LEU E 914 -12.77 9.41 63.82
N ASP E 915 -12.98 10.73 63.79
CA ASP E 915 -13.83 11.35 64.80
C ASP E 915 -15.30 10.94 64.62
N VAL E 916 -15.73 10.69 63.39
CA VAL E 916 -17.06 10.11 63.18
C VAL E 916 -17.08 8.66 63.66
N ALA E 917 -15.98 7.93 63.45
CA ALA E 917 -15.90 6.55 63.89
C ALA E 917 -15.96 6.42 65.40
N ALA E 918 -15.50 7.44 66.13
CA ALA E 918 -15.66 7.44 67.57
C ALA E 918 -17.15 7.45 67.96
N VAL E 919 -17.94 8.27 67.27
CA VAL E 919 -19.39 8.27 67.48
C VAL E 919 -19.98 6.92 67.08
N CYS E 920 -19.46 6.34 66.00
CA CYS E 920 -19.95 5.03 65.56
C CYS E 920 -19.75 3.97 66.64
N LEU E 921 -18.56 3.95 67.24
CA LEU E 921 -18.29 2.98 68.29
C LEU E 921 -19.10 3.29 69.55
N ALA E 922 -19.26 4.57 69.88
CA ALA E 922 -19.99 4.95 71.08
C ALA E 922 -21.49 4.71 70.96
N THR E 923 -22.01 4.63 69.74
CA THR E 923 -23.45 4.40 69.57
C THR E 923 -23.82 2.93 69.70
N MET E 924 -22.90 2.03 69.41
CA MET E 924 -23.17 0.60 69.43
C MET E 924 -22.93 -0.04 70.79
N GLU E 925 -22.55 0.77 71.80
CA GLU E 925 -22.20 0.27 73.13
C GLU E 925 -21.07 -0.76 73.06
N ASP E 926 -19.99 -0.39 72.38
CA ASP E 926 -18.79 -1.20 72.28
C ASP E 926 -17.64 -0.36 72.82
N CYS E 927 -17.44 -0.41 74.15
CA CYS E 927 -16.39 0.39 74.77
C CYS E 927 -15.01 -0.18 74.53
N VAL E 928 -14.91 -1.47 74.18
CA VAL E 928 -13.60 -2.07 73.91
C VAL E 928 -12.95 -1.40 72.70
N ALA E 929 -13.68 -1.32 71.60
CA ALA E 929 -13.13 -0.68 70.40
C ALA E 929 -12.93 0.81 70.60
N ALA E 930 -13.80 1.46 71.38
CA ALA E 930 -13.65 2.88 71.64
C ALA E 930 -12.37 3.18 72.40
N ARG E 931 -12.12 2.42 73.47
CA ARG E 931 -10.88 2.64 74.23
C ARG E 931 -9.65 2.21 73.44
N ALA E 932 -9.79 1.19 72.58
CA ALA E 932 -8.68 0.80 71.71
C ALA E 932 -8.33 1.93 70.75
N LEU E 933 -9.34 2.56 70.14
CA LEU E 933 -9.09 3.67 69.23
C LEU E 933 -8.51 4.86 69.98
N ARG E 934 -9.01 5.15 71.18
CA ARG E 934 -8.47 6.26 71.97
C ARG E 934 -7.01 6.05 72.31
N GLU E 935 -6.66 4.83 72.73
CA GLU E 935 -5.26 4.54 73.03
C GLU E 935 -4.39 4.54 71.77
N ALA E 936 -4.95 4.12 70.63
CA ALA E 936 -4.21 4.20 69.38
C ALA E 936 -3.92 5.65 69.01
N LYS E 937 -4.90 6.54 69.19
CA LYS E 937 -4.68 7.96 68.93
C LYS E 937 -3.65 8.53 69.88
N GLU E 938 -3.70 8.15 71.16
CA GLU E 938 -2.74 8.67 72.13
C GLU E 938 -1.33 8.19 71.83
N ASP E 939 -1.17 6.91 71.49
CA ASP E 939 0.16 6.35 71.27
C ASP E 939 0.75 6.75 69.93
N TYR E 940 -0.07 6.92 68.90
CA TYR E 940 0.38 7.23 67.55
C TYR E 940 -0.35 8.48 67.05
N PRO E 941 0.05 9.66 67.51
CA PRO E 941 -0.63 10.90 67.09
C PRO E 941 -0.31 11.33 65.66
N ASP E 942 0.71 10.74 65.04
CA ASP E 942 1.15 11.15 63.71
C ASP E 942 0.89 10.09 62.65
N ASP E 943 0.18 9.03 62.99
CA ASP E 943 -0.09 7.94 62.05
C ASP E 943 -1.58 7.59 62.14
N GLN E 944 -2.30 7.83 61.05
CA GLN E 944 -3.71 7.46 60.98
C GLN E 944 -3.92 6.04 60.49
N ASP E 945 -2.90 5.43 59.86
CA ASP E 945 -3.04 4.08 59.36
C ASP E 945 -3.17 3.06 60.48
N VAL E 946 -2.38 3.22 61.55
CA VAL E 946 -2.46 2.29 62.67
C VAL E 946 -3.80 2.43 63.38
N GLN E 947 -4.31 3.66 63.50
CA GLN E 947 -5.62 3.86 64.10
C GLN E 947 -6.73 3.24 63.26
N LEU E 948 -6.62 3.38 61.93
CA LEU E 948 -7.59 2.73 61.04
C LEU E 948 -7.51 1.22 61.17
N ALA E 949 -6.31 0.65 61.28
CA ALA E 949 -6.16 -0.78 61.46
C ALA E 949 -6.76 -1.24 62.78
N THR E 950 -6.56 -0.46 63.84
CA THR E 950 -7.16 -0.78 65.13
C THR E 950 -8.68 -0.77 65.05
N LEU E 951 -9.25 0.23 64.39
CA LEU E 951 -10.70 0.28 64.23
C LEU E 951 -11.21 -0.90 63.42
N ALA E 952 -10.51 -1.25 62.33
CA ALA E 952 -10.92 -2.38 61.51
C ALA E 952 -10.85 -3.69 62.30
N LEU E 953 -9.80 -3.85 63.11
CA LEU E 953 -9.70 -5.03 63.97
C LEU E 953 -10.84 -5.08 64.97
N GLY E 954 -11.22 -3.93 65.54
CA GLY E 954 -12.36 -3.88 66.42
C GLY E 954 -13.67 -4.21 65.72
N LEU E 955 -13.76 -3.88 64.42
CA LEU E 955 -14.95 -4.16 63.64
C LEU E 955 -14.93 -5.56 63.01
N SER E 956 -14.13 -6.48 63.56
CA SER E 956 -14.02 -7.85 63.06
C SER E 956 -13.60 -7.89 61.59
N MET E 957 -12.69 -7.00 61.22
CA MET E 957 -12.12 -6.96 59.88
C MET E 957 -10.63 -7.27 60.04
N THR E 958 -10.29 -8.56 59.94
CA THR E 958 -8.93 -9.01 60.23
C THR E 958 -8.02 -8.88 59.01
N GLU E 959 -8.49 -9.36 57.85
CA GLU E 959 -7.67 -9.33 56.64
C GLU E 959 -7.38 -7.89 56.21
N GLU E 960 -8.38 -7.02 56.29
CA GLU E 960 -8.17 -5.61 55.98
C GLU E 960 -7.16 -5.00 56.94
N ALA E 961 -7.24 -5.35 58.22
CA ALA E 961 -6.30 -4.81 59.20
C ALA E 961 -4.87 -5.28 58.94
N VAL E 962 -4.69 -6.56 58.61
CA VAL E 962 -3.33 -7.05 58.37
C VAL E 962 -2.77 -6.48 57.08
N GLU E 963 -3.61 -6.30 56.06
CA GLU E 963 -3.14 -5.64 54.84
C GLU E 963 -2.75 -4.19 55.13
N LEU E 964 -3.55 -3.50 55.95
CA LEU E 964 -3.24 -2.11 56.29
C LEU E 964 -1.94 -2.01 57.08
N LEU E 965 -1.71 -2.95 58.01
CA LEU E 965 -0.48 -2.91 58.80
C LEU E 965 0.73 -3.32 57.97
N ARG E 966 0.55 -4.16 56.95
CA ARG E 966 1.61 -4.35 55.97
C ARG E 966 1.90 -3.07 55.22
N LYS E 967 0.86 -2.33 54.85
CA LYS E 967 1.06 -1.04 54.19
C LYS E 967 1.71 -0.03 55.12
N SER E 968 1.37 -0.06 56.40
CA SER E 968 1.77 0.98 57.34
C SER E 968 3.11 0.69 58.01
N LYS E 969 3.88 -0.29 57.53
CA LYS E 969 5.22 -0.64 57.98
C LYS E 969 5.23 -1.29 59.37
N ARG E 970 4.13 -1.24 60.12
CA ARG E 970 4.13 -1.67 61.51
C ARG E 970 4.10 -3.20 61.54
N TYR E 971 5.29 -3.80 61.56
CA TYR E 971 5.41 -5.25 61.60
C TYR E 971 5.27 -5.80 63.01
N ASP E 972 5.67 -5.03 64.03
CA ASP E 972 5.52 -5.49 65.40
C ASP E 972 4.06 -5.61 65.80
N LEU E 973 3.26 -4.59 65.47
CA LEU E 973 1.84 -4.66 65.73
C LEU E 973 1.17 -5.75 64.89
N LEU E 974 1.69 -5.98 63.68
CA LEU E 974 1.17 -7.07 62.86
C LEU E 974 1.45 -8.42 63.50
N THR E 975 2.64 -8.60 64.09
CA THR E 975 2.95 -9.83 64.80
C THR E 975 2.05 -9.99 66.03
N ASP E 976 1.80 -8.89 66.73
CA ASP E 976 0.90 -8.95 67.89
C ASP E 976 -0.50 -9.35 67.47
N VAL E 977 -0.99 -8.82 66.34
CA VAL E 977 -2.31 -9.19 65.84
C VAL E 977 -2.32 -10.65 65.42
N TYR E 978 -1.26 -11.11 64.76
CA TYR E 978 -1.19 -12.51 64.34
C TYR E 978 -1.20 -13.44 65.54
N MET E 979 -0.52 -13.07 66.62
CA MET E 979 -0.61 -13.85 67.85
C MET E 979 -2.00 -13.78 68.45
N ALA E 980 -2.63 -12.61 68.42
CA ALA E 980 -3.91 -12.41 69.09
C ALA E 980 -5.06 -13.15 68.40
N CYS E 981 -4.88 -13.55 67.14
CA CYS E 981 -5.92 -14.31 66.44
C CYS E 981 -5.69 -15.82 66.54
N GLY E 982 -4.79 -16.26 67.42
CA GLY E 982 -4.55 -17.67 67.62
C GLY E 982 -3.76 -18.35 66.53
N LYS E 983 -3.03 -17.60 65.71
CA LYS E 983 -2.20 -18.14 64.65
C LYS E 983 -0.74 -17.87 65.01
N PHE E 984 -0.15 -18.78 65.78
CA PHE E 984 1.26 -18.64 66.15
C PHE E 984 2.19 -19.00 65.01
N GLU E 985 1.75 -19.87 64.09
CA GLU E 985 2.59 -20.20 62.94
C GLU E 985 2.81 -18.99 62.04
N HIS E 986 1.75 -18.21 61.79
CA HIS E 986 1.89 -16.99 61.01
C HIS E 986 2.78 -15.98 61.71
N ALA E 987 2.66 -15.88 63.04
CA ALA E 987 3.54 -14.98 63.79
C ALA E 987 4.98 -15.41 63.69
N GLN E 988 5.24 -16.73 63.78
CA GLN E 988 6.60 -17.23 63.63
C GLN E 988 7.17 -16.94 62.25
N ARG E 989 6.36 -17.18 61.20
CA ARG E 989 6.82 -16.91 59.84
C ARG E 989 7.09 -15.43 59.63
N HIS E 990 6.21 -14.56 60.13
CA HIS E 990 6.40 -13.12 59.97
C HIS E 990 7.61 -12.63 60.75
N SER E 991 7.86 -13.19 61.93
CA SER E 991 9.03 -12.82 62.70
C SER E 991 10.31 -13.27 62.02
N GLU E 992 10.34 -14.50 61.51
CA GLU E 992 11.55 -15.00 60.87
C GLU E 992 11.76 -14.45 59.47
N ARG E 993 10.74 -13.83 58.86
CA ARG E 993 10.84 -13.33 57.50
C ARG E 993 11.04 -11.82 57.43
N PHE E 994 10.23 -11.05 58.15
CA PHE E 994 10.21 -9.59 58.02
C PHE E 994 10.92 -8.89 59.18
N ASP E 995 10.48 -9.15 60.40
CA ASP E 995 11.00 -8.46 61.59
C ASP E 995 11.63 -9.52 62.50
N ARG E 996 12.93 -9.73 62.34
CA ARG E 996 13.64 -10.74 63.13
C ARG E 996 14.11 -10.16 64.47
N ALA E 997 13.22 -9.49 65.18
CA ALA E 997 13.52 -8.95 66.50
C ALA E 997 12.43 -9.21 67.51
N ARG E 998 11.27 -9.71 67.08
CA ARG E 998 10.17 -10.06 67.97
C ARG E 998 9.88 -11.56 67.90
N ILE E 999 10.93 -12.37 67.86
CA ILE E 999 10.75 -13.81 67.94
C ILE E 999 10.84 -14.30 69.39
N ARG E 1000 11.62 -13.63 70.22
CA ARG E 1000 11.57 -13.89 71.65
C ARG E 1000 10.20 -13.61 72.27
N PRO E 1001 9.51 -12.49 71.96
CA PRO E 1001 8.12 -12.37 72.44
C PRO E 1001 7.20 -13.45 71.92
N VAL E 1002 7.39 -13.94 70.69
CA VAL E 1002 6.55 -15.03 70.19
C VAL E 1002 6.78 -16.29 71.02
N ALA E 1003 8.04 -16.62 71.29
CA ALA E 1003 8.35 -17.78 72.12
C ALA E 1003 7.81 -17.62 73.53
N TYR E 1004 7.95 -16.42 74.11
CA TYR E 1004 7.47 -16.18 75.47
C TYR E 1004 5.95 -16.26 75.55
N LYS E 1005 5.26 -15.73 74.54
CA LYS E 1005 3.81 -15.80 74.52
C LYS E 1005 3.33 -17.23 74.34
N TYR E 1006 4.03 -18.02 73.52
CA TYR E 1006 3.68 -19.43 73.42
C TYR E 1006 3.92 -20.17 74.73
N ALA E 1007 5.00 -19.81 75.43
CA ALA E 1007 5.26 -20.41 76.74
C ALA E 1007 4.17 -20.06 77.74
N GLN E 1008 3.73 -18.80 77.76
CA GLN E 1008 2.63 -18.40 78.64
C GLN E 1008 1.34 -19.10 78.25
N PHE E 1009 1.12 -19.27 76.94
CA PHE E 1009 -0.07 -19.99 76.47
C PHE E 1009 -0.08 -21.42 76.98
N MET E 1010 1.06 -22.10 76.91
CA MET E 1010 1.13 -23.48 77.42
C MET E 1010 1.05 -23.52 78.93
N GLU E 1011 1.60 -22.50 79.62
CA GLU E 1011 1.50 -22.45 81.08
C GLU E 1011 0.06 -22.29 81.53
N SER E 1012 -0.71 -21.44 80.84
CA SER E 1012 -2.13 -21.34 81.12
C SER E 1012 -2.88 -22.60 80.72
N LEU E 1013 -2.46 -23.25 79.63
CA LEU E 1013 -3.02 -24.54 79.23
C LEU E 1013 -2.55 -25.68 80.14
N GLN E 1014 -1.56 -25.43 81.00
CA GLN E 1014 -1.00 -26.41 81.93
C GLN E 1014 -0.40 -27.61 81.19
N ASN E 1015 0.12 -27.38 79.99
CA ASN E 1015 0.94 -28.36 79.28
C ASN E 1015 2.40 -27.97 79.50
N MET E 1016 2.90 -28.26 80.70
CA MET E 1016 4.22 -27.81 81.10
C MET E 1016 5.35 -28.45 80.28
N ASP E 1017 5.09 -29.61 79.67
CA ASP E 1017 6.13 -30.27 78.89
C ASP E 1017 6.60 -29.40 77.73
N ALA E 1018 5.68 -28.68 77.10
CA ALA E 1018 6.05 -27.71 76.08
C ALA E 1018 6.31 -26.33 76.65
N ALA E 1019 5.69 -26.00 77.79
CA ALA E 1019 5.91 -24.69 78.39
C ALA E 1019 7.36 -24.50 78.80
N ILE E 1020 7.98 -25.54 79.37
CA ILE E 1020 9.37 -25.41 79.80
C ILE E 1020 10.29 -25.24 78.59
N MET E 1021 10.09 -26.03 77.54
CA MET E 1021 10.97 -25.94 76.38
C MET E 1021 10.76 -24.63 75.62
N TRP E 1022 9.56 -24.06 75.66
CA TRP E 1022 9.36 -22.77 75.01
C TRP E 1022 9.81 -21.60 75.87
N TYR E 1023 9.85 -21.76 77.19
CA TYR E 1023 10.52 -20.77 78.02
C TYR E 1023 12.03 -20.83 77.82
N TYR E 1024 12.57 -22.01 77.57
CA TYR E 1024 14.00 -22.10 77.24
C TYR E 1024 14.29 -21.46 75.89
N ASN E 1025 13.41 -21.68 74.90
CA ASN E 1025 13.62 -21.14 73.56
C ASN E 1025 13.53 -19.63 73.52
N ALA E 1026 12.92 -19.01 74.53
CA ALA E 1026 12.81 -17.56 74.61
C ALA E 1026 14.02 -16.92 75.28
N LYS E 1027 15.06 -17.71 75.57
CA LYS E 1027 16.28 -17.24 76.21
C LYS E 1027 16.01 -16.61 77.58
N CYS E 1028 14.98 -17.10 78.26
CA CYS E 1028 14.62 -16.65 79.60
C CYS E 1028 14.64 -17.83 80.57
N ALA E 1029 15.65 -18.68 80.46
CA ALA E 1029 15.77 -19.85 81.31
C ALA E 1029 16.40 -19.54 82.66
N SER E 1030 16.77 -18.29 82.92
CA SER E 1030 17.32 -17.91 84.21
C SER E 1030 16.26 -17.39 85.18
N THR E 1031 15.02 -17.19 84.73
CA THR E 1031 13.99 -16.64 85.59
C THR E 1031 12.69 -17.43 85.54
N ASP E 1032 12.40 -18.07 84.41
CA ASP E 1032 11.07 -18.63 84.16
C ASP E 1032 11.01 -20.15 84.29
N VAL E 1033 11.92 -20.88 83.66
CA VAL E 1033 12.00 -22.33 83.87
C VAL E 1033 12.25 -22.67 85.34
N PRO E 1034 13.17 -22.02 86.05
CA PRO E 1034 13.22 -22.23 87.50
C PRO E 1034 11.93 -21.86 88.20
N ARG E 1035 11.25 -20.81 87.76
CA ARG E 1035 9.95 -20.46 88.35
C ARG E 1035 8.92 -21.53 88.07
N ILE E 1036 8.89 -22.07 86.85
CA ILE E 1036 7.90 -23.08 86.51
C ILE E 1036 8.23 -24.42 87.17
N PHE E 1037 9.46 -24.60 87.64
CA PHE E 1037 9.77 -25.78 88.45
C PHE E 1037 9.43 -25.57 89.92
N PHE E 1038 9.72 -24.37 90.44
CA PHE E 1038 9.49 -24.11 91.86
C PHE E 1038 8.01 -24.00 92.17
N GLN E 1039 7.22 -23.42 91.26
CA GLN E 1039 5.79 -23.24 91.53
C GLN E 1039 5.04 -24.55 91.44
N THR E 1040 5.46 -25.47 90.58
CA THR E 1040 4.81 -26.76 90.44
C THR E 1040 5.37 -27.81 91.39
N ASN E 1041 6.24 -27.40 92.33
CA ASN E 1041 6.87 -28.28 93.32
C ASN E 1041 7.67 -29.40 92.69
N ARG E 1042 8.12 -29.21 91.44
CA ARG E 1042 8.96 -30.19 90.76
C ARG E 1042 10.44 -29.88 90.98
N MET E 1043 10.82 -29.68 92.24
CA MET E 1043 12.19 -29.30 92.57
C MET E 1043 13.15 -30.48 92.48
N HIS E 1044 12.67 -31.70 92.76
CA HIS E 1044 13.53 -32.87 92.69
C HIS E 1044 14.01 -33.13 91.27
N GLU E 1045 13.14 -32.95 90.28
CA GLU E 1045 13.56 -33.12 88.89
C GLU E 1045 14.59 -32.07 88.50
N LEU E 1046 14.44 -30.84 88.98
CA LEU E 1046 15.44 -29.82 88.71
C LEU E 1046 16.78 -30.16 89.37
N ARG E 1047 16.72 -30.71 90.59
CA ARG E 1047 17.95 -31.14 91.25
C ARG E 1047 18.65 -32.25 90.46
N GLN E 1048 17.88 -33.23 89.99
CA GLN E 1048 18.46 -34.31 89.20
C GLN E 1048 19.02 -33.78 87.87
N LEU E 1049 18.33 -32.81 87.27
CA LEU E 1049 18.81 -32.21 86.03
C LEU E 1049 20.12 -31.45 86.24
N MET E 1050 20.21 -30.69 87.33
CA MET E 1050 21.35 -29.82 87.57
C MET E 1050 22.47 -30.50 88.35
N MET E 1051 22.30 -31.77 88.73
CA MET E 1051 23.33 -32.44 89.52
C MET E 1051 24.66 -32.51 88.78
N ILE E 1052 24.63 -32.67 87.46
CA ILE E 1052 25.87 -32.69 86.67
C ILE E 1052 26.43 -31.28 86.57
N THR E 1078 14.71 -35.41 77.12
CA THR E 1078 15.03 -34.22 76.31
C THR E 1078 15.62 -33.13 77.18
N PHE E 1079 15.18 -33.06 78.44
CA PHE E 1079 15.67 -32.04 79.35
C PHE E 1079 17.15 -32.26 79.68
N ALA E 1080 17.57 -33.51 79.85
CA ALA E 1080 18.95 -33.80 80.21
C ALA E 1080 19.92 -33.50 79.09
N THR E 1081 19.45 -33.42 77.86
CA THR E 1081 20.32 -33.13 76.72
C THR E 1081 20.70 -31.66 76.62
N ILE E 1082 19.91 -30.76 77.23
CA ILE E 1082 20.09 -29.32 77.04
C ILE E 1082 20.33 -28.61 78.36
N PHE E 1083 19.50 -28.89 79.37
CA PHE E 1083 19.52 -28.12 80.61
C PHE E 1083 20.85 -28.18 81.37
N PRO E 1084 21.48 -29.34 81.60
CA PRO E 1084 22.66 -29.36 82.50
C PRO E 1084 23.82 -28.50 82.04
N GLN E 1085 23.98 -28.26 80.74
CA GLN E 1085 25.11 -27.50 80.24
C GLN E 1085 24.78 -26.02 80.03
N ASN E 1086 23.58 -25.58 80.34
CA ASN E 1086 23.21 -24.18 80.17
C ASN E 1086 23.84 -23.34 81.28
N ARG E 1087 24.53 -22.26 80.88
CA ARG E 1087 25.25 -21.45 81.86
C ARG E 1087 24.30 -20.73 82.80
N GLU E 1088 23.20 -20.19 82.27
CA GLU E 1088 22.27 -19.43 83.11
C GLU E 1088 21.61 -20.31 84.16
N LEU E 1089 21.25 -21.55 83.78
CA LEU E 1089 20.69 -22.48 84.75
C LEU E 1089 21.71 -22.83 85.84
N LEU E 1090 22.97 -23.00 85.46
CA LEU E 1090 24.00 -23.27 86.45
C LEU E 1090 24.18 -22.10 87.41
N LEU E 1091 24.17 -20.87 86.89
CA LEU E 1091 24.29 -19.71 87.77
C LEU E 1091 23.08 -19.58 88.68
N TRP E 1092 21.88 -19.86 88.15
CA TRP E 1092 20.68 -19.83 88.99
C TRP E 1092 20.78 -20.86 90.11
N TRP E 1093 21.23 -22.07 89.78
CA TRP E 1093 21.35 -23.09 90.82
C TRP E 1093 22.42 -22.74 91.83
N ALA E 1094 23.49 -22.06 91.40
CA ALA E 1094 24.49 -21.59 92.34
C ALA E 1094 23.91 -20.57 93.31
N GLN E 1095 23.13 -19.63 92.79
CA GLN E 1095 22.47 -18.65 93.66
C GLN E 1095 21.49 -19.32 94.61
N HIS E 1096 20.72 -20.29 94.10
CA HIS E 1096 19.75 -21.00 94.92
C HIS E 1096 20.43 -21.79 96.04
N SER E 1097 21.55 -22.44 95.73
CA SER E 1097 22.29 -23.16 96.75
C SER E 1097 22.94 -22.21 97.74
N GLU E 1098 23.34 -21.02 97.29
CA GLU E 1098 23.84 -20.01 98.21
C GLU E 1098 22.74 -19.54 99.15
N ARG E 1099 21.48 -19.54 98.69
CA ARG E 1099 20.36 -19.27 99.58
C ARG E 1099 20.26 -20.34 100.67
N ARG E 1100 20.43 -21.60 100.30
CA ARG E 1100 20.34 -22.72 101.23
C ARG E 1100 21.57 -22.85 102.12
N HIS E 1101 22.46 -21.85 102.12
CA HIS E 1101 23.71 -21.86 102.88
C HIS E 1101 24.64 -23.00 102.46
N ASN E 1102 24.41 -23.58 101.29
CA ASN E 1102 25.29 -24.62 100.74
C ASN E 1102 26.39 -23.91 99.96
N VAL E 1103 27.36 -23.37 100.70
CA VAL E 1103 28.37 -22.49 100.13
C VAL E 1103 29.25 -23.23 99.14
N GLN E 1104 29.68 -24.45 99.49
CA GLN E 1104 30.60 -25.18 98.62
C GLN E 1104 29.95 -25.57 97.31
N GLU E 1105 28.68 -26.00 97.35
CA GLU E 1105 27.97 -26.31 96.11
C GLU E 1105 27.78 -25.07 95.25
N ALA E 1106 27.52 -23.93 95.91
CA ALA E 1106 27.41 -22.67 95.17
C ALA E 1106 28.73 -22.32 94.50
N LEU E 1107 29.85 -22.51 95.19
CA LEU E 1107 31.16 -22.27 94.58
C LEU E 1107 31.41 -23.18 93.40
N ARG E 1108 31.05 -24.46 93.55
CA ARG E 1108 31.23 -25.41 92.45
C ARG E 1108 30.41 -25.02 91.23
N PHE E 1109 29.16 -24.61 91.44
CA PHE E 1109 28.31 -24.24 90.31
C PHE E 1109 28.73 -22.91 89.70
N TYR E 1110 29.23 -21.98 90.52
CA TYR E 1110 29.78 -20.74 89.96
C TYR E 1110 31.01 -21.00 89.11
N ASN E 1111 31.87 -21.92 89.55
CA ASN E 1111 33.02 -22.31 88.74
C ASN E 1111 32.58 -22.99 87.46
N ALA E 1112 31.54 -23.82 87.52
CA ALA E 1112 31.02 -24.45 86.31
C ALA E 1112 30.35 -23.45 85.38
N GLY E 1113 29.86 -22.33 85.93
CA GLY E 1113 29.20 -21.33 85.12
C GLY E 1113 30.08 -20.16 84.74
N GLU E 1114 31.30 -20.13 85.30
CA GLU E 1114 32.30 -19.09 85.00
C GLU E 1114 31.78 -17.69 85.32
N ASP E 1115 31.51 -17.47 86.61
CA ASP E 1115 31.07 -16.17 87.12
C ASP E 1115 32.15 -15.72 88.10
N VAL E 1116 33.12 -14.94 87.61
CA VAL E 1116 34.30 -14.60 88.40
C VAL E 1116 33.92 -13.75 89.60
N TYR E 1117 32.94 -12.85 89.43
CA TYR E 1117 32.54 -11.96 90.51
C TYR E 1117 32.04 -12.74 91.72
N ASN E 1118 31.11 -13.67 91.50
CA ASN E 1118 30.56 -14.45 92.60
C ASN E 1118 31.60 -15.36 93.23
N ILE E 1119 32.47 -15.96 92.41
CA ILE E 1119 33.52 -16.83 92.94
C ILE E 1119 34.45 -16.05 93.85
N VAL E 1120 34.88 -14.86 93.40
CA VAL E 1120 35.77 -14.05 94.22
C VAL E 1120 35.06 -13.60 95.49
N ARG E 1121 33.79 -13.23 95.39
CA ARG E 1121 33.03 -12.82 96.57
C ARG E 1121 32.98 -13.94 97.60
N ILE E 1122 32.63 -15.16 97.16
CA ILE E 1122 32.51 -16.28 98.10
C ILE E 1122 33.87 -16.64 98.69
N LEU E 1123 34.91 -16.69 97.85
CA LEU E 1123 36.23 -17.08 98.33
C LEU E 1123 36.77 -16.06 99.33
N CYS E 1124 36.54 -14.77 99.10
CA CYS E 1124 36.97 -13.76 100.05
C CYS E 1124 36.09 -13.69 101.28
N SER E 1125 34.85 -14.18 101.20
CA SER E 1125 33.96 -14.16 102.36
C SER E 1125 34.07 -15.40 103.24
N LEU E 1126 34.82 -16.41 102.81
CA LEU E 1126 34.92 -17.65 103.57
C LEU E 1126 35.86 -17.47 104.76
N THR E 1127 35.74 -18.40 105.71
CA THR E 1127 36.61 -18.45 106.89
C THR E 1127 37.34 -19.78 106.91
N PRO E 1128 38.64 -19.83 106.61
CA PRO E 1128 39.53 -18.73 106.24
C PRO E 1128 39.33 -18.27 104.79
N PRO E 1129 39.65 -17.03 104.47
CA PRO E 1129 39.47 -16.53 103.09
C PRO E 1129 40.45 -17.20 102.14
N LYS E 1130 39.91 -17.86 101.12
CA LYS E 1130 40.72 -18.52 100.09
C LYS E 1130 41.27 -17.42 99.17
N LEU E 1131 42.27 -16.71 99.68
CA LEU E 1131 42.77 -15.51 99.01
C LEU E 1131 43.60 -15.83 97.78
N ASP E 1132 44.26 -17.00 97.75
CA ASP E 1132 45.17 -17.32 96.66
C ASP E 1132 44.42 -17.52 95.35
N SER E 1133 43.37 -18.33 95.36
CA SER E 1133 42.60 -18.57 94.15
C SER E 1133 41.87 -17.31 93.70
N ALA E 1134 41.40 -16.51 94.65
CA ALA E 1134 40.78 -15.23 94.31
C ALA E 1134 41.77 -14.31 93.63
N LEU E 1135 43.01 -14.25 94.13
CA LEU E 1135 44.04 -13.43 93.48
C LEU E 1135 44.38 -13.97 92.10
N GLN E 1136 44.40 -15.29 91.94
CA GLN E 1136 44.65 -15.88 90.63
C GLN E 1136 43.58 -15.48 89.63
N LEU E 1137 42.31 -15.57 90.02
CA LEU E 1137 41.22 -15.18 89.13
C LEU E 1137 41.25 -13.68 88.84
N VAL E 1138 41.54 -12.86 89.85
CA VAL E 1138 41.61 -11.42 89.65
C VAL E 1138 42.71 -11.05 88.66
N ASN E 1139 43.88 -11.68 88.80
CA ASN E 1139 44.98 -11.41 87.89
C ASN E 1139 44.68 -11.93 86.48
N LYS E 1140 43.97 -13.05 86.37
CA LYS E 1140 43.55 -13.54 85.06
C LYS E 1140 42.62 -12.54 84.37
N GLU E 1141 41.67 -11.98 85.12
CA GLU E 1141 40.77 -10.99 84.53
C GLU E 1141 41.51 -9.70 84.19
N MET E 1142 42.49 -9.31 85.02
CA MET E 1142 43.33 -8.17 84.67
C MET E 1142 44.09 -8.41 83.38
N ASP E 1143 44.61 -9.63 83.20
CA ASP E 1143 45.31 -9.95 81.97
C ASP E 1143 44.37 -9.91 80.77
N LYS E 1144 43.13 -10.37 80.94
CA LYS E 1144 42.17 -10.28 79.84
C LYS E 1144 41.86 -8.82 79.49
N ALA E 1145 41.68 -7.97 80.51
CA ALA E 1145 41.45 -6.55 80.26
C ALA E 1145 42.62 -5.90 79.57
N LYS E 1146 43.84 -6.26 79.98
CA LYS E 1146 45.02 -5.73 79.33
C LYS E 1146 45.15 -6.26 77.90
N MET E 1147 44.73 -7.49 77.65
CA MET E 1147 44.68 -7.99 76.28
C MET E 1147 43.75 -7.15 75.42
N ARG E 1148 42.57 -6.81 75.97
CA ARG E 1148 41.64 -5.96 75.23
C ARG E 1148 42.24 -4.59 74.95
N PHE E 1149 42.87 -3.99 75.96
CA PHE E 1149 43.46 -2.66 75.76
C PHE E 1149 44.63 -2.69 74.79
N GLN E 1150 45.43 -3.75 74.84
CA GLN E 1150 46.55 -3.87 73.91
C GLN E 1150 46.07 -4.09 72.48
N GLN E 1151 44.99 -4.86 72.31
CA GLN E 1151 44.40 -5.00 70.97
C GLN E 1151 43.87 -3.66 70.46
N GLN E 1152 43.23 -2.89 71.35
CA GLN E 1152 42.75 -1.57 70.98
C GLN E 1152 43.90 -0.65 70.56
N GLN E 1153 45.01 -0.68 71.30
CA GLN E 1153 46.15 0.18 70.99
C GLN E 1153 46.86 -0.28 69.72
N ALA E 1154 46.98 -1.60 69.51
CA ALA E 1154 47.62 -2.11 68.31
C ALA E 1154 46.78 -1.82 67.08
N PHE E 1155 45.46 -1.78 67.21
CA PHE E 1155 44.63 -1.33 66.10
C PHE E 1155 44.88 0.14 65.79
N ALA E 1156 45.26 0.92 66.78
CA ALA E 1156 45.58 2.33 66.58
C ALA E 1156 46.98 2.49 66.00
N GLU E 1170 44.83 2.70 80.50
CA GLU E 1170 43.68 2.53 81.37
C GLU E 1170 42.72 1.48 80.82
N PRO E 1171 42.99 0.21 81.10
CA PRO E 1171 42.12 -0.86 80.59
C PRO E 1171 40.78 -0.93 81.32
N ASP E 1172 39.97 -1.92 80.98
CA ASP E 1172 38.70 -2.11 81.65
C ASP E 1172 38.93 -2.56 83.09
N PRO E 1173 38.35 -1.89 84.08
CA PRO E 1173 38.52 -2.33 85.47
C PRO E 1173 37.84 -3.67 85.72
N VAL E 1174 38.38 -4.40 86.69
CA VAL E 1174 37.85 -5.70 87.08
C VAL E 1174 37.16 -5.55 88.43
N GLY E 1175 35.84 -5.72 88.42
CA GLY E 1175 35.06 -5.42 89.63
C GLY E 1175 35.35 -6.37 90.77
N SER E 1176 35.59 -7.64 90.47
CA SER E 1176 35.78 -8.64 91.53
C SER E 1176 36.99 -8.32 92.39
N ALA E 1177 38.00 -7.65 91.83
CA ALA E 1177 39.18 -7.24 92.59
C ALA E 1177 38.80 -6.40 93.80
N TYR E 1178 37.67 -5.68 93.71
CA TYR E 1178 37.16 -4.89 94.83
C TYR E 1178 37.11 -5.73 96.10
N PHE E 1179 36.55 -6.95 95.99
CA PHE E 1179 36.44 -7.82 97.16
C PHE E 1179 37.80 -8.05 97.80
N VAL E 1180 38.81 -8.33 96.98
CA VAL E 1180 40.15 -8.58 97.49
C VAL E 1180 40.63 -7.39 98.30
N ALA E 1181 40.40 -6.17 97.78
CA ALA E 1181 40.85 -4.98 98.49
C ALA E 1181 40.18 -4.89 99.85
N GLN E 1182 38.90 -5.27 99.92
CA GLN E 1182 38.20 -5.26 101.20
C GLN E 1182 38.91 -6.12 102.22
N LEU E 1183 39.39 -7.31 101.80
CA LEU E 1183 40.15 -8.16 102.70
C LEU E 1183 41.39 -7.43 103.21
N TYR E 1184 42.12 -6.79 102.30
CA TYR E 1184 43.27 -6.03 102.73
C TYR E 1184 42.86 -4.83 103.57
N GLU E 1185 41.68 -4.27 103.30
CA GLU E 1185 41.17 -3.19 104.12
C GLU E 1185 40.86 -3.65 105.54
N ARG E 1186 40.65 -4.95 105.74
CA ARG E 1186 40.49 -5.52 107.06
C ARG E 1186 41.78 -6.11 107.63
N GLN E 1187 42.89 -5.99 106.90
CA GLN E 1187 44.16 -6.53 107.36
C GLN E 1187 45.26 -5.48 107.45
N GLY E 1188 44.96 -4.21 107.21
CA GLY E 1188 45.96 -3.17 107.28
C GLY E 1188 46.84 -3.05 106.06
N ASP E 1189 46.66 -3.90 105.04
CA ASP E 1189 47.44 -3.84 103.82
C ASP E 1189 46.92 -2.67 102.98
N ASP E 1190 47.31 -1.46 103.41
CA ASP E 1190 46.77 -0.25 102.81
C ASP E 1190 47.18 -0.11 101.35
N GLN E 1191 48.46 -0.36 101.04
CA GLN E 1191 48.94 -0.21 99.67
C GLN E 1191 48.28 -1.21 98.73
N LEU E 1192 48.20 -2.48 99.15
CA LEU E 1192 47.54 -3.48 98.32
C LEU E 1192 46.06 -3.18 98.15
N ALA E 1193 45.40 -2.73 99.22
CA ALA E 1193 43.99 -2.38 99.12
C ALA E 1193 43.77 -1.23 98.16
N LEU E 1194 44.63 -0.20 98.21
CA LEU E 1194 44.52 0.92 97.29
C LEU E 1194 44.78 0.47 95.86
N GLN E 1195 45.78 -0.39 95.65
CA GLN E 1195 46.09 -0.88 94.31
C GLN E 1195 44.92 -1.65 93.72
N TYR E 1196 44.32 -2.55 94.51
CA TYR E 1196 43.21 -3.34 93.98
C TYR E 1196 41.92 -2.53 93.88
N TYR E 1197 41.75 -1.50 94.70
CA TYR E 1197 40.64 -0.58 94.52
C TYR E 1197 40.77 0.16 93.19
N GLN E 1198 41.98 0.67 92.91
CA GLN E 1198 42.19 1.42 91.67
C GLN E 1198 42.07 0.51 90.46
N ALA E 1199 42.54 -0.73 90.56
CA ALA E 1199 42.36 -1.68 89.47
C ALA E 1199 40.90 -2.07 89.31
N ALA E 1200 40.14 -2.09 90.41
CA ALA E 1200 38.73 -2.45 90.35
C ALA E 1200 37.87 -1.30 89.86
N GLY E 1201 38.33 -0.07 90.00
CA GLY E 1201 37.52 1.08 89.67
C GLY E 1201 36.76 1.64 90.86
N ALA E 1202 37.30 1.51 92.07
CA ALA E 1202 36.65 1.99 93.28
C ALA E 1202 37.27 3.34 93.65
N TYR E 1203 36.80 4.39 92.99
CA TYR E 1203 37.31 5.72 93.27
C TYR E 1203 36.92 6.20 94.66
N ARG E 1204 35.66 5.94 95.06
CA ARG E 1204 35.19 6.37 96.38
C ARG E 1204 36.00 5.70 97.49
N SER E 1205 36.21 4.39 97.36
CA SER E 1205 37.06 3.69 98.31
C SER E 1205 38.52 4.09 98.16
N GLY E 1206 38.92 4.46 96.93
CA GLY E 1206 40.28 4.94 96.73
C GLY E 1206 40.57 6.20 97.53
N VAL E 1207 39.59 7.11 97.60
CA VAL E 1207 39.75 8.31 98.40
C VAL E 1207 39.89 7.96 99.88
N ARG E 1208 39.04 7.05 100.36
CA ARG E 1208 39.03 6.74 101.79
C ARG E 1208 40.28 5.96 102.21
N VAL E 1209 40.88 5.21 101.29
CA VAL E 1209 42.12 4.53 101.62
C VAL E 1209 43.34 5.40 101.35
N ALA E 1210 43.21 6.43 100.51
CA ALA E 1210 44.27 7.40 100.35
C ALA E 1210 44.35 8.33 101.54
N TRP E 1211 43.23 8.55 102.25
CA TRP E 1211 43.25 9.39 103.43
C TRP E 1211 44.04 8.79 104.58
N LYS E 1212 44.43 7.51 104.52
CA LYS E 1212 44.96 6.83 105.69
C LYS E 1212 46.32 7.34 106.13
N MET E 1213 47.37 7.15 105.31
CA MET E 1213 48.69 7.49 105.83
C MET E 1213 49.04 8.96 105.68
N GLU E 1214 49.41 9.40 104.46
CA GLU E 1214 49.56 10.82 104.21
C GLU E 1214 49.35 11.25 102.76
N GLN E 1215 49.08 10.34 101.82
CA GLN E 1215 49.20 10.68 100.40
C GLN E 1215 47.92 11.32 99.89
N TYR E 1216 48.08 12.43 99.17
CA TYR E 1216 46.97 13.19 98.63
C TYR E 1216 46.97 13.30 97.11
N GLY E 1217 48.12 13.10 96.46
CA GLY E 1217 48.15 13.12 95.00
C GLY E 1217 47.38 11.97 94.38
N VAL E 1218 47.40 10.80 95.04
CA VAL E 1218 46.63 9.65 94.57
C VAL E 1218 45.13 9.92 94.63
N VAL E 1219 44.69 10.82 95.50
CA VAL E 1219 43.29 11.25 95.48
C VAL E 1219 42.96 11.91 94.16
N ALA E 1220 43.85 12.75 93.66
CA ALA E 1220 43.75 13.25 92.30
C ALA E 1220 44.01 12.12 91.31
N ASN E 1221 43.61 12.35 90.06
CA ASN E 1221 43.62 11.41 88.92
C ASN E 1221 42.65 10.25 89.12
N LEU E 1222 41.93 10.19 90.24
CA LEU E 1222 40.91 9.18 90.48
C LEU E 1222 39.50 9.73 90.33
N ALA E 1223 39.20 10.86 90.96
CA ALA E 1223 37.86 11.43 90.89
C ALA E 1223 37.52 11.87 89.47
N MET E 1224 38.47 12.51 88.78
CA MET E 1224 38.23 13.01 87.44
C MET E 1224 38.06 11.88 86.43
N LYS E 1225 38.61 10.71 86.69
CA LYS E 1225 38.36 9.57 85.82
C LYS E 1225 36.91 9.13 85.86
N SER E 1226 36.23 9.35 86.98
CA SER E 1226 34.83 8.98 87.13
C SER E 1226 33.87 10.03 86.60
N SER E 1227 34.36 11.24 86.30
CA SER E 1227 33.53 12.38 85.89
C SER E 1227 32.39 12.61 86.89
N ASP E 1228 32.68 12.37 88.17
CA ASP E 1228 31.73 12.56 89.25
C ASP E 1228 32.04 13.90 89.91
N GLU E 1229 31.17 14.89 89.68
CA GLU E 1229 31.43 16.25 90.15
C GLU E 1229 31.49 16.32 91.67
N ARG E 1230 30.66 15.54 92.36
CA ARG E 1230 30.63 15.57 93.82
C ARG E 1230 31.96 15.15 94.41
N LEU E 1231 32.61 14.16 93.80
CA LEU E 1231 33.91 13.70 94.32
C LEU E 1231 34.95 14.79 94.25
N MET E 1232 35.07 15.45 93.09
CA MET E 1232 36.03 16.53 92.92
C MET E 1232 35.72 17.70 93.85
N LEU E 1233 34.43 18.00 94.02
CA LEU E 1233 34.01 19.04 94.96
C LEU E 1233 34.48 18.73 96.37
N GLU E 1234 34.19 17.52 96.85
CA GLU E 1234 34.52 17.14 98.21
C GLU E 1234 36.03 17.11 98.42
N THR E 1235 36.78 16.65 97.42
CA THR E 1235 38.24 16.66 97.55
C THR E 1235 38.78 18.07 97.60
N ALA E 1236 38.21 18.98 96.80
CA ALA E 1236 38.61 20.39 96.86
C ALA E 1236 38.33 20.97 98.23
N MET E 1237 37.19 20.60 98.83
CA MET E 1237 36.89 21.05 100.19
C MET E 1237 37.88 20.48 101.20
N ALA E 1238 38.24 19.21 101.05
CA ALA E 1238 39.07 18.53 102.04
C ALA E 1238 40.54 18.92 101.95
N LEU E 1239 41.01 19.34 100.78
CA LEU E 1239 42.42 19.73 100.65
C LEU E 1239 42.75 20.94 101.52
N GLU E 1240 41.85 21.93 101.53
CA GLU E 1240 41.95 23.17 102.31
C GLU E 1240 43.35 23.79 102.36
N MET F 1 -7.74 -58.95 124.29
CA MET F 1 -8.60 -60.11 124.12
C MET F 1 -9.67 -60.16 125.22
N VAL F 2 -10.94 -60.11 124.81
CA VAL F 2 -12.07 -60.17 125.73
C VAL F 2 -12.93 -61.36 125.33
N LEU F 3 -13.13 -62.29 126.25
CA LEU F 3 -13.92 -63.50 126.00
C LEU F 3 -15.26 -63.35 126.72
N THR F 4 -16.32 -63.09 125.95
CA THR F 4 -17.66 -62.94 126.48
C THR F 4 -18.57 -63.99 125.84
N GLN F 5 -19.26 -64.75 126.67
CA GLN F 5 -20.18 -65.79 126.21
C GLN F 5 -21.58 -65.20 126.10
N GLN F 6 -22.12 -65.18 124.88
CA GLN F 6 -23.45 -64.63 124.65
C GLN F 6 -24.54 -65.70 124.80
N PHE F 7 -24.40 -66.82 124.08
CA PHE F 7 -25.36 -67.90 124.16
C PHE F 7 -24.64 -69.22 123.87
N VAL F 8 -25.26 -70.32 124.28
CA VAL F 8 -24.71 -71.66 124.11
C VAL F 8 -25.67 -72.46 123.24
N ILE F 9 -25.13 -73.09 122.20
CA ILE F 9 -25.90 -73.92 121.30
C ILE F 9 -25.62 -75.38 121.66
N SER F 10 -26.63 -76.06 122.18
CA SER F 10 -26.48 -77.46 122.57
C SER F 10 -26.62 -78.37 121.34
N ASN F 11 -26.37 -79.66 121.56
CA ASN F 11 -26.49 -80.64 120.50
C ASN F 11 -27.93 -80.92 120.09
N ALA F 12 -28.92 -80.44 120.87
CA ALA F 12 -30.31 -80.67 120.53
C ALA F 12 -30.79 -79.85 119.33
N ASP F 13 -30.01 -78.86 118.90
CA ASP F 13 -30.42 -78.02 117.77
C ASP F 13 -30.09 -78.68 116.43
N LEU F 14 -28.85 -79.14 116.27
CA LEU F 14 -28.42 -79.74 115.02
C LEU F 14 -28.23 -81.25 115.08
N GLY F 15 -28.10 -81.82 116.26
CA GLY F 15 -27.83 -83.24 116.40
C GLY F 15 -26.34 -83.55 116.40
N ARG F 16 -26.01 -84.74 116.87
CA ARG F 16 -24.63 -85.18 116.92
C ARG F 16 -24.15 -85.56 115.52
N GLY F 17 -23.19 -84.82 115.01
CA GLY F 17 -22.68 -85.06 113.67
C GLY F 17 -21.96 -83.83 113.14
N HIS F 18 -21.63 -83.88 111.86
CA HIS F 18 -20.95 -82.79 111.21
C HIS F 18 -21.86 -81.57 111.11
N VAL F 19 -21.27 -80.38 111.26
CA VAL F 19 -22.00 -79.12 111.19
C VAL F 19 -21.60 -78.41 109.91
N VAL F 20 -22.57 -78.10 109.06
CA VAL F 20 -22.36 -77.41 107.80
C VAL F 20 -22.87 -76.00 107.94
N GLU F 21 -22.03 -75.02 107.63
CA GLU F 21 -22.38 -73.61 107.72
C GLU F 21 -22.20 -72.94 106.37
N ALA F 22 -22.99 -71.89 106.14
CA ALA F 22 -22.89 -71.10 104.92
C ALA F 22 -23.09 -69.64 105.29
N LEU F 23 -22.10 -68.81 104.97
CA LEU F 23 -22.10 -67.40 105.32
C LEU F 23 -22.43 -66.57 104.09
N HIS F 24 -23.41 -65.69 104.21
CA HIS F 24 -23.75 -64.79 103.12
C HIS F 24 -22.67 -63.71 103.01
N PRO F 25 -22.09 -63.51 101.83
CA PRO F 25 -21.00 -62.51 101.71
C PRO F 25 -21.40 -61.09 102.05
N SER F 26 -22.65 -60.71 101.78
CA SER F 26 -23.11 -59.35 102.03
C SER F 26 -24.11 -59.27 103.18
N SER F 27 -25.19 -60.04 103.12
CA SER F 27 -26.19 -60.00 104.17
C SER F 27 -25.67 -60.68 105.44
N PRO F 28 -26.10 -60.21 106.62
CA PRO F 28 -25.70 -60.88 107.88
C PRO F 28 -26.59 -62.08 108.21
N LEU F 29 -26.61 -63.04 107.30
CA LEU F 29 -27.41 -64.25 107.45
C LEU F 29 -26.52 -65.47 107.28
N ILE F 30 -26.82 -66.52 108.04
CA ILE F 30 -26.07 -67.77 107.99
C ILE F 30 -27.04 -68.94 107.93
N ALA F 31 -26.74 -69.91 107.08
CA ALA F 31 -27.51 -71.15 107.00
C ALA F 31 -26.74 -72.27 107.67
N LEU F 32 -27.44 -73.07 108.47
CA LEU F 32 -26.83 -74.15 109.24
C LEU F 32 -27.57 -75.45 108.96
N ALA F 33 -26.81 -76.55 108.90
CA ALA F 33 -27.36 -77.88 108.70
C ALA F 33 -26.58 -78.88 109.55
N GLY F 34 -27.28 -79.93 109.97
CA GLY F 34 -26.67 -80.96 110.80
C GLY F 34 -27.23 -82.35 110.56
N SER F 35 -27.07 -83.24 111.53
CA SER F 35 -27.60 -84.59 111.41
C SER F 35 -29.12 -84.65 111.51
N LYS F 36 -29.77 -83.58 111.96
CA LYS F 36 -31.22 -83.54 112.01
C LYS F 36 -31.86 -83.47 110.63
N GLY F 37 -31.07 -83.20 109.58
CA GLY F 37 -31.61 -83.10 108.24
C GLY F 37 -32.55 -81.93 108.03
N ARG F 38 -32.20 -80.76 108.55
CA ARG F 38 -33.03 -79.56 108.40
C ARG F 38 -32.13 -78.36 108.14
N VAL F 39 -32.74 -77.33 107.55
CA VAL F 39 -32.04 -76.10 107.19
C VAL F 39 -32.50 -75.00 108.13
N LEU F 40 -31.56 -74.43 108.89
CA LEU F 40 -31.83 -73.37 109.85
C LEU F 40 -31.13 -72.10 109.39
N ILE F 41 -31.92 -71.09 109.04
CA ILE F 41 -31.40 -69.78 108.64
C ILE F 41 -31.57 -68.83 109.81
N LEU F 42 -30.46 -68.23 110.25
CA LEU F 42 -30.44 -67.41 111.44
C LEU F 42 -30.41 -65.94 111.06
N ASN F 43 -31.32 -65.15 111.64
CA ASN F 43 -31.40 -63.72 111.41
C ASN F 43 -30.66 -62.98 112.52
N LYS F 44 -30.81 -61.65 112.55
CA LYS F 44 -30.13 -60.86 113.57
C LYS F 44 -30.74 -61.06 114.95
N THR F 45 -32.02 -61.45 115.02
CA THR F 45 -32.69 -61.63 116.30
C THR F 45 -32.60 -63.07 116.82
N GLY F 46 -32.14 -64.01 116.00
CA GLY F 46 -32.00 -65.38 116.44
C GLY F 46 -33.28 -66.18 116.52
N LYS F 47 -34.40 -65.62 116.05
CA LYS F 47 -35.67 -66.33 116.10
C LYS F 47 -35.82 -67.25 114.90
N VAL F 48 -36.27 -68.47 115.14
CA VAL F 48 -36.46 -69.45 114.07
C VAL F 48 -37.81 -69.20 113.42
N GLU F 49 -37.81 -68.96 112.11
CA GLU F 49 -39.05 -68.75 111.37
C GLU F 49 -39.60 -70.06 110.81
N HIS F 50 -38.75 -70.86 110.17
CA HIS F 50 -39.18 -72.14 109.63
C HIS F 50 -37.96 -73.03 109.44
N GLN F 51 -38.17 -74.34 109.49
CA GLN F 51 -37.13 -75.32 109.27
C GLN F 51 -37.40 -76.04 107.96
N LEU F 52 -36.37 -76.12 107.10
CA LEU F 52 -36.52 -76.74 105.80
C LEU F 52 -35.91 -78.13 105.84
N PRO F 53 -36.73 -79.19 105.78
CA PRO F 53 -36.19 -80.56 105.94
C PRO F 53 -35.45 -81.02 104.69
N MET F 54 -34.16 -81.29 104.85
CA MET F 54 -33.35 -81.87 103.79
C MET F 54 -32.26 -82.71 104.44
N GLN F 55 -32.26 -84.00 104.14
CA GLN F 55 -31.37 -84.95 104.80
C GLN F 55 -30.14 -85.24 103.93
N ASN F 56 -29.15 -85.86 104.57
CA ASN F 56 -27.86 -86.21 103.94
C ASN F 56 -27.20 -84.96 103.36
N VAL F 57 -26.89 -84.02 104.27
CA VAL F 57 -26.26 -82.77 103.87
C VAL F 57 -24.80 -83.01 103.53
N VAL F 58 -24.35 -82.45 102.41
CA VAL F 58 -22.97 -82.57 101.95
C VAL F 58 -22.24 -81.24 102.02
N ALA F 59 -22.80 -80.19 101.41
CA ALA F 59 -22.17 -78.88 101.40
C ALA F 59 -23.24 -77.82 101.19
N MET F 60 -22.90 -76.60 101.58
CA MET F 60 -23.79 -75.45 101.42
C MET F 60 -22.99 -74.23 100.99
N GLU F 61 -23.68 -73.31 100.30
CA GLU F 61 -23.09 -72.06 99.88
C GLU F 61 -24.21 -71.09 99.50
N TRP F 62 -23.90 -69.80 99.60
CA TRP F 62 -24.81 -68.75 99.15
C TRP F 62 -24.20 -68.02 97.96
N GLU F 63 -25.04 -67.68 96.99
CA GLU F 63 -24.60 -66.98 95.79
C GLU F 63 -24.78 -65.48 95.96
N CYS F 64 -23.79 -64.72 95.48
CA CYS F 64 -23.79 -63.27 95.63
C CYS F 64 -24.29 -62.53 94.39
N SER F 65 -24.07 -63.07 93.20
CA SER F 65 -24.41 -62.35 91.98
C SER F 65 -25.92 -62.17 91.82
N THR F 66 -26.68 -63.27 91.96
CA THR F 66 -28.12 -63.22 91.79
C THR F 66 -28.90 -63.56 93.05
N ASP F 67 -28.21 -63.82 94.18
CA ASP F 67 -28.85 -64.14 95.45
C ASP F 67 -29.79 -65.34 95.33
N THR F 68 -29.34 -66.37 94.62
CA THR F 68 -30.13 -67.57 94.38
C THR F 68 -29.57 -68.72 95.21
N LEU F 69 -30.44 -69.41 95.93
CA LEU F 69 -30.04 -70.53 96.78
C LEU F 69 -30.19 -71.85 95.99
N ALA F 70 -29.13 -72.64 96.00
CA ALA F 70 -29.09 -73.91 95.28
C ALA F 70 -29.05 -75.06 96.28
N ILE F 71 -29.96 -76.01 96.09
CA ILE F 71 -30.06 -77.19 96.94
C ILE F 71 -29.90 -78.43 96.07
N ILE F 72 -29.01 -79.33 96.46
CA ILE F 72 -28.74 -80.54 95.69
C ILE F 72 -28.94 -81.76 96.59
N THR F 73 -29.19 -82.89 95.95
CA THR F 73 -29.39 -84.17 96.63
C THR F 73 -28.43 -85.19 96.07
N SER F 74 -27.94 -86.08 96.93
CA SER F 74 -27.00 -87.11 96.53
C SER F 74 -27.69 -88.38 96.04
N SER F 75 -28.92 -88.63 96.47
CA SER F 75 -29.65 -89.85 96.09
C SER F 75 -30.51 -89.66 94.86
N SER F 76 -30.56 -88.47 94.27
CA SER F 76 -31.34 -88.20 93.08
C SER F 76 -30.52 -87.45 92.07
N SER F 77 -30.79 -87.72 90.78
CA SER F 77 -30.08 -87.05 89.69
C SER F 77 -30.68 -85.69 89.34
N ASP F 78 -31.82 -85.34 89.91
CA ASP F 78 -32.48 -84.07 89.64
C ASP F 78 -32.16 -83.06 90.74
N VAL F 79 -32.07 -81.79 90.36
CA VAL F 79 -31.78 -80.70 91.27
C VAL F 79 -33.02 -79.82 91.36
N HIS F 80 -33.50 -79.61 92.59
CA HIS F 80 -34.69 -78.81 92.83
C HIS F 80 -34.27 -77.43 93.35
N LEU F 81 -34.76 -76.38 92.69
CA LEU F 81 -34.45 -75.01 93.05
C LEU F 81 -35.69 -74.36 93.65
N TYR F 82 -35.56 -73.86 94.88
CA TYR F 82 -36.65 -73.19 95.57
C TYR F 82 -36.23 -71.75 95.85
N THR F 83 -37.05 -70.80 95.40
CA THR F 83 -36.80 -69.38 95.61
C THR F 83 -37.62 -68.90 96.79
N HIS F 84 -36.94 -68.45 97.84
CA HIS F 84 -37.63 -67.98 99.04
C HIS F 84 -38.36 -66.67 98.79
N ARG F 85 -37.81 -65.81 97.94
CA ARG F 85 -38.43 -64.50 97.71
C ARG F 85 -39.78 -64.62 97.01
N THR F 86 -39.88 -65.50 96.02
CA THR F 86 -41.11 -65.65 95.24
C THR F 86 -41.91 -66.90 95.58
N ARG F 87 -41.40 -67.76 96.48
CA ARG F 87 -42.07 -69.00 96.87
C ARG F 87 -42.38 -69.88 95.65
N GLN F 88 -41.43 -69.96 94.73
CA GLN F 88 -41.58 -70.74 93.51
C GLN F 88 -40.61 -71.90 93.50
N THR F 89 -41.07 -73.05 93.00
CA THR F 89 -40.27 -74.26 92.92
C THR F 89 -40.10 -74.67 91.47
N ASP F 90 -38.87 -75.00 91.09
CA ASP F 90 -38.57 -75.44 89.74
C ASP F 90 -37.59 -76.61 89.80
N THR F 91 -37.60 -77.42 88.73
CA THR F 91 -36.75 -78.59 88.63
C THR F 91 -35.95 -78.52 87.34
N ILE F 92 -34.63 -78.64 87.45
CA ILE F 92 -33.73 -78.66 86.30
C ILE F 92 -32.89 -79.93 86.40
N ASP F 93 -32.91 -80.74 85.36
CA ASP F 93 -32.23 -82.03 85.35
C ASP F 93 -30.83 -81.87 84.76
N THR F 94 -29.81 -82.10 85.59
CA THR F 94 -28.44 -82.11 85.11
C THR F 94 -28.02 -83.44 84.53
N LYS F 95 -28.86 -84.48 84.67
CA LYS F 95 -28.62 -85.81 84.10
C LYS F 95 -27.33 -86.44 84.60
N LEU F 96 -26.94 -86.12 85.84
CA LEU F 96 -25.77 -86.71 86.47
C LEU F 96 -26.17 -87.32 87.80
N LYS F 97 -25.64 -88.51 88.09
CA LYS F 97 -25.96 -89.24 89.30
C LYS F 97 -24.83 -89.08 90.32
N ASP F 98 -25.21 -89.15 91.60
CA ASP F 98 -24.28 -89.09 92.74
C ASP F 98 -23.48 -87.79 92.73
N LEU F 99 -24.21 -86.69 92.81
CA LEU F 99 -23.58 -85.37 92.90
C LEU F 99 -22.87 -85.22 94.24
N CYS F 100 -21.71 -84.57 94.23
CA CYS F 100 -20.89 -84.43 95.41
C CYS F 100 -20.59 -83.00 95.82
N PHE F 101 -20.53 -82.06 94.86
CA PHE F 101 -20.27 -80.67 95.20
C PHE F 101 -20.98 -79.76 94.22
N VAL F 102 -21.29 -78.56 94.68
CA VAL F 102 -21.88 -77.51 93.85
C VAL F 102 -21.20 -76.19 94.19
N CYS F 103 -20.87 -75.42 93.16
CA CYS F 103 -20.19 -74.15 93.34
C CYS F 103 -20.64 -73.16 92.27
N TRP F 104 -20.79 -71.90 92.67
CA TRP F 104 -21.19 -70.83 91.77
C TRP F 104 -20.07 -69.81 91.65
N SER F 105 -20.00 -69.19 90.47
CA SER F 105 -19.00 -68.16 90.20
C SER F 105 -19.55 -66.80 90.61
N GLN F 106 -18.82 -66.09 91.46
CA GLN F 106 -19.27 -64.78 91.94
C GLN F 106 -18.95 -63.66 90.97
N SER F 107 -18.12 -63.91 89.95
CA SER F 107 -17.74 -62.86 89.01
C SER F 107 -18.42 -62.98 87.66
N GLN F 108 -18.80 -64.19 87.24
CA GLN F 108 -19.46 -64.41 85.97
C GLN F 108 -20.69 -65.28 86.17
N PRO F 109 -21.73 -65.12 85.32
CA PRO F 109 -22.91 -65.98 85.37
C PRO F 109 -22.71 -67.34 84.69
N LEU F 110 -21.66 -68.05 85.11
CA LEU F 110 -21.30 -69.35 84.57
C LEU F 110 -21.20 -70.35 85.70
N PHE F 111 -21.83 -71.52 85.52
CA PHE F 111 -21.79 -72.58 86.51
C PHE F 111 -21.49 -73.90 85.81
N ALA F 112 -20.87 -74.81 86.55
CA ALA F 112 -20.52 -76.13 86.05
C ALA F 112 -21.08 -77.20 86.99
N ILE F 113 -21.48 -78.32 86.40
CA ILE F 113 -21.99 -79.46 87.15
C ILE F 113 -21.03 -80.63 86.96
N GLY F 114 -20.63 -81.24 88.07
CA GLY F 114 -19.64 -82.30 88.06
C GLY F 114 -20.20 -83.62 88.55
N SER F 115 -19.36 -84.65 88.48
CA SER F 115 -19.73 -85.98 88.93
C SER F 115 -18.54 -86.61 89.64
N LYS F 116 -18.83 -87.69 90.38
CA LYS F 116 -17.78 -88.42 91.08
C LYS F 116 -16.84 -89.17 90.15
N SER F 117 -17.19 -89.28 88.87
CA SER F 117 -16.34 -89.97 87.89
C SER F 117 -15.23 -89.07 87.35
N GLY F 118 -15.18 -87.80 87.75
CA GLY F 118 -14.14 -86.91 87.30
C GLY F 118 -14.48 -86.08 86.07
N GLN F 119 -15.75 -85.99 85.71
CA GLN F 119 -16.17 -85.26 84.52
C GLN F 119 -16.68 -83.87 84.90
N PHE F 120 -16.19 -82.86 84.20
CA PHE F 120 -16.68 -81.49 84.35
C PHE F 120 -17.11 -80.97 82.98
N VAL F 121 -18.23 -80.26 82.95
CA VAL F 121 -18.83 -79.79 81.72
C VAL F 121 -19.19 -78.32 81.86
N LEU F 122 -19.37 -77.66 80.71
CA LEU F 122 -19.79 -76.27 80.65
C LEU F 122 -21.21 -76.22 80.09
N TYR F 123 -22.07 -75.45 80.76
CA TYR F 123 -23.49 -75.37 80.43
C TYR F 123 -23.80 -74.02 79.80
N ASN F 124 -24.41 -74.05 78.62
CA ASN F 124 -24.87 -72.84 77.94
C ASN F 124 -26.38 -72.75 78.09
N ARG F 125 -26.83 -71.78 78.88
CA ARG F 125 -28.26 -71.68 79.20
C ARG F 125 -29.07 -71.22 77.99
N ARG F 126 -28.51 -70.32 77.18
CA ARG F 126 -29.26 -69.76 76.06
C ARG F 126 -29.53 -70.80 74.98
N THR F 127 -28.51 -71.57 74.60
CA THR F 127 -28.64 -72.55 73.54
C THR F 127 -28.99 -73.94 74.03
N LEU F 128 -28.99 -74.16 75.35
CA LEU F 128 -29.30 -75.47 75.95
C LEU F 128 -28.39 -76.57 75.39
N ARG F 129 -27.12 -76.22 75.19
CA ARG F 129 -26.13 -77.15 74.65
C ARG F 129 -25.08 -77.44 75.70
N LEU F 130 -24.84 -78.73 75.95
CA LEU F 130 -23.84 -79.18 76.91
C LEU F 130 -22.71 -79.89 76.17
N VAL F 131 -21.47 -79.52 76.48
CA VAL F 131 -20.29 -80.11 75.86
C VAL F 131 -19.75 -81.17 76.82
N PRO F 132 -19.85 -82.45 76.51
CA PRO F 132 -19.39 -83.48 77.45
C PRO F 132 -17.88 -83.66 77.39
N VAL F 133 -17.27 -83.74 78.58
CA VAL F 133 -15.85 -84.03 78.73
C VAL F 133 -15.73 -85.31 79.54
N ALA F 134 -15.06 -86.31 78.97
CA ALA F 134 -14.96 -87.62 79.58
C ALA F 134 -13.50 -88.06 79.64
N ASP F 135 -13.24 -89.06 80.49
CA ASP F 135 -11.93 -89.68 80.67
C ASP F 135 -10.88 -88.70 81.19
N THR F 136 -11.30 -87.59 81.79
CA THR F 136 -10.36 -86.65 82.36
C THR F 136 -9.73 -87.19 83.64
N HIS F 137 -10.54 -87.77 84.52
CA HIS F 137 -10.06 -88.35 85.76
C HIS F 137 -10.69 -89.74 85.94
N LYS F 138 -9.97 -90.60 86.66
CA LYS F 138 -10.42 -91.96 86.89
C LYS F 138 -10.81 -92.25 88.34
N GLN F 139 -10.62 -91.29 89.25
CA GLN F 139 -10.91 -91.50 90.66
C GLN F 139 -11.83 -90.38 91.16
N ARG F 140 -12.17 -90.47 92.45
CA ARG F 140 -13.11 -89.52 93.04
C ARG F 140 -12.46 -88.16 93.22
N LEU F 141 -13.20 -87.11 92.86
CA LEU F 141 -12.72 -85.74 93.04
C LEU F 141 -12.72 -85.39 94.53
N ILE F 142 -11.78 -84.53 94.91
CA ILE F 142 -11.63 -84.09 96.30
C ILE F 142 -12.29 -82.73 96.53
N SER F 143 -11.90 -81.72 95.76
CA SER F 143 -12.47 -80.40 95.89
C SER F 143 -12.36 -79.67 94.56
N GLY F 144 -13.19 -78.64 94.41
CA GLY F 144 -13.17 -77.81 93.22
C GLY F 144 -13.52 -76.37 93.51
N MET F 145 -12.62 -75.44 93.18
CA MET F 145 -12.78 -74.03 93.51
C MET F 145 -12.64 -73.19 92.26
N TRP F 146 -13.21 -71.98 92.31
CA TRP F 146 -13.15 -71.03 91.22
C TRP F 146 -12.21 -69.87 91.57
N VAL F 147 -11.60 -69.29 90.54
CA VAL F 147 -10.72 -68.14 90.69
C VAL F 147 -11.58 -66.88 90.57
N PRO F 148 -11.68 -66.05 91.60
CA PRO F 148 -12.51 -64.82 91.55
C PRO F 148 -11.82 -63.68 90.81
N ALA F 149 -11.70 -63.82 89.49
CA ALA F 149 -11.07 -62.82 88.66
C ALA F 149 -11.56 -63.00 87.23
N GLN F 150 -10.98 -62.21 86.31
CA GLN F 150 -11.32 -62.31 84.90
C GLN F 150 -10.78 -63.59 84.26
N ASP F 151 -9.87 -64.29 84.91
CA ASP F 151 -9.31 -65.52 84.36
C ASP F 151 -10.33 -66.64 84.51
N SER F 152 -10.94 -67.04 83.40
CA SER F 152 -12.00 -68.06 83.41
C SER F 152 -11.38 -69.45 83.36
N ARG F 153 -10.81 -69.84 84.49
CA ARG F 153 -10.17 -71.15 84.64
C ARG F 153 -10.83 -71.92 85.79
N LEU F 154 -11.04 -73.21 85.58
CA LEU F 154 -11.65 -74.10 86.56
C LEU F 154 -10.60 -75.11 87.02
N LEU F 155 -10.39 -75.19 88.33
CA LEU F 155 -9.41 -76.07 88.92
C LEU F 155 -10.11 -77.13 89.77
N ILE F 156 -9.86 -78.40 89.46
CA ILE F 156 -10.41 -79.53 90.19
C ILE F 156 -9.27 -80.46 90.59
N ILE F 157 -9.23 -80.83 91.87
CA ILE F 157 -8.19 -81.72 92.39
C ILE F 157 -8.82 -83.07 92.71
N SER F 158 -7.99 -84.10 92.63
CA SER F 158 -8.43 -85.47 92.91
C SER F 158 -7.22 -86.28 93.37
N GLU F 159 -7.44 -87.58 93.56
CA GLU F 159 -6.39 -88.46 94.06
C GLU F 159 -5.47 -89.00 92.96
N ASP F 160 -5.73 -88.68 91.70
CA ASP F 160 -4.83 -89.08 90.62
C ASP F 160 -3.96 -87.89 90.25
N PRO F 161 -2.64 -87.94 90.49
CA PRO F 161 -1.79 -86.78 90.21
C PRO F 161 -1.63 -86.49 88.73
N SER F 162 -2.19 -85.37 88.28
CA SER F 162 -2.09 -84.99 86.88
C SER F 162 -2.39 -83.50 86.74
N LEU F 163 -1.80 -82.89 85.73
CA LEU F 163 -2.01 -81.49 85.41
C LEU F 163 -2.44 -81.39 83.95
N SER F 164 -3.65 -80.90 83.72
CA SER F 164 -4.22 -80.81 82.39
C SER F 164 -4.39 -79.34 82.00
N ILE F 165 -3.87 -78.98 80.83
CA ILE F 165 -4.03 -77.65 80.26
C ILE F 165 -4.75 -77.80 78.92
N SER F 166 -5.85 -77.08 78.76
CA SER F 166 -6.68 -77.20 77.57
C SER F 166 -6.98 -75.82 77.00
N ASP F 167 -7.16 -75.77 75.69
CA ASP F 167 -7.49 -74.53 75.00
C ASP F 167 -9.00 -74.30 75.06
N ALA F 168 -9.50 -73.35 74.27
CA ALA F 168 -10.92 -73.06 74.24
C ALA F 168 -11.74 -74.22 73.68
N GLU F 169 -11.14 -75.12 72.92
CA GLU F 169 -11.83 -76.27 72.37
C GLU F 169 -11.80 -77.48 73.27
N GLY F 170 -11.14 -77.40 74.43
CA GLY F 170 -11.07 -78.51 75.36
C GLY F 170 -10.08 -79.60 75.01
N LYS F 171 -9.18 -79.34 74.07
CA LYS F 171 -8.18 -80.34 73.68
C LYS F 171 -7.02 -80.33 74.66
N VAL F 172 -6.66 -81.51 75.17
CA VAL F 172 -5.55 -81.62 76.11
C VAL F 172 -4.25 -81.70 75.33
N LEU F 173 -3.38 -80.72 75.54
CA LEU F 173 -2.11 -80.67 74.81
C LEU F 173 -1.16 -81.77 75.27
N THR F 174 -1.01 -81.93 76.58
CA THR F 174 -0.11 -82.95 77.13
C THR F 174 -0.51 -83.24 78.56
N THR F 175 -0.01 -84.37 79.06
CA THR F 175 -0.25 -84.78 80.45
C THR F 175 1.06 -85.27 81.04
N ILE F 176 1.51 -84.61 82.10
CA ILE F 176 2.77 -84.93 82.76
C ILE F 176 2.44 -85.65 84.06
N PRO F 177 2.77 -86.94 84.19
CA PRO F 177 2.52 -87.64 85.46
C PRO F 177 3.41 -87.12 86.57
N LEU F 178 2.91 -87.22 87.80
CA LEU F 178 3.62 -86.76 88.98
C LEU F 178 4.08 -87.96 89.81
N PRO F 179 5.22 -87.83 90.51
CA PRO F 179 5.69 -88.96 91.34
C PRO F 179 4.73 -89.35 92.44
N SER F 180 3.99 -88.41 93.02
CA SER F 180 3.09 -88.71 94.13
C SER F 180 1.89 -87.79 94.07
N VAL F 181 0.87 -88.14 94.84
CA VAL F 181 -0.38 -87.39 94.88
C VAL F 181 -0.16 -86.07 95.62
N PRO F 182 -0.47 -84.93 95.00
CA PRO F 182 -0.36 -83.66 95.71
C PRO F 182 -1.40 -83.54 96.81
N LYS F 183 -1.07 -82.75 97.84
CA LYS F 183 -1.97 -82.56 98.97
C LYS F 183 -2.94 -81.41 98.75
N SER F 184 -2.41 -80.20 98.50
CA SER F 184 -3.27 -79.04 98.32
C SER F 184 -2.52 -78.00 97.50
N VAL F 185 -3.27 -77.08 96.93
CA VAL F 185 -2.73 -75.98 96.13
C VAL F 185 -3.68 -74.80 96.24
N CYS F 186 -3.12 -73.59 96.27
CA CYS F 186 -3.89 -72.37 96.38
C CYS F 186 -3.44 -71.36 95.35
N VAL F 187 -4.35 -70.49 94.94
CA VAL F 187 -4.10 -69.46 93.95
C VAL F 187 -4.36 -68.10 94.57
N SER F 188 -3.41 -67.19 94.44
CA SER F 188 -3.53 -65.83 94.96
C SER F 188 -3.39 -64.84 93.82
N GLY F 189 -4.25 -63.83 93.81
CA GLY F 189 -4.26 -62.81 92.78
C GLY F 189 -3.92 -61.44 93.35
N MET F 190 -3.38 -60.58 92.50
CA MET F 190 -3.01 -59.22 92.86
C MET F 190 -4.13 -58.29 92.43
N ALA F 191 -4.84 -57.72 93.42
CA ALA F 191 -5.98 -56.85 93.12
C ALA F 191 -5.55 -55.56 92.43
N ASN F 192 -4.43 -54.98 92.86
CA ASN F 192 -3.97 -53.71 92.29
C ASN F 192 -3.32 -53.88 90.92
N SER F 193 -2.97 -55.11 90.53
CA SER F 193 -2.38 -55.34 89.22
C SER F 193 -3.47 -55.33 88.15
N PRO F 194 -3.37 -54.46 87.14
CA PRO F 194 -4.40 -54.46 86.08
C PRO F 194 -4.50 -55.76 85.31
N LYS F 195 -3.39 -56.45 85.09
CA LYS F 195 -3.41 -57.71 84.35
C LYS F 195 -3.58 -58.93 85.25
N SER F 196 -3.50 -58.75 86.57
CA SER F 196 -3.70 -59.82 87.55
C SER F 196 -2.76 -61.00 87.30
N SER F 197 -1.47 -60.71 87.39
CA SER F 197 -0.46 -61.75 87.19
C SER F 197 -0.41 -62.67 88.40
N SER F 198 -0.47 -63.98 88.14
CA SER F 198 -0.49 -64.99 89.20
C SER F 198 0.47 -66.11 88.85
N PHE F 199 1.04 -66.73 89.89
CA PHE F 199 1.95 -67.84 89.74
C PHE F 199 1.48 -69.00 90.62
N ALA F 200 1.65 -70.21 90.13
CA ALA F 200 1.21 -71.42 90.81
C ALA F 200 2.42 -72.21 91.28
N ALA F 201 2.37 -72.67 92.53
CA ALA F 201 3.44 -73.47 93.13
C ALA F 201 2.94 -74.89 93.35
N VAL F 202 3.76 -75.87 92.94
CA VAL F 202 3.42 -77.28 93.04
C VAL F 202 4.33 -77.92 94.08
N ASN F 203 3.72 -78.61 95.04
CA ASN F 203 4.47 -79.27 96.11
C ASN F 203 4.57 -80.76 95.83
N LEU F 204 5.76 -81.32 96.07
CA LEU F 204 6.02 -82.73 95.80
C LEU F 204 6.42 -83.46 97.08
N ASP F 205 5.70 -83.19 98.16
CA ASP F 205 5.91 -83.79 99.48
C ASP F 205 7.30 -83.47 100.04
N ASN F 206 8.34 -84.01 99.42
CA ASN F 206 9.71 -83.75 99.84
C ASN F 206 10.44 -82.77 98.93
N THR F 207 9.77 -82.25 97.91
CA THR F 207 10.42 -81.38 96.93
C THR F 207 9.52 -80.18 96.64
N LEU F 208 10.15 -79.06 96.30
CA LEU F 208 9.45 -77.85 95.87
C LEU F 208 10.06 -77.40 94.56
N LEU F 209 9.33 -77.57 93.46
CA LEU F 209 9.81 -77.22 92.12
C LEU F 209 8.99 -76.05 91.61
N ILE F 210 9.67 -74.98 91.21
CA ILE F 210 9.03 -73.77 90.70
C ILE F 210 9.34 -73.66 89.21
N VAL F 211 8.29 -73.64 88.39
CA VAL F 211 8.40 -73.54 86.94
C VAL F 211 7.70 -72.26 86.50
N ASP F 212 8.41 -71.40 85.79
CA ASP F 212 7.83 -70.17 85.26
C ASP F 212 7.13 -70.49 83.95
N LEU F 213 5.80 -70.33 83.94
CA LEU F 213 5.01 -70.66 82.76
C LEU F 213 5.17 -69.65 81.63
N ARG F 214 5.83 -68.52 81.88
CA ARG F 214 6.04 -67.50 80.86
C ARG F 214 7.44 -67.55 80.27
N SER F 215 8.47 -67.46 81.11
CA SER F 215 9.85 -67.45 80.65
C SER F 215 10.42 -68.85 80.45
N TYR F 216 9.69 -69.89 80.87
CA TYR F 216 10.11 -71.28 80.70
C TYR F 216 11.46 -71.57 81.35
N ALA F 217 11.76 -70.89 82.45
CA ALA F 217 13.01 -71.07 83.17
C ALA F 217 12.81 -72.09 84.28
N THR F 218 13.72 -73.05 84.37
CA THR F 218 13.64 -74.12 85.35
C THR F 218 14.78 -73.98 86.36
N ALA F 219 14.43 -73.99 87.65
CA ALA F 219 15.40 -73.89 88.72
C ALA F 219 15.07 -74.92 89.79
N ALA F 220 16.11 -75.58 90.32
CA ALA F 220 15.96 -76.59 91.35
C ALA F 220 16.26 -75.98 92.71
N GLY F 221 15.29 -76.05 93.61
CA GLY F 221 15.44 -75.53 94.95
C GLY F 221 15.86 -76.62 95.92
N GLN F 222 17.00 -76.41 96.57
CA GLN F 222 17.54 -77.35 97.54
C GLN F 222 17.19 -76.88 98.94
N PHE F 223 16.57 -77.76 99.72
CA PHE F 223 16.20 -77.46 101.10
C PHE F 223 16.73 -78.56 102.01
N ASN F 224 16.92 -78.22 103.28
CA ASN F 224 17.41 -79.18 104.26
C ASN F 224 16.40 -80.30 104.47
N SER F 225 16.89 -81.54 104.50
CA SER F 225 16.02 -82.68 104.72
C SER F 225 15.46 -82.74 106.13
N ALA F 226 16.10 -82.07 107.08
CA ALA F 226 15.62 -82.04 108.46
C ALA F 226 14.39 -81.16 108.64
N LEU F 227 14.05 -80.33 107.65
CA LEU F 227 12.88 -79.47 107.76
C LEU F 227 11.60 -80.29 107.83
N GLY F 228 11.50 -81.35 107.03
CA GLY F 228 10.34 -82.21 107.03
C GLY F 228 9.34 -81.84 105.95
N GLN F 229 8.25 -82.60 105.93
CA GLN F 229 7.20 -82.41 104.93
C GLN F 229 6.35 -81.19 105.27
N ILE F 230 5.57 -80.75 104.29
CA ILE F 230 4.68 -79.60 104.42
C ILE F 230 3.29 -80.12 104.78
N THR F 231 2.72 -79.60 105.86
CA THR F 231 1.42 -80.06 106.34
C THR F 231 0.26 -79.36 105.63
N CYS F 232 0.25 -78.03 105.64
CA CYS F 232 -0.83 -77.26 105.04
C CYS F 232 -0.27 -76.17 104.16
N LEU F 233 -1.01 -75.83 103.11
CA LEU F 233 -0.63 -74.80 102.16
C LEU F 233 -1.77 -73.79 102.04
N THR F 234 -1.44 -72.50 102.16
CA THR F 234 -2.44 -71.45 102.06
C THR F 234 -1.78 -70.20 101.50
N ALA F 235 -2.62 -69.32 100.95
CA ALA F 235 -2.14 -68.09 100.34
C ALA F 235 -1.69 -67.09 101.40
N GLY F 236 -0.73 -66.25 101.02
CA GLY F 236 -0.20 -65.25 101.94
C GLY F 236 -0.57 -63.83 101.55
N ILE F 237 0.36 -62.90 101.74
CA ILE F 237 0.14 -61.48 101.47
C ILE F 237 1.12 -61.04 100.39
N ASN F 238 0.57 -60.38 99.35
CA ASN F 238 1.36 -59.87 98.22
C ASN F 238 2.15 -60.97 97.53
N GLY F 239 1.48 -62.10 97.27
CA GLY F 239 2.10 -63.20 96.56
C GLY F 239 2.96 -64.11 97.40
N GLU F 240 3.09 -63.86 98.69
CA GLU F 240 3.87 -64.73 99.55
C GLU F 240 3.11 -66.02 99.84
N PHE F 241 3.85 -67.03 100.32
CA PHE F 241 3.28 -68.33 100.65
C PHE F 241 3.72 -68.75 102.04
N LEU F 242 2.81 -69.36 102.78
CA LEU F 242 3.08 -69.87 104.11
C LEU F 242 2.95 -71.39 104.10
N ALA F 243 3.99 -72.07 104.58
CA ALA F 243 4.04 -73.53 104.58
C ALA F 243 4.34 -74.02 105.98
N GLY F 244 3.54 -74.99 106.45
CA GLY F 244 3.78 -75.60 107.73
C GLY F 244 4.81 -76.71 107.66
N PHE F 245 5.24 -77.16 108.83
CA PHE F 245 6.23 -78.22 108.94
C PHE F 245 5.81 -79.20 110.03
N ALA F 246 6.37 -80.41 109.94
CA ALA F 246 6.06 -81.44 110.93
C ALA F 246 6.54 -81.06 112.32
N SER F 247 7.61 -80.26 112.41
CA SER F 247 8.10 -79.78 113.70
C SER F 247 7.26 -78.63 114.24
N GLY F 248 6.33 -78.09 113.47
CA GLY F 248 5.50 -76.99 113.91
C GLY F 248 6.13 -75.62 113.78
N THR F 249 7.25 -75.51 113.07
CA THR F 249 7.95 -74.24 112.92
C THR F 249 7.40 -73.50 111.71
N VAL F 250 7.13 -72.21 111.88
CA VAL F 250 6.66 -71.34 110.81
C VAL F 250 7.81 -70.45 110.38
N ALA F 251 8.17 -70.50 109.09
CA ALA F 251 9.30 -69.78 108.56
C ALA F 251 8.84 -68.73 107.55
N LEU F 252 9.49 -67.57 107.58
CA LEU F 252 9.21 -66.48 106.65
C LEU F 252 10.24 -66.53 105.52
N LEU F 253 9.75 -66.55 104.29
CA LEU F 253 10.59 -66.68 103.10
C LEU F 253 10.66 -65.36 102.35
N ASP F 254 11.87 -64.94 102.02
CA ASP F 254 12.11 -63.72 101.26
C ASP F 254 12.85 -64.06 99.97
N LEU F 255 12.45 -63.43 98.88
CA LEU F 255 13.03 -63.69 97.57
C LEU F 255 14.00 -62.57 97.22
N ALA F 256 15.30 -62.89 97.26
CA ALA F 256 16.35 -61.95 96.86
C ALA F 256 16.81 -62.33 95.46
N GLY F 257 16.26 -61.66 94.46
CA GLY F 257 16.53 -62.01 93.08
C GLY F 257 16.01 -63.39 92.71
N SER F 258 16.93 -64.32 92.47
CA SER F 258 16.57 -65.70 92.18
C SER F 258 16.79 -66.64 93.36
N GLU F 259 17.23 -66.11 94.51
CA GLU F 259 17.52 -66.92 95.68
C GLU F 259 16.47 -66.71 96.76
N VAL F 260 16.37 -67.68 97.66
CA VAL F 260 15.49 -67.63 98.82
C VAL F 260 16.37 -67.52 100.06
N ARG F 261 16.14 -66.48 100.86
CA ARG F 261 16.94 -66.22 102.06
C ARG F 261 16.07 -66.42 103.30
N LEU F 262 16.57 -67.21 104.24
CA LEU F 262 15.90 -67.45 105.52
C LEU F 262 16.42 -66.44 106.53
N ARG F 263 15.68 -65.34 106.70
CA ARG F 263 16.10 -64.31 107.66
C ARG F 263 16.03 -64.83 109.10
N GLY F 264 14.99 -65.58 109.42
CA GLY F 264 14.86 -66.13 110.76
C GLY F 264 13.70 -67.10 110.83
N SER F 265 13.77 -67.97 111.84
CA SER F 265 12.74 -68.96 112.07
C SER F 265 12.54 -69.15 113.57
N LEU F 266 11.29 -69.30 113.98
CA LEU F 266 10.94 -69.53 115.38
C LEU F 266 9.94 -70.66 115.48
N ARG F 267 10.16 -71.56 116.44
CA ARG F 267 9.28 -72.70 116.66
C ARG F 267 8.20 -72.27 117.65
N LEU F 268 7.05 -71.83 117.12
CA LEU F 268 5.98 -71.34 117.97
C LEU F 268 5.10 -72.46 118.48
N LEU F 269 4.77 -73.42 117.61
CA LEU F 269 3.89 -74.53 117.97
C LEU F 269 4.63 -75.86 117.80
N LYS F 270 4.21 -76.84 118.59
CA LYS F 270 4.83 -78.17 118.55
C LYS F 270 4.07 -79.15 117.67
N ASN F 271 2.77 -79.00 117.52
CA ASN F 271 1.96 -79.89 116.72
C ASN F 271 1.59 -79.26 115.39
N ALA F 272 1.10 -80.08 114.47
CA ALA F 272 0.72 -79.62 113.15
C ALA F 272 -0.55 -78.78 113.21
N VAL F 273 -0.74 -77.95 112.19
CA VAL F 273 -1.89 -77.07 112.12
C VAL F 273 -3.09 -77.90 111.66
N GLU F 274 -4.10 -78.02 112.53
CA GLU F 274 -5.29 -78.79 112.19
C GLU F 274 -6.08 -78.12 111.08
N MET F 275 -6.19 -76.81 111.11
CA MET F 275 -6.90 -76.07 110.08
C MET F 275 -6.37 -74.64 110.03
N VAL F 276 -6.17 -74.14 108.81
CA VAL F 276 -5.64 -72.80 108.59
C VAL F 276 -6.51 -72.09 107.57
N ASN F 277 -6.79 -70.82 107.81
CA ASN F 277 -7.60 -70.01 106.91
C ASN F 277 -6.95 -68.65 106.73
N PHE F 278 -7.14 -68.06 105.56
CA PHE F 278 -6.63 -66.73 105.24
C PHE F 278 -7.79 -65.81 104.89
N GLY F 279 -7.80 -64.62 105.50
CA GLY F 279 -8.80 -63.63 105.21
C GLY F 279 -8.32 -62.59 104.22
N GLU F 280 -8.83 -62.66 102.99
CA GLU F 280 -8.41 -61.70 101.96
C GLU F 280 -8.80 -60.28 102.32
N GLY F 281 -10.01 -60.09 102.83
CA GLY F 281 -10.47 -58.75 103.19
C GLY F 281 -9.93 -58.22 104.48
N SER F 282 -9.34 -59.08 105.32
CA SER F 282 -8.83 -58.67 106.62
C SER F 282 -7.32 -58.82 106.76
N GLY F 283 -6.71 -59.77 106.07
CA GLY F 283 -5.28 -60.00 106.19
C GLY F 283 -4.85 -60.51 107.55
N VAL F 284 -5.63 -61.40 108.14
CA VAL F 284 -5.36 -61.96 109.46
C VAL F 284 -5.21 -63.47 109.31
N VAL F 285 -4.13 -64.01 109.88
CA VAL F 285 -3.85 -65.45 109.81
C VAL F 285 -4.07 -66.03 111.19
N ALA F 286 -4.92 -67.06 111.27
CA ALA F 286 -5.24 -67.73 112.52
C ALA F 286 -5.00 -69.22 112.37
N ALA F 287 -4.42 -69.83 113.39
CA ALA F 287 -4.14 -71.26 113.40
C ALA F 287 -4.70 -71.88 114.66
N VAL F 288 -5.27 -73.08 114.54
CA VAL F 288 -5.82 -73.83 115.66
C VAL F 288 -5.13 -75.19 115.69
N ALA F 289 -4.52 -75.50 116.84
CA ALA F 289 -3.83 -76.78 117.04
C ALA F 289 -4.23 -77.30 118.41
N ASP F 290 -4.95 -78.42 118.44
CA ASP F 290 -5.45 -79.06 119.66
C ASP F 290 -6.32 -78.04 120.39
N ASN F 291 -6.07 -77.76 121.67
CA ASN F 291 -6.81 -76.75 122.42
C ASN F 291 -6.07 -75.43 122.48
N ARG F 292 -5.27 -75.13 121.46
CA ARG F 292 -4.49 -73.90 121.40
C ARG F 292 -4.84 -73.12 120.14
N VAL F 293 -4.96 -71.80 120.29
CA VAL F 293 -5.26 -70.90 119.19
C VAL F 293 -4.14 -69.88 119.10
N GLY F 294 -3.56 -69.74 117.90
CA GLY F 294 -2.49 -68.79 117.67
C GLY F 294 -2.83 -67.84 116.54
N LEU F 295 -2.33 -66.61 116.66
CA LEU F 295 -2.53 -65.57 115.65
C LEU F 295 -1.18 -65.16 115.09
N LEU F 296 -1.07 -65.17 113.76
CA LEU F 296 0.16 -64.85 113.07
C LEU F 296 -0.01 -63.57 112.26
N ARG F 297 0.87 -62.59 112.50
CA ARG F 297 0.86 -61.34 111.77
C ARG F 297 2.26 -61.07 111.24
N ILE F 298 2.35 -60.70 109.95
CA ILE F 298 3.63 -60.43 109.32
C ILE F 298 4.12 -59.06 109.76
N THR F 299 5.26 -59.02 110.44
CA THR F 299 5.86 -57.80 110.92
C THR F 299 7.29 -57.67 110.38
N GLU F 300 7.81 -56.44 110.43
CA GLU F 300 9.15 -56.19 109.92
C GLU F 300 10.23 -56.82 110.80
N ASP F 301 10.00 -56.89 112.11
CA ASP F 301 11.00 -57.39 113.04
C ASP F 301 10.95 -58.90 113.23
N GLY F 302 9.83 -59.54 112.92
CA GLY F 302 9.72 -60.98 113.08
C GLY F 302 8.49 -61.42 113.86
N ILE F 303 8.63 -62.49 114.62
CA ILE F 303 7.52 -63.07 115.39
C ILE F 303 7.91 -63.08 116.86
N ALA F 304 7.03 -62.55 117.71
CA ALA F 304 7.24 -62.53 119.14
C ALA F 304 6.00 -63.06 119.86
N PRO F 305 6.18 -63.93 120.86
CA PRO F 305 5.02 -64.47 121.57
C PRO F 305 4.41 -63.44 122.51
N THR F 306 3.07 -63.46 122.58
CA THR F 306 2.36 -62.54 123.45
C THR F 306 2.40 -62.96 124.92
N GLY F 307 2.70 -64.23 125.20
CA GLY F 307 2.76 -64.71 126.57
C GLY F 307 1.43 -65.08 127.19
N ASP F 308 0.33 -65.00 126.44
CA ASP F 308 -0.99 -65.33 126.95
C ASP F 308 -1.43 -66.68 126.40
N GLU F 309 -1.92 -67.53 127.28
CA GLU F 309 -2.39 -68.87 126.91
C GLU F 309 -3.81 -69.06 127.39
N ALA F 310 -4.62 -69.74 126.57
CA ALA F 310 -6.01 -70.03 126.89
C ALA F 310 -6.28 -71.51 126.68
N SER F 311 -7.02 -72.11 127.60
CA SER F 311 -7.36 -73.52 127.53
C SER F 311 -8.83 -73.66 127.15
N LEU F 312 -9.10 -74.45 126.11
CA LEU F 312 -10.45 -74.69 125.63
C LEU F 312 -10.96 -76.02 126.18
N GLU F 313 -12.22 -76.02 126.61
CA GLU F 313 -12.83 -77.22 127.16
C GLU F 313 -12.99 -78.29 126.08
N SER F 314 -12.67 -79.53 126.45
CA SER F 314 -12.78 -80.65 125.53
C SER F 314 -14.22 -81.12 125.32
N GLU F 315 -15.16 -80.66 126.15
CA GLU F 315 -16.55 -81.08 126.01
C GLU F 315 -17.22 -80.48 124.79
N ARG F 316 -16.67 -79.40 124.23
CA ARG F 316 -17.25 -78.78 123.04
C ARG F 316 -16.89 -79.50 121.76
N GLY F 317 -16.01 -80.50 121.81
CA GLY F 317 -15.64 -81.26 120.64
C GLY F 317 -14.40 -80.72 119.94
N VAL F 318 -13.81 -81.56 119.11
CA VAL F 318 -12.62 -81.20 118.34
C VAL F 318 -13.09 -80.55 117.04
N PRO F 319 -12.68 -79.31 116.75
CA PRO F 319 -13.08 -78.67 115.49
C PRO F 319 -12.55 -79.44 114.28
N ASP F 320 -13.37 -79.47 113.23
CA ASP F 320 -13.00 -80.10 111.98
C ASP F 320 -13.26 -79.23 110.75
N LEU F 321 -14.09 -78.20 110.86
CA LEU F 321 -14.37 -77.29 109.75
C LEU F 321 -14.31 -75.86 110.28
N LEU F 322 -13.50 -75.04 109.64
CA LEU F 322 -13.31 -73.65 110.06
C LEU F 322 -13.38 -72.76 108.84
N ALA F 323 -14.27 -71.77 108.88
CA ALA F 323 -14.41 -70.81 107.80
C ALA F 323 -14.59 -69.42 108.40
N TRP F 324 -13.69 -68.51 108.05
CA TRP F 324 -13.78 -67.13 108.50
C TRP F 324 -14.59 -66.31 107.51
N SER F 325 -15.46 -65.45 108.04
CA SER F 325 -16.23 -64.57 107.19
C SER F 325 -15.33 -63.51 106.57
N ARG F 326 -15.74 -63.01 105.40
CA ARG F 326 -14.93 -62.02 104.70
C ARG F 326 -14.84 -60.72 105.49
N ASP F 327 -15.94 -60.31 106.13
CA ASP F 327 -15.93 -59.07 106.89
C ASP F 327 -15.16 -59.19 108.20
N GLY F 328 -14.99 -60.40 108.72
CA GLY F 328 -14.26 -60.59 109.96
C GLY F 328 -15.02 -60.28 111.23
N GLN F 329 -16.33 -60.02 111.14
CA GLN F 329 -17.12 -59.73 112.34
C GLN F 329 -17.84 -60.94 112.90
N GLN F 330 -18.17 -61.91 112.06
CA GLN F 330 -18.92 -63.09 112.48
C GLN F 330 -18.04 -64.32 112.38
N LEU F 331 -17.92 -65.06 113.48
CA LEU F 331 -17.16 -66.29 113.53
C LEU F 331 -18.06 -67.42 114.01
N PHE F 332 -18.23 -68.44 113.18
CA PHE F 332 -19.03 -69.61 113.50
C PHE F 332 -18.19 -70.85 113.32
N VAL F 333 -18.07 -71.65 114.38
CA VAL F 333 -17.27 -72.86 114.37
C VAL F 333 -18.18 -74.04 114.66
N GLY F 334 -18.16 -75.04 113.78
CA GLY F 334 -18.97 -76.24 113.93
C GLY F 334 -18.09 -77.42 114.31
N THR F 335 -18.58 -78.24 115.22
CA THR F 335 -17.85 -79.40 115.72
C THR F 335 -18.59 -80.67 115.34
N ASN F 336 -17.84 -81.76 115.23
CA ASN F 336 -18.39 -83.06 114.84
C ASN F 336 -19.31 -83.65 115.91
N GLN F 337 -19.30 -83.13 117.13
CA GLN F 337 -20.16 -83.61 118.20
C GLN F 337 -21.47 -82.83 118.32
N GLY F 338 -21.71 -81.88 117.43
CA GLY F 338 -22.95 -81.12 117.44
C GLY F 338 -22.97 -79.90 118.33
N ASN F 339 -21.81 -79.45 118.82
CA ASN F 339 -21.73 -78.27 119.67
C ASN F 339 -21.17 -77.12 118.85
N VAL F 340 -21.86 -75.98 118.87
CA VAL F 340 -21.49 -74.79 118.11
C VAL F 340 -21.21 -73.66 119.09
N THR F 341 -20.03 -73.07 118.99
CA THR F 341 -19.64 -71.93 119.82
C THR F 341 -19.40 -70.74 118.90
N VAL F 342 -19.98 -69.59 119.25
CA VAL F 342 -19.89 -68.38 118.44
C VAL F 342 -19.02 -67.38 119.19
N PHE F 343 -17.97 -66.90 118.53
CA PHE F 343 -17.07 -65.91 119.09
C PHE F 343 -17.29 -64.57 118.37
N THR F 344 -17.40 -63.49 119.14
CA THR F 344 -17.62 -62.16 118.61
C THR F 344 -16.27 -61.45 118.52
N LEU F 345 -15.79 -61.25 117.29
CA LEU F 345 -14.55 -60.53 117.04
C LEU F 345 -14.91 -59.09 116.72
N LYS F 346 -14.96 -58.26 117.75
CA LYS F 346 -15.34 -56.87 117.56
C LYS F 346 -14.23 -56.09 116.86
N VAL F 347 -14.61 -55.34 115.83
CA VAL F 347 -13.75 -54.34 115.22
C VAL F 347 -14.51 -53.02 115.24
N LEU F 348 -13.96 -52.04 115.93
CA LEU F 348 -14.68 -50.79 116.16
C LEU F 348 -14.77 -49.98 114.88
N ASN F 349 -15.92 -49.32 114.67
CA ASN F 349 -16.11 -48.40 113.58
C ASN F 349 -15.59 -47.01 113.90
N VAL F 350 -14.72 -46.89 114.89
CA VAL F 350 -14.13 -45.62 115.27
C VAL F 350 -12.98 -45.29 114.33
N SER F 351 -13.02 -44.09 113.74
CA SER F 351 -11.99 -43.67 112.81
C SER F 351 -11.72 -42.18 113.04
N ALA F 352 -10.61 -41.71 112.47
CA ALA F 352 -10.25 -40.30 112.53
C ALA F 352 -9.42 -39.97 111.29
N SER F 353 -9.06 -38.71 111.16
CA SER F 353 -8.29 -38.30 109.98
C SER F 353 -7.47 -37.06 110.29
N TYR F 354 -6.44 -36.87 109.48
CA TYR F 354 -5.64 -35.65 109.49
C TYR F 354 -4.92 -35.56 108.15
N GLY F 355 -5.24 -34.54 107.38
CA GLY F 355 -4.62 -34.39 106.07
C GLY F 355 -4.96 -35.56 105.17
N THR F 356 -3.92 -36.21 104.64
CA THR F 356 -4.08 -37.39 103.80
C THR F 356 -4.05 -38.69 104.58
N LEU F 357 -3.96 -38.62 105.92
CA LEU F 357 -3.88 -39.81 106.76
C LEU F 357 -5.25 -40.11 107.34
N VAL F 358 -5.67 -41.37 107.25
CA VAL F 358 -6.92 -41.83 107.87
C VAL F 358 -6.57 -42.95 108.85
N PHE F 359 -7.08 -42.84 110.06
CA PHE F 359 -6.81 -43.78 111.14
C PHE F 359 -8.04 -44.64 111.36
N SER F 360 -7.88 -45.95 111.19
CA SER F 360 -8.97 -46.91 111.38
C SER F 360 -8.41 -48.08 112.19
N PHE F 361 -9.18 -49.16 112.27
CA PHE F 361 -8.78 -50.34 113.04
C PHE F 361 -8.53 -51.52 112.10
N THR F 362 -7.35 -52.11 112.23
CA THR F 362 -6.99 -53.35 111.54
C THR F 362 -7.18 -54.57 112.43
N SER F 363 -6.88 -54.45 113.73
CA SER F 363 -7.13 -55.49 114.70
C SER F 363 -7.72 -54.84 115.94
N ASN F 364 -7.81 -55.60 117.03
CA ASN F 364 -8.36 -55.04 118.26
C ASN F 364 -7.38 -54.11 118.95
N ARG F 365 -6.08 -54.34 118.80
CA ARG F 365 -5.07 -53.58 119.51
C ARG F 365 -4.17 -52.75 118.61
N THR F 366 -4.44 -52.72 117.30
CA THR F 366 -3.61 -51.98 116.35
C THR F 366 -4.49 -51.01 115.57
N ILE F 367 -4.04 -49.76 115.48
CA ILE F 367 -4.68 -48.75 114.65
C ILE F 367 -3.90 -48.63 113.36
N GLY F 368 -4.60 -48.81 112.23
CA GLY F 368 -3.98 -48.70 110.93
C GLY F 368 -4.07 -47.29 110.39
N VAL F 369 -2.94 -46.80 109.89
CA VAL F 369 -2.83 -45.46 109.31
C VAL F 369 -2.69 -45.64 107.80
N LYS F 370 -3.66 -45.16 107.04
CA LYS F 370 -3.67 -45.30 105.60
C LYS F 370 -3.47 -43.93 104.96
N ASN F 371 -2.56 -43.86 103.99
CA ASN F 371 -2.27 -42.62 103.26
C ASN F 371 -3.01 -42.65 101.93
N LEU F 372 -3.88 -41.65 101.72
CA LEU F 372 -4.66 -41.60 100.50
C LEU F 372 -3.82 -41.30 99.26
N GLN F 373 -2.64 -40.71 99.45
CA GLN F 373 -1.77 -40.43 98.30
C GLN F 373 -1.31 -41.71 97.62
N ASP F 374 -0.94 -42.72 98.40
CA ASP F 374 -0.47 -44.00 97.86
C ASP F 374 -1.50 -45.11 98.00
N ASN F 375 -2.59 -44.88 98.74
CA ASN F 375 -3.67 -45.84 98.96
C ASN F 375 -3.20 -47.11 99.68
N ARG F 376 -2.06 -47.03 100.37
CA ARG F 376 -1.50 -48.18 101.07
C ARG F 376 -1.25 -47.80 102.53
N VAL F 377 -1.21 -48.83 103.39
CA VAL F 377 -0.92 -48.63 104.80
C VAL F 377 0.55 -48.28 104.96
N VAL F 378 0.83 -47.22 105.73
CA VAL F 378 2.19 -46.75 105.90
C VAL F 378 2.70 -46.93 107.33
N CYS F 379 1.83 -46.88 108.33
CA CYS F 379 2.24 -47.01 109.72
C CYS F 379 1.14 -47.68 110.52
N THR F 380 1.51 -48.12 111.72
CA THR F 380 0.58 -48.77 112.64
C THR F 380 0.84 -48.25 114.05
N VAL F 381 -0.21 -48.16 114.84
CA VAL F 381 -0.15 -47.60 116.19
C VAL F 381 -0.57 -48.69 117.17
N PRO F 382 0.23 -48.98 118.20
CA PRO F 382 -0.21 -49.93 119.22
C PRO F 382 -1.23 -49.28 120.15
N VAL F 383 -2.28 -50.04 120.49
CA VAL F 383 -3.37 -49.56 121.32
C VAL F 383 -3.49 -50.44 122.55
N ASN F 384 -3.61 -49.83 123.72
CA ASN F 384 -3.71 -50.58 124.97
C ASN F 384 -5.08 -51.19 125.18
N SER F 385 -6.12 -50.60 124.62
CA SER F 385 -7.49 -51.07 124.87
C SER F 385 -8.32 -50.81 123.61
N ASP F 386 -9.65 -50.85 123.77
CA ASP F 386 -10.57 -50.53 122.68
C ASP F 386 -11.18 -49.16 122.93
N PRO F 387 -10.68 -48.11 122.30
CA PRO F 387 -11.18 -46.76 122.59
C PRO F 387 -12.60 -46.54 122.08
N ALA F 388 -13.32 -45.68 122.80
CA ALA F 388 -14.67 -45.31 122.39
C ALA F 388 -14.64 -44.31 121.24
N PHE F 389 -13.68 -43.38 121.26
CA PHE F 389 -13.56 -42.40 120.19
C PHE F 389 -12.09 -42.03 120.01
N ILE F 390 -11.68 -41.82 118.77
CA ILE F 390 -10.30 -41.44 118.47
C ILE F 390 -10.30 -40.12 117.70
N SER F 391 -9.20 -39.39 117.84
CA SER F 391 -9.00 -38.13 117.16
C SER F 391 -7.55 -38.05 116.70
N ALA F 392 -7.31 -37.26 115.65
CA ALA F 392 -6.00 -37.18 115.03
C ALA F 392 -5.55 -35.74 114.90
N GLY F 393 -4.23 -35.56 114.92
CA GLY F 393 -3.62 -34.27 114.68
C GLY F 393 -2.34 -34.43 113.89
N MET F 394 -1.39 -33.50 114.04
CA MET F 394 -0.09 -33.63 113.41
C MET F 394 0.86 -34.32 114.37
N ALA F 395 1.31 -35.52 114.00
CA ALA F 395 2.21 -36.34 114.82
C ALA F 395 1.62 -36.58 116.21
N MET F 396 0.31 -36.81 116.26
CA MET F 396 -0.38 -37.08 117.52
C MET F 396 -1.70 -37.77 117.22
N LEU F 397 -1.95 -38.89 117.91
CA LEU F 397 -3.19 -39.63 117.80
C LEU F 397 -3.72 -39.93 119.19
N ALA F 398 -4.95 -39.52 119.47
CA ALA F 398 -5.55 -39.72 120.78
C ALA F 398 -6.70 -40.71 120.67
N ALA F 399 -6.82 -41.57 121.68
CA ALA F 399 -7.84 -42.63 121.69
C ALA F 399 -8.38 -42.75 123.09
N GLY F 400 -9.70 -42.62 123.26
CA GLY F 400 -10.26 -42.49 124.59
C GLY F 400 -11.53 -43.29 124.78
N VAL F 401 -11.78 -43.62 126.04
CA VAL F 401 -13.03 -44.23 126.49
C VAL F 401 -13.59 -43.36 127.61
N ASN F 402 -14.87 -43.00 127.48
CA ASN F 402 -15.61 -42.29 128.52
C ASN F 402 -14.91 -40.98 128.91
N ASN F 403 -14.11 -41.03 129.98
CA ASN F 403 -13.46 -39.83 130.51
C ASN F 403 -11.94 -39.98 130.60
N GLN F 404 -11.36 -40.96 129.90
CA GLN F 404 -9.91 -41.09 129.84
C GLN F 404 -9.47 -41.19 128.38
N VAL F 405 -8.27 -40.68 128.12
CA VAL F 405 -7.70 -40.65 126.77
C VAL F 405 -6.23 -41.00 126.83
N SER F 406 -5.79 -41.85 125.91
CA SER F 406 -4.39 -42.23 125.76
C SER F 406 -3.83 -41.56 124.52
N TYR F 407 -2.59 -41.07 124.62
CA TYR F 407 -1.96 -40.31 123.56
C TYR F 407 -0.79 -41.08 122.97
N TYR F 408 -0.69 -41.08 121.64
CA TYR F 408 0.44 -41.66 120.94
C TYR F 408 1.03 -40.61 120.02
N GLU F 409 2.35 -40.66 119.85
CA GLU F 409 3.06 -39.73 118.98
C GLU F 409 3.56 -40.54 117.77
N TYR F 410 2.70 -40.67 116.76
CA TYR F 410 3.07 -41.39 115.56
C TYR F 410 3.93 -40.50 114.66
N PHE F 411 4.76 -41.15 113.86
CA PHE F 411 5.68 -40.44 112.97
C PHE F 411 5.88 -41.25 111.70
N ILE F 412 5.93 -40.57 110.56
CA ILE F 412 6.15 -41.22 109.29
C ILE F 412 7.30 -40.52 108.55
N ALA F 434 8.83 -45.33 110.35
CA ALA F 434 7.44 -45.50 110.71
C ALA F 434 7.32 -46.16 112.08
N HIS F 435 7.03 -45.37 113.10
CA HIS F 435 6.91 -45.88 114.46
C HIS F 435 5.96 -44.99 115.24
N SER F 436 5.48 -45.53 116.37
CA SER F 436 4.59 -44.81 117.27
C SER F 436 5.16 -44.85 118.68
N VAL F 437 5.01 -43.74 119.40
CA VAL F 437 5.53 -43.61 120.76
C VAL F 437 4.38 -43.22 121.68
N PHE F 438 4.14 -44.02 122.70
CA PHE F 438 3.15 -43.69 123.71
C PHE F 438 3.65 -42.53 124.58
N LEU F 439 2.74 -41.64 124.95
CA LEU F 439 3.10 -40.48 125.77
C LEU F 439 2.47 -40.52 127.16
N ARG F 440 1.14 -40.58 127.25
CA ARG F 440 0.48 -40.53 128.56
C ARG F 440 -0.98 -40.91 128.40
N THR F 441 -1.56 -41.40 129.49
CA THR F 441 -3.00 -41.60 129.62
C THR F 441 -3.52 -40.64 130.69
N VAL F 442 -4.51 -39.84 130.32
CA VAL F 442 -5.04 -38.77 131.17
C VAL F 442 -6.52 -39.03 131.42
N GLU F 443 -6.92 -38.96 132.68
CA GLU F 443 -8.31 -39.02 133.09
C GLU F 443 -8.85 -37.62 133.32
N TYR F 444 -10.15 -37.46 133.11
CA TYR F 444 -10.81 -36.17 133.27
C TYR F 444 -12.04 -36.31 134.14
N PRO F 445 -12.40 -35.25 134.88
CA PRO F 445 -13.53 -35.36 135.82
C PRO F 445 -14.87 -35.63 135.16
N SER F 446 -15.02 -35.34 133.87
CA SER F 446 -16.28 -35.53 133.17
C SER F 446 -16.03 -36.31 131.89
N PRO F 447 -17.04 -37.01 131.37
CA PRO F 447 -16.87 -37.72 130.10
C PRO F 447 -16.54 -36.76 128.97
N VAL F 448 -15.66 -37.21 128.08
CA VAL F 448 -15.19 -36.38 126.97
C VAL F 448 -16.12 -36.63 125.79
N THR F 449 -17.00 -35.67 125.52
CA THR F 449 -17.95 -35.82 124.42
C THR F 449 -17.25 -35.77 123.07
N ASP F 450 -16.33 -34.82 122.89
CA ASP F 450 -15.58 -34.69 121.65
C ASP F 450 -14.14 -34.30 121.98
N LEU F 451 -13.25 -34.48 121.01
CA LEU F 451 -11.83 -34.33 121.25
C LEU F 451 -11.11 -33.89 119.99
N LYS F 452 -10.25 -32.89 120.11
CA LYS F 452 -9.37 -32.45 119.04
C LYS F 452 -7.96 -32.30 119.59
N VAL F 453 -6.96 -32.45 118.73
CA VAL F 453 -5.59 -32.48 119.20
C VAL F 453 -4.65 -32.00 118.09
N ASN F 454 -3.56 -31.37 118.51
CA ASN F 454 -2.44 -31.06 117.61
C ASN F 454 -1.15 -31.57 118.24
N SER F 455 -0.01 -31.17 117.67
CA SER F 455 1.27 -31.73 118.10
C SER F 455 1.60 -31.37 119.55
N ASN F 456 1.29 -30.14 119.96
CA ASN F 456 1.69 -29.68 121.29
C ASN F 456 0.56 -29.67 122.31
N LEU F 457 -0.65 -29.29 121.92
CA LEU F 457 -1.75 -29.11 122.86
C LEU F 457 -2.88 -30.08 122.53
N ALA F 458 -3.95 -29.98 123.31
CA ALA F 458 -5.13 -30.81 123.11
C ALA F 458 -6.35 -30.11 123.67
N ALA F 459 -7.47 -30.23 122.97
CA ALA F 459 -8.75 -29.68 123.38
C ALA F 459 -9.71 -30.82 123.65
N VAL F 460 -10.26 -30.86 124.87
CA VAL F 460 -11.17 -31.90 125.32
C VAL F 460 -12.48 -31.24 125.73
N VAL F 461 -13.60 -31.81 125.26
CA VAL F 461 -14.91 -31.20 125.46
C VAL F 461 -15.58 -31.87 126.66
N TYR F 462 -15.80 -31.09 127.71
CA TYR F 462 -16.56 -31.54 128.88
C TYR F 462 -16.98 -30.30 129.66
N ASP F 463 -17.92 -30.50 130.59
CA ASP F 463 -18.53 -29.43 131.37
C ASP F 463 -19.21 -28.40 130.47
N GLY F 464 -19.69 -28.86 129.31
CA GLY F 464 -20.24 -27.94 128.32
C GLY F 464 -19.25 -27.01 127.68
N ARG F 465 -17.94 -27.23 127.90
CA ARG F 465 -16.91 -26.31 127.47
C ARG F 465 -15.73 -27.12 126.98
N VAL F 466 -14.59 -26.46 126.77
CA VAL F 466 -13.40 -27.08 126.22
C VAL F 466 -12.21 -26.75 127.10
N GLN F 467 -11.49 -27.77 127.53
CA GLN F 467 -10.22 -27.61 128.22
C GLN F 467 -9.09 -27.78 127.21
N LEU F 468 -8.24 -26.75 127.11
CA LEU F 468 -7.08 -26.76 126.22
C LEU F 468 -5.84 -26.85 127.09
N SER F 469 -5.07 -27.92 126.92
CA SER F 469 -3.93 -28.19 127.79
C SER F 469 -2.77 -28.75 126.98
N PRO F 470 -1.53 -28.47 127.40
CA PRO F 470 -0.38 -29.12 126.76
C PRO F 470 -0.32 -30.59 127.15
N ILE F 471 -0.20 -31.46 126.14
CA ILE F 471 -0.14 -32.89 126.40
C ILE F 471 1.16 -33.27 127.09
N ARG F 472 2.27 -32.65 126.69
CA ARG F 472 3.56 -32.95 127.30
C ARG F 472 3.53 -32.63 128.79
N ASP F 473 3.99 -33.58 129.60
CA ASP F 473 3.98 -33.44 131.05
C ASP F 473 5.29 -32.81 131.55
N THR F 474 5.64 -31.67 130.97
CA THR F 474 6.81 -30.94 131.42
C THR F 474 6.55 -30.31 132.78
N PRO F 475 7.59 -30.21 133.63
CA PRO F 475 7.40 -29.59 134.95
C PRO F 475 7.05 -28.11 134.88
N GLU F 476 7.34 -27.44 133.78
CA GLU F 476 7.08 -26.02 133.61
C GLU F 476 6.07 -25.77 132.49
N ALA F 477 5.05 -26.61 132.40
CA ALA F 477 4.05 -26.50 131.36
C ALA F 477 3.13 -25.30 131.60
N ALA F 478 2.53 -24.81 130.52
CA ALA F 478 1.60 -23.70 130.62
C ALA F 478 0.30 -24.16 131.27
N ALA F 479 -0.33 -23.24 131.99
CA ALA F 479 -1.60 -23.54 132.67
C ALA F 479 -2.68 -23.78 131.64
N PRO F 480 -3.46 -24.86 131.75
CA PRO F 480 -4.54 -25.11 130.80
C PRO F 480 -5.63 -24.05 130.90
N VAL F 481 -6.28 -23.80 129.76
CA VAL F 481 -7.28 -22.74 129.64
C VAL F 481 -8.63 -23.38 129.37
N TYR F 482 -9.68 -22.69 129.78
CA TYR F 482 -11.06 -23.16 129.60
C TYR F 482 -11.81 -22.18 128.72
N PHE F 483 -12.49 -22.71 127.70
CA PHE F 483 -13.21 -21.86 126.76
C PHE F 483 -14.63 -22.38 126.58
N PRO F 484 -15.62 -21.47 126.39
CA PRO F 484 -15.51 -20.01 126.29
C PRO F 484 -15.35 -19.34 127.65
N GLU F 485 -14.92 -18.08 127.67
CA GLU F 485 -14.71 -17.36 128.92
C GLU F 485 -15.83 -16.37 129.15
N SER F 486 -16.14 -16.14 130.43
CA SER F 486 -17.10 -15.17 130.94
C SER F 486 -18.54 -15.53 130.59
N GLY F 487 -18.74 -16.59 129.79
CA GLY F 487 -20.07 -17.12 129.58
C GLY F 487 -20.79 -16.49 128.41
N ASP F 488 -20.96 -17.23 127.31
CA ASP F 488 -21.79 -16.76 126.21
C ASP F 488 -23.00 -17.65 126.00
N THR F 489 -22.80 -18.93 125.70
CA THR F 489 -23.85 -19.94 125.53
C THR F 489 -23.17 -21.29 125.38
N ARG F 490 -23.95 -22.32 125.08
CA ARG F 490 -23.42 -23.66 124.90
C ARG F 490 -22.55 -23.76 123.66
N LEU F 491 -21.51 -24.59 123.74
CA LEU F 491 -20.65 -24.89 122.60
C LEU F 491 -21.29 -25.99 121.77
N VAL F 492 -21.19 -25.85 120.45
CA VAL F 492 -21.77 -26.83 119.53
C VAL F 492 -20.70 -27.73 118.93
N SER F 493 -19.59 -27.17 118.47
CA SER F 493 -18.48 -27.95 117.94
C SER F 493 -17.22 -27.11 117.99
N ILE F 494 -16.08 -27.79 117.93
CA ILE F 494 -14.76 -27.15 117.94
C ILE F 494 -13.90 -27.80 116.87
N ALA F 495 -12.80 -27.12 116.55
CA ALA F 495 -11.78 -27.65 115.65
C ALA F 495 -10.43 -27.11 116.08
N LEU F 496 -9.37 -27.85 115.74
CA LEU F 496 -8.03 -27.48 116.14
C LEU F 496 -7.09 -27.65 114.97
N SER F 497 -6.07 -26.78 114.92
CA SER F 497 -5.05 -26.82 113.88
C SER F 497 -3.70 -26.53 114.53
N GLU F 498 -2.70 -26.25 113.71
CA GLU F 498 -1.34 -26.11 114.20
C GLU F 498 -1.15 -24.83 115.03
N VAL F 499 -1.86 -23.76 114.68
CA VAL F 499 -1.62 -22.47 115.34
C VAL F 499 -2.94 -21.85 115.75
N PHE F 500 -4.06 -22.45 115.33
CA PHE F 500 -5.38 -21.89 115.58
C PHE F 500 -6.21 -22.84 116.44
N PHE F 501 -6.96 -22.26 117.38
CA PHE F 501 -7.98 -22.96 118.13
C PHE F 501 -9.33 -22.32 117.81
N LEU F 502 -10.26 -23.12 117.32
CA LEU F 502 -11.57 -22.63 116.91
C LEU F 502 -12.64 -23.23 117.82
N TYR F 503 -13.49 -22.38 118.38
CA TYR F 503 -14.65 -22.85 119.13
C TYR F 503 -15.89 -22.09 118.69
N ALA F 504 -16.98 -22.83 118.51
CA ALA F 504 -18.24 -22.29 118.00
C ALA F 504 -19.33 -22.52 119.03
N THR F 505 -20.10 -21.47 119.30
CA THR F 505 -21.27 -21.52 120.15
C THR F 505 -22.51 -21.33 119.27
N THR F 506 -23.67 -21.20 119.90
CA THR F 506 -24.86 -20.83 119.16
C THR F 506 -24.91 -19.35 118.83
N SER F 507 -23.96 -18.56 119.34
CA SER F 507 -23.93 -17.12 119.13
C SER F 507 -22.67 -16.64 118.39
N ARG F 508 -21.50 -17.17 118.71
CA ARG F 508 -20.26 -16.64 118.17
C ARG F 508 -19.31 -17.78 117.81
N VAL F 509 -18.55 -17.56 116.73
CA VAL F 509 -17.47 -18.44 116.31
C VAL F 509 -16.17 -17.68 116.53
N SER F 510 -15.28 -18.23 117.36
CA SER F 510 -14.09 -17.52 117.77
C SER F 510 -12.84 -18.36 117.50
N VAL F 511 -11.81 -17.70 116.98
CA VAL F 511 -10.53 -18.33 116.67
C VAL F 511 -9.45 -17.62 117.46
N TYR F 512 -8.56 -18.40 118.08
CA TYR F 512 -7.49 -17.88 118.91
C TYR F 512 -6.15 -18.41 118.41
N ALA F 513 -5.13 -17.55 118.49
CA ALA F 513 -3.79 -17.93 118.08
C ALA F 513 -3.11 -18.69 119.20
N LEU F 514 -2.68 -19.92 118.92
CA LEU F 514 -2.16 -20.79 119.97
C LEU F 514 -0.85 -20.30 120.56
N HIS F 515 -0.08 -19.47 119.84
CA HIS F 515 1.17 -18.97 120.39
C HIS F 515 0.95 -17.94 121.48
N ASN F 516 -0.24 -17.34 121.55
CA ASN F 516 -0.52 -16.34 122.58
C ASN F 516 -1.87 -16.51 123.25
N LEU F 517 -2.77 -17.36 122.73
CA LEU F 517 -4.13 -17.51 123.23
C LEU F 517 -4.86 -16.16 123.25
N GLN F 518 -4.65 -15.37 122.20
CA GLN F 518 -5.25 -14.06 122.07
C GLN F 518 -6.27 -14.07 120.94
N GLN F 519 -7.37 -13.35 121.14
CA GLN F 519 -8.46 -13.36 120.18
C GLN F 519 -8.05 -12.60 118.91
N VAL F 520 -8.30 -13.22 117.76
CA VAL F 520 -7.98 -12.62 116.46
C VAL F 520 -9.21 -12.52 115.57
N ALA F 521 -10.00 -13.59 115.50
CA ALA F 521 -11.18 -13.64 114.64
C ALA F 521 -12.41 -13.99 115.47
N THR F 522 -13.49 -13.24 115.27
CA THR F 522 -14.74 -13.48 115.99
C THR F 522 -15.90 -13.09 115.08
N PHE F 523 -16.72 -14.07 114.71
CA PHE F 523 -17.88 -13.86 113.87
C PHE F 523 -19.15 -14.11 114.66
N THR F 524 -20.10 -13.18 114.58
CA THR F 524 -21.36 -13.28 115.30
C THR F 524 -22.45 -13.76 114.36
N CYS F 525 -23.10 -14.87 114.71
CA CYS F 525 -24.18 -15.43 113.91
C CYS F 525 -25.52 -15.10 114.58
N ASN F 526 -26.35 -14.33 113.89
CA ASN F 526 -27.63 -13.92 114.45
C ASN F 526 -28.66 -15.04 114.42
N THR F 527 -28.63 -15.87 113.37
CA THR F 527 -29.60 -16.94 113.20
C THR F 527 -29.25 -18.21 113.96
N GLY F 528 -28.30 -18.14 114.89
CA GLY F 528 -27.94 -19.30 115.68
C GLY F 528 -27.03 -20.25 114.95
N LEU F 529 -26.71 -21.36 115.63
CA LEU F 529 -25.84 -22.38 115.07
C LEU F 529 -26.12 -23.70 115.77
N LYS F 530 -26.25 -24.76 114.97
CA LYS F 530 -26.44 -26.11 115.49
C LYS F 530 -25.17 -26.95 115.39
N ARG F 531 -24.61 -27.06 114.18
CA ARG F 531 -23.41 -27.86 113.94
C ARG F 531 -22.48 -27.09 113.02
N ALA F 532 -21.27 -26.81 113.49
CA ALA F 532 -20.27 -26.10 112.71
C ALA F 532 -19.21 -27.07 112.18
N PHE F 533 -18.67 -26.75 111.01
CA PHE F 533 -17.70 -27.61 110.32
C PHE F 533 -16.60 -26.73 109.76
N ALA F 534 -15.52 -26.56 110.52
CA ALA F 534 -14.41 -25.71 110.11
C ALA F 534 -13.54 -26.43 109.08
N ASN F 535 -12.89 -25.64 108.23
CA ASN F 535 -11.94 -26.16 107.27
C ASN F 535 -10.67 -26.60 108.00
N PRO F 536 -9.85 -27.46 107.37
CA PRO F 536 -8.63 -27.93 108.05
C PRO F 536 -7.67 -26.82 108.45
N ALA F 537 -7.68 -25.69 107.76
CA ALA F 537 -6.80 -24.58 108.09
C ALA F 537 -7.43 -23.60 109.07
N CYS F 538 -8.65 -23.87 109.54
CA CYS F 538 -9.36 -23.01 110.49
C CYS F 538 -9.53 -21.59 109.94
N THR F 539 -10.01 -21.50 108.70
CA THR F 539 -10.28 -20.22 108.07
C THR F 539 -11.67 -20.08 107.48
N ARG F 540 -12.33 -21.19 107.13
CA ARG F 540 -13.68 -21.17 106.58
C ARG F 540 -14.55 -22.14 107.36
N VAL F 541 -15.73 -21.68 107.78
CA VAL F 541 -16.65 -22.48 108.56
C VAL F 541 -17.96 -22.59 107.80
N ALA F 542 -18.37 -23.83 107.49
CA ALA F 542 -19.67 -24.10 106.91
C ALA F 542 -20.59 -24.51 108.04
N TYR F 543 -21.35 -23.54 108.56
CA TYR F 543 -22.14 -23.75 109.77
C TYR F 543 -23.63 -23.69 109.45
N VAL F 544 -24.40 -24.53 110.14
CA VAL F 544 -25.85 -24.62 109.94
C VAL F 544 -26.54 -23.87 111.06
N ASP F 545 -27.42 -22.94 110.70
CA ASP F 545 -28.13 -22.14 111.68
C ASP F 545 -29.45 -22.83 112.07
N ASP F 546 -30.24 -22.15 112.90
CA ASP F 546 -31.50 -22.72 113.35
C ASP F 546 -32.54 -22.78 112.24
N SER F 547 -32.41 -21.96 111.20
CA SER F 547 -33.37 -21.91 110.11
C SER F 547 -33.09 -22.93 109.01
N SER F 548 -32.31 -23.97 109.31
CA SER F 548 -31.99 -25.04 108.36
C SER F 548 -31.30 -24.48 107.11
N GLU F 549 -30.34 -23.58 107.31
CA GLU F 549 -29.57 -22.99 106.23
C GLU F 549 -28.09 -23.17 106.52
N LEU F 550 -27.29 -23.29 105.46
CA LEU F 550 -25.85 -23.48 105.58
C LEU F 550 -25.14 -22.22 105.13
N PHE F 551 -24.34 -21.64 106.01
CA PHE F 551 -23.60 -20.42 105.75
C PHE F 551 -22.11 -20.74 105.69
N ASN F 552 -21.47 -20.29 104.61
CA ASN F 552 -20.04 -20.50 104.38
C ASN F 552 -19.31 -19.23 104.78
N VAL F 553 -18.96 -19.13 106.05
CA VAL F 553 -18.36 -17.91 106.60
C VAL F 553 -16.85 -17.98 106.44
N ASN F 554 -16.28 -16.99 105.77
CA ASN F 554 -14.84 -16.82 105.71
C ASN F 554 -14.41 -16.03 106.94
N LEU F 555 -13.70 -16.71 107.85
CA LEU F 555 -13.32 -16.10 109.13
C LEU F 555 -12.32 -14.97 108.98
N VAL F 556 -11.67 -14.84 107.82
CA VAL F 556 -10.68 -13.79 107.64
C VAL F 556 -11.36 -12.44 107.45
N THR F 557 -12.22 -12.33 106.44
CA THR F 557 -12.92 -11.09 106.15
C THR F 557 -14.25 -10.98 106.86
N GLU F 558 -14.70 -12.05 107.52
CA GLU F 558 -15.95 -12.07 108.30
C GLU F 558 -17.15 -11.73 107.43
N VAL F 559 -17.38 -12.58 106.42
CA VAL F 559 -18.53 -12.46 105.55
C VAL F 559 -19.33 -13.75 105.62
N ALA F 560 -20.63 -13.63 105.84
CA ALA F 560 -21.53 -14.78 105.92
C ALA F 560 -22.28 -14.92 104.61
N ASN F 561 -22.07 -16.02 103.91
CA ASN F 561 -22.72 -16.28 102.63
C ASN F 561 -23.43 -17.62 102.71
N LYS F 562 -24.73 -17.62 102.46
CA LYS F 562 -25.50 -18.86 102.48
C LYS F 562 -25.17 -19.71 101.26
N ALA F 563 -25.15 -21.02 101.47
CA ALA F 563 -24.86 -21.95 100.38
C ALA F 563 -26.11 -22.11 99.50
N GLU F 564 -25.93 -21.92 98.20
CA GLU F 564 -27.04 -22.06 97.26
C GLU F 564 -27.40 -23.54 97.10
N GLY F 565 -28.71 -23.81 97.05
CA GLY F 565 -29.18 -25.17 96.86
C GLY F 565 -28.93 -26.09 98.03
N TYR F 566 -28.74 -25.55 99.23
CA TYR F 566 -28.45 -26.38 100.40
C TYR F 566 -29.71 -27.12 100.83
N ASP F 567 -29.69 -28.44 100.68
CA ASP F 567 -30.80 -29.26 101.14
C ASP F 567 -30.75 -29.37 102.66
N PRO F 568 -31.79 -28.94 103.38
CA PRO F 568 -31.77 -29.06 104.84
C PRO F 568 -31.80 -30.49 105.34
N ASP F 569 -32.18 -31.46 104.50
CA ASP F 569 -32.21 -32.85 104.94
C ASP F 569 -30.81 -33.36 105.26
N GLN F 570 -29.82 -32.99 104.44
CA GLN F 570 -28.44 -33.42 104.65
C GLN F 570 -27.79 -32.52 105.71
N LYS F 571 -27.26 -33.14 106.77
CA LYS F 571 -26.81 -32.40 107.93
C LYS F 571 -25.30 -32.35 108.09
N MET F 572 -24.56 -33.34 107.63
CA MET F 572 -23.14 -33.44 107.91
C MET F 572 -22.31 -32.82 106.80
N VAL F 573 -21.18 -32.23 107.18
CA VAL F 573 -20.28 -31.55 106.25
C VAL F 573 -18.87 -32.04 106.47
N LEU F 574 -18.20 -32.43 105.38
CA LEU F 574 -16.78 -32.79 105.40
C LEU F 574 -16.03 -31.84 104.48
N TRP F 575 -14.94 -31.26 104.98
CA TRP F 575 -14.08 -30.41 104.18
C TRP F 575 -13.04 -31.26 103.46
N ASP F 576 -12.90 -31.02 102.16
CA ASP F 576 -11.91 -31.76 101.37
C ASP F 576 -10.50 -31.40 101.82
N GLN F 577 -9.64 -32.42 101.86
CA GLN F 577 -8.26 -32.21 102.28
C GLN F 577 -7.32 -31.93 101.12
N ALA F 578 -7.69 -32.30 99.90
CA ALA F 578 -6.87 -32.03 98.73
C ALA F 578 -7.14 -30.65 98.14
N GLU F 579 -8.39 -30.20 98.16
CA GLU F 579 -8.78 -28.91 97.62
C GLU F 579 -9.41 -28.07 98.72
N ALA F 580 -9.02 -26.80 98.79
CA ALA F 580 -9.48 -25.90 99.84
C ALA F 580 -10.73 -25.11 99.45
N THR F 581 -11.27 -25.34 98.25
CA THR F 581 -12.44 -24.61 97.79
C THR F 581 -13.67 -25.50 97.64
N VAL F 582 -13.57 -26.78 97.99
CA VAL F 582 -14.64 -27.74 97.79
C VAL F 582 -14.89 -28.47 99.10
N PHE F 583 -16.17 -28.65 99.46
CA PHE F 583 -16.52 -29.54 100.55
C PHE F 583 -17.79 -30.31 100.17
N ILE F 584 -18.18 -31.24 101.04
CA ILE F 584 -19.26 -32.17 100.73
C ILE F 584 -20.26 -32.17 101.88
N THR F 585 -21.55 -32.14 101.55
CA THR F 585 -22.63 -32.20 102.53
C THR F 585 -23.41 -33.49 102.29
N TYR F 586 -23.51 -34.31 103.32
CA TYR F 586 -24.14 -35.61 103.19
C TYR F 586 -25.10 -35.87 104.34
N ASP F 587 -25.99 -36.84 104.10
CA ASP F 587 -26.86 -37.46 105.07
C ASP F 587 -26.64 -38.98 104.99
N SER F 588 -27.53 -39.73 105.63
CA SER F 588 -27.35 -41.18 105.72
C SER F 588 -27.40 -41.90 104.37
N GLU F 589 -27.90 -41.24 103.31
CA GLU F 589 -28.07 -41.91 102.03
C GLU F 589 -27.30 -41.27 100.90
N LYS F 590 -27.39 -39.94 100.72
CA LYS F 590 -26.79 -39.29 99.55
C LYS F 590 -25.91 -38.13 99.98
N CYS F 591 -25.34 -37.44 99.00
CA CYS F 591 -24.42 -36.34 99.26
C CYS F 591 -24.41 -35.38 98.07
N ALA F 592 -23.98 -34.16 98.34
CA ALA F 592 -23.87 -33.12 97.32
C ALA F 592 -22.62 -32.29 97.59
N THR F 593 -22.02 -31.80 96.51
CA THR F 593 -20.73 -31.12 96.57
C THR F 593 -20.91 -29.62 96.45
N PHE F 594 -20.34 -28.87 97.39
CA PHE F 594 -20.41 -27.42 97.40
C PHE F 594 -19.03 -26.86 97.04
N VAL F 595 -19.02 -25.86 96.16
CA VAL F 595 -17.79 -25.21 95.70
C VAL F 595 -17.78 -23.79 96.21
N ASN F 596 -16.65 -23.37 96.78
CA ASN F 596 -16.47 -22.04 97.36
C ASN F 596 -15.55 -21.23 96.45
N THR F 597 -16.14 -20.27 95.73
CA THR F 597 -15.37 -19.38 94.87
C THR F 597 -14.97 -18.15 95.65
N PRO F 598 -13.67 -17.83 95.75
CA PRO F 598 -13.26 -16.71 96.60
C PRO F 598 -13.55 -15.34 96.00
N HIS F 599 -13.60 -15.23 94.68
CA HIS F 599 -13.83 -13.93 94.05
C HIS F 599 -14.47 -14.14 92.69
N SER F 600 -15.46 -13.29 92.38
CA SER F 600 -16.12 -13.27 91.08
C SER F 600 -16.77 -11.91 90.93
N ARG F 601 -17.65 -11.78 89.92
CA ARG F 601 -18.41 -10.54 89.75
C ARG F 601 -19.35 -10.31 90.92
N HIS F 602 -19.90 -11.38 91.49
CA HIS F 602 -20.88 -11.29 92.57
C HIS F 602 -20.26 -11.47 93.95
N GLY F 603 -18.94 -11.38 94.05
CA GLY F 603 -18.26 -11.62 95.31
C GLY F 603 -18.02 -13.10 95.54
N ALA F 604 -17.55 -13.40 96.75
CA ALA F 604 -17.31 -14.79 97.14
C ALA F 604 -18.62 -15.55 97.21
N THR F 605 -18.66 -16.73 96.61
CA THR F 605 -19.87 -17.51 96.51
C THR F 605 -19.63 -18.91 97.04
N CYS F 606 -20.73 -19.59 97.40
CA CYS F 606 -20.69 -20.98 97.84
C CYS F 606 -21.89 -21.66 97.18
N GLU F 607 -21.65 -22.43 96.13
CA GLU F 607 -22.71 -22.93 95.27
C GLU F 607 -22.67 -24.46 95.20
N SER F 608 -23.85 -25.07 95.20
CA SER F 608 -23.95 -26.50 94.97
C SER F 608 -23.73 -26.82 93.49
N VAL F 609 -23.02 -27.91 93.23
CA VAL F 609 -22.86 -28.38 91.87
C VAL F 609 -24.19 -28.92 91.37
N LEU F 610 -24.57 -28.55 90.16
CA LEU F 610 -25.86 -28.90 89.59
C LEU F 610 -25.67 -29.92 88.46
N VAL F 611 -26.78 -30.26 87.81
CA VAL F 611 -26.80 -31.24 86.74
C VAL F 611 -27.00 -30.50 85.42
N LYS F 612 -26.56 -31.13 84.34
CA LYS F 612 -26.78 -30.60 83.00
C LYS F 612 -28.27 -30.57 82.68
N ASP F 613 -28.66 -29.58 81.88
CA ASP F 613 -30.05 -29.36 81.46
C ASP F 613 -30.97 -29.15 82.67
N SER F 614 -30.43 -28.57 83.74
CA SER F 614 -31.20 -28.25 84.93
C SER F 614 -30.45 -27.20 85.71
N SER F 615 -31.18 -26.44 86.54
CA SER F 615 -30.58 -25.37 87.30
C SER F 615 -31.09 -25.28 88.74
N GLU F 616 -31.80 -26.29 89.24
CA GLU F 616 -32.33 -26.17 90.59
C GLU F 616 -32.04 -27.38 91.48
N ASP F 617 -31.90 -28.57 90.89
CA ASP F 617 -31.57 -29.76 91.67
C ASP F 617 -30.06 -29.93 91.74
N ASN F 618 -29.55 -30.16 92.95
CA ASN F 618 -28.16 -30.54 93.11
C ASN F 618 -27.97 -31.98 92.64
N LEU F 619 -26.79 -32.27 92.11
CA LEU F 619 -26.48 -33.65 91.74
C LEU F 619 -26.23 -34.47 93.00
N TYR F 620 -26.62 -35.73 92.95
CA TYR F 620 -26.52 -36.61 94.10
C TYR F 620 -25.85 -37.92 93.72
N THR F 621 -24.91 -38.36 94.56
CA THR F 621 -24.24 -39.64 94.37
C THR F 621 -24.76 -40.64 95.39
N PRO F 622 -25.41 -41.71 94.96
CA PRO F 622 -25.98 -42.66 95.92
C PRO F 622 -24.93 -43.47 96.65
N LEU F 623 -24.73 -43.18 97.93
CA LEU F 623 -23.82 -43.97 98.74
C LEU F 623 -24.40 -45.37 98.95
N PRO F 624 -23.56 -46.40 98.97
CA PRO F 624 -24.07 -47.74 99.28
C PRO F 624 -24.58 -47.80 100.70
N PRO F 625 -25.56 -48.66 100.98
CA PRO F 625 -26.15 -48.70 102.33
C PRO F 625 -25.13 -49.13 103.38
N GLY F 626 -25.37 -48.65 104.61
CA GLY F 626 -24.48 -48.95 105.72
C GLY F 626 -23.10 -48.36 105.62
N TYR F 627 -23.00 -47.09 105.23
CA TYR F 627 -21.72 -46.40 105.11
C TYR F 627 -21.77 -45.08 105.86
N THR F 628 -20.70 -44.79 106.61
CA THR F 628 -20.52 -43.53 107.30
C THR F 628 -19.23 -42.90 106.78
N PRO F 629 -19.31 -42.01 105.79
CA PRO F 629 -18.10 -41.40 105.25
C PRO F 629 -17.39 -40.54 106.28
N VAL F 630 -16.07 -40.51 106.18
CA VAL F 630 -15.26 -39.79 107.16
C VAL F 630 -14.28 -38.80 106.54
N THR F 631 -13.87 -38.96 105.28
CA THR F 631 -12.87 -38.06 104.70
C THR F 631 -13.01 -38.06 103.19
N LEU F 632 -13.22 -36.87 102.62
CA LEU F 632 -13.19 -36.69 101.17
C LEU F 632 -11.78 -36.32 100.74
N PHE F 633 -11.30 -36.96 99.67
CA PHE F 633 -9.94 -36.75 99.21
C PHE F 633 -9.87 -36.98 97.71
N ARG F 634 -9.51 -35.92 96.96
CA ARG F 634 -9.32 -35.99 95.51
C ARG F 634 -10.57 -36.49 94.80
N GLY F 635 -11.73 -36.01 95.26
CA GLY F 635 -12.99 -36.39 94.65
C GLY F 635 -13.53 -37.74 95.06
N THR F 636 -12.82 -38.47 95.92
CA THR F 636 -13.25 -39.76 96.41
C THR F 636 -13.28 -39.73 97.92
N VAL F 637 -14.30 -40.33 98.51
CA VAL F 637 -14.51 -40.30 99.96
C VAL F 637 -14.38 -41.72 100.50
N VAL F 638 -13.66 -41.86 101.61
CA VAL F 638 -13.50 -43.14 102.26
C VAL F 638 -14.67 -43.35 103.22
N CYS F 639 -15.46 -44.38 102.96
CA CYS F 639 -16.61 -44.73 103.80
C CYS F 639 -16.28 -45.97 104.60
N GLN F 640 -16.61 -45.93 105.88
CA GLN F 640 -16.30 -47.03 106.79
C GLN F 640 -17.41 -48.06 106.75
N THR F 641 -17.03 -49.30 106.47
CA THR F 641 -17.97 -50.41 106.52
C THR F 641 -18.42 -50.64 107.96
N PRO F 642 -19.55 -51.31 108.16
CA PRO F 642 -19.95 -51.68 109.54
C PRO F 642 -18.91 -52.53 110.24
N ASN F 643 -18.08 -53.25 109.47
CA ASN F 643 -16.98 -54.04 110.01
C ASN F 643 -15.75 -53.22 110.35
N GLY F 644 -15.71 -51.95 109.97
CA GLY F 644 -14.57 -51.09 110.24
C GLY F 644 -13.64 -50.89 109.06
N THR F 645 -13.80 -51.65 107.99
CA THR F 645 -12.96 -51.49 106.81
C THR F 645 -13.33 -50.21 106.06
N LEU F 646 -12.34 -49.62 105.41
CA LEU F 646 -12.53 -48.39 104.65
C LEU F 646 -12.58 -48.70 103.16
N GLU F 647 -13.65 -48.27 102.49
CA GLU F 647 -13.80 -48.47 101.06
C GLU F 647 -13.97 -47.12 100.38
N THR F 648 -13.41 -46.98 99.18
CA THR F 648 -13.39 -45.71 98.48
C THR F 648 -14.61 -45.60 97.57
N VAL F 649 -15.37 -44.53 97.74
CA VAL F 649 -16.54 -44.23 96.92
C VAL F 649 -16.23 -42.98 96.11
N PRO F 650 -16.26 -43.04 94.78
CA PRO F 650 -15.93 -41.85 93.99
C PRO F 650 -17.13 -40.96 93.71
N LEU F 651 -16.98 -39.66 93.94
CA LEU F 651 -18.05 -38.73 93.63
C LEU F 651 -18.21 -38.58 92.12
N GLN F 652 -19.46 -38.51 91.68
CA GLN F 652 -19.73 -38.25 90.27
C GLN F 652 -19.50 -36.78 89.92
N THR F 653 -19.39 -35.91 90.90
CA THR F 653 -19.03 -34.51 90.64
C THR F 653 -17.62 -34.43 90.07
N HIS F 654 -16.70 -35.22 90.61
CA HIS F 654 -15.31 -35.26 90.16
C HIS F 654 -15.06 -36.33 89.12
N ASN F 655 -16.08 -36.69 88.33
CA ASN F 655 -15.93 -37.75 87.35
C ASN F 655 -15.07 -37.29 86.19
N ASN F 656 -14.02 -38.06 85.88
CA ASN F 656 -13.14 -37.86 84.73
C ASN F 656 -12.43 -36.51 84.75
N ILE F 657 -12.27 -35.90 85.92
CA ILE F 657 -11.62 -34.58 85.98
C ILE F 657 -10.12 -34.66 85.80
N PHE F 658 -9.55 -35.86 85.67
CA PHE F 658 -8.13 -36.03 85.39
C PHE F 658 -7.91 -36.58 83.99
N LEU F 659 -8.83 -36.30 83.07
CA LEU F 659 -8.78 -36.77 81.70
C LEU F 659 -8.65 -35.58 80.77
N ARG F 660 -7.70 -35.66 79.83
CA ARG F 660 -7.40 -34.56 78.93
C ARG F 660 -7.77 -34.88 77.48
N THR F 661 -8.78 -35.71 77.28
CA THR F 661 -9.28 -36.06 75.96
C THR F 661 -10.62 -35.37 75.72
N PRO F 662 -11.01 -35.16 74.45
CA PRO F 662 -12.25 -34.43 74.18
C PRO F 662 -13.51 -35.16 74.61
N ASN F 663 -13.78 -35.15 75.92
CA ASN F 663 -14.99 -35.74 76.49
C ASN F 663 -15.80 -34.63 77.15
N ALA F 664 -17.10 -34.59 76.84
CA ALA F 664 -17.93 -33.49 77.30
C ALA F 664 -18.20 -33.57 78.81
N GLU F 665 -18.39 -34.79 79.33
CA GLU F 665 -18.70 -34.95 80.74
C GLU F 665 -17.53 -34.48 81.61
N ALA F 666 -16.31 -34.81 81.20
CA ALA F 666 -15.13 -34.36 81.94
C ALA F 666 -15.03 -32.84 81.94
N PHE F 667 -15.31 -32.22 80.79
CA PHE F 667 -15.27 -30.76 80.71
C PHE F 667 -16.32 -30.14 81.64
N TYR F 668 -17.53 -30.69 81.65
CA TYR F 668 -18.57 -30.14 82.51
C TYR F 668 -18.23 -30.33 83.98
N ASN F 669 -17.65 -31.48 84.35
CA ASN F 669 -17.27 -31.71 85.73
C ASN F 669 -16.18 -30.76 86.18
N ASN F 670 -15.18 -30.51 85.31
CA ASN F 670 -14.16 -29.52 85.64
C ASN F 670 -14.74 -28.11 85.67
N PHE F 671 -15.70 -27.82 84.78
CA PHE F 671 -16.29 -26.50 84.70
C PHE F 671 -17.07 -26.16 85.95
N SER F 672 -17.81 -27.13 86.50
CA SER F 672 -18.63 -26.87 87.67
C SER F 672 -17.78 -26.69 88.92
N LEU F 673 -16.62 -27.36 89.00
CA LEU F 673 -15.76 -27.31 90.17
C LEU F 673 -14.72 -26.20 90.10
N ASN F 674 -14.91 -25.23 89.21
CA ASN F 674 -13.96 -24.12 89.01
C ASN F 674 -12.57 -24.62 88.65
N ARG F 675 -12.49 -25.73 87.93
CA ARG F 675 -11.24 -26.22 87.36
C ARG F 675 -11.03 -25.63 85.96
N LEU F 676 -11.11 -24.31 85.88
CA LEU F 676 -11.24 -23.63 84.58
C LEU F 676 -9.97 -23.77 83.75
N ARG F 677 -8.81 -23.49 84.35
CA ARG F 677 -7.55 -23.66 83.62
C ARG F 677 -7.34 -25.11 83.23
N TRP F 678 -7.69 -26.04 84.13
CA TRP F 678 -7.61 -27.45 83.79
C TRP F 678 -8.62 -27.81 82.70
N SER F 679 -9.85 -27.28 82.79
CA SER F 679 -10.86 -27.56 81.79
C SER F 679 -10.52 -26.98 80.43
N SER F 680 -9.61 -26.01 80.37
CA SER F 680 -9.16 -25.48 79.09
C SER F 680 -8.50 -26.55 78.23
N ASN F 681 -7.94 -27.58 78.87
CA ASN F 681 -7.35 -28.70 78.11
C ASN F 681 -8.41 -29.49 77.36
N ASN F 682 -9.58 -29.67 77.98
CA ASN F 682 -10.65 -30.50 77.41
C ASN F 682 -11.80 -29.59 76.99
N ILE F 683 -11.89 -29.31 75.69
CA ILE F 683 -13.02 -28.59 75.10
C ILE F 683 -13.46 -29.35 73.87
N THR F 684 -14.76 -29.58 73.74
CA THR F 684 -15.32 -30.39 72.65
C THR F 684 -16.04 -29.57 71.60
N SER F 685 -16.75 -28.52 71.99
CA SER F 685 -17.52 -27.71 71.06
C SER F 685 -17.18 -26.23 71.25
N PRO F 686 -17.32 -25.42 70.20
CA PRO F 686 -17.04 -23.97 70.37
C PRO F 686 -17.95 -23.30 71.38
N GLN F 687 -19.19 -23.77 71.54
CA GLN F 687 -20.07 -23.22 72.55
C GLN F 687 -19.51 -23.44 73.95
N GLU F 688 -18.91 -24.60 74.20
CA GLU F 688 -18.25 -24.85 75.47
C GLU F 688 -17.06 -23.90 75.68
N ALA F 689 -16.33 -23.60 74.60
CA ALA F 689 -15.25 -22.63 74.70
C ALA F 689 -15.79 -21.24 75.05
N GLU F 690 -16.93 -20.86 74.47
CA GLU F 690 -17.56 -19.59 74.83
C GLU F 690 -17.97 -19.57 76.30
N ASP F 691 -18.54 -20.67 76.78
CA ASP F 691 -18.92 -20.76 78.19
C ASP F 691 -17.69 -20.62 79.09
N LEU F 692 -16.60 -21.30 78.72
CA LEU F 692 -15.38 -21.21 79.51
C LEU F 692 -14.82 -19.80 79.51
N ALA F 693 -14.87 -19.12 78.36
CA ALA F 693 -14.36 -17.76 78.29
C ALA F 693 -15.18 -16.81 79.15
N VAL F 694 -16.51 -16.88 79.05
CA VAL F 694 -17.34 -15.97 79.83
C VAL F 694 -17.26 -16.27 81.32
N LYS F 695 -17.08 -17.55 81.69
CA LYS F 695 -16.90 -17.88 83.10
C LYS F 695 -15.54 -17.42 83.61
N SER F 696 -14.50 -17.56 82.79
CA SER F 696 -13.16 -17.12 83.20
C SER F 696 -13.14 -15.61 83.40
N LEU F 697 -13.82 -14.87 82.54
CA LEU F 697 -13.99 -13.44 82.79
C LEU F 697 -14.84 -13.22 84.04
N HIS F 698 -15.84 -14.07 84.26
CA HIS F 698 -16.69 -13.93 85.44
C HIS F 698 -15.91 -14.20 86.73
N MET F 699 -14.93 -15.09 86.70
CA MET F 699 -14.12 -15.41 87.87
C MET F 699 -12.90 -14.53 88.01
N LEU F 700 -12.81 -13.44 87.23
CA LEU F 700 -11.71 -12.47 87.31
C LEU F 700 -10.37 -13.13 87.05
N ASP F 701 -10.33 -14.06 86.09
CA ASP F 701 -9.11 -14.74 85.68
C ASP F 701 -8.80 -14.30 84.25
N VAL F 702 -8.09 -13.19 84.12
CA VAL F 702 -7.82 -12.63 82.80
C VAL F 702 -6.73 -13.41 82.08
N GLU F 703 -5.77 -13.99 82.82
CA GLU F 703 -4.69 -14.73 82.18
C GLU F 703 -5.23 -15.94 81.43
N LEU F 704 -6.19 -16.65 82.02
CA LEU F 704 -6.87 -17.72 81.30
C LEU F 704 -7.82 -17.19 80.25
N ALA F 705 -8.41 -16.02 80.49
CA ALA F 705 -9.36 -15.45 79.54
C ALA F 705 -8.69 -15.13 78.22
N ILE F 706 -7.46 -14.60 78.26
CA ILE F 706 -6.71 -14.33 77.04
C ILE F 706 -6.45 -15.62 76.28
N ARG F 707 -6.03 -16.66 77.00
CA ARG F 707 -5.72 -17.94 76.36
C ARG F 707 -6.95 -18.54 75.69
N VAL F 708 -8.10 -18.46 76.36
CA VAL F 708 -9.32 -19.02 75.77
C VAL F 708 -9.78 -18.18 74.59
N TYR F 709 -9.76 -16.85 74.72
CA TYR F 709 -10.24 -15.99 73.65
C TYR F 709 -9.31 -15.92 72.46
N ARG F 710 -8.06 -16.38 72.61
CA ARG F 710 -7.20 -16.51 71.43
C ARG F 710 -7.73 -17.55 70.46
N GLN F 711 -8.59 -18.47 70.91
CA GLN F 711 -9.15 -19.50 70.06
C GLN F 711 -10.61 -19.22 69.68
N LEU F 712 -11.06 -17.98 69.85
CA LEU F 712 -12.45 -17.62 69.56
C LEU F 712 -12.58 -16.48 68.56
N SER F 713 -11.49 -16.11 67.89
CA SER F 713 -11.52 -15.10 66.81
C SER F 713 -12.03 -13.75 67.29
N GLN F 714 -11.46 -13.26 68.39
CA GLN F 714 -11.70 -11.91 68.87
C GLN F 714 -10.37 -11.24 69.18
N PRO F 715 -9.60 -10.88 68.14
CA PRO F 715 -8.27 -10.30 68.38
C PRO F 715 -8.31 -8.97 69.13
N SER F 716 -9.33 -8.15 68.90
CA SER F 716 -9.43 -6.88 69.63
C SER F 716 -9.61 -7.12 71.12
N LEU F 717 -10.47 -8.09 71.48
CA LEU F 717 -10.68 -8.40 72.88
C LEU F 717 -9.42 -8.94 73.53
N VAL F 718 -8.68 -9.79 72.80
CA VAL F 718 -7.42 -10.32 73.32
C VAL F 718 -6.41 -9.20 73.52
N LEU F 719 -6.31 -8.28 72.56
CA LEU F 719 -5.35 -7.19 72.66
C LEU F 719 -5.70 -6.25 73.80
N CYS F 720 -7.00 -6.00 74.03
CA CYS F 720 -7.38 -5.15 75.15
C CYS F 720 -7.23 -5.86 76.48
N LEU F 721 -7.39 -7.18 76.51
CA LEU F 721 -7.19 -7.94 77.74
C LEU F 721 -5.71 -8.04 78.10
N GLU F 722 -4.83 -8.08 77.09
CA GLU F 722 -3.39 -8.11 77.37
C GLU F 722 -2.92 -6.83 78.06
N LYS F 723 -3.66 -5.74 77.93
CA LYS F 723 -3.33 -4.51 78.64
C LYS F 723 -3.71 -4.57 80.11
N ILE F 724 -4.59 -5.49 80.51
CA ILE F 724 -5.06 -5.60 81.87
C ILE F 724 -4.76 -6.97 82.47
N ARG F 725 -3.90 -7.76 81.83
CA ARG F 725 -3.57 -9.07 82.36
C ARG F 725 -2.69 -9.00 83.60
N HIS F 726 -2.15 -7.84 83.93
CA HIS F 726 -1.22 -7.70 85.03
C HIS F 726 -1.82 -7.04 86.26
N ILE F 727 -3.03 -6.49 86.16
CA ILE F 727 -3.64 -5.81 87.29
C ILE F 727 -4.23 -6.84 88.24
N HIS F 728 -4.15 -6.56 89.54
CA HIS F 728 -4.56 -7.51 90.56
C HIS F 728 -5.62 -6.98 91.52
N GLU F 729 -5.79 -5.67 91.63
CA GLU F 729 -6.82 -5.12 92.50
C GLU F 729 -8.20 -5.53 92.00
N LYS F 730 -9.01 -6.09 92.90
CA LYS F 730 -10.26 -6.71 92.45
C LYS F 730 -11.31 -5.67 92.07
N ASN F 731 -11.26 -4.47 92.67
CA ASN F 731 -12.19 -3.42 92.26
C ASN F 731 -11.90 -2.96 90.85
N LEU F 732 -10.65 -2.63 90.55
CA LEU F 732 -10.29 -2.13 89.22
C LEU F 732 -10.45 -3.22 88.16
N LEU F 733 -10.00 -4.44 88.46
CA LEU F 733 -10.18 -5.54 87.52
C LEU F 733 -11.65 -5.86 87.32
N LEU F 734 -12.44 -5.78 88.40
CA LEU F 734 -13.88 -6.01 88.29
C LEU F 734 -14.53 -4.96 87.40
N GLY F 735 -14.12 -3.70 87.54
CA GLY F 735 -14.64 -2.66 86.67
C GLY F 735 -14.28 -2.88 85.22
N HIS F 736 -13.03 -3.26 84.95
CA HIS F 736 -12.62 -3.54 83.58
C HIS F 736 -13.40 -4.70 82.98
N VAL F 737 -13.58 -5.77 83.76
CA VAL F 737 -14.33 -6.92 83.28
C VAL F 737 -15.79 -6.57 83.03
N SER F 738 -16.39 -5.77 83.93
CA SER F 738 -17.77 -5.33 83.74
C SER F 738 -17.91 -4.48 82.49
N MET F 739 -16.95 -3.59 82.24
CA MET F 739 -16.96 -2.80 81.02
C MET F 739 -16.85 -3.69 79.78
N ILE F 740 -15.99 -4.72 79.85
CA ILE F 740 -15.84 -5.64 78.73
C ILE F 740 -17.14 -6.38 78.46
N MET F 741 -17.81 -6.86 79.53
CA MET F 741 -19.04 -7.60 79.35
C MET F 741 -20.21 -6.70 78.98
N GLY F 742 -20.13 -5.41 79.31
CA GLY F 742 -21.19 -4.48 78.95
C GLY F 742 -22.13 -4.12 80.08
N TYR F 743 -21.59 -3.98 81.29
CA TYR F 743 -22.34 -3.56 82.47
C TYR F 743 -21.73 -2.24 82.93
N MET F 744 -22.23 -1.14 82.36
CA MET F 744 -21.56 0.14 82.50
C MET F 744 -21.74 0.72 83.90
N LYS F 745 -22.92 0.55 84.51
CA LYS F 745 -23.17 1.11 85.84
C LYS F 745 -22.30 0.42 86.89
N ASP F 746 -22.26 -0.91 86.85
CA ASP F 746 -21.42 -1.65 87.80
C ASP F 746 -19.95 -1.35 87.58
N ALA F 747 -19.54 -1.22 86.31
CA ALA F 747 -18.16 -0.86 86.02
C ALA F 747 -17.81 0.52 86.57
N GLN F 748 -18.74 1.48 86.42
CA GLN F 748 -18.50 2.81 86.97
C GLN F 748 -18.38 2.77 88.48
N ASN F 749 -19.26 2.01 89.15
CA ASN F 749 -19.19 1.91 90.61
C ASN F 749 -17.87 1.28 91.05
N PHE F 750 -17.46 0.20 90.37
CA PHE F 750 -16.20 -0.46 90.71
C PHE F 750 -15.00 0.46 90.51
N PHE F 751 -15.00 1.21 89.39
CA PHE F 751 -13.92 2.15 89.14
C PHE F 751 -13.89 3.25 90.18
N LEU F 752 -15.06 3.74 90.60
CA LEU F 752 -15.11 4.77 91.63
C LEU F 752 -14.63 4.25 92.97
N ARG F 753 -14.89 2.97 93.28
CA ARG F 753 -14.39 2.40 94.51
C ARG F 753 -12.94 1.94 94.43
N SER F 754 -12.33 1.96 93.24
CA SER F 754 -10.98 1.48 93.06
C SER F 754 -9.98 2.61 93.32
N SER F 755 -8.70 2.35 93.02
CA SER F 755 -7.64 3.33 93.21
C SER F 755 -7.47 4.26 92.02
N GLN F 756 -8.14 3.99 90.90
CA GLN F 756 -8.04 4.83 89.70
C GLN F 756 -9.45 5.18 89.26
N PRO F 757 -10.09 6.14 89.93
CA PRO F 757 -11.47 6.51 89.57
C PRO F 757 -11.58 7.19 88.21
N LEU F 758 -10.47 7.70 87.66
CA LEU F 758 -10.53 8.42 86.39
C LEU F 758 -10.99 7.53 85.24
N ARG F 759 -10.84 6.21 85.38
CA ARG F 759 -11.38 5.30 84.37
C ARG F 759 -12.88 5.48 84.22
N ALA F 760 -13.57 5.76 85.34
CA ALA F 760 -15.01 6.02 85.29
C ALA F 760 -15.32 7.23 84.42
N LEU F 761 -14.39 8.17 84.31
CA LEU F 761 -14.56 9.25 83.34
C LEU F 761 -14.33 8.75 81.92
N GLU F 762 -13.27 7.96 81.71
CA GLU F 762 -12.85 7.60 80.36
C GLU F 762 -13.87 6.71 79.67
N MET F 763 -14.61 5.90 80.43
CA MET F 763 -15.67 5.11 79.83
C MET F 763 -16.80 5.99 79.34
N ARG F 764 -17.09 7.08 80.05
CA ARG F 764 -18.20 7.94 79.66
C ARG F 764 -17.86 8.75 78.42
N ARG F 765 -16.65 9.33 78.39
CA ARG F 765 -16.25 10.13 77.23
C ARG F 765 -16.12 9.28 75.98
N ASP F 766 -15.56 8.07 76.12
CA ASP F 766 -15.45 7.19 74.96
C ASP F 766 -16.82 6.74 74.48
N MET F 767 -17.79 6.61 75.38
CA MET F 767 -19.17 6.37 75.02
C MET F 767 -19.94 7.65 74.74
N MET F 768 -19.26 8.80 74.84
CA MET F 768 -19.81 10.16 74.67
C MET F 768 -21.18 10.32 75.33
N GLN F 769 -21.26 9.86 76.58
CA GLN F 769 -22.39 10.19 77.46
C GLN F 769 -21.97 11.42 78.26
N TRP F 770 -22.06 12.57 77.59
CA TRP F 770 -21.43 13.79 78.09
C TRP F 770 -22.06 14.27 79.39
N GLU F 771 -23.35 13.99 79.61
CA GLU F 771 -23.99 14.39 80.85
C GLU F 771 -23.36 13.69 82.05
N ARG F 772 -23.20 12.36 81.95
CA ARG F 772 -22.59 11.61 83.04
C ARG F 772 -21.11 11.94 83.17
N ALA F 773 -20.43 12.17 82.05
CA ALA F 773 -19.01 12.54 82.09
C ALA F 773 -18.81 13.87 82.80
N LEU F 774 -19.67 14.85 82.50
CA LEU F 774 -19.59 16.14 83.19
C LEU F 774 -19.99 16.02 84.65
N THR F 775 -20.95 15.14 84.97
CA THR F 775 -21.31 14.93 86.36
C THR F 775 -20.15 14.35 87.14
N LEU F 776 -19.43 13.39 86.55
CA LEU F 776 -18.27 12.80 87.22
C LEU F 776 -17.11 13.78 87.30
N ALA F 777 -16.93 14.61 86.28
CA ALA F 777 -15.78 15.50 86.22
C ALA F 777 -15.88 16.65 87.21
N GLU F 778 -17.07 16.92 87.76
CA GLU F 778 -17.22 18.02 88.72
C GLU F 778 -16.47 17.76 90.02
N GLN F 779 -16.22 16.50 90.37
CA GLN F 779 -15.49 16.16 91.58
C GLN F 779 -14.18 15.42 91.32
N LEU F 780 -14.07 14.69 90.20
CA LEU F 780 -12.85 13.96 89.92
C LEU F 780 -11.77 14.85 89.31
N ALA F 781 -12.05 15.43 88.14
CA ALA F 781 -11.10 16.25 87.41
C ALA F 781 -11.70 17.63 87.16
N PRO F 782 -11.45 18.60 88.04
CA PRO F 782 -12.01 19.95 87.83
C PRO F 782 -11.54 20.61 86.54
N GLU F 783 -10.34 20.31 86.07
CA GLU F 783 -9.81 20.92 84.86
C GLU F 783 -10.30 20.26 83.58
N GLU F 784 -10.98 19.13 83.68
CA GLU F 784 -11.52 18.45 82.50
C GLU F 784 -12.95 18.85 82.18
N VAL F 785 -13.59 19.66 83.03
CA VAL F 785 -14.98 20.06 82.79
C VAL F 785 -15.15 20.82 81.47
N PRO F 786 -14.31 21.80 81.10
CA PRO F 786 -14.56 22.50 79.83
C PRO F 786 -14.44 21.61 78.60
N ILE F 787 -13.36 20.86 78.48
CA ILE F 787 -13.09 20.10 77.25
C ILE F 787 -14.21 19.10 76.98
N ILE F 788 -14.62 18.38 78.02
CA ILE F 788 -15.72 17.42 77.89
C ILE F 788 -16.98 18.13 77.38
N SER F 789 -17.25 19.33 77.88
CA SER F 789 -18.39 20.09 77.39
C SER F 789 -18.20 20.48 75.93
N ARG F 790 -16.98 20.87 75.56
CA ARG F 790 -16.76 21.48 74.24
C ARG F 790 -17.12 20.52 73.13
N ASP F 791 -16.61 19.28 73.18
CA ASP F 791 -16.98 18.28 72.20
C ASP F 791 -18.49 18.06 72.20
N TYR F 792 -19.09 18.02 73.40
CA TYR F 792 -20.55 17.96 73.51
C TYR F 792 -21.19 19.06 72.70
N ALA F 793 -20.70 20.29 72.88
CA ALA F 793 -21.24 21.42 72.13
C ALA F 793 -21.11 21.18 70.63
N GLN F 794 -19.96 20.66 70.19
CA GLN F 794 -19.80 20.35 68.78
C GLN F 794 -20.83 19.33 68.33
N HIS F 795 -21.04 18.29 69.13
CA HIS F 795 -22.07 17.31 68.80
C HIS F 795 -23.44 17.96 68.76
N LEU F 796 -23.68 18.93 69.67
CA LEU F 796 -24.94 19.65 69.66
C LEU F 796 -25.10 20.43 68.36
N GLU F 797 -24.00 20.95 67.81
CA GLU F 797 -24.06 21.65 66.54
C GLU F 797 -24.48 20.72 65.41
N TYR F 798 -24.38 19.41 65.61
CA TYR F 798 -24.87 18.47 64.60
C TYR F 798 -26.37 18.22 64.75
N ARG F 799 -26.91 18.38 65.95
CA ARG F 799 -28.30 18.00 66.20
C ARG F 799 -29.28 19.14 65.95
N GLY F 800 -28.80 20.33 65.60
CA GLY F 800 -29.66 21.48 65.48
C GLY F 800 -30.00 22.16 66.79
N VAL F 801 -29.44 21.70 67.90
CA VAL F 801 -29.68 22.29 69.21
C VAL F 801 -28.53 23.24 69.53
N TYR F 802 -28.86 24.52 69.71
CA TYR F 802 -27.86 25.54 69.95
C TYR F 802 -28.04 26.29 71.26
N ALA F 803 -29.18 26.16 71.93
CA ALA F 803 -29.43 26.92 73.15
C ALA F 803 -28.51 26.47 74.28
N LYS F 804 -28.45 25.17 74.54
CA LYS F 804 -27.52 24.67 75.55
C LYS F 804 -26.09 24.68 75.03
N ALA F 805 -25.90 24.71 73.71
CA ALA F 805 -24.56 24.86 73.16
C ALA F 805 -23.93 26.18 73.59
N LEU F 806 -24.74 27.23 73.79
CA LEU F 806 -24.21 28.49 74.29
C LEU F 806 -23.60 28.31 75.68
N GLU F 807 -24.32 27.62 76.56
CA GLU F 807 -23.79 27.36 77.90
C GLU F 807 -22.55 26.48 77.84
N MET F 808 -22.56 25.47 76.97
CA MET F 808 -21.42 24.58 76.86
C MET F 808 -20.17 25.31 76.37
N TYR F 809 -20.35 26.21 75.38
CA TYR F 809 -19.21 26.98 74.89
C TYR F 809 -18.75 28.03 75.91
N GLN F 810 -19.69 28.62 76.65
CA GLN F 810 -19.32 29.61 77.65
C GLN F 810 -18.54 28.97 78.80
N LYS F 811 -18.97 27.79 79.24
CA LYS F 811 -18.24 27.07 80.28
C LYS F 811 -16.96 26.43 79.76
N GLY F 812 -16.76 26.39 78.44
CA GLY F 812 -15.57 25.82 77.87
C GLY F 812 -14.34 26.70 77.95
N LEU F 813 -14.48 27.93 78.42
CA LEU F 813 -13.32 28.82 78.54
C LEU F 813 -12.42 28.35 79.67
N ARG F 814 -11.13 28.24 79.37
CA ARG F 814 -10.14 27.74 80.32
C ARG F 814 -9.30 28.90 80.84
N GLN F 815 -9.11 28.95 82.15
CA GLN F 815 -8.26 29.98 82.75
C GLN F 815 -6.81 29.77 82.34
N LEU F 816 -6.07 30.86 82.31
CA LEU F 816 -4.69 30.82 81.83
C LEU F 816 -3.80 30.09 82.83
N PRO F 817 -3.09 29.04 82.43
CA PRO F 817 -2.16 28.38 83.34
C PRO F 817 -0.98 29.28 83.67
N THR F 818 -0.51 29.15 84.91
CA THR F 818 0.62 29.94 85.40
C THR F 818 1.62 29.01 86.06
N GLY F 819 2.90 29.33 85.92
CA GLY F 819 3.95 28.51 86.50
C GLY F 819 5.30 28.90 85.96
N HIS F 820 6.23 27.97 86.04
CA HIS F 820 7.60 28.21 85.58
C HIS F 820 7.62 28.33 84.07
N ALA F 821 8.27 29.39 83.56
CA ALA F 821 8.28 29.67 82.13
C ALA F 821 9.25 28.73 81.43
N SER F 822 8.73 27.95 80.49
CA SER F 822 9.52 27.03 79.70
C SER F 822 8.74 26.69 78.43
N THR F 823 9.21 25.70 77.68
CA THR F 823 8.50 25.28 76.48
C THR F 823 7.16 24.62 76.82
N GLU F 824 7.12 23.86 77.92
CA GLU F 824 5.89 23.18 78.30
C GLU F 824 4.79 24.19 78.67
N LEU F 825 5.15 25.19 79.47
CA LEU F 825 4.18 26.22 79.84
C LEU F 825 3.70 26.99 78.62
N SER F 826 4.61 27.31 77.70
CA SER F 826 4.22 28.02 76.49
C SER F 826 3.27 27.20 75.62
N VAL F 827 3.55 25.91 75.48
CA VAL F 827 2.69 25.04 74.68
C VAL F 827 1.31 24.91 75.33
N THR F 828 1.26 24.76 76.66
CA THR F 828 -0.03 24.70 77.34
C THR F 828 -0.79 26.01 77.18
N VAL F 829 -0.09 27.15 77.25
CA VAL F 829 -0.74 28.44 77.07
C VAL F 829 -1.32 28.54 75.67
N GLN F 830 -0.55 28.11 74.65
CA GLN F 830 -1.06 28.16 73.28
C GLN F 830 -2.26 27.25 73.09
N GLU F 831 -2.24 26.07 73.70
CA GLU F 831 -3.40 25.17 73.60
C GLU F 831 -4.62 25.78 74.28
N VAL F 832 -4.44 26.42 75.44
CA VAL F 832 -5.54 27.08 76.12
C VAL F 832 -6.10 28.21 75.25
N GLU F 833 -5.21 28.99 74.62
CA GLU F 833 -5.66 30.07 73.75
C GLU F 833 -6.46 29.54 72.57
N ARG F 834 -5.97 28.46 71.93
CA ARG F 834 -6.70 27.89 70.79
C ARG F 834 -8.05 27.34 71.22
N HIS F 835 -8.12 26.69 72.39
CA HIS F 835 -9.39 26.21 72.89
C HIS F 835 -10.36 27.36 73.16
N ASN F 836 -9.85 28.45 73.73
CA ASN F 836 -10.70 29.62 73.97
C ASN F 836 -11.21 30.23 72.66
N GLU F 837 -10.34 30.32 71.66
CA GLU F 837 -10.77 30.86 70.36
C GLU F 837 -11.84 29.99 69.73
N GLN F 838 -11.66 28.67 69.77
CA GLN F 838 -12.67 27.77 69.23
C GLN F 838 -13.99 27.88 69.99
N CYS F 839 -13.92 27.98 71.32
CA CYS F 839 -15.14 28.11 72.12
C CYS F 839 -15.88 29.40 71.79
N ARG F 840 -15.16 30.52 71.68
CA ARG F 840 -15.83 31.78 71.37
C ARG F 840 -16.37 31.78 69.94
N GLN F 841 -15.65 31.15 69.01
CA GLN F 841 -16.16 31.02 67.64
C GLN F 841 -17.47 30.25 67.61
N GLY F 842 -17.50 29.10 68.29
CA GLY F 842 -18.73 28.32 68.33
C GLY F 842 -19.86 29.05 69.02
N ALA F 843 -19.56 29.75 70.11
CA ALA F 843 -20.59 30.51 70.83
C ALA F 843 -21.16 31.61 69.95
N ALA F 844 -20.32 32.35 69.23
CA ALA F 844 -20.81 33.40 68.35
C ALA F 844 -21.63 32.83 67.20
N ARG F 845 -21.17 31.73 66.61
CA ARG F 845 -21.90 31.13 65.50
C ARG F 845 -23.27 30.62 65.96
N SER F 846 -23.33 30.00 67.14
CA SER F 846 -24.62 29.55 67.66
C SER F 846 -25.51 30.73 68.06
N GLN F 847 -24.92 31.82 68.55
CA GLN F 847 -25.70 33.01 68.85
C GLN F 847 -26.34 33.58 67.59
N ILE F 848 -25.59 33.61 66.49
CA ILE F 848 -26.16 34.05 65.22
C ILE F 848 -27.22 33.05 64.74
N ARG F 849 -27.00 31.77 65.01
CA ARG F 849 -27.98 30.75 64.62
C ARG F 849 -29.31 30.94 65.35
N ILE F 850 -29.27 31.28 66.64
CA ILE F 850 -30.51 31.41 67.40
C ILE F 850 -31.13 32.80 67.27
N GLY F 851 -30.31 33.84 67.10
CA GLY F 851 -30.84 35.18 66.98
C GLY F 851 -30.12 36.22 67.82
N ASN F 852 -29.21 35.77 68.69
CA ASN F 852 -28.41 36.70 69.48
C ASN F 852 -27.36 37.35 68.59
N ILE F 853 -27.71 38.48 67.98
CA ILE F 853 -26.91 39.08 66.92
C ILE F 853 -25.83 39.98 67.50
N ALA F 854 -26.26 40.98 68.29
CA ALA F 854 -25.34 42.04 68.73
C ALA F 854 -24.21 41.50 69.59
N ASP F 855 -24.52 40.52 70.45
CA ASP F 855 -23.48 39.93 71.30
C ASP F 855 -22.45 39.18 70.46
N ALA F 856 -22.90 38.48 69.43
CA ALA F 856 -21.98 37.70 68.60
C ALA F 856 -21.16 38.57 67.66
N MET F 857 -21.71 39.69 67.21
CA MET F 857 -21.01 40.51 66.23
C MET F 857 -19.75 41.13 66.80
N LYS F 858 -19.74 41.47 68.08
CA LYS F 858 -18.54 42.02 68.69
C LYS F 858 -17.40 41.00 68.65
N THR F 859 -17.69 39.75 69.01
CA THR F 859 -16.68 38.69 68.93
C THR F 859 -16.26 38.43 67.49
N VAL F 860 -17.20 38.53 66.55
CA VAL F 860 -16.86 38.34 65.13
C VAL F 860 -15.89 39.41 64.68
N LYS F 861 -16.15 40.68 65.05
CA LYS F 861 -15.29 41.77 64.62
C LYS F 861 -13.94 41.75 65.33
N GLU F 862 -13.89 41.22 66.57
CA GLU F 862 -12.61 41.16 67.28
C GLU F 862 -11.63 40.21 66.62
N SER F 863 -12.12 39.09 66.10
CA SER F 863 -11.25 38.11 65.47
C SER F 863 -10.83 38.56 64.08
N SER F 864 -9.97 37.75 63.45
CA SER F 864 -9.42 38.08 62.13
C SER F 864 -9.53 36.95 61.12
N GLU F 865 -10.11 35.80 61.48
CA GLU F 865 -10.20 34.69 60.54
C GLU F 865 -11.28 34.96 59.50
N VAL F 866 -10.90 34.86 58.22
CA VAL F 866 -11.81 35.20 57.13
C VAL F 866 -12.90 34.14 56.98
N SER F 867 -12.54 32.87 57.11
CA SER F 867 -13.54 31.80 56.97
C SER F 867 -14.58 31.88 58.08
N PHE F 868 -14.14 32.19 59.30
CA PHE F 868 -15.06 32.28 60.43
C PHE F 868 -16.08 33.40 60.23
N VAL F 869 -15.62 34.58 59.82
CA VAL F 869 -16.56 35.68 59.61
C VAL F 869 -17.44 35.41 58.39
N LYS F 870 -16.90 34.70 57.39
CA LYS F 870 -17.72 34.31 56.24
C LYS F 870 -18.87 33.40 56.67
N GLU F 871 -18.57 32.40 57.51
CA GLU F 871 -19.62 31.51 57.99
C GLU F 871 -20.60 32.23 58.90
N CYS F 872 -20.12 33.20 59.68
CA CYS F 872 -21.01 33.94 60.56
C CYS F 872 -21.91 34.90 59.81
N ALA F 873 -21.46 35.43 58.68
CA ALA F 873 -22.21 36.48 57.99
C ALA F 873 -23.44 35.96 57.26
N LYS F 874 -23.54 34.65 57.04
CA LYS F 874 -24.59 34.12 56.18
C LYS F 874 -25.98 34.23 56.84
N LEU F 875 -26.05 33.99 58.14
CA LEU F 875 -27.33 33.80 58.82
C LEU F 875 -27.95 35.10 59.33
N CYS F 876 -27.29 36.24 59.13
CA CYS F 876 -27.80 37.49 59.70
C CYS F 876 -29.01 38.02 58.95
N GLU F 877 -29.13 37.68 57.66
CA GLU F 877 -30.24 38.17 56.86
C GLU F 877 -31.57 37.54 57.29
N GLU F 878 -31.55 36.27 57.71
CA GLU F 878 -32.79 35.57 58.03
C GLU F 878 -33.49 36.18 59.24
N ASN F 879 -32.74 36.71 60.20
CA ASN F 879 -33.30 37.31 61.39
C ASN F 879 -33.62 38.80 61.22
N GLN F 880 -33.59 39.30 59.98
CA GLN F 880 -33.91 40.68 59.64
C GLN F 880 -32.98 41.69 60.30
N LYS F 881 -31.81 41.26 60.76
CA LYS F 881 -30.79 42.15 61.30
C LYS F 881 -29.78 42.49 60.22
N HIS F 882 -30.23 43.29 59.25
CA HIS F 882 -29.47 43.54 58.04
C HIS F 882 -28.31 44.50 58.22
N GLU F 883 -28.28 45.26 59.31
CA GLU F 883 -27.17 46.18 59.54
C GLU F 883 -25.87 45.41 59.78
N GLU F 884 -25.91 44.42 60.67
CA GLU F 884 -24.72 43.61 60.93
C GLU F 884 -24.36 42.75 59.73
N ALA F 885 -25.36 42.28 58.99
CA ALA F 885 -25.08 41.57 57.74
C ALA F 885 -24.37 42.47 56.75
N ALA F 886 -24.80 43.73 56.64
CA ALA F 886 -24.13 44.68 55.76
C ALA F 886 -22.71 44.94 56.21
N GLN F 887 -22.49 45.04 57.53
CA GLN F 887 -21.14 45.26 58.04
C GLN F 887 -20.24 44.07 57.75
N LEU F 888 -20.78 42.85 57.82
CA LEU F 888 -19.95 41.67 57.65
C LEU F 888 -19.74 41.29 56.18
N TYR F 889 -20.67 41.66 55.29
CA TYR F 889 -20.55 41.26 53.90
C TYR F 889 -19.34 41.91 53.23
N GLU F 890 -19.10 43.20 53.52
CA GLU F 890 -18.00 43.90 52.87
C GLU F 890 -16.64 43.40 53.37
N LYS F 891 -16.56 42.94 54.61
CA LYS F 891 -15.32 42.39 55.16
C LYS F 891 -15.25 40.87 55.02
N ALA F 892 -16.25 40.25 54.40
CA ALA F 892 -16.22 38.81 54.18
C ALA F 892 -15.16 38.38 53.18
N GLY F 893 -14.55 39.33 52.46
CA GLY F 893 -13.55 39.02 51.46
C GLY F 893 -14.03 39.11 50.03
N ASP F 894 -15.33 39.27 49.82
CA ASP F 894 -15.90 39.40 48.48
C ASP F 894 -16.82 40.61 48.44
N ILE F 895 -16.84 41.29 47.29
CA ILE F 895 -17.65 42.47 47.12
C ILE F 895 -18.79 42.26 46.12
N GLU F 896 -18.62 41.35 45.16
CA GLU F 896 -19.66 41.12 44.15
C GLU F 896 -20.93 40.54 44.78
N ARG F 897 -20.77 39.47 45.57
CA ARG F 897 -21.92 38.87 46.23
C ARG F 897 -22.52 39.81 47.27
N ALA F 898 -21.67 40.58 47.95
CA ALA F 898 -22.17 41.56 48.91
C ALA F 898 -23.03 42.61 48.23
N ALA F 899 -22.60 43.12 47.07
CA ALA F 899 -23.40 44.09 46.33
C ALA F 899 -24.66 43.46 45.76
N THR F 900 -24.59 42.19 45.36
CA THR F 900 -25.79 41.50 44.87
C THR F 900 -26.83 41.39 45.97
N ILE F 901 -26.41 40.99 47.17
CA ILE F 901 -27.34 40.92 48.30
C ILE F 901 -27.83 42.30 48.68
N TYR F 902 -26.97 43.32 48.54
CA TYR F 902 -27.38 44.70 48.78
C TYR F 902 -28.53 45.10 47.85
N ILE F 903 -28.35 44.90 46.55
CA ILE F 903 -29.35 45.35 45.59
C ILE F 903 -30.59 44.47 45.57
N GLU F 904 -30.48 43.22 46.02
CA GLU F 904 -31.63 42.30 46.01
C GLU F 904 -32.38 42.27 47.34
N ARG F 905 -31.67 42.35 48.46
CA ARG F 905 -32.31 42.21 49.77
C ARG F 905 -32.18 43.47 50.62
N CYS F 906 -30.96 43.98 50.82
CA CYS F 906 -30.75 45.08 51.76
C CYS F 906 -31.30 46.40 51.22
N LYS F 907 -31.05 46.70 49.94
CA LYS F 907 -31.45 47.96 49.31
C LYS F 907 -30.93 49.17 50.07
N ASN F 908 -29.68 49.08 50.53
CA ASN F 908 -28.99 50.19 51.20
C ASN F 908 -27.95 50.74 50.24
N LEU F 909 -28.33 51.78 49.51
CA LEU F 909 -27.46 52.34 48.48
C LEU F 909 -26.30 53.14 49.03
N LYS F 910 -26.41 53.64 50.26
CA LYS F 910 -25.32 54.41 50.85
C LYS F 910 -24.07 53.56 51.06
N ALA F 911 -24.25 52.32 51.52
CA ALA F 911 -23.11 51.43 51.68
C ALA F 911 -22.56 50.97 50.34
N ALA F 912 -23.44 50.75 49.35
CA ALA F 912 -23.00 50.31 48.04
C ALA F 912 -22.32 51.42 47.25
N GLU F 913 -22.55 52.69 47.60
CA GLU F 913 -21.88 53.79 46.94
C GLU F 913 -20.37 53.73 47.16
N ARG F 914 -19.95 53.25 48.33
CA ARG F 914 -18.52 53.12 48.61
C ARG F 914 -17.91 51.95 47.86
N LEU F 915 -18.70 50.90 47.61
CA LEU F 915 -18.22 49.72 46.88
C LEU F 915 -18.39 49.83 45.38
N LEU F 916 -19.04 50.89 44.90
CA LEU F 916 -19.18 51.11 43.45
C LEU F 916 -17.88 51.08 42.66
N PRO F 917 -16.77 51.73 43.08
CA PRO F 917 -15.56 51.69 42.23
C PRO F 917 -14.93 50.32 42.12
N PHE F 918 -15.28 49.37 42.98
CA PHE F 918 -14.59 48.08 43.04
C PHE F 918 -15.39 46.94 42.43
N ILE F 919 -16.49 47.24 41.74
CA ILE F 919 -17.34 46.21 41.12
C ILE F 919 -17.44 46.51 39.63
N LYS F 920 -17.23 45.49 38.81
CA LYS F 920 -17.31 45.59 37.36
C LYS F 920 -18.60 45.00 36.80
N SER F 921 -19.53 44.60 37.67
CA SER F 921 -20.78 43.96 37.22
C SER F 921 -21.79 45.06 36.94
N ARG F 922 -22.03 45.33 35.65
CA ARG F 922 -22.98 46.36 35.25
C ARG F 922 -24.43 45.94 35.42
N ASN F 923 -24.70 44.63 35.47
CA ASN F 923 -26.07 44.17 35.71
C ASN F 923 -26.52 44.56 37.12
N ILE F 924 -25.60 44.53 38.08
CA ILE F 924 -25.92 45.01 39.43
C ILE F 924 -26.21 46.50 39.40
N ILE F 925 -25.39 47.27 38.67
CA ILE F 925 -25.55 48.71 38.62
C ILE F 925 -26.86 49.09 37.93
N GLY F 926 -27.32 48.27 36.98
CA GLY F 926 -28.56 48.55 36.28
C GLY F 926 -29.78 48.55 37.18
N ILE F 927 -29.71 47.88 38.33
CA ILE F 927 -30.81 47.89 39.29
C ILE F 927 -30.45 48.83 40.43
N TYR F 928 -29.15 49.01 40.66
CA TYR F 928 -28.69 49.91 41.72
C TYR F 928 -29.05 51.36 41.41
N ALA F 929 -28.83 51.79 40.17
CA ALA F 929 -29.01 53.20 39.82
C ALA F 929 -30.47 53.61 39.72
N ARG F 930 -31.38 52.65 39.52
CA ARG F 930 -32.80 52.98 39.45
C ARG F 930 -33.31 53.51 40.78
N GLY F 931 -32.86 52.93 41.89
CA GLY F 931 -33.21 53.45 43.20
C GLY F 931 -32.49 54.72 43.59
N LYS F 932 -31.37 55.02 42.93
CA LYS F 932 -30.62 56.24 43.22
C LYS F 932 -31.37 57.51 42.80
N GLU F 933 -32.34 57.38 41.88
CA GLU F 933 -33.11 58.54 41.45
C GLU F 933 -34.01 59.05 42.57
N ALA F 934 -34.51 58.15 43.42
CA ALA F 934 -35.40 58.55 44.51
C ALA F 934 -34.67 59.35 45.59
N GLU F 935 -33.34 59.23 45.68
CA GLU F 935 -32.59 59.98 46.67
C GLU F 935 -32.53 61.47 46.36
N GLY F 936 -32.78 61.85 45.10
CA GLY F 936 -32.71 63.25 44.70
C GLY F 936 -31.32 63.74 44.37
N ALA F 937 -30.31 62.88 44.41
CA ALA F 937 -28.94 63.27 44.08
C ALA F 937 -28.73 63.08 42.59
N PHE F 938 -29.24 64.03 41.80
CA PHE F 938 -29.09 63.97 40.35
C PHE F 938 -27.64 64.11 39.93
N VAL F 939 -26.89 64.99 40.60
CA VAL F 939 -25.48 65.19 40.27
C VAL F 939 -24.68 63.93 40.57
N GLU F 940 -24.94 63.30 41.73
CA GLU F 940 -24.22 62.09 42.09
C GLU F 940 -24.53 60.95 41.14
N ALA F 941 -25.79 60.80 40.75
CA ALA F 941 -26.14 59.76 39.77
C ALA F 941 -25.50 60.04 38.42
N GLU F 942 -25.50 61.30 37.99
CA GLU F 942 -24.90 61.65 36.70
C GLU F 942 -23.40 61.39 36.69
N LYS F 943 -22.70 61.72 37.78
CA LYS F 943 -21.27 61.46 37.84
C LYS F 943 -20.96 59.99 38.04
N ALA F 944 -21.87 59.24 38.67
CA ALA F 944 -21.67 57.79 38.80
C ALA F 944 -21.92 57.08 37.48
N PHE F 945 -22.76 57.66 36.61
CA PHE F 945 -22.93 57.10 35.27
C PHE F 945 -21.62 57.10 34.50
N ALA F 946 -20.86 58.21 34.58
CA ALA F 946 -19.54 58.25 33.97
C ALA F 946 -18.51 57.46 34.76
N GLN F 947 -18.67 57.40 36.08
CA GLN F 947 -17.77 56.59 36.90
C GLN F 947 -17.87 55.12 36.56
N ALA F 948 -19.10 54.60 36.41
CA ALA F 948 -19.31 53.23 36.03
C ALA F 948 -19.28 53.01 34.52
N GLU F 949 -19.19 54.10 33.75
CA GLU F 949 -19.18 54.05 32.28
C GLU F 949 -20.42 53.32 31.75
N ASP F 950 -21.57 53.58 32.37
CA ASP F 950 -22.82 52.92 32.01
C ASP F 950 -23.43 53.62 30.81
N TRP F 951 -22.87 53.34 29.63
CA TRP F 951 -23.42 53.89 28.39
C TRP F 951 -24.70 53.18 27.97
N ASP F 952 -24.97 51.99 28.52
CA ASP F 952 -26.15 51.22 28.12
C ASP F 952 -27.44 51.97 28.42
N ASN F 953 -27.52 52.59 29.60
CA ASN F 953 -28.65 53.45 29.91
C ASN F 953 -28.46 54.86 29.37
N ALA F 954 -27.20 55.30 29.24
CA ALA F 954 -26.92 56.66 28.82
C ALA F 954 -27.37 56.93 27.39
N VAL F 955 -27.31 55.90 26.52
CA VAL F 955 -27.74 56.07 25.13
C VAL F 955 -29.20 56.51 25.07
N ARG F 956 -30.05 55.86 25.87
CA ARG F 956 -31.46 56.25 25.91
C ARG F 956 -31.66 57.54 26.70
N LEU F 957 -30.93 57.72 27.80
CA LEU F 957 -31.18 58.85 28.69
C LEU F 957 -30.80 60.18 28.05
N ARG F 958 -29.66 60.22 27.35
CA ARG F 958 -29.23 61.48 26.74
C ARG F 958 -30.15 61.88 25.59
N ILE F 959 -30.63 60.90 24.82
CA ILE F 959 -31.55 61.21 23.73
C ILE F 959 -32.91 61.64 24.27
N GLU F 960 -33.42 60.94 25.28
CA GLU F 960 -34.77 61.25 25.79
C GLU F 960 -34.73 62.40 26.78
N LYS F 961 -34.03 62.22 27.91
CA LYS F 961 -34.10 63.22 28.98
C LYS F 961 -33.29 64.47 28.63
N LEU F 962 -32.10 64.30 28.06
CA LEU F 962 -31.24 65.44 27.78
C LEU F 962 -31.41 66.00 26.38
N ASN F 963 -31.89 65.19 25.43
CA ASN F 963 -32.07 65.59 24.04
C ASN F 963 -30.77 66.12 23.44
N ASP F 964 -29.77 65.25 23.40
CA ASP F 964 -28.42 65.58 22.93
C ASP F 964 -28.08 64.61 21.80
N LEU F 965 -28.45 64.98 20.57
CA LEU F 965 -28.11 64.16 19.41
C LEU F 965 -26.61 64.16 19.16
N HIS F 966 -25.95 65.30 19.38
CA HIS F 966 -24.50 65.35 19.29
C HIS F 966 -23.86 64.47 20.37
N GLY F 967 -24.48 64.41 21.55
CA GLY F 967 -24.03 63.48 22.56
C GLY F 967 -24.18 62.04 22.13
N ALA F 968 -25.27 61.73 21.42
CA ALA F 968 -25.44 60.39 20.87
C ALA F 968 -24.36 60.07 19.85
N TYR F 969 -24.01 61.06 19.01
CA TYR F 969 -22.91 60.87 18.05
C TYR F 969 -21.59 60.62 18.77
N VAL F 970 -21.35 61.36 19.86
CA VAL F 970 -20.13 61.17 20.64
C VAL F 970 -20.09 59.76 21.24
N ILE F 971 -21.23 59.30 21.77
CA ILE F 971 -21.29 57.95 22.33
C ILE F 971 -21.05 56.90 21.26
N VAL F 972 -21.62 57.10 20.07
CA VAL F 972 -21.41 56.16 18.97
C VAL F 972 -19.95 56.12 18.56
N ARG F 973 -19.31 57.29 18.48
CA ARG F 973 -17.89 57.33 18.12
C ARG F 973 -17.03 56.66 19.19
N GLN F 974 -17.40 56.84 20.47
CA GLN F 974 -16.62 56.22 21.54
C GLN F 974 -16.82 54.72 21.60
N THR F 975 -18.00 54.23 21.24
CA THR F 975 -18.32 52.81 21.35
C THR F 975 -18.20 52.05 20.03
N ARG F 976 -18.63 52.66 18.92
CA ARG F 976 -18.63 52.02 17.60
C ARG F 976 -19.42 50.72 17.61
N SER F 977 -20.55 50.71 18.32
CA SER F 977 -21.41 49.55 18.38
C SER F 977 -22.27 49.45 17.12
N ALA F 978 -22.45 48.23 16.62
CA ALA F 978 -23.27 48.03 15.43
C ALA F 978 -24.73 48.35 15.70
N ASN F 979 -25.25 47.94 16.86
CA ASN F 979 -26.63 48.24 17.20
C ASN F 979 -26.86 49.73 17.36
N ALA F 980 -25.92 50.42 18.02
CA ALA F 980 -26.04 51.87 18.18
C ALA F 980 -25.97 52.59 16.84
N ALA F 981 -25.08 52.14 15.96
CA ALA F 981 -24.97 52.73 14.63
C ALA F 981 -26.25 52.51 13.83
N ALA F 982 -26.85 51.31 13.92
CA ALA F 982 -28.09 51.04 13.23
C ALA F 982 -29.23 51.90 13.77
N LEU F 983 -29.30 52.06 15.09
CA LEU F 983 -30.33 52.90 15.69
C LEU F 983 -30.17 54.36 15.27
N VAL F 984 -28.93 54.85 15.23
CA VAL F 984 -28.68 56.23 14.81
C VAL F 984 -29.05 56.41 13.35
N ALA F 985 -28.73 55.43 12.50
CA ALA F 985 -29.09 55.51 11.09
C ALA F 985 -30.61 55.52 10.92
N LYS F 986 -31.32 54.67 11.67
CA LYS F 986 -32.78 54.65 11.60
C LYS F 986 -33.38 55.98 12.08
N LYS F 987 -32.82 56.55 13.14
CA LYS F 987 -33.31 57.83 13.65
C LYS F 987 -33.07 58.94 12.64
N CYS F 988 -31.90 58.94 11.99
CA CYS F 988 -31.60 59.96 10.99
C CYS F 988 -32.50 59.83 9.76
N THR F 989 -32.74 58.60 9.31
CA THR F 989 -33.62 58.40 8.16
C THR F 989 -35.06 58.78 8.50
N ALA F 990 -35.51 58.44 9.71
CA ALA F 990 -36.87 58.82 10.12
C ALA F 990 -37.01 60.33 10.27
N GLN F 991 -36.00 60.98 10.83
CA GLN F 991 -36.04 62.43 11.03
C GLN F 991 -35.14 63.15 10.02
#